data_9CMO
#
_entry.id   9CMO
#
_cell.length_a   1.00
_cell.length_b   1.00
_cell.length_c   1.00
_cell.angle_alpha   90.00
_cell.angle_beta   90.00
_cell.angle_gamma   90.00
#
_symmetry.space_group_name_H-M   'P 1'
#
loop_
_entity.id
_entity.type
_entity.pdbx_description
1 polymer 'Hexon protein'
2 polymer Prothrombin
3 non-polymer 'CALCIUM ION'
#
loop_
_entity_poly.entity_id
_entity_poly.type
_entity_poly.pdbx_seq_one_letter_code
_entity_poly.pdbx_strand_id
1 'polypeptide(L)'
;MATPSMMPQWSYMHISGQDASEYLSPGLVQFARATETYFSLNNKFRNPTVAPTHDVTTDRSQRLTLRFIPVDREDTAYSY
KARFTLAVGDNRVLDMASTYFDIRGVLDRGPTFKPYSGTAYNALAPKGAPNSCEWDEDDTQVQVAAEDDQDDDEEEEQLP
QQRNGKKTHVYAQAPFAGEAINKNGLQIGTNGAATEGNKEIYADKTYQPEPQIGESQWNEAESSVAGGRVLKKTTPMKPC
YGSYARPTNSNGGQGVMVEQNGKLESQVEMQFFSTSVNAMNEANAIQPKLLLYSEDVNMETPDTHLSYKPGKSDDNSKAM
LGQQSMPNRPNYIAFRDNFIGLMYYNSTGNMGVLAGQASQLNAVVDLQDRNTELSYQLLLDSIGDRTRYFSMWNQAVDSY
DPDVRIIENHGTEDELPNYCFPLGGIGVTDTYQAIKATNGNGGATTWAQDNTFAERNEIGVGNNFAMEINLNANLWRNFL
YSNIALYLPDKLKYNPTNVEISDNPNTYDYMNKRVVAPGLVDCYINLGARWSLDYMDNVNPFNHHRNAGLRYRSMLLGNG
RYVPFHIQVPQKFFAIKNLLLLPGSYTYEWNFRKDVNMVLQSSLGNDLRVDGASIKFDSICLYATFFPMAHNTASTLEAM
LRNDTNDQSFNDYLSAANMLYPIPANATNVPISIPSRNWAAFRGWAFTRLKTKETPSLGSGYDPYYTYSGSIPYLDGTFY
LNHTFKKVAITFDSSVSWPGNDRLLTPNEFEIKRSVDGEGYNVAQCNMTKDWFLVQMLANYNIGYQGFYIPESYKDRMYS
FFRNFQPMSRQVVDDTKYKDYQQVGIIHQHNNSGFVGYLAPTMREGQAYPANVPYPLIGKTAVDSITQKKFLCDRTLWRI
PFSSNFMSMGALTDLGQNLLYANSAHALDMTFEVDPMDEPTLLYVLFEVFDVVRVHQPHRGVIETVYLRTPFSAGNATT
;
J,K,L
2 'polypeptide(L)'
;MAHVRGLQLPGCLALAALCSLVHSQHVFLAPQQARSLLQRVRRANTFL(CGU)(CGU)VRKGNL(CGU)R(CGU)CV
(CGU)(CGU)TCSY(CGU)(CGU)AF(CGU)AL(CGU)SSTATDVFWAKYTACETARTPRDKLAACLEGNCAEGLGTNYR
GHVNITRSGIECQLWRSRYPHKPEINSTTHPGADLQENFCRNPDSSTTGPWCYTTDPTVRRQECSIPVCGQDQVTVAMTP
RSEGSSVNLSPPLEQCVPDRGQQYQGRLAVTTHGLPCLAWASAQAKALSKHQDFNSAVQLVENFCRNPDGDEEGVWCYVA
GKPGDFGYCDLNYCEEAVEEETGDGLDEDSDRAIEGRTATSEYQTFFNPRTFGSGEADCGLRPLFEKKSLEDKTERELLE
SYIDGRIVEGSDAEIGMSPWQVMLFRKSPQELLCGASLISDRWVLTAAHCLLYPPWDKNFTENDLLVRIGKHSRTRYERN
IEKISMLEKIYIHPRYNWRENLDRDIALMKLKKPVAFSDYIHPVCLPDRETAASLLQAGYKGRVTGWGNLKETWTANVGK
GQPSVLQVVNLPIVERPVCKDSTRIRITDNMFCAGYKPDEGKRGDACEGDSGGPFVMKSPFNNRWYQMGIVSWGEGCDRD
GKYGFYTHVFRLKKWIQKVIDQFGE
;
Z
#
# COMPACT_ATOMS: atom_id res chain seq x y z
N MET A 6 -41.80 -35.79 -54.79
CA MET A 6 -42.04 -36.06 -53.38
C MET A 6 -42.34 -34.78 -52.64
N MET A 7 -42.70 -33.77 -53.41
CA MET A 7 -43.03 -32.46 -52.84
C MET A 7 -44.16 -32.50 -51.82
N PRO A 8 -45.24 -33.27 -51.98
CA PRO A 8 -46.35 -33.17 -51.02
C PRO A 8 -45.95 -33.43 -49.59
N GLN A 9 -44.94 -34.25 -49.34
CA GLN A 9 -44.47 -34.42 -47.97
C GLN A 9 -44.08 -33.09 -47.36
N TRP A 10 -43.11 -32.42 -47.96
CA TRP A 10 -42.68 -31.13 -47.44
C TRP A 10 -43.83 -30.15 -47.44
N SER A 11 -44.78 -30.33 -48.34
CA SER A 11 -45.99 -29.52 -48.27
C SER A 11 -46.71 -29.77 -46.95
N TYR A 12 -46.75 -31.02 -46.50
CA TYR A 12 -47.49 -31.35 -45.29
C TYR A 12 -46.80 -30.78 -44.06
N MET A 13 -45.58 -31.23 -43.80
CA MET A 13 -44.91 -30.89 -42.56
C MET A 13 -44.43 -29.45 -42.52
N HIS A 14 -44.92 -28.61 -43.43
CA HIS A 14 -44.57 -27.19 -43.45
C HIS A 14 -43.08 -26.98 -43.64
N ILE A 15 -42.38 -27.98 -44.17
CA ILE A 15 -41.02 -27.75 -44.63
C ILE A 15 -41.01 -26.71 -45.74
N SER A 16 -41.98 -26.79 -46.64
CA SER A 16 -42.16 -25.77 -47.66
C SER A 16 -43.61 -25.71 -48.08
N GLY A 17 -43.97 -24.63 -48.75
CA GLY A 17 -45.32 -24.43 -49.25
C GLY A 17 -45.94 -23.17 -48.68
N GLN A 18 -47.23 -23.25 -48.35
CA GLN A 18 -47.92 -22.09 -47.82
C GLN A 18 -47.28 -21.64 -46.52
N ASP A 19 -47.27 -20.34 -46.30
CA ASP A 19 -46.71 -19.79 -45.08
C ASP A 19 -47.75 -19.90 -43.96
N ALA A 20 -47.53 -19.23 -42.84
CA ALA A 20 -48.30 -19.51 -41.64
C ALA A 20 -49.73 -19.01 -41.77
N SER A 21 -49.91 -17.77 -42.22
CA SER A 21 -51.20 -17.12 -42.16
C SER A 21 -52.09 -17.46 -43.32
N GLU A 22 -51.86 -18.57 -44.00
CA GLU A 22 -52.67 -18.95 -45.14
C GLU A 22 -53.49 -20.21 -44.91
N TYR A 23 -52.90 -21.23 -44.31
CA TYR A 23 -53.52 -22.55 -44.22
C TYR A 23 -54.34 -22.73 -42.97
N LEU A 24 -54.88 -21.66 -42.40
CA LEU A 24 -55.66 -21.74 -41.19
C LEU A 24 -57.04 -21.14 -41.41
N SER A 25 -58.02 -21.60 -40.64
CA SER A 25 -59.35 -21.05 -40.75
C SER A 25 -59.34 -19.57 -40.40
N PRO A 26 -59.83 -18.69 -41.26
CA PRO A 26 -59.60 -17.26 -41.08
C PRO A 26 -60.12 -16.73 -39.76
N GLY A 27 -61.17 -17.34 -39.22
CA GLY A 27 -61.63 -16.93 -37.91
C GLY A 27 -60.54 -17.04 -36.86
N LEU A 28 -59.73 -18.10 -36.95
CA LEU A 28 -58.62 -18.25 -36.02
C LEU A 28 -57.61 -17.13 -36.20
N VAL A 29 -57.34 -16.75 -37.45
CA VAL A 29 -56.40 -15.65 -37.67
C VAL A 29 -56.92 -14.37 -37.04
N GLN A 30 -58.22 -14.10 -37.22
CA GLN A 30 -58.81 -12.93 -36.56
C GLN A 30 -58.66 -13.04 -35.06
N PHE A 31 -58.88 -14.23 -34.51
CA PHE A 31 -58.77 -14.43 -33.08
C PHE A 31 -57.36 -14.10 -32.60
N ALA A 32 -56.36 -14.59 -33.32
CA ALA A 32 -54.98 -14.32 -32.93
C ALA A 32 -54.68 -12.83 -33.00
N ARG A 33 -55.15 -12.17 -34.06
CA ARG A 33 -54.97 -10.73 -34.16
C ARG A 33 -55.55 -10.03 -32.94
N ALA A 34 -56.71 -10.48 -32.48
CA ALA A 34 -57.38 -9.80 -31.38
C ALA A 34 -56.58 -9.92 -30.09
N THR A 35 -56.18 -11.13 -29.73
CA THR A 35 -55.56 -11.40 -28.44
C THR A 35 -54.03 -11.38 -28.52
N GLU A 36 -53.48 -10.58 -29.42
CA GLU A 36 -52.04 -10.53 -29.57
C GLU A 36 -51.35 -10.05 -28.31
N THR A 37 -51.91 -9.02 -27.67
CA THR A 37 -51.17 -8.29 -26.64
C THR A 37 -50.88 -9.19 -25.44
N TYR A 38 -51.89 -9.83 -24.87
CA TYR A 38 -51.73 -10.48 -23.59
C TYR A 38 -51.73 -12.00 -23.64
N PHE A 39 -51.95 -12.61 -24.80
CA PHE A 39 -51.85 -14.06 -24.88
C PHE A 39 -51.48 -14.43 -26.32
N SER A 40 -50.19 -14.61 -26.54
CA SER A 40 -49.70 -14.72 -27.90
C SER A 40 -49.87 -16.13 -28.43
N LEU A 41 -49.65 -16.29 -29.73
CA LEU A 41 -49.61 -17.60 -30.36
C LEU A 41 -48.52 -17.74 -31.41
N ASN A 42 -47.76 -16.70 -31.71
CA ASN A 42 -46.92 -16.67 -32.91
C ASN A 42 -45.83 -17.74 -32.91
N ASN A 43 -45.53 -18.34 -31.77
CA ASN A 43 -44.48 -19.34 -31.69
C ASN A 43 -45.02 -20.76 -31.79
N LYS A 44 -46.31 -20.93 -32.00
CA LYS A 44 -46.90 -22.26 -32.06
C LYS A 44 -47.21 -22.72 -33.47
N PHE A 45 -46.75 -21.99 -34.50
CA PHE A 45 -47.03 -22.40 -35.87
C PHE A 45 -45.85 -22.04 -36.76
N ARG A 46 -45.36 -23.02 -37.51
CA ARG A 46 -44.22 -22.80 -38.38
C ARG A 46 -44.60 -21.90 -39.54
N ASN A 47 -43.58 -21.47 -40.28
CA ASN A 47 -43.76 -20.74 -41.53
C ASN A 47 -42.50 -20.87 -42.36
N PRO A 48 -42.48 -21.76 -43.34
CA PRO A 48 -41.22 -22.10 -44.01
C PRO A 48 -40.67 -20.95 -44.82
N THR A 49 -39.38 -21.06 -45.12
CA THR A 49 -38.70 -20.15 -46.03
C THR A 49 -37.91 -20.96 -47.04
N VAL A 50 -37.94 -20.54 -48.30
CA VAL A 50 -37.31 -21.27 -49.39
C VAL A 50 -36.52 -20.31 -50.27
N ALA A 51 -35.32 -20.70 -50.64
CA ALA A 51 -34.48 -19.93 -51.52
C ALA A 51 -34.85 -20.18 -52.99
N PRO A 52 -34.48 -19.29 -53.89
CA PRO A 52 -34.77 -19.50 -55.31
C PRO A 52 -34.06 -20.75 -55.83
N THR A 53 -34.72 -21.44 -56.75
CA THR A 53 -34.20 -22.70 -57.24
C THR A 53 -32.99 -22.48 -58.14
N HIS A 54 -33.07 -21.53 -59.04
CA HIS A 54 -32.05 -21.36 -60.07
C HIS A 54 -32.10 -19.94 -60.59
N ASP A 55 -31.40 -19.71 -61.70
CA ASP A 55 -31.37 -18.43 -62.41
C ASP A 55 -30.70 -17.33 -61.61
N VAL A 56 -29.89 -17.69 -60.61
CA VAL A 56 -29.12 -16.69 -59.86
C VAL A 56 -27.65 -17.07 -59.90
N THR A 57 -27.32 -18.23 -59.37
CA THR A 57 -25.94 -18.69 -59.33
C THR A 57 -25.63 -19.48 -60.60
N THR A 58 -24.40 -19.37 -61.07
CA THR A 58 -24.02 -20.09 -62.27
C THR A 58 -23.90 -21.57 -61.98
N ASP A 59 -23.43 -22.30 -62.98
CA ASP A 59 -23.33 -23.75 -62.88
C ASP A 59 -22.07 -24.32 -63.50
N ARG A 60 -21.20 -23.51 -64.08
CA ARG A 60 -20.02 -24.02 -64.75
C ARG A 60 -18.76 -23.51 -64.05
N SER A 61 -17.62 -23.77 -64.66
CA SER A 61 -16.35 -23.37 -64.07
C SER A 61 -16.24 -21.86 -63.98
N GLN A 62 -15.85 -21.37 -62.81
CA GLN A 62 -15.58 -19.96 -62.57
C GLN A 62 -14.97 -19.81 -61.19
N ARG A 63 -14.05 -18.87 -60.99
CA ARG A 63 -13.38 -18.76 -59.69
C ARG A 63 -13.89 -17.64 -58.81
N LEU A 64 -13.86 -17.85 -57.50
CA LEU A 64 -14.43 -16.87 -56.61
C LEU A 64 -13.51 -15.74 -56.22
N THR A 65 -12.35 -15.62 -56.83
CA THR A 65 -11.49 -14.47 -56.57
C THR A 65 -10.26 -14.56 -57.42
N LEU A 66 -9.37 -13.60 -57.36
CA LEU A 66 -8.25 -13.66 -58.26
C LEU A 66 -7.12 -12.80 -57.80
N ARG A 67 -5.93 -13.00 -58.35
CA ARG A 67 -4.76 -12.27 -57.91
C ARG A 67 -4.20 -11.49 -59.04
N PHE A 68 -3.69 -10.31 -58.78
CA PHE A 68 -3.24 -9.52 -59.87
C PHE A 68 -1.81 -9.12 -59.67
N ILE A 69 -0.99 -9.35 -60.65
CA ILE A 69 0.45 -9.16 -60.54
C ILE A 69 0.85 -7.89 -61.27
N PRO A 70 1.75 -7.08 -60.72
CA PRO A 70 2.15 -5.86 -61.40
C PRO A 70 2.79 -6.15 -62.74
N VAL A 71 2.59 -5.24 -63.69
CA VAL A 71 3.27 -5.28 -64.96
C VAL A 71 4.41 -4.26 -65.02
N ASP A 72 4.18 -3.08 -64.48
CA ASP A 72 5.21 -2.06 -64.38
C ASP A 72 5.41 -1.69 -62.92
N ARG A 73 6.68 -1.60 -62.53
CA ARG A 73 7.03 -1.42 -61.13
C ARG A 73 8.32 -0.61 -61.09
N GLU A 74 8.19 0.70 -60.87
CA GLU A 74 9.32 1.61 -60.92
C GLU A 74 9.47 2.28 -59.56
N ASP A 75 10.67 2.19 -59.00
CA ASP A 75 10.90 2.54 -57.59
C ASP A 75 11.99 3.58 -57.47
N THR A 76 11.83 4.48 -56.50
CA THR A 76 12.74 5.61 -56.33
C THR A 76 13.28 5.68 -54.91
N ALA A 77 13.91 6.81 -54.59
CA ALA A 77 14.44 7.00 -53.24
C ALA A 77 13.34 6.93 -52.19
N TYR A 78 12.23 7.65 -52.42
CA TYR A 78 11.17 7.70 -51.44
C TYR A 78 9.79 7.35 -51.98
N SER A 79 9.64 7.16 -53.28
CA SER A 79 8.37 6.81 -53.87
C SER A 79 8.44 5.42 -54.48
N TYR A 80 7.29 4.77 -54.57
CA TYR A 80 7.22 3.42 -55.14
C TYR A 80 5.97 3.35 -56.02
N LYS A 81 6.13 3.22 -57.34
CA LYS A 81 5.00 3.30 -58.25
C LYS A 81 4.75 1.95 -58.88
N ALA A 82 3.47 1.56 -58.91
CA ALA A 82 3.06 0.28 -59.45
C ALA A 82 1.89 0.48 -60.42
N ARG A 83 1.82 -0.38 -61.43
CA ARG A 83 0.76 -0.35 -62.42
C ARG A 83 0.21 -1.75 -62.63
N PHE A 84 -1.11 -1.85 -62.80
CA PHE A 84 -1.75 -3.14 -62.96
C PHE A 84 -2.77 -3.06 -64.08
N THR A 85 -3.02 -4.22 -64.69
CA THR A 85 -4.02 -4.36 -65.74
C THR A 85 -5.17 -5.19 -65.18
N LEU A 86 -6.34 -4.57 -65.07
CA LEU A 86 -7.52 -5.24 -64.53
C LEU A 86 -8.44 -5.60 -65.69
N ALA A 87 -8.82 -6.86 -65.76
CA ALA A 87 -9.69 -7.35 -66.83
C ALA A 87 -10.89 -8.05 -66.24
N VAL A 88 -12.08 -7.62 -66.62
CA VAL A 88 -13.31 -8.23 -66.15
C VAL A 88 -14.01 -8.87 -67.34
N GLY A 89 -14.19 -10.19 -67.28
CA GLY A 89 -14.74 -10.93 -68.39
C GLY A 89 -16.25 -10.79 -68.52
N ASP A 90 -16.76 -11.33 -69.61
CA ASP A 90 -18.17 -11.18 -69.94
C ASP A 90 -19.04 -11.92 -68.95
N ASN A 91 -20.29 -11.49 -68.85
CA ASN A 91 -21.27 -12.06 -67.94
C ASN A 91 -20.75 -12.03 -66.50
N ARG A 92 -20.07 -10.95 -66.14
CA ARG A 92 -19.55 -10.77 -64.80
C ARG A 92 -19.71 -9.31 -64.41
N VAL A 93 -19.72 -9.06 -63.11
CA VAL A 93 -19.67 -7.69 -62.61
C VAL A 93 -18.45 -7.58 -61.73
N LEU A 94 -18.25 -6.42 -61.12
CA LEU A 94 -17.19 -6.26 -60.14
C LEU A 94 -17.51 -5.06 -59.27
N ASP A 95 -17.56 -5.27 -57.97
CA ASP A 95 -17.66 -4.20 -57.00
C ASP A 95 -16.26 -3.83 -56.55
N MET A 96 -16.02 -2.54 -56.33
CA MET A 96 -14.69 -2.12 -55.93
C MET A 96 -14.40 -2.43 -54.46
N ALA A 97 -15.43 -2.64 -53.65
CA ALA A 97 -15.19 -2.89 -52.23
C ALA A 97 -14.41 -4.17 -52.01
N SER A 98 -14.39 -5.08 -52.99
CA SER A 98 -13.56 -6.27 -52.86
C SER A 98 -12.09 -5.92 -52.90
N THR A 99 -11.70 -4.97 -53.75
CA THR A 99 -10.29 -4.77 -54.03
C THR A 99 -9.55 -4.19 -52.84
N TYR A 100 -8.33 -4.67 -52.64
CA TYR A 100 -7.40 -4.08 -51.70
C TYR A 100 -5.99 -4.43 -52.15
N PHE A 101 -5.01 -3.76 -51.58
CA PHE A 101 -3.63 -3.97 -51.97
C PHE A 101 -2.92 -4.86 -50.95
N ASP A 102 -1.99 -5.67 -51.44
CA ASP A 102 -1.22 -6.59 -50.60
C ASP A 102 0.24 -6.15 -50.58
N ILE A 103 0.83 -6.15 -49.39
CA ILE A 103 2.19 -5.65 -49.21
C ILE A 103 2.97 -6.63 -48.34
N ARG A 104 4.18 -6.95 -48.78
CA ARG A 104 5.14 -7.70 -47.97
C ARG A 104 6.45 -6.93 -47.93
N GLY A 105 7.03 -6.83 -46.75
CA GLY A 105 8.28 -6.10 -46.63
C GLY A 105 8.98 -6.37 -45.33
N VAL A 106 10.05 -5.61 -45.12
CA VAL A 106 10.92 -5.72 -43.96
C VAL A 106 10.98 -4.37 -43.27
N LEU A 107 10.79 -4.36 -41.95
CA LEU A 107 10.75 -3.15 -41.15
C LEU A 107 11.80 -3.22 -40.06
N ASP A 108 12.50 -2.11 -39.86
CA ASP A 108 13.54 -1.99 -38.85
C ASP A 108 13.18 -0.78 -37.99
N ARG A 109 12.66 -1.03 -36.80
CA ARG A 109 12.08 0.03 -35.98
C ARG A 109 13.10 0.87 -35.25
N GLY A 110 14.38 0.75 -35.58
CA GLY A 110 15.40 1.53 -34.92
C GLY A 110 15.70 1.05 -33.52
N PRO A 111 16.55 1.75 -32.80
CA PRO A 111 16.89 1.32 -31.46
C PRO A 111 15.93 1.86 -30.40
N THR A 112 15.30 2.99 -30.67
CA THR A 112 14.48 3.62 -29.65
C THR A 112 13.08 3.01 -29.58
N PHE A 113 12.99 1.70 -29.48
CA PHE A 113 11.70 1.05 -29.37
C PHE A 113 11.62 0.32 -28.10
N LYS A 114 10.46 0.32 -27.47
CA LYS A 114 10.37 -0.30 -26.20
C LYS A 114 8.98 -0.36 -25.73
N PRO A 115 8.45 -1.55 -25.64
CA PRO A 115 7.08 -1.71 -25.21
C PRO A 115 6.92 -1.78 -23.73
N TYR A 116 7.92 -2.17 -22.98
CA TYR A 116 7.69 -2.36 -21.56
C TYR A 116 8.06 -1.19 -20.71
N SER A 117 7.21 -0.87 -19.75
CA SER A 117 7.58 0.18 -18.82
C SER A 117 8.17 -0.49 -17.63
N GLY A 118 9.37 -0.07 -17.24
CA GLY A 118 10.06 -0.70 -16.13
C GLY A 118 11.14 -1.55 -16.73
N THR A 119 11.94 -2.24 -15.94
CA THR A 119 12.95 -3.04 -16.58
C THR A 119 12.73 -4.46 -16.33
N ALA A 120 13.49 -5.26 -17.03
CA ALA A 120 13.38 -6.71 -16.89
C ALA A 120 14.73 -7.33 -16.55
N TYR A 121 15.39 -6.78 -15.54
CA TYR A 121 16.64 -7.36 -15.06
C TYR A 121 16.76 -7.04 -13.58
N ASN A 122 16.44 -8.01 -12.74
CA ASN A 122 16.45 -7.82 -11.29
C ASN A 122 15.61 -6.61 -10.90
N ALA A 123 14.35 -6.62 -11.33
CA ALA A 123 13.47 -5.52 -10.97
C ALA A 123 13.28 -5.43 -9.47
N LEU A 124 13.28 -6.57 -8.78
CA LEU A 124 13.03 -6.56 -7.35
C LEU A 124 14.11 -5.82 -6.59
N ALA A 125 15.36 -5.94 -7.02
CA ALA A 125 16.47 -5.46 -6.21
C ALA A 125 16.37 -3.96 -6.00
N PRO A 126 16.78 -3.47 -4.84
CA PRO A 126 16.71 -2.03 -4.59
C PRO A 126 17.62 -1.27 -5.54
N LYS A 127 17.23 -0.04 -5.82
CA LYS A 127 17.90 0.75 -6.85
C LYS A 127 19.18 1.39 -6.39
N GLY A 128 19.77 0.95 -5.28
CA GLY A 128 21.02 1.51 -4.86
C GLY A 128 22.17 0.53 -4.74
N ALA A 129 21.87 -0.69 -4.33
CA ALA A 129 22.92 -1.64 -4.00
C ALA A 129 23.74 -1.99 -5.23
N PRO A 130 25.05 -2.12 -5.09
CA PRO A 130 25.89 -2.47 -6.22
C PRO A 130 26.14 -3.98 -6.29
N ASN A 131 26.67 -4.40 -7.43
CA ASN A 131 27.13 -5.76 -7.58
C ASN A 131 28.45 -5.96 -6.84
N SER A 132 28.70 -7.19 -6.43
CA SER A 132 29.96 -7.51 -5.77
C SER A 132 31.12 -7.18 -6.69
N CYS A 133 32.00 -6.30 -6.25
CA CYS A 133 33.08 -5.82 -7.09
C CYS A 133 34.25 -5.42 -6.23
N GLU A 134 35.21 -4.73 -6.83
CA GLU A 134 36.41 -4.32 -6.11
C GLU A 134 37.06 -3.20 -6.88
N TRP A 135 37.93 -2.45 -6.19
CA TRP A 135 38.56 -1.32 -6.83
C TRP A 135 39.88 -1.00 -6.14
N ASP A 136 40.69 -0.23 -6.85
CA ASP A 136 42.04 0.06 -6.42
C ASP A 136 42.11 1.43 -5.74
N GLU A 137 43.05 1.54 -4.81
CA GLU A 137 43.35 2.80 -4.16
C GLU A 137 44.86 2.92 -3.99
N ASP A 138 45.39 4.09 -4.27
CA ASP A 138 46.80 4.33 -4.07
C ASP A 138 47.16 4.20 -2.60
N ASP A 139 48.35 3.68 -2.34
CA ASP A 139 48.82 3.55 -0.96
C ASP A 139 48.90 4.94 -0.33
N THR A 140 48.38 5.07 0.88
CA THR A 140 48.30 6.40 1.50
C THR A 140 49.63 6.86 2.07
N GLN A 141 50.67 6.02 2.04
CA GLN A 141 51.98 6.39 2.56
C GLN A 141 53.07 6.17 1.51
N VAL A 142 52.76 6.48 0.25
CA VAL A 142 53.76 6.46 -0.80
C VAL A 142 53.70 7.76 -1.59
N ASN A 164 53.29 3.33 -6.60
CA ASN A 164 53.18 2.12 -5.81
C ASN A 164 52.13 1.18 -6.41
N GLY A 165 52.31 -0.11 -6.18
CA GLY A 165 51.27 -1.05 -6.52
C GLY A 165 50.08 -0.82 -5.61
N LYS A 166 49.00 -0.28 -6.17
CA LYS A 166 47.87 0.15 -5.35
C LYS A 166 47.25 -1.03 -4.63
N LYS A 167 46.65 -0.75 -3.49
CA LYS A 167 45.94 -1.76 -2.73
C LYS A 167 44.55 -1.96 -3.33
N THR A 168 44.00 -3.14 -3.12
CA THR A 168 42.68 -3.48 -3.63
C THR A 168 41.70 -3.62 -2.47
N HIS A 169 40.55 -2.97 -2.58
CA HIS A 169 39.46 -3.16 -1.64
C HIS A 169 38.33 -3.89 -2.36
N VAL A 170 37.79 -4.92 -1.72
CA VAL A 170 36.80 -5.79 -2.34
C VAL A 170 35.54 -5.80 -1.48
N TYR A 171 34.39 -5.58 -2.12
CA TYR A 171 33.10 -5.61 -1.46
C TYR A 171 32.27 -6.69 -2.13
N ALA A 172 31.84 -7.68 -1.36
CA ALA A 172 31.17 -8.84 -1.94
C ALA A 172 30.32 -9.51 -0.87
N GLN A 173 29.93 -10.75 -1.13
CA GLN A 173 29.09 -11.49 -0.19
C GLN A 173 29.14 -12.96 -0.56
N ALA A 174 29.50 -13.81 0.41
CA ALA A 174 29.63 -15.24 0.16
C ALA A 174 28.45 -15.99 0.76
N PRO A 175 27.49 -16.40 -0.04
CA PRO A 175 26.29 -17.02 0.51
C PRO A 175 26.39 -18.53 0.65
N PHE A 176 27.18 -19.18 -0.20
CA PHE A 176 27.16 -20.63 -0.26
C PHE A 176 28.01 -21.23 0.85
N ALA A 177 27.53 -22.34 1.39
CA ALA A 177 28.23 -23.04 2.46
C ALA A 177 28.64 -24.42 1.98
N GLY A 178 29.90 -24.78 2.24
CA GLY A 178 30.40 -26.08 1.89
C GLY A 178 30.73 -26.91 3.11
N GLU A 179 31.82 -27.67 3.06
CA GLU A 179 32.22 -28.43 4.24
C GLU A 179 33.72 -28.39 4.50
N ALA A 180 34.52 -28.09 3.46
CA ALA A 180 35.96 -28.10 3.64
C ALA A 180 36.61 -27.15 2.64
N ILE A 181 37.85 -26.77 2.93
CA ILE A 181 38.63 -25.88 2.09
C ILE A 181 40.07 -26.37 2.05
N ASN A 182 40.69 -26.29 0.88
CA ASN A 182 42.08 -26.69 0.69
C ASN A 182 42.69 -25.76 -0.34
N LYS A 183 43.83 -26.18 -0.91
CA LYS A 183 44.46 -25.36 -1.94
C LYS A 183 43.63 -25.33 -3.22
N ASN A 184 42.99 -26.43 -3.58
CA ASN A 184 42.21 -26.43 -4.82
C ASN A 184 41.09 -25.42 -4.77
N GLY A 185 40.33 -25.41 -3.69
CA GLY A 185 39.15 -24.59 -3.60
C GLY A 185 38.06 -25.30 -2.80
N LEU A 186 36.86 -24.75 -2.82
CA LEU A 186 35.76 -25.32 -2.04
C LEU A 186 35.40 -26.71 -2.55
N GLN A 187 35.11 -27.60 -1.61
CA GLN A 187 34.58 -28.92 -1.90
C GLN A 187 33.10 -28.94 -1.54
N ILE A 188 32.26 -29.32 -2.51
CA ILE A 188 30.83 -29.35 -2.27
C ILE A 188 30.32 -30.75 -1.95
N GLY A 189 31.13 -31.78 -2.14
CA GLY A 189 30.67 -33.12 -1.88
C GLY A 189 31.80 -34.12 -2.03
N THR A 190 31.45 -35.39 -1.91
CA THR A 190 32.45 -36.45 -2.03
C THR A 190 31.75 -37.77 -2.31
N ASN A 191 32.10 -38.40 -3.41
CA ASN A 191 31.62 -39.74 -3.70
C ASN A 191 32.25 -40.73 -2.73
N GLY A 192 31.43 -41.64 -2.20
CA GLY A 192 31.96 -42.71 -1.38
C GLY A 192 32.79 -43.71 -2.18
N ALA A 193 32.35 -44.00 -3.41
CA ALA A 193 32.93 -45.06 -4.21
C ALA A 193 34.18 -44.62 -4.95
N ALA A 194 34.82 -43.53 -4.52
CA ALA A 194 36.01 -43.07 -5.20
C ALA A 194 37.16 -44.05 -5.02
N THR A 195 38.25 -43.84 -5.76
CA THR A 195 39.35 -44.79 -5.79
C THR A 195 40.54 -44.35 -4.95
N GLU A 196 41.06 -43.15 -5.19
CA GLU A 196 42.20 -42.66 -4.41
C GLU A 196 41.75 -42.15 -3.06
N GLY A 197 41.05 -42.99 -2.30
CA GLY A 197 40.28 -42.53 -1.17
C GLY A 197 39.06 -41.79 -1.65
N ASN A 198 38.21 -41.39 -0.70
CA ASN A 198 36.99 -40.68 -1.06
C ASN A 198 37.34 -39.27 -1.52
N LYS A 199 37.49 -39.09 -2.83
CA LYS A 199 37.97 -37.83 -3.37
C LYS A 199 37.01 -36.71 -3.06
N GLU A 200 37.56 -35.52 -2.81
CA GLU A 200 36.75 -34.33 -2.60
C GLU A 200 36.22 -33.85 -3.95
N ILE A 201 34.91 -33.63 -4.02
CA ILE A 201 34.30 -33.10 -5.25
C ILE A 201 34.39 -31.58 -5.17
N TYR A 202 35.40 -31.03 -5.84
CA TYR A 202 35.57 -29.59 -5.87
C TYR A 202 34.64 -28.97 -6.90
N ALA A 203 34.45 -27.66 -6.78
CA ALA A 203 33.56 -26.98 -7.70
C ALA A 203 34.23 -26.81 -9.06
N ASP A 204 33.41 -26.48 -10.05
CA ASP A 204 33.90 -26.09 -11.37
C ASP A 204 33.94 -24.57 -11.43
N LYS A 205 35.08 -24.02 -11.84
CA LYS A 205 35.24 -22.58 -11.80
C LYS A 205 34.31 -21.85 -12.75
N THR A 206 33.66 -22.56 -13.68
CA THR A 206 32.83 -21.86 -14.65
C THR A 206 31.48 -21.45 -14.07
N TYR A 207 30.67 -22.43 -13.66
CA TYR A 207 29.25 -22.17 -13.45
C TYR A 207 28.86 -22.36 -11.98
N GLN A 208 29.83 -22.68 -11.16
CA GLN A 208 29.46 -22.91 -9.77
C GLN A 208 30.48 -22.28 -8.83
N PRO A 209 30.08 -21.88 -7.63
CA PRO A 209 28.72 -21.99 -7.09
C PRO A 209 27.77 -21.01 -7.74
N GLU A 210 26.59 -21.49 -8.12
CA GLU A 210 25.63 -20.64 -8.80
C GLU A 210 25.15 -19.54 -7.86
N PRO A 211 25.08 -18.30 -8.32
CA PRO A 211 24.68 -17.21 -7.42
C PRO A 211 23.27 -17.34 -6.93
N GLN A 212 22.46 -18.17 -7.58
CA GLN A 212 21.04 -18.29 -7.24
C GLN A 212 20.77 -19.39 -6.22
N ILE A 213 21.73 -19.64 -5.31
CA ILE A 213 21.53 -20.60 -4.24
C ILE A 213 21.80 -19.91 -2.91
N GLY A 214 21.73 -20.64 -1.81
CA GLY A 214 22.04 -20.04 -0.52
C GLY A 214 21.55 -20.88 0.64
N GLU A 215 21.33 -20.22 1.76
CA GLU A 215 20.78 -20.87 2.94
C GLU A 215 19.33 -21.28 2.65
N SER A 216 18.79 -22.13 3.52
CA SER A 216 17.47 -22.69 3.24
C SER A 216 16.50 -22.64 4.41
N GLN A 217 16.75 -21.80 5.40
CA GLN A 217 15.78 -21.60 6.48
C GLN A 217 16.10 -20.28 7.14
N TRP A 218 15.17 -19.80 7.96
CA TRP A 218 15.33 -18.47 8.53
C TRP A 218 16.44 -18.44 9.56
N ASN A 219 16.49 -19.42 10.45
CA ASN A 219 17.46 -19.45 11.54
C ASN A 219 18.58 -20.42 11.27
N GLU A 220 19.06 -20.48 10.04
CA GLU A 220 20.09 -21.43 9.66
C GLU A 220 21.29 -21.30 10.57
N ALA A 221 21.78 -22.44 11.05
CA ALA A 221 22.96 -22.44 11.90
C ALA A 221 24.16 -21.92 11.14
N GLU A 222 25.02 -21.20 11.85
CA GLU A 222 26.20 -20.60 11.22
C GLU A 222 27.09 -21.67 10.60
N SER A 223 27.64 -21.35 9.44
CA SER A 223 28.43 -22.30 8.67
C SER A 223 29.86 -22.37 9.22
N SER A 224 30.77 -22.95 8.45
CA SER A 224 32.18 -22.98 8.79
C SER A 224 33.02 -22.48 7.63
N VAL A 225 32.60 -22.82 6.40
CA VAL A 225 33.33 -22.44 5.20
C VAL A 225 32.33 -21.87 4.20
N ALA A 226 32.69 -20.75 3.58
CA ALA A 226 31.78 -20.01 2.72
C ALA A 226 32.43 -19.73 1.37
N GLY A 227 31.60 -19.71 0.33
CA GLY A 227 32.07 -19.41 -1.01
C GLY A 227 31.20 -18.39 -1.69
N GLY A 228 31.77 -17.74 -2.70
CA GLY A 228 31.04 -16.77 -3.49
C GLY A 228 31.77 -16.46 -4.78
N ARG A 229 31.15 -15.63 -5.60
CA ARG A 229 31.72 -15.19 -6.86
C ARG A 229 31.76 -13.67 -6.91
N VAL A 230 32.81 -13.13 -7.53
CA VAL A 230 33.01 -11.70 -7.64
C VAL A 230 33.67 -11.38 -8.98
N LEU A 231 33.62 -10.10 -9.34
CA LEU A 231 34.05 -9.63 -10.64
C LEU A 231 35.43 -9.00 -10.57
N LYS A 232 36.19 -9.18 -11.64
CA LYS A 232 37.51 -8.56 -11.72
C LYS A 232 37.37 -7.04 -11.85
N LYS A 233 38.43 -6.34 -11.47
CA LYS A 233 38.39 -4.88 -11.39
C LYS A 233 38.37 -4.19 -12.74
N THR A 234 38.71 -4.89 -13.81
CA THR A 234 38.66 -4.26 -15.13
C THR A 234 37.23 -3.92 -15.51
N THR A 235 36.29 -4.78 -15.20
CA THR A 235 34.89 -4.55 -15.53
C THR A 235 34.34 -3.37 -14.74
N PRO A 236 33.63 -2.45 -15.38
CA PRO A 236 33.13 -1.27 -14.66
C PRO A 236 32.07 -1.65 -13.65
N MET A 237 31.83 -0.73 -12.73
CA MET A 237 30.75 -0.90 -11.77
C MET A 237 29.44 -0.42 -12.36
N LYS A 238 28.37 -1.15 -12.06
CA LYS A 238 27.02 -0.78 -12.44
C LYS A 238 26.10 -1.36 -11.38
N PRO A 239 25.06 -0.64 -11.00
CA PRO A 239 24.15 -1.17 -9.97
C PRO A 239 23.42 -2.41 -10.45
N CYS A 240 22.95 -3.19 -9.49
CA CYS A 240 22.29 -4.44 -9.82
C CYS A 240 21.05 -4.21 -10.65
N TYR A 241 20.28 -3.18 -10.31
CA TYR A 241 19.00 -2.94 -10.96
C TYR A 241 19.17 -2.75 -12.46
N GLY A 242 18.74 -3.73 -13.24
CA GLY A 242 18.92 -3.67 -14.66
C GLY A 242 20.36 -3.87 -15.07
N SER A 243 20.88 -5.08 -14.90
CA SER A 243 22.25 -5.39 -15.28
C SER A 243 22.30 -6.80 -15.84
N TYR A 244 22.75 -6.93 -17.07
CA TYR A 244 22.69 -8.21 -17.78
C TYR A 244 24.00 -8.51 -18.47
N ALA A 245 24.38 -9.79 -18.45
CA ALA A 245 25.55 -10.28 -19.16
C ALA A 245 25.18 -11.57 -19.88
N ARG A 246 25.51 -11.66 -21.15
CA ARG A 246 25.14 -12.83 -21.93
C ARG A 246 25.86 -14.06 -21.39
N PRO A 247 25.18 -15.19 -21.28
CA PRO A 247 25.88 -16.43 -20.95
C PRO A 247 26.77 -16.85 -22.11
N THR A 248 27.82 -17.57 -21.77
CA THR A 248 28.81 -18.02 -22.75
C THR A 248 28.90 -19.53 -22.83
N ASN A 249 28.90 -20.21 -21.70
CA ASN A 249 28.96 -21.66 -21.69
C ASN A 249 27.58 -22.23 -21.98
N SER A 250 27.39 -23.52 -21.71
CA SER A 250 26.09 -24.15 -21.82
C SER A 250 25.42 -24.32 -20.46
N ASN A 251 25.93 -23.66 -19.42
CA ASN A 251 25.35 -23.77 -18.09
C ASN A 251 25.25 -22.43 -17.37
N GLY A 252 25.38 -21.31 -18.07
CA GLY A 252 25.20 -20.02 -17.45
C GLY A 252 26.46 -19.31 -17.00
N GLY A 253 27.63 -19.78 -17.45
CA GLY A 253 28.87 -19.11 -17.09
C GLY A 253 29.15 -17.97 -18.04
N GLN A 254 29.39 -16.78 -17.48
CA GLN A 254 29.61 -15.58 -18.27
C GLN A 254 31.07 -15.18 -18.33
N GLY A 255 31.97 -16.08 -17.96
CA GLY A 255 33.39 -15.77 -18.05
C GLY A 255 33.77 -15.42 -19.47
N VAL A 256 34.44 -14.29 -19.65
CA VAL A 256 34.80 -13.86 -21.00
C VAL A 256 35.80 -14.87 -21.56
N MET A 257 35.35 -15.73 -22.46
CA MET A 257 36.24 -16.74 -23.03
C MET A 257 37.35 -16.07 -23.81
N VAL A 258 38.58 -16.56 -23.62
CA VAL A 258 39.74 -16.05 -24.32
C VAL A 258 40.43 -17.21 -25.02
N GLU A 259 40.94 -16.95 -26.21
CA GLU A 259 41.60 -17.97 -27.01
C GLU A 259 43.08 -17.98 -26.67
N GLN A 260 43.56 -19.08 -26.10
CA GLN A 260 44.97 -19.33 -25.89
C GLN A 260 45.33 -20.64 -26.57
N ASN A 261 46.48 -20.66 -27.24
CA ASN A 261 46.95 -21.80 -28.02
C ASN A 261 45.95 -22.21 -29.10
N GLY A 262 44.99 -21.34 -29.41
CA GLY A 262 43.93 -21.70 -30.34
C GLY A 262 42.77 -22.43 -29.70
N LYS A 263 42.58 -22.31 -28.39
CA LYS A 263 41.48 -22.96 -27.69
C LYS A 263 40.86 -21.96 -26.72
N LEU A 264 39.56 -22.05 -26.57
CA LEU A 264 38.81 -21.09 -25.75
C LEU A 264 38.80 -21.56 -24.31
N GLU A 265 39.28 -20.72 -23.40
CA GLU A 265 39.36 -21.07 -22.00
C GLU A 265 39.01 -19.86 -21.15
N SER A 266 38.95 -20.09 -19.84
CA SER A 266 38.47 -19.11 -18.88
C SER A 266 39.62 -18.32 -18.27
N GLN A 267 39.23 -17.28 -17.53
CA GLN A 267 40.17 -16.46 -16.77
C GLN A 267 39.82 -16.42 -15.30
N VAL A 268 39.02 -17.37 -14.82
CA VAL A 268 38.58 -17.35 -13.43
C VAL A 268 39.76 -17.67 -12.52
N GLU A 269 39.88 -16.92 -11.43
CA GLU A 269 40.88 -17.17 -10.41
C GLU A 269 40.19 -17.34 -9.06
N MET A 270 40.98 -17.73 -8.07
CA MET A 270 40.48 -17.95 -6.72
C MET A 270 41.19 -17.03 -5.75
N GLN A 271 40.45 -16.56 -4.74
CA GLN A 271 41.02 -15.69 -3.72
C GLN A 271 40.52 -16.16 -2.35
N PHE A 272 41.41 -16.14 -1.37
CA PHE A 272 41.19 -16.75 -0.07
C PHE A 272 41.28 -15.72 1.03
N PHE A 273 40.36 -15.79 1.99
CA PHE A 273 40.29 -14.79 3.03
C PHE A 273 40.10 -15.45 4.39
N SER A 274 40.68 -14.81 5.40
CA SER A 274 40.47 -15.16 6.81
C SER A 274 40.08 -13.88 7.56
N THR A 275 39.98 -14.06 8.86
CA THR A 275 39.69 -12.94 9.71
C THR A 275 40.79 -11.95 9.64
N SER A 276 40.73 -10.97 10.50
CA SER A 276 41.71 -9.92 10.44
C SER A 276 42.66 -9.94 11.61
N VAL A 277 42.14 -10.15 12.81
CA VAL A 277 43.02 -10.25 13.96
C VAL A 277 43.66 -11.61 13.88
N ASN A 278 44.93 -11.69 14.25
CA ASN A 278 45.65 -12.95 14.14
C ASN A 278 46.83 -12.99 15.10
N ALA A 279 47.76 -12.06 14.95
CA ALA A 279 48.86 -11.99 15.91
C ALA A 279 48.20 -11.88 17.23
N MET A 280 47.03 -11.24 17.24
CA MET A 280 46.26 -11.16 18.45
C MET A 280 46.40 -12.46 19.20
N ASN A 281 46.33 -13.58 18.48
CA ASN A 281 46.54 -14.87 19.11
C ASN A 281 47.72 -15.59 18.48
N GLU A 282 47.83 -16.88 18.73
CA GLU A 282 48.92 -17.66 18.16
C GLU A 282 49.01 -17.34 16.69
N ALA A 283 50.18 -16.89 16.24
CA ALA A 283 50.32 -16.46 14.86
C ALA A 283 49.90 -17.47 13.82
N ASN A 284 50.79 -18.37 13.44
CA ASN A 284 50.52 -19.34 12.36
C ASN A 284 49.14 -19.94 12.38
N ALA A 285 48.42 -19.71 13.46
CA ALA A 285 47.03 -20.17 13.47
C ALA A 285 46.26 -19.76 12.24
N ILE A 286 46.93 -19.27 11.19
CA ILE A 286 46.22 -18.76 10.02
C ILE A 286 45.56 -19.90 9.28
N GLN A 287 44.26 -19.74 9.00
CA GLN A 287 43.46 -20.73 8.28
C GLN A 287 42.62 -20.02 7.25
N PRO A 288 42.23 -20.71 6.19
CA PRO A 288 41.26 -20.13 5.25
C PRO A 288 39.84 -20.29 5.75
N LYS A 289 39.03 -19.27 5.50
CA LYS A 289 37.62 -19.37 5.87
C LYS A 289 36.68 -19.02 4.73
N LEU A 290 37.03 -18.05 3.89
CA LEU A 290 36.16 -17.59 2.83
C LEU A 290 36.85 -17.71 1.49
N LEU A 291 36.11 -18.15 0.48
CA LEU A 291 36.66 -18.33 -0.86
C LEU A 291 35.81 -17.56 -1.86
N LEU A 292 36.47 -16.77 -2.71
CA LEU A 292 35.80 -16.07 -3.78
C LEU A 292 36.41 -16.44 -5.12
N TYR A 293 35.54 -16.78 -6.05
CA TYR A 293 36.02 -17.03 -7.37
C TYR A 293 35.81 -15.73 -8.07
N SER A 294 36.74 -15.33 -8.89
CA SER A 294 36.64 -14.04 -9.52
C SER A 294 36.70 -14.18 -11.00
N GLU A 295 36.23 -13.16 -11.71
CA GLU A 295 36.16 -13.28 -13.15
C GLU A 295 35.83 -12.01 -13.88
N ASP A 296 35.41 -12.15 -15.13
CA ASP A 296 35.14 -11.00 -15.93
C ASP A 296 33.96 -11.25 -16.82
N VAL A 297 33.14 -10.23 -17.03
CA VAL A 297 31.94 -10.40 -17.82
C VAL A 297 31.68 -9.17 -18.63
N ASN A 298 30.62 -9.22 -19.44
CA ASN A 298 30.28 -8.07 -20.24
C ASN A 298 29.11 -7.41 -19.58
N MET A 299 29.31 -6.18 -19.16
CA MET A 299 28.26 -5.49 -18.43
C MET A 299 27.55 -4.53 -19.38
N GLU A 300 26.26 -4.74 -19.57
CA GLU A 300 25.44 -3.90 -20.42
C GLU A 300 24.12 -3.62 -19.72
N THR A 301 23.61 -2.42 -19.90
CA THR A 301 22.37 -1.97 -19.26
C THR A 301 21.47 -1.41 -20.34
N PRO A 302 20.79 -2.27 -21.09
CA PRO A 302 20.08 -1.80 -22.28
C PRO A 302 19.02 -0.75 -22.02
N ASP A 303 18.33 -0.80 -20.89
CA ASP A 303 17.12 -0.02 -20.72
C ASP A 303 17.15 0.80 -19.43
N THR A 304 18.26 1.47 -19.17
CA THR A 304 18.29 2.34 -18.00
C THR A 304 19.39 3.38 -18.15
N HIS A 305 19.29 4.42 -17.34
CA HIS A 305 20.26 5.49 -17.31
C HIS A 305 20.55 5.85 -15.87
N LEU A 306 21.72 6.43 -15.65
CA LEU A 306 22.18 6.71 -14.30
C LEU A 306 21.45 7.92 -13.76
N SER A 307 20.56 7.71 -12.80
CA SER A 307 19.77 8.81 -12.27
C SER A 307 20.64 9.80 -11.51
N TYR A 308 21.65 9.30 -10.79
CA TYR A 308 22.56 10.16 -10.06
C TYR A 308 23.95 9.55 -10.05
N LYS A 309 24.93 10.36 -10.44
CA LYS A 309 26.32 9.95 -10.49
C LYS A 309 27.13 10.86 -9.58
N PRO A 310 28.06 10.30 -8.81
CA PRO A 310 28.74 11.11 -7.79
C PRO A 310 29.56 12.25 -8.36
N GLY A 311 30.50 11.94 -9.24
CA GLY A 311 31.47 12.95 -9.66
C GLY A 311 31.82 12.84 -11.12
N LYS A 312 32.61 13.81 -11.59
CA LYS A 312 32.94 13.90 -12.99
C LYS A 312 33.75 12.69 -13.46
N SER A 313 34.71 12.26 -12.64
CA SER A 313 35.61 11.18 -13.02
C SER A 313 34.84 9.90 -13.30
N ASP A 314 35.34 9.09 -14.23
CA ASP A 314 34.63 7.88 -14.64
C ASP A 314 35.61 6.72 -14.60
N ASP A 315 35.73 6.11 -13.42
CA ASP A 315 36.62 4.99 -13.20
C ASP A 315 36.28 4.34 -11.87
N ASN A 316 36.06 3.02 -11.88
CA ASN A 316 35.59 2.29 -10.71
C ASN A 316 36.36 2.69 -9.46
N SER A 317 35.64 3.19 -8.46
CA SER A 317 36.25 3.66 -7.23
C SER A 317 35.19 3.61 -6.14
N LYS A 318 35.61 3.89 -4.90
CA LYS A 318 34.71 3.70 -3.77
C LYS A 318 33.44 4.53 -3.90
N ALA A 319 33.58 5.79 -4.29
CA ALA A 319 32.42 6.66 -4.42
C ALA A 319 31.41 6.06 -5.38
N MET A 320 31.89 5.39 -6.43
CA MET A 320 30.99 4.86 -7.45
C MET A 320 30.08 3.76 -6.90
N LEU A 321 30.37 3.25 -5.71
CA LEU A 321 29.44 2.30 -5.12
C LEU A 321 28.08 2.91 -4.84
N GLY A 322 28.00 4.24 -4.82
CA GLY A 322 26.77 4.89 -4.44
C GLY A 322 25.85 5.30 -5.58
N GLN A 323 26.21 5.05 -6.82
CA GLN A 323 25.39 5.51 -7.91
C GLN A 323 24.05 4.78 -7.91
N GLN A 324 23.06 5.39 -8.55
CA GLN A 324 21.71 4.86 -8.58
C GLN A 324 21.15 4.94 -9.99
N SER A 325 20.35 3.94 -10.34
CA SER A 325 19.88 3.77 -11.70
C SER A 325 18.46 4.33 -11.86
N MET A 326 17.96 4.29 -13.09
CA MET A 326 16.60 4.71 -13.39
C MET A 326 16.17 4.13 -14.73
N PRO A 327 15.00 3.50 -14.79
CA PRO A 327 14.58 2.83 -16.02
C PRO A 327 14.29 3.83 -17.14
N ASN A 328 14.37 3.34 -18.37
CA ASN A 328 14.14 4.17 -19.53
C ASN A 328 12.67 4.53 -19.66
N ARG A 329 12.41 5.60 -20.40
CA ARG A 329 11.03 6.02 -20.64
C ARG A 329 10.34 5.04 -21.59
N PRO A 330 9.09 4.69 -21.35
CA PRO A 330 8.36 3.85 -22.28
C PRO A 330 8.12 4.59 -23.58
N ASN A 331 8.12 3.84 -24.68
CA ASN A 331 7.98 4.47 -25.99
C ASN A 331 7.53 3.43 -26.99
N TYR A 332 6.32 3.61 -27.52
CA TYR A 332 5.76 2.69 -28.50
C TYR A 332 5.98 3.20 -29.92
N ILE A 333 5.87 2.29 -30.87
CA ILE A 333 6.02 2.61 -32.28
C ILE A 333 5.23 1.58 -33.08
N ALA A 334 4.43 2.05 -34.03
CA ALA A 334 3.60 1.13 -34.81
C ALA A 334 3.07 1.83 -36.04
N PHE A 335 2.39 1.06 -36.88
CA PHE A 335 1.68 1.59 -38.02
C PHE A 335 0.51 2.45 -37.58
N ARG A 336 0.13 3.40 -38.42
CA ARG A 336 -0.90 4.36 -38.05
C ARG A 336 -2.26 3.69 -38.06
N ASP A 337 -3.31 4.50 -37.94
CA ASP A 337 -4.67 3.98 -38.04
C ASP A 337 -5.08 3.89 -39.50
N ASN A 338 -5.49 2.70 -39.92
CA ASN A 338 -5.86 2.44 -41.31
C ASN A 338 -4.74 2.82 -42.27
N PHE A 339 -3.51 2.77 -41.78
CA PHE A 339 -2.34 3.10 -42.60
C PHE A 339 -2.48 4.45 -43.27
N ILE A 340 -2.99 5.43 -42.52
CA ILE A 340 -3.09 6.79 -43.01
C ILE A 340 -1.75 7.22 -43.56
N GLY A 341 -1.76 7.84 -44.74
CA GLY A 341 -0.56 8.36 -45.34
C GLY A 341 0.21 7.37 -46.16
N LEU A 342 -0.06 6.08 -46.00
CA LEU A 342 0.72 5.08 -46.71
C LEU A 342 0.25 4.98 -48.12
N MET A 343 -0.71 5.80 -48.51
CA MET A 343 -1.14 5.80 -49.89
C MET A 343 -1.25 7.23 -50.36
N TYR A 344 -0.30 7.69 -51.14
CA TYR A 344 -0.31 9.05 -51.54
C TYR A 344 -1.71 9.29 -51.92
N TYR A 345 -2.31 10.35 -51.41
CA TYR A 345 -3.65 10.68 -51.82
C TYR A 345 -3.67 12.09 -52.28
N ASN A 346 -4.68 12.82 -51.87
CA ASN A 346 -4.78 14.20 -52.24
C ASN A 346 -3.50 14.88 -52.54
N SER A 347 -3.02 14.79 -53.77
CA SER A 347 -1.82 15.53 -54.16
C SER A 347 -1.49 15.35 -55.62
N THR A 348 -1.43 16.43 -56.38
CA THR A 348 -1.27 16.30 -57.81
C THR A 348 0.08 15.73 -58.20
N GLY A 349 1.02 15.61 -57.26
CA GLY A 349 2.35 15.15 -57.61
C GLY A 349 2.34 13.76 -58.23
N ASN A 350 1.56 12.85 -57.66
CA ASN A 350 1.54 11.46 -58.10
C ASN A 350 0.10 10.95 -58.14
N MET A 351 -0.78 11.70 -58.79
CA MET A 351 -2.20 11.37 -58.79
C MET A 351 -2.43 9.95 -59.28
N GLY A 352 -3.19 9.18 -58.51
CA GLY A 352 -3.47 7.80 -58.89
C GLY A 352 -4.38 7.75 -60.10
N VAL A 353 -4.12 6.77 -60.98
CA VAL A 353 -4.77 6.72 -62.28
C VAL A 353 -5.59 5.46 -62.38
N LEU A 354 -6.87 5.62 -62.68
CA LEU A 354 -7.75 4.53 -63.10
C LEU A 354 -8.36 4.92 -64.43
N ALA A 355 -8.17 4.08 -65.44
CA ALA A 355 -8.54 4.49 -66.79
C ALA A 355 -8.88 3.28 -67.64
N GLY A 356 -9.51 3.55 -68.77
CA GLY A 356 -9.79 2.49 -69.70
C GLY A 356 -8.56 2.03 -70.46
N GLN A 357 -8.62 0.78 -70.90
CA GLN A 357 -7.46 0.17 -71.55
C GLN A 357 -7.04 0.94 -72.79
N ALA A 358 -7.99 1.28 -73.64
CA ALA A 358 -7.68 1.98 -74.88
C ALA A 358 -7.99 3.46 -74.82
N SER A 359 -8.75 3.91 -73.83
CA SER A 359 -9.12 5.32 -73.76
C SER A 359 -7.91 6.21 -73.59
N GLN A 360 -6.85 5.70 -72.95
CA GLN A 360 -5.67 6.48 -72.60
C GLN A 360 -6.03 7.70 -71.76
N LEU A 361 -7.22 7.72 -71.18
CA LEU A 361 -7.76 8.89 -70.51
C LEU A 361 -8.08 8.56 -69.06
N ASN A 362 -7.51 9.33 -68.14
CA ASN A 362 -7.76 9.12 -66.73
C ASN A 362 -9.21 9.45 -66.39
N ALA A 363 -9.72 8.78 -65.35
CA ALA A 363 -11.06 9.03 -64.85
C ALA A 363 -11.06 9.63 -63.46
N VAL A 364 -9.90 9.91 -62.89
CA VAL A 364 -9.79 10.46 -61.54
C VAL A 364 -9.20 11.87 -61.63
N VAL A 365 -9.97 12.85 -61.19
CA VAL A 365 -9.49 14.22 -61.09
C VAL A 365 -9.54 14.59 -59.62
N ASP A 366 -8.40 15.05 -59.09
CA ASP A 366 -8.34 15.45 -57.69
C ASP A 366 -7.74 16.80 -57.52
N LEU A 367 -8.18 17.52 -56.51
CA LEU A 367 -7.70 18.86 -56.33
C LEU A 367 -7.01 19.01 -55.01
N GLN A 368 -6.04 19.89 -54.96
CA GLN A 368 -5.27 20.04 -53.75
C GLN A 368 -6.10 20.66 -52.69
N ASP A 369 -7.26 20.08 -52.41
CA ASP A 369 -8.06 20.58 -51.31
C ASP A 369 -9.15 19.62 -51.03
N ARG A 370 -8.92 18.70 -50.12
CA ARG A 370 -9.90 17.69 -49.85
C ARG A 370 -9.30 16.57 -49.04
N ASN A 371 -8.83 16.88 -47.83
CA ASN A 371 -8.16 15.88 -47.05
C ASN A 371 -9.08 14.71 -47.01
N THR A 372 -8.87 13.79 -47.90
CA THR A 372 -9.79 12.71 -47.97
C THR A 372 -9.76 11.94 -46.71
N GLU A 373 -8.63 11.95 -46.04
CA GLU A 373 -8.54 11.05 -44.91
C GLU A 373 -9.56 11.40 -43.83
N LEU A 374 -9.65 12.68 -43.50
CA LEU A 374 -10.60 13.11 -42.49
C LEU A 374 -12.01 12.69 -42.89
N SER A 375 -12.32 12.78 -44.18
CA SER A 375 -13.63 12.38 -44.65
C SER A 375 -13.86 10.90 -44.39
N TYR A 376 -12.86 10.07 -44.67
CA TYR A 376 -13.00 8.65 -44.37
C TYR A 376 -13.26 8.44 -42.89
N GLN A 377 -12.49 9.14 -42.05
CA GLN A 377 -12.64 8.94 -40.61
C GLN A 377 -14.05 9.27 -40.16
N LEU A 378 -14.55 10.44 -40.56
CA LEU A 378 -15.87 10.84 -40.12
C LEU A 378 -16.93 9.89 -40.65
N LEU A 379 -16.81 9.47 -41.91
CA LEU A 379 -17.78 8.53 -42.45
C LEU A 379 -17.80 7.24 -41.65
N LEU A 380 -16.62 6.72 -41.33
CA LEU A 380 -16.56 5.48 -40.59
C LEU A 380 -17.15 5.64 -39.21
N ASP A 381 -16.97 6.82 -38.61
CA ASP A 381 -17.69 7.09 -37.37
C ASP A 381 -19.19 7.03 -37.57
N SER A 382 -19.67 7.59 -38.68
CA SER A 382 -21.10 7.70 -38.88
C SER A 382 -21.75 6.34 -39.05
N ILE A 383 -21.14 5.47 -39.86
CA ILE A 383 -21.82 4.22 -40.22
C ILE A 383 -21.95 3.30 -39.01
N GLY A 384 -20.96 3.31 -38.13
CA GLY A 384 -20.95 2.35 -37.05
C GLY A 384 -20.07 2.82 -35.90
N ASP A 385 -19.77 1.89 -34.99
CA ASP A 385 -19.05 2.24 -33.79
C ASP A 385 -17.54 2.17 -34.03
N ARG A 386 -16.79 2.75 -33.09
CA ARG A 386 -15.34 2.75 -33.15
C ARG A 386 -14.67 1.98 -32.02
N THR A 387 -15.43 1.53 -31.01
CA THR A 387 -14.81 0.85 -29.89
C THR A 387 -14.16 -0.45 -30.34
N ARG A 388 -14.91 -1.30 -31.03
CA ARG A 388 -14.37 -2.59 -31.44
C ARG A 388 -13.18 -2.41 -32.36
N TYR A 389 -12.12 -3.17 -32.11
CA TYR A 389 -10.91 -3.11 -32.92
C TYR A 389 -10.96 -4.21 -33.97
N PHE A 390 -10.73 -3.85 -35.21
CA PHE A 390 -10.77 -4.79 -36.32
C PHE A 390 -9.37 -4.91 -36.90
N SER A 391 -8.86 -6.14 -36.96
CA SER A 391 -7.46 -6.35 -37.29
C SER A 391 -7.21 -6.12 -38.78
N MET A 392 -8.12 -6.58 -39.64
CA MET A 392 -7.81 -6.70 -41.06
C MET A 392 -7.39 -5.37 -41.65
N TRP A 393 -8.11 -4.31 -41.34
CA TRP A 393 -7.69 -2.99 -41.79
C TRP A 393 -6.78 -2.31 -40.80
N ASN A 394 -6.42 -2.98 -39.71
CA ASN A 394 -5.62 -2.36 -38.65
C ASN A 394 -6.33 -1.11 -38.15
N GLN A 395 -7.60 -1.27 -37.82
CA GLN A 395 -8.44 -0.15 -37.44
C GLN A 395 -8.56 -0.12 -35.92
N ALA A 396 -8.13 0.98 -35.32
CA ALA A 396 -8.25 1.16 -33.88
C ALA A 396 -8.10 2.65 -33.60
N VAL A 397 -9.14 3.26 -33.05
CA VAL A 397 -9.15 4.70 -32.87
C VAL A 397 -8.21 5.07 -31.73
N ASP A 398 -7.37 6.07 -31.97
CA ASP A 398 -6.53 6.61 -30.92
C ASP A 398 -7.40 7.23 -29.84
N SER A 399 -7.04 6.97 -28.58
CA SER A 399 -7.82 7.45 -27.46
C SER A 399 -6.89 7.79 -26.31
N TYR A 400 -7.35 8.69 -25.45
CA TYR A 400 -6.65 9.06 -24.24
C TYR A 400 -7.49 8.63 -23.04
N ASP A 401 -6.81 8.15 -22.01
CA ASP A 401 -7.51 7.74 -20.80
C ASP A 401 -8.18 8.94 -20.16
N PRO A 402 -9.38 8.78 -19.61
CA PRO A 402 -10.05 9.92 -18.95
C PRO A 402 -9.28 10.47 -17.77
N ASP A 403 -8.60 9.63 -16.99
CA ASP A 403 -7.96 10.11 -15.78
C ASP A 403 -6.67 10.88 -16.07
N VAL A 404 -6.00 10.57 -17.17
CA VAL A 404 -4.81 11.33 -17.52
C VAL A 404 -5.15 12.78 -17.79
N ARG A 405 -6.24 13.01 -18.52
CA ARG A 405 -6.55 14.37 -18.95
C ARG A 405 -6.98 15.25 -17.80
N ILE A 406 -7.70 14.69 -16.84
CA ILE A 406 -8.21 15.46 -15.70
C ILE A 406 -8.01 14.63 -14.43
N ILE A 407 -7.64 15.29 -13.35
CA ILE A 407 -7.20 14.63 -12.13
C ILE A 407 -8.33 14.68 -11.11
N GLU A 408 -8.80 13.50 -10.69
CA GLU A 408 -9.79 13.40 -9.61
C GLU A 408 -9.06 13.01 -8.34
N ASN A 409 -8.45 14.00 -7.70
CA ASN A 409 -7.73 13.74 -6.47
C ASN A 409 -8.69 13.50 -5.32
N HIS A 410 -8.38 12.50 -4.50
CA HIS A 410 -9.15 12.22 -3.30
C HIS A 410 -8.31 11.96 -2.07
N GLY A 411 -7.00 11.95 -2.20
CA GLY A 411 -6.17 11.37 -1.16
C GLY A 411 -6.16 9.87 -1.34
N THR A 412 -6.45 9.15 -0.27
CA THR A 412 -6.61 7.70 -0.33
C THR A 412 -7.20 7.23 1.00
N GLU A 413 -7.35 5.93 1.13
CA GLU A 413 -7.95 5.31 2.30
C GLU A 413 -6.86 4.52 3.02
N ASP A 414 -6.26 5.12 4.04
CA ASP A 414 -5.05 4.59 4.67
C ASP A 414 -5.14 4.73 6.18
N GLU A 415 -6.29 4.40 6.75
CA GLU A 415 -6.54 4.71 8.16
C GLU A 415 -5.88 3.74 9.11
N LEU A 416 -5.41 2.59 8.63
CA LEU A 416 -4.71 1.64 9.48
C LEU A 416 -3.26 1.58 9.03
N PRO A 417 -2.29 1.92 9.89
CA PRO A 417 -0.90 1.79 9.49
C PRO A 417 -0.54 0.33 9.21
N ASN A 418 0.47 0.15 8.37
CA ASN A 418 0.94 -1.18 7.99
C ASN A 418 2.39 -1.34 8.44
N TYR A 419 2.66 -2.44 9.14
CA TYR A 419 4.01 -2.69 9.61
C TYR A 419 4.62 -3.90 8.91
N CYS A 420 5.90 -3.80 8.59
CA CYS A 420 6.65 -4.96 8.14
C CYS A 420 7.23 -5.66 9.39
N PHE A 421 7.94 -6.76 9.22
CA PHE A 421 8.31 -7.57 10.36
C PHE A 421 9.61 -8.30 10.08
N PRO A 422 10.29 -8.79 11.12
CA PRO A 422 11.49 -9.59 10.92
C PRO A 422 11.15 -11.03 10.59
N LEU A 423 12.06 -11.66 9.83
CA LEU A 423 11.80 -13.00 9.32
C LEU A 423 11.60 -14.00 10.44
N GLY A 424 12.16 -13.74 11.61
CA GLY A 424 11.90 -14.59 12.74
C GLY A 424 10.65 -14.24 13.52
N GLY A 425 9.97 -13.17 13.14
CA GLY A 425 8.78 -12.76 13.85
C GLY A 425 9.03 -12.26 15.26
N ILE A 426 10.29 -12.18 15.68
CA ILE A 426 10.65 -11.67 16.99
C ILE A 426 11.90 -10.83 16.82
N GLY A 427 11.96 -9.72 17.52
CA GLY A 427 13.11 -8.87 17.36
C GLY A 427 14.36 -9.51 17.88
N VAL A 428 14.76 -9.11 19.06
CA VAL A 428 15.96 -9.64 19.61
C VAL A 428 15.60 -10.17 20.95
N THR A 429 16.38 -11.13 21.41
CA THR A 429 16.06 -11.74 22.68
C THR A 429 17.27 -11.82 23.59
N ASP A 430 17.04 -12.00 24.89
CA ASP A 430 18.13 -12.00 25.84
C ASP A 430 18.21 -13.29 26.61
N THR A 431 19.27 -14.05 26.35
CA THR A 431 19.40 -15.33 26.99
C THR A 431 18.94 -15.24 28.39
N TYR A 432 18.15 -16.20 28.81
CA TYR A 432 17.76 -16.21 30.19
C TYR A 432 17.92 -17.56 30.80
N GLN A 433 17.88 -17.61 32.11
CA GLN A 433 18.00 -18.88 32.80
C GLN A 433 16.81 -19.20 33.65
N ALA A 434 16.47 -20.46 33.69
CA ALA A 434 15.35 -20.91 34.48
C ALA A 434 15.73 -20.93 35.96
N ILE A 435 14.73 -20.87 36.82
CA ILE A 435 14.89 -20.95 38.26
C ILE A 435 13.77 -21.81 38.82
N LYS A 436 13.76 -21.99 40.13
CA LYS A 436 12.60 -22.56 40.79
C LYS A 436 12.57 -22.08 42.23
N ALA A 437 11.39 -22.16 42.83
CA ALA A 437 11.13 -21.60 44.15
C ALA A 437 11.38 -22.66 45.19
N THR A 438 12.55 -22.61 45.82
CA THR A 438 12.76 -23.35 47.05
C THR A 438 11.93 -22.70 48.13
N ASN A 439 11.09 -23.52 48.80
CA ASN A 439 10.05 -22.99 49.67
C ASN A 439 10.62 -22.02 50.69
N GLY A 440 9.97 -20.88 50.84
CA GLY A 440 10.42 -19.87 51.77
C GLY A 440 10.41 -20.40 53.19
N ASN A 441 11.57 -20.41 53.83
CA ASN A 441 11.67 -20.90 55.19
C ASN A 441 11.06 -19.88 56.14
N GLY A 442 9.74 -19.75 56.09
CA GLY A 442 9.04 -18.74 56.86
C GLY A 442 9.23 -17.37 56.27
N GLY A 443 10.49 -16.93 56.17
CA GLY A 443 10.79 -15.61 55.68
C GLY A 443 10.91 -15.54 54.16
N ALA A 444 12.03 -15.01 53.69
CA ALA A 444 12.20 -14.78 52.26
C ALA A 444 12.13 -16.09 51.48
N THR A 445 11.38 -16.07 50.38
CA THR A 445 11.29 -17.23 49.51
C THR A 445 12.65 -17.49 48.87
N THR A 446 13.09 -18.74 48.90
CA THR A 446 14.40 -19.06 48.37
C THR A 446 14.28 -19.41 46.88
N TRP A 447 15.33 -19.13 46.15
CA TRP A 447 15.33 -19.39 44.71
C TRP A 447 16.56 -20.19 44.34
N ALA A 448 16.35 -21.33 43.69
CA ALA A 448 17.43 -22.23 43.34
C ALA A 448 17.45 -22.43 41.84
N GLN A 449 18.65 -22.40 41.26
CA GLN A 449 18.78 -22.65 39.84
C GLN A 449 18.29 -24.05 39.51
N ASP A 450 17.48 -24.16 38.47
CA ASP A 450 16.96 -25.44 38.04
C ASP A 450 18.02 -26.23 37.28
N ASN A 451 17.75 -27.52 37.12
CA ASN A 451 18.56 -28.37 36.27
C ASN A 451 17.79 -28.91 35.07
N THR A 452 16.46 -28.79 35.08
CA THR A 452 15.65 -29.39 34.02
C THR A 452 15.91 -28.71 32.68
N PHE A 453 16.07 -27.40 32.68
CA PHE A 453 16.24 -26.64 31.45
C PHE A 453 17.71 -26.28 31.25
N ALA A 454 18.08 -26.15 29.98
CA ALA A 454 19.48 -25.89 29.64
C ALA A 454 19.92 -24.55 30.22
N GLU A 455 21.24 -24.32 30.16
CA GLU A 455 21.80 -23.11 30.74
C GLU A 455 21.40 -21.86 29.98
N ARG A 456 20.88 -22.00 28.77
CA ARG A 456 20.56 -20.85 27.93
C ARG A 456 19.19 -21.03 27.30
N ASN A 457 18.49 -19.91 27.10
CA ASN A 457 17.21 -19.90 26.40
C ASN A 457 17.01 -18.54 25.77
N GLU A 458 16.09 -18.47 24.81
CA GLU A 458 15.78 -17.25 24.09
C GLU A 458 14.39 -16.76 24.47
N ILE A 459 14.31 -15.54 24.98
CA ILE A 459 13.03 -14.94 25.36
C ILE A 459 13.07 -13.46 25.01
N GLY A 460 11.91 -12.92 24.63
CA GLY A 460 11.79 -11.53 24.26
C GLY A 460 10.88 -10.76 25.21
N VAL A 461 11.16 -9.47 25.36
CA VAL A 461 10.42 -8.59 26.25
C VAL A 461 9.78 -7.49 25.42
N GLY A 462 8.49 -7.28 25.61
CA GLY A 462 7.79 -6.26 24.89
C GLY A 462 7.52 -6.67 23.45
N ASN A 463 6.93 -5.73 22.71
CA ASN A 463 6.54 -6.02 21.34
C ASN A 463 7.77 -6.27 20.47
N ASN A 464 7.58 -7.04 19.42
CA ASN A 464 8.66 -7.30 18.48
C ASN A 464 9.00 -6.02 17.72
N PHE A 465 10.27 -5.87 17.37
CA PHE A 465 10.70 -4.71 16.61
C PHE A 465 10.17 -4.79 15.20
N ALA A 466 9.53 -3.71 14.74
CA ALA A 466 8.81 -3.75 13.47
C ALA A 466 8.87 -2.39 12.79
N MET A 467 9.55 -2.33 11.66
CA MET A 467 9.54 -1.15 10.82
C MET A 467 8.22 -1.07 10.07
N GLU A 468 7.89 0.13 9.59
CA GLU A 468 6.55 0.45 9.16
C GLU A 468 6.58 1.29 7.89
N ILE A 469 5.48 1.24 7.14
CA ILE A 469 5.33 2.04 5.92
C ILE A 469 3.85 2.24 5.67
N ASN A 470 3.53 3.29 4.92
CA ASN A 470 2.20 3.46 4.35
C ASN A 470 2.16 2.80 2.98
N LEU A 471 0.94 2.49 2.52
CA LEU A 471 0.78 1.80 1.26
C LEU A 471 0.07 2.64 0.20
N ASN A 472 -1.16 3.09 0.48
CA ASN A 472 -1.96 3.70 -0.58
C ASN A 472 -1.31 4.96 -1.12
N ALA A 473 -0.79 5.81 -0.22
CA ALA A 473 -0.21 7.06 -0.67
C ALA A 473 0.94 6.81 -1.63
N ASN A 474 1.74 5.78 -1.36
CA ASN A 474 2.88 5.50 -2.22
C ASN A 474 2.42 5.08 -3.61
N LEU A 475 1.40 4.21 -3.68
CA LEU A 475 0.88 3.82 -4.98
C LEU A 475 0.38 5.02 -5.75
N TRP A 476 -0.43 5.86 -5.10
CA TRP A 476 -1.01 7.00 -5.78
C TRP A 476 0.09 7.96 -6.25
N ARG A 477 1.09 8.17 -5.42
CA ARG A 477 2.18 9.06 -5.82
C ARG A 477 2.95 8.49 -7.01
N ASN A 478 3.19 7.18 -7.00
CA ASN A 478 3.88 6.57 -8.13
C ASN A 478 3.09 6.77 -9.40
N PHE A 479 1.78 6.53 -9.34
CA PHE A 479 0.95 6.71 -10.52
C PHE A 479 1.01 8.15 -11.01
N LEU A 480 0.87 9.11 -10.09
CA LEU A 480 0.88 10.50 -10.50
C LEU A 480 2.21 10.88 -11.13
N TYR A 481 3.32 10.43 -10.55
CA TYR A 481 4.60 10.79 -11.12
C TYR A 481 4.79 10.18 -12.50
N SER A 482 4.41 8.92 -12.67
CA SER A 482 4.76 8.24 -13.90
C SER A 482 3.74 8.44 -15.01
N ASN A 483 2.60 9.05 -14.75
CA ASN A 483 1.63 9.25 -15.81
C ASN A 483 1.47 10.69 -16.25
N ILE A 484 1.85 11.65 -15.42
CA ILE A 484 1.61 13.06 -15.69
C ILE A 484 2.91 13.87 -15.66
N ALA A 485 3.76 13.63 -14.67
CA ALA A 485 4.89 14.52 -14.45
C ALA A 485 5.82 14.56 -15.65
N LEU A 486 6.13 13.40 -16.22
CA LEU A 486 7.15 13.34 -17.26
C LEU A 486 6.77 14.09 -18.53
N TYR A 487 5.51 14.48 -18.68
CA TYR A 487 5.01 15.00 -19.95
C TYR A 487 4.89 16.51 -19.97
N LEU A 488 5.45 17.21 -18.98
CA LEU A 488 5.41 18.66 -19.01
C LEU A 488 6.30 19.18 -20.14
N PRO A 489 6.08 20.42 -20.56
CA PRO A 489 6.94 20.99 -21.60
C PRO A 489 8.37 21.10 -21.11
N ASP A 490 9.30 21.22 -22.06
CA ASP A 490 10.72 21.24 -21.70
C ASP A 490 11.04 22.41 -20.79
N LYS A 491 10.34 23.51 -20.91
CA LYS A 491 10.78 24.69 -20.17
C LYS A 491 10.62 24.56 -18.68
N LEU A 492 10.27 23.41 -18.12
CA LEU A 492 10.23 23.22 -16.69
C LEU A 492 11.15 22.07 -16.27
N LYS A 493 12.34 22.03 -16.85
CA LYS A 493 13.32 21.00 -16.54
C LYS A 493 14.70 21.62 -16.58
N TYR A 494 15.71 20.79 -16.29
CA TYR A 494 17.10 21.22 -16.40
C TYR A 494 17.96 20.03 -16.74
N ASN A 495 19.16 20.32 -17.20
CA ASN A 495 20.08 19.26 -17.56
C ASN A 495 20.55 18.53 -16.30
N PRO A 496 20.80 17.22 -16.41
CA PRO A 496 21.27 16.48 -15.24
C PRO A 496 22.73 16.78 -14.93
N THR A 497 23.31 16.03 -14.02
CA THR A 497 24.64 16.33 -13.48
C THR A 497 25.67 15.36 -14.02
N ASN A 498 26.76 15.91 -14.57
CA ASN A 498 27.97 15.17 -14.88
C ASN A 498 27.73 14.00 -15.83
N VAL A 499 26.78 14.14 -16.74
CA VAL A 499 26.56 13.16 -17.81
C VAL A 499 26.34 13.92 -19.11
N GLU A 500 27.03 13.50 -20.17
CA GLU A 500 26.83 14.14 -21.46
C GLU A 500 25.42 13.90 -21.93
N ILE A 501 24.75 14.97 -22.38
CA ILE A 501 23.36 14.90 -22.76
C ILE A 501 23.26 15.19 -24.26
N SER A 502 22.11 14.84 -24.82
CA SER A 502 21.86 15.11 -26.23
C SER A 502 21.82 16.61 -26.48
N ASP A 503 22.19 16.99 -27.70
CA ASP A 503 22.20 18.39 -28.10
C ASP A 503 21.11 18.73 -29.08
N ASN A 504 20.50 17.74 -29.71
CA ASN A 504 19.35 17.98 -30.56
C ASN A 504 18.08 17.83 -29.76
N PRO A 505 17.24 18.86 -29.67
CA PRO A 505 16.04 18.79 -28.84
C PRO A 505 14.91 17.97 -29.43
N ASN A 506 15.16 17.16 -30.45
CA ASN A 506 14.11 16.33 -31.03
C ASN A 506 14.30 14.85 -30.79
N THR A 507 15.53 14.38 -30.65
CA THR A 507 15.77 12.96 -30.62
C THR A 507 15.36 12.36 -29.28
N TYR A 508 15.55 11.05 -29.16
CA TYR A 508 15.10 10.33 -27.97
C TYR A 508 15.84 10.78 -26.72
N ASP A 509 17.16 10.89 -26.81
CA ASP A 509 17.95 11.09 -25.60
C ASP A 509 17.57 12.37 -24.89
N TYR A 510 17.43 13.47 -25.64
CA TYR A 510 17.03 14.71 -25.00
C TYR A 510 15.63 14.60 -24.40
N MET A 511 14.81 13.68 -24.88
CA MET A 511 13.55 13.45 -24.20
C MET A 511 13.72 12.56 -22.99
N ASN A 512 14.85 11.85 -22.89
CA ASN A 512 15.04 10.93 -21.77
C ASN A 512 15.90 11.54 -20.67
N LYS A 513 17.10 11.99 -21.01
CA LYS A 513 18.08 12.34 -19.99
C LYS A 513 17.64 13.51 -19.11
N ARG A 514 16.64 14.27 -19.53
CA ARG A 514 16.20 15.41 -18.74
C ARG A 514 15.55 14.93 -17.44
N VAL A 515 15.53 15.83 -16.45
CA VAL A 515 15.07 15.51 -15.10
C VAL A 515 14.04 16.53 -14.67
N VAL A 516 12.91 16.05 -14.16
CA VAL A 516 11.84 16.90 -13.69
C VAL A 516 11.54 16.56 -12.24
N ALA A 517 11.51 17.58 -11.39
CA ALA A 517 11.36 17.37 -9.96
C ALA A 517 9.97 16.84 -9.63
N PRO A 518 9.85 16.04 -8.57
CA PRO A 518 8.52 15.71 -8.07
C PRO A 518 7.74 16.92 -7.62
N GLY A 519 8.44 17.96 -7.14
CA GLY A 519 7.76 19.04 -6.45
C GLY A 519 6.67 19.70 -7.25
N LEU A 520 6.78 19.67 -8.57
CA LEU A 520 5.75 20.28 -9.41
C LEU A 520 4.40 19.62 -9.18
N VAL A 521 4.36 18.29 -9.14
CA VAL A 521 3.12 17.56 -8.96
C VAL A 521 3.36 16.44 -7.96
N ASP A 522 2.56 16.40 -6.90
CA ASP A 522 2.71 15.38 -5.88
C ASP A 522 1.31 15.01 -5.39
N CYS A 523 1.25 14.29 -4.27
CA CYS A 523 -0.05 13.88 -3.75
C CYS A 523 -0.85 15.04 -3.19
N TYR A 524 -0.28 16.25 -3.13
CA TYR A 524 -0.94 17.38 -2.49
C TYR A 524 -1.29 18.47 -3.49
N ILE A 525 -1.47 18.16 -4.76
CA ILE A 525 -1.78 19.17 -5.77
C ILE A 525 -3.28 19.16 -6.01
N ASN A 526 -3.88 20.35 -5.95
CA ASN A 526 -5.31 20.52 -6.16
C ASN A 526 -6.09 19.48 -5.37
N LEU A 527 -5.95 19.57 -4.05
CA LEU A 527 -6.51 18.56 -3.16
C LEU A 527 -8.03 18.46 -3.31
N GLY A 528 -8.50 17.36 -3.88
CA GLY A 528 -9.91 17.13 -4.02
C GLY A 528 -10.61 18.13 -4.91
N ALA A 529 -10.33 18.07 -6.21
CA ALA A 529 -11.02 18.94 -7.16
C ALA A 529 -10.85 18.38 -8.55
N ARG A 530 -11.95 17.96 -9.15
CA ARG A 530 -11.91 17.58 -10.57
C ARG A 530 -11.38 18.76 -11.36
N TRP A 531 -10.17 18.64 -11.89
CA TRP A 531 -9.50 19.77 -12.51
C TRP A 531 -8.30 19.23 -13.28
N SER A 532 -7.85 20.01 -14.25
CA SER A 532 -6.66 19.66 -15.02
C SER A 532 -5.66 20.80 -14.96
N LEU A 533 -4.38 20.44 -15.01
CA LEU A 533 -3.33 21.41 -14.83
C LEU A 533 -3.27 22.39 -15.99
N ASP A 534 -2.56 23.49 -15.76
CA ASP A 534 -2.54 24.57 -16.73
C ASP A 534 -1.52 24.32 -17.84
N TYR A 535 -0.30 23.91 -17.47
CA TYR A 535 0.71 23.67 -18.50
C TYR A 535 0.31 22.53 -19.42
N MET A 536 -0.54 21.62 -18.94
CA MET A 536 -0.86 20.43 -19.70
C MET A 536 -1.92 20.66 -20.78
N ASP A 537 -2.68 21.74 -20.70
CA ASP A 537 -3.77 21.94 -21.65
C ASP A 537 -3.25 21.98 -23.08
N ASN A 538 -2.26 22.82 -23.35
CA ASN A 538 -1.76 23.04 -24.68
C ASN A 538 -0.78 21.98 -25.15
N VAL A 539 -0.73 20.85 -24.47
CA VAL A 539 0.10 19.72 -24.88
C VAL A 539 -0.82 18.59 -25.25
N ASN A 540 -0.54 17.93 -26.36
CA ASN A 540 -1.44 16.90 -26.84
C ASN A 540 -1.58 15.78 -25.81
N PRO A 541 -2.78 15.26 -25.60
CA PRO A 541 -2.95 14.11 -24.72
C PRO A 541 -2.96 12.78 -25.46
N PHE A 542 -2.94 12.78 -26.78
CA PHE A 542 -2.94 11.52 -27.50
C PHE A 542 -1.56 10.89 -27.53
N ASN A 543 -0.51 11.69 -27.60
CA ASN A 543 0.86 11.16 -27.61
C ASN A 543 1.22 10.80 -26.19
N HIS A 544 0.84 9.58 -25.80
CA HIS A 544 0.95 9.16 -24.41
C HIS A 544 0.84 7.65 -24.32
N HIS A 545 1.77 7.04 -23.61
CA HIS A 545 1.81 5.59 -23.52
C HIS A 545 0.57 5.00 -22.88
N ARG A 546 -0.21 5.80 -22.17
CA ARG A 546 -1.44 5.29 -21.59
C ARG A 546 -2.48 4.94 -22.63
N ASN A 547 -2.25 5.31 -23.89
CA ASN A 547 -3.23 5.06 -24.94
C ASN A 547 -3.54 3.57 -25.06
N ALA A 548 -4.78 3.27 -25.39
CA ALA A 548 -5.17 1.88 -25.59
C ALA A 548 -4.96 1.44 -27.04
N GLY A 549 -5.55 2.18 -27.98
CA GLY A 549 -5.45 1.78 -29.37
C GLY A 549 -4.02 1.73 -29.86
N LEU A 550 -3.22 2.73 -29.49
CA LEU A 550 -1.83 2.73 -29.91
C LEU A 550 -1.11 1.50 -29.37
N ARG A 551 -1.39 1.14 -28.12
CA ARG A 551 -0.79 -0.05 -27.55
C ARG A 551 -1.19 -1.29 -28.32
N TYR A 552 -2.47 -1.39 -28.68
CA TYR A 552 -2.92 -2.55 -29.43
C TYR A 552 -2.20 -2.63 -30.76
N ARG A 553 -2.08 -1.51 -31.46
CA ARG A 553 -1.38 -1.52 -32.74
C ARG A 553 0.07 -1.92 -32.56
N SER A 554 0.72 -1.40 -31.52
CA SER A 554 2.13 -1.71 -31.30
C SER A 554 2.31 -3.19 -31.03
N MET A 555 1.42 -3.77 -30.23
CA MET A 555 1.53 -5.20 -29.97
C MET A 555 1.25 -6.02 -31.21
N LEU A 556 0.38 -5.52 -32.10
CA LEU A 556 -0.04 -6.34 -33.23
C LEU A 556 1.14 -6.77 -34.09
N LEU A 557 2.04 -5.85 -34.39
CA LEU A 557 3.25 -6.24 -35.11
C LEU A 557 4.11 -7.16 -34.27
N GLY A 558 4.26 -6.85 -32.99
CA GLY A 558 5.09 -7.64 -32.10
C GLY A 558 6.09 -6.76 -31.37
N ASN A 559 6.88 -7.43 -30.52
CA ASN A 559 7.81 -6.76 -29.63
C ASN A 559 9.21 -6.63 -30.20
N GLY A 560 9.48 -7.20 -31.36
CA GLY A 560 10.82 -7.25 -31.88
C GLY A 560 11.34 -5.90 -32.33
N ARG A 561 12.46 -5.94 -33.04
CA ARG A 561 13.02 -4.78 -33.70
C ARG A 561 13.16 -4.97 -35.20
N TYR A 562 13.52 -6.16 -35.64
CA TYR A 562 13.68 -6.48 -37.06
C TYR A 562 12.53 -7.40 -37.43
N VAL A 563 11.49 -6.84 -38.04
CA VAL A 563 10.22 -7.54 -38.20
C VAL A 563 9.89 -7.65 -39.68
N PRO A 564 9.64 -8.84 -40.20
CA PRO A 564 9.02 -8.94 -41.53
C PRO A 564 7.52 -8.79 -41.38
N PHE A 565 6.92 -7.96 -42.23
CA PHE A 565 5.51 -7.66 -42.12
C PHE A 565 4.82 -7.88 -43.47
N HIS A 566 3.52 -8.08 -43.39
CA HIS A 566 2.73 -8.46 -44.56
C HIS A 566 1.28 -8.11 -44.26
N ILE A 567 0.75 -7.10 -44.95
CA ILE A 567 -0.55 -6.52 -44.65
C ILE A 567 -1.31 -6.28 -45.94
N GLN A 568 -2.54 -5.76 -45.77
CA GLN A 568 -3.37 -5.33 -46.87
C GLN A 568 -3.90 -3.93 -46.56
N VAL A 569 -4.14 -3.16 -47.62
CA VAL A 569 -4.56 -1.77 -47.52
C VAL A 569 -5.86 -1.61 -48.28
N PRO A 570 -6.89 -1.00 -47.69
CA PRO A 570 -8.14 -0.77 -48.41
C PRO A 570 -8.12 0.55 -49.16
N GLN A 571 -8.75 0.56 -50.33
CA GLN A 571 -8.87 1.77 -51.12
C GLN A 571 -9.88 2.71 -50.49
N LYS A 572 -9.50 3.98 -50.36
CA LYS A 572 -10.28 4.93 -49.58
C LYS A 572 -10.88 6.07 -50.39
N PHE A 573 -10.47 6.26 -51.64
CA PHE A 573 -10.98 7.38 -52.41
C PHE A 573 -12.48 7.26 -52.58
N PHE A 574 -13.20 8.37 -52.34
CA PHE A 574 -14.66 8.32 -52.32
C PHE A 574 -15.20 7.96 -53.70
N ALA A 575 -14.64 8.52 -54.76
CA ALA A 575 -15.25 8.39 -56.07
C ALA A 575 -15.19 6.98 -56.60
N ILE A 576 -14.45 6.08 -55.97
CA ILE A 576 -14.41 4.70 -56.45
C ILE A 576 -14.51 3.71 -55.30
N LYS A 577 -14.76 4.20 -54.09
CA LYS A 577 -14.86 3.28 -52.96
C LYS A 577 -16.15 2.47 -52.99
N ASN A 578 -17.09 2.80 -53.87
CA ASN A 578 -18.29 2.00 -54.01
C ASN A 578 -18.73 1.84 -55.46
N LEU A 579 -17.99 2.35 -56.43
CA LEU A 579 -18.47 2.27 -57.79
C LEU A 579 -18.61 0.86 -58.22
N LEU A 580 -19.38 0.62 -59.25
CA LEU A 580 -19.51 -0.71 -59.77
C LEU A 580 -18.56 -0.70 -60.89
N LEU A 581 -18.77 -1.53 -61.88
CA LEU A 581 -17.91 -1.49 -63.04
C LEU A 581 -18.27 -2.57 -63.99
N LEU A 582 -18.94 -2.23 -65.08
CA LEU A 582 -19.39 -3.26 -65.98
C LEU A 582 -18.20 -3.85 -66.66
N PRO A 583 -18.40 -4.91 -67.44
CA PRO A 583 -17.24 -5.57 -68.00
C PRO A 583 -16.38 -4.63 -68.75
N GLY A 584 -15.15 -5.03 -69.01
CA GLY A 584 -14.21 -4.13 -69.68
C GLY A 584 -12.72 -4.46 -69.72
N SER A 585 -11.86 -3.57 -69.20
CA SER A 585 -10.42 -3.78 -69.22
C SER A 585 -9.79 -2.47 -68.94
N TYR A 586 -9.57 -2.16 -67.69
CA TYR A 586 -9.05 -0.86 -67.38
C TYR A 586 -7.73 -0.90 -66.59
N THR A 587 -7.06 0.24 -66.38
CA THR A 587 -5.76 0.25 -65.71
C THR A 587 -5.80 0.94 -64.37
N TYR A 588 -5.13 0.38 -63.37
CA TYR A 588 -5.13 0.93 -62.05
C TYR A 588 -3.69 1.02 -61.69
N GLU A 589 -3.18 2.23 -61.57
CA GLU A 589 -1.80 2.45 -61.17
C GLU A 589 -1.75 3.50 -60.07
N TRP A 590 -0.99 3.29 -59.01
CA TRP A 590 -1.00 4.24 -57.91
C TRP A 590 0.36 4.32 -57.28
N ASN A 591 0.60 5.26 -56.39
CA ASN A 591 1.94 5.39 -55.87
C ASN A 591 1.97 5.30 -54.35
N PHE A 592 2.94 4.58 -53.81
CA PHE A 592 3.01 4.42 -52.37
C PHE A 592 4.20 5.14 -51.74
N ARG A 593 4.05 5.59 -50.50
CA ARG A 593 5.09 6.37 -49.82
C ARG A 593 6.12 5.54 -49.09
N LYS A 594 7.21 6.15 -48.64
CA LYS A 594 8.27 5.38 -48.00
C LYS A 594 9.00 6.08 -46.87
N ASP A 595 8.50 7.19 -46.36
CA ASP A 595 9.24 7.83 -45.31
C ASP A 595 8.75 7.31 -44.03
N VAL A 596 9.64 7.21 -43.07
CA VAL A 596 9.26 6.59 -41.82
C VAL A 596 8.45 7.54 -40.94
N ASN A 597 8.56 8.84 -41.16
CA ASN A 597 7.77 9.77 -40.36
C ASN A 597 6.28 9.56 -40.57
N MET A 598 5.87 9.35 -41.82
CA MET A 598 4.45 9.32 -42.13
C MET A 598 3.83 8.00 -41.72
N VAL A 599 4.30 6.88 -42.30
CA VAL A 599 3.64 5.61 -42.08
C VAL A 599 3.73 5.20 -40.61
N LEU A 600 4.89 5.35 -40.00
CA LEU A 600 5.06 4.93 -38.62
C LEU A 600 4.52 6.00 -37.68
N GLN A 601 4.43 5.63 -36.41
CA GLN A 601 4.03 6.59 -35.39
C GLN A 601 4.67 6.18 -34.08
N SER A 602 5.11 7.18 -33.32
CA SER A 602 5.78 6.99 -32.05
C SER A 602 4.96 7.60 -30.93
N SER A 603 4.86 6.88 -29.81
CA SER A 603 4.10 7.38 -28.69
C SER A 603 4.68 8.64 -28.09
N LEU A 604 5.93 8.98 -28.41
CA LEU A 604 6.58 10.14 -27.82
C LEU A 604 6.79 11.29 -28.79
N GLY A 605 6.59 11.08 -30.08
CA GLY A 605 6.76 12.17 -31.01
C GLY A 605 8.20 12.54 -31.29
N ASN A 606 9.14 11.66 -31.02
CA ASN A 606 10.51 11.91 -31.43
C ASN A 606 10.64 11.71 -32.93
N ASP A 607 11.65 12.36 -33.50
CA ASP A 607 11.99 12.09 -34.90
C ASP A 607 12.37 10.63 -35.07
N LEU A 608 12.14 10.10 -36.26
CA LEU A 608 12.55 8.75 -36.56
C LEU A 608 13.60 8.65 -37.64
N ARG A 609 13.75 9.67 -38.48
CA ARG A 609 14.82 9.64 -39.46
C ARG A 609 16.18 9.67 -38.80
N VAL A 610 16.33 10.47 -37.74
CA VAL A 610 17.62 10.54 -37.07
C VAL A 610 17.94 9.22 -36.39
N ASP A 611 16.94 8.52 -35.88
CA ASP A 611 17.17 7.28 -35.16
C ASP A 611 17.23 6.06 -36.07
N GLY A 612 17.18 6.26 -37.38
CA GLY A 612 17.59 5.21 -38.29
C GLY A 612 16.58 4.13 -38.59
N ALA A 613 15.36 4.24 -38.10
CA ALA A 613 14.35 3.26 -38.46
C ALA A 613 14.02 3.38 -39.94
N SER A 614 13.82 2.23 -40.60
CA SER A 614 13.60 2.24 -42.03
C SER A 614 12.71 1.06 -42.42
N ILE A 615 12.37 1.01 -43.70
CA ILE A 615 11.36 0.09 -44.20
C ILE A 615 11.63 -0.15 -45.68
N LYS A 616 11.35 -1.37 -46.14
CA LYS A 616 11.56 -1.66 -47.55
C LYS A 616 10.59 -2.74 -48.03
N PHE A 617 9.98 -2.51 -49.18
CA PHE A 617 9.03 -3.44 -49.77
C PHE A 617 9.75 -4.47 -50.63
N ASP A 618 9.15 -5.66 -50.73
CA ASP A 618 9.74 -6.71 -51.54
C ASP A 618 8.87 -7.06 -52.74
N SER A 619 7.63 -7.49 -52.49
CA SER A 619 6.70 -7.80 -53.55
C SER A 619 5.34 -7.26 -53.15
N ILE A 620 4.53 -6.94 -54.16
CA ILE A 620 3.25 -6.29 -53.93
C ILE A 620 2.27 -6.83 -54.95
N CYS A 621 1.05 -7.10 -54.49
CA CYS A 621 0.08 -7.80 -55.30
C CYS A 621 -1.30 -7.22 -55.03
N LEU A 622 -2.28 -7.50 -55.90
CA LEU A 622 -3.66 -6.94 -55.77
C LEU A 622 -4.72 -8.01 -55.83
N TYR A 623 -5.75 -7.89 -55.01
CA TYR A 623 -6.73 -8.95 -54.96
C TYR A 623 -8.07 -8.46 -55.43
N ALA A 624 -9.08 -9.33 -55.39
CA ALA A 624 -10.43 -8.95 -55.80
C ALA A 624 -11.41 -10.13 -55.87
N THR A 625 -12.70 -9.87 -55.75
CA THR A 625 -13.67 -10.93 -55.77
C THR A 625 -14.76 -10.69 -56.81
N PHE A 626 -15.81 -11.53 -56.83
CA PHE A 626 -16.89 -11.40 -57.80
C PHE A 626 -18.09 -12.09 -57.17
N PHE A 627 -19.21 -12.18 -57.88
CA PHE A 627 -20.36 -12.88 -57.35
C PHE A 627 -20.78 -13.81 -58.43
N PRO A 628 -20.63 -15.09 -58.25
CA PRO A 628 -20.91 -16.10 -59.27
C PRO A 628 -22.33 -16.01 -59.81
N MET A 629 -22.68 -14.86 -60.37
CA MET A 629 -24.00 -14.66 -60.93
C MET A 629 -24.20 -15.54 -62.15
N ALA A 630 -25.43 -16.03 -62.31
CA ALA A 630 -25.77 -16.76 -63.53
C ALA A 630 -25.57 -15.85 -64.74
N HIS A 631 -25.07 -16.43 -65.83
CA HIS A 631 -24.61 -15.63 -66.96
C HIS A 631 -25.70 -14.70 -67.47
N ASN A 632 -26.88 -15.25 -67.75
CA ASN A 632 -27.91 -14.47 -68.44
C ASN A 632 -28.34 -13.28 -67.60
N THR A 633 -28.50 -13.47 -66.31
CA THR A 633 -28.91 -12.35 -65.45
C THR A 633 -27.87 -11.25 -65.47
N ALA A 634 -26.59 -11.63 -65.45
CA ALA A 634 -25.54 -10.63 -65.56
C ALA A 634 -25.63 -9.91 -66.88
N SER A 635 -25.93 -10.63 -67.96
CA SER A 635 -26.07 -9.98 -69.25
C SER A 635 -27.18 -8.95 -69.22
N THR A 636 -28.32 -9.32 -68.63
CA THR A 636 -29.44 -8.39 -68.55
C THR A 636 -29.06 -7.16 -67.74
N LEU A 637 -28.40 -7.35 -66.61
CA LEU A 637 -28.03 -6.20 -65.79
C LEU A 637 -27.02 -5.32 -66.51
N GLU A 638 -26.07 -5.94 -67.21
CA GLU A 638 -25.11 -5.15 -67.96
C GLU A 638 -25.79 -4.32 -69.02
N ALA A 639 -26.73 -4.91 -69.76
CA ALA A 639 -27.45 -4.14 -70.76
C ALA A 639 -28.24 -3.02 -70.12
N MET A 640 -28.92 -3.31 -69.02
CA MET A 640 -29.76 -2.29 -68.41
C MET A 640 -28.93 -1.13 -67.87
N LEU A 641 -27.78 -1.44 -67.26
CA LEU A 641 -26.98 -0.43 -66.60
C LEU A 641 -26.20 0.45 -67.55
N ARG A 642 -26.51 0.42 -68.85
CA ARG A 642 -25.83 1.27 -69.79
C ARG A 642 -26.69 2.39 -70.36
N ASN A 643 -28.01 2.30 -70.24
CA ASN A 643 -28.86 3.41 -70.65
C ASN A 643 -28.52 4.62 -69.81
N ASP A 644 -27.96 5.65 -70.46
CA ASP A 644 -27.38 6.77 -69.75
C ASP A 644 -28.33 7.39 -68.74
N THR A 645 -29.61 7.05 -68.79
CA THR A 645 -30.51 7.47 -67.73
C THR A 645 -30.18 6.84 -66.40
N ASN A 646 -29.33 5.81 -66.37
CA ASN A 646 -29.00 5.10 -65.15
C ASN A 646 -27.54 5.29 -64.77
N ASP A 647 -27.05 6.52 -64.88
CA ASP A 647 -25.70 6.84 -64.45
C ASP A 647 -25.58 6.62 -62.95
N GLN A 648 -24.39 6.83 -62.40
CA GLN A 648 -24.21 6.67 -60.97
C GLN A 648 -23.71 7.97 -60.35
N SER A 649 -24.27 8.32 -59.19
CA SER A 649 -23.94 9.54 -58.49
C SER A 649 -23.15 9.21 -57.23
N PHE A 650 -22.13 10.02 -56.94
CA PHE A 650 -21.34 9.82 -55.73
C PHE A 650 -21.00 11.16 -55.12
N ASN A 651 -20.83 11.15 -53.79
CA ASN A 651 -20.53 12.35 -53.03
C ASN A 651 -19.81 11.93 -51.76
N ASP A 652 -18.60 12.45 -51.56
CA ASP A 652 -17.86 12.10 -50.36
C ASP A 652 -18.60 12.61 -49.13
N TYR A 653 -18.12 12.21 -47.96
CA TYR A 653 -18.83 12.61 -46.75
C TYR A 653 -18.53 14.06 -46.39
N LEU A 654 -17.28 14.35 -46.03
CA LEU A 654 -16.98 15.66 -45.48
C LEU A 654 -17.33 16.76 -46.47
N SER A 655 -16.75 16.68 -47.64
CA SER A 655 -17.15 17.61 -48.63
C SER A 655 -17.08 19.02 -48.24
N ALA A 656 -15.99 19.67 -48.61
CA ALA A 656 -15.93 21.08 -48.38
C ALA A 656 -14.65 21.58 -48.93
N ALA A 657 -14.34 22.81 -48.64
CA ALA A 657 -13.06 23.29 -49.07
C ALA A 657 -12.10 22.94 -47.98
N ASN A 658 -10.95 23.59 -47.94
CA ASN A 658 -10.01 23.38 -46.85
C ASN A 658 -8.84 24.29 -47.00
N MET A 659 -8.90 25.44 -46.37
CA MET A 659 -7.83 26.37 -46.52
C MET A 659 -7.26 26.66 -45.15
N LEU A 660 -5.93 26.69 -45.02
CA LEU A 660 -5.32 26.89 -43.72
C LEU A 660 -4.55 28.18 -43.69
N TYR A 661 -4.68 28.93 -42.62
CA TYR A 661 -3.94 30.17 -42.49
C TYR A 661 -2.93 30.15 -41.33
N PRO A 662 -1.95 31.07 -41.32
CA PRO A 662 -0.89 30.99 -40.31
C PRO A 662 -0.89 32.06 -39.19
N ILE A 663 -0.48 31.72 -37.96
CA ILE A 663 -0.49 32.66 -36.85
C ILE A 663 0.89 32.65 -36.21
N PRO A 664 1.62 33.76 -36.22
CA PRO A 664 2.88 33.82 -35.49
C PRO A 664 2.64 33.75 -34.00
N ALA A 665 3.67 33.30 -33.28
CA ALA A 665 3.52 33.10 -31.85
C ALA A 665 3.24 34.44 -31.15
N ASN A 666 2.43 34.36 -30.09
CA ASN A 666 2.05 35.52 -29.30
C ASN A 666 1.37 36.59 -30.17
N ALA A 667 0.17 36.25 -30.60
CA ALA A 667 -0.63 37.20 -31.38
C ALA A 667 -2.10 36.96 -31.08
N THR A 668 -2.92 37.94 -31.45
CA THR A 668 -4.36 37.80 -31.28
C THR A 668 -5.18 38.32 -32.45
N ASN A 669 -4.58 38.86 -33.49
CA ASN A 669 -5.32 39.38 -34.64
C ASN A 669 -5.26 38.35 -35.76
N VAL A 670 -6.41 37.81 -36.13
CA VAL A 670 -6.42 36.86 -37.25
C VAL A 670 -7.49 37.25 -38.26
N PRO A 671 -7.24 38.21 -39.15
CA PRO A 671 -8.23 38.53 -40.19
C PRO A 671 -7.95 37.83 -41.50
N ILE A 672 -9.03 37.38 -42.15
CA ILE A 672 -8.95 36.76 -43.46
C ILE A 672 -9.99 37.38 -44.37
N SER A 673 -9.73 37.29 -45.67
CA SER A 673 -10.58 37.88 -46.68
C SER A 673 -10.77 36.89 -47.82
N ILE A 674 -11.88 37.07 -48.53
CA ILE A 674 -12.16 36.30 -49.74
C ILE A 674 -12.79 37.24 -50.77
N PRO A 675 -12.20 37.36 -51.95
CA PRO A 675 -12.70 38.30 -52.94
C PRO A 675 -14.06 37.86 -53.46
N SER A 676 -14.78 38.82 -54.04
CA SER A 676 -16.19 38.61 -54.35
C SER A 676 -16.38 37.50 -55.37
N ARG A 677 -17.49 36.80 -55.24
CA ARG A 677 -17.81 35.67 -56.11
C ARG A 677 -19.25 35.25 -55.86
N ASN A 678 -19.67 34.19 -56.54
CA ASN A 678 -20.98 33.62 -56.34
C ASN A 678 -21.04 32.90 -55.00
N TRP A 679 -22.26 32.68 -54.51
CA TRP A 679 -22.48 32.00 -53.24
C TRP A 679 -23.69 31.07 -53.33
N ALA A 680 -23.75 30.26 -54.38
CA ALA A 680 -24.85 29.33 -54.53
C ALA A 680 -24.67 28.12 -53.62
N ALA A 681 -25.67 27.85 -52.79
CA ALA A 681 -25.78 26.61 -52.02
C ALA A 681 -24.68 26.45 -50.99
N PHE A 682 -23.99 27.52 -50.62
CA PHE A 682 -22.99 27.44 -49.58
C PHE A 682 -23.66 27.12 -48.25
N ARG A 683 -23.11 26.16 -47.51
CA ARG A 683 -23.78 25.62 -46.33
C ARG A 683 -23.27 26.18 -45.02
N GLY A 684 -22.07 26.74 -44.97
CA GLY A 684 -21.59 27.35 -43.76
C GLY A 684 -20.14 27.00 -43.51
N TRP A 685 -19.72 27.22 -42.27
CA TRP A 685 -18.33 27.10 -41.88
C TRP A 685 -18.16 26.05 -40.80
N ALA A 686 -16.97 25.47 -40.77
CA ALA A 686 -16.53 24.60 -39.68
C ALA A 686 -15.03 24.79 -39.52
N PHE A 687 -14.60 25.10 -38.31
CA PHE A 687 -13.21 25.48 -38.12
C PHE A 687 -12.65 24.85 -36.86
N THR A 688 -11.32 24.88 -36.79
CA THR A 688 -10.55 24.45 -35.62
C THR A 688 -9.15 25.05 -35.70
N ARG A 689 -8.25 24.58 -34.82
CA ARG A 689 -6.91 25.10 -34.72
C ARG A 689 -5.91 23.96 -34.66
N LEU A 690 -4.78 24.10 -35.37
CA LEU A 690 -3.76 23.08 -35.44
C LEU A 690 -2.42 23.65 -35.03
N LYS A 691 -1.50 22.75 -34.68
CA LYS A 691 -0.17 23.13 -34.24
C LYS A 691 0.79 23.09 -35.42
N THR A 692 1.42 24.23 -35.72
CA THR A 692 2.22 24.33 -36.94
C THR A 692 3.33 23.29 -36.96
N LYS A 693 4.04 23.16 -35.85
CA LYS A 693 5.18 22.25 -35.80
C LYS A 693 4.77 20.82 -36.10
N GLU A 694 3.50 20.49 -35.90
CA GLU A 694 3.05 19.12 -36.10
C GLU A 694 2.46 18.87 -37.49
N THR A 695 1.79 19.85 -38.07
CA THR A 695 1.14 19.62 -39.35
C THR A 695 2.16 19.43 -40.46
N PRO A 696 2.10 18.34 -41.20
CA PRO A 696 3.04 18.14 -42.30
C PRO A 696 2.72 19.06 -43.46
N SER A 697 3.74 19.31 -44.27
CA SER A 697 3.47 19.90 -45.56
C SER A 697 2.93 18.84 -46.50
N LEU A 698 2.40 19.20 -47.63
CA LEU A 698 1.91 18.11 -48.42
C LEU A 698 2.01 18.49 -49.85
N GLY A 699 1.85 17.52 -50.70
CA GLY A 699 1.86 17.88 -52.08
C GLY A 699 3.24 18.25 -52.48
N SER A 700 4.16 17.33 -52.31
CA SER A 700 5.51 17.55 -52.74
C SER A 700 6.14 16.27 -52.37
N GLY A 701 7.00 15.77 -53.21
CA GLY A 701 7.57 14.47 -52.95
C GLY A 701 7.73 14.18 -51.49
N TYR A 702 8.70 14.81 -50.85
CA TYR A 702 8.97 14.52 -49.46
C TYR A 702 9.41 15.74 -48.73
N ASP A 703 8.87 15.93 -47.55
CA ASP A 703 9.18 17.11 -46.82
C ASP A 703 10.42 16.92 -46.03
N PRO A 704 11.51 17.39 -46.55
CA PRO A 704 12.73 17.29 -45.76
C PRO A 704 12.66 18.10 -44.48
N TYR A 705 11.46 18.48 -44.05
CA TYR A 705 11.34 19.33 -42.87
C TYR A 705 10.31 18.80 -41.88
N TYR A 706 10.15 17.50 -41.80
CA TYR A 706 9.22 16.90 -40.85
C TYR A 706 10.03 16.23 -39.74
N THR A 707 10.15 16.92 -38.61
CA THR A 707 10.96 16.42 -37.51
C THR A 707 10.09 16.08 -36.32
N TYR A 708 8.99 15.39 -36.58
CA TYR A 708 8.05 15.01 -35.53
C TYR A 708 7.31 13.79 -36.02
N SER A 709 6.86 12.95 -35.10
CA SER A 709 6.25 11.70 -35.53
C SER A 709 5.10 11.27 -34.65
N GLY A 710 4.39 12.22 -34.07
CA GLY A 710 3.25 11.90 -33.22
C GLY A 710 1.98 11.77 -34.03
N SER A 711 0.86 11.83 -33.33
CA SER A 711 -0.42 11.84 -34.02
C SER A 711 -0.55 13.11 -34.84
N ILE A 712 -1.29 13.01 -35.94
CA ILE A 712 -1.37 14.12 -36.88
C ILE A 712 -2.80 14.65 -36.92
N PRO A 713 -3.09 15.76 -36.25
CA PRO A 713 -4.48 16.22 -36.17
C PRO A 713 -5.10 16.46 -37.52
N TYR A 714 -4.33 16.94 -38.49
CA TYR A 714 -4.87 17.25 -39.80
C TYR A 714 -5.37 16.02 -40.54
N LEU A 715 -5.04 14.82 -40.08
CA LEU A 715 -5.52 13.62 -40.75
C LEU A 715 -6.10 12.62 -39.77
N ASP A 716 -5.71 12.69 -38.50
CA ASP A 716 -6.13 11.64 -37.57
C ASP A 716 -7.59 11.78 -37.21
N GLY A 717 -8.06 13.00 -36.98
CA GLY A 717 -9.33 13.24 -36.36
C GLY A 717 -9.25 13.63 -34.89
N THR A 718 -8.06 13.86 -34.37
CA THR A 718 -7.87 14.28 -32.99
C THR A 718 -7.53 15.76 -32.95
N PHE A 719 -8.26 16.52 -32.14
CA PHE A 719 -8.02 17.93 -31.97
C PHE A 719 -8.01 18.24 -30.48
N TYR A 720 -7.17 19.17 -30.07
CA TYR A 720 -7.10 19.49 -28.65
C TYR A 720 -6.92 20.98 -28.39
N LEU A 721 -7.27 21.84 -29.33
CA LEU A 721 -7.01 23.26 -29.16
C LEU A 721 -8.26 24.11 -29.31
N ASN A 722 -9.44 23.50 -29.18
CA ASN A 722 -10.66 24.27 -29.37
C ASN A 722 -10.78 25.39 -28.36
N HIS A 723 -10.44 25.14 -27.14
CA HIS A 723 -10.72 26.12 -26.10
C HIS A 723 -9.86 27.33 -26.18
N THR A 724 -9.07 27.60 -27.22
CA THR A 724 -8.26 28.81 -27.24
C THR A 724 -8.90 29.94 -28.01
N PHE A 725 -10.12 29.76 -28.52
CA PHE A 725 -10.80 30.81 -29.24
C PHE A 725 -11.49 31.78 -28.29
N LYS A 726 -11.54 33.04 -28.67
CA LYS A 726 -12.22 34.05 -27.87
C LYS A 726 -13.43 34.62 -28.58
N LYS A 727 -13.26 35.19 -29.77
CA LYS A 727 -14.42 35.73 -30.47
C LYS A 727 -14.19 35.70 -31.97
N VAL A 728 -15.29 35.69 -32.72
CA VAL A 728 -15.25 35.57 -34.16
C VAL A 728 -16.32 36.47 -34.78
N ALA A 729 -15.99 37.09 -35.90
CA ALA A 729 -16.90 38.01 -36.57
C ALA A 729 -16.90 37.77 -38.07
N ILE A 730 -18.07 37.95 -38.69
CA ILE A 730 -18.27 37.69 -40.12
C ILE A 730 -18.88 38.93 -40.75
N THR A 731 -18.45 39.24 -41.98
CA THR A 731 -18.96 40.43 -42.64
C THR A 731 -18.98 40.23 -44.15
N PHE A 732 -20.04 40.73 -44.78
CA PHE A 732 -20.18 40.72 -46.23
C PHE A 732 -20.03 42.14 -46.76
N ASP A 733 -19.08 42.33 -47.66
CA ASP A 733 -18.91 43.60 -48.38
C ASP A 733 -18.82 44.78 -47.43
N SER A 734 -18.23 44.55 -46.27
CA SER A 734 -17.89 45.60 -45.32
C SER A 734 -19.10 46.34 -44.79
N SER A 735 -20.29 45.77 -44.85
CA SER A 735 -21.45 46.50 -44.36
C SER A 735 -22.45 45.69 -43.55
N VAL A 736 -22.43 44.36 -43.61
CA VAL A 736 -23.49 43.60 -42.95
C VAL A 736 -22.90 42.49 -42.10
N SER A 737 -23.64 42.06 -41.08
CA SER A 737 -23.24 40.97 -40.22
C SER A 737 -24.11 39.77 -40.55
N TRP A 738 -23.49 38.65 -40.86
CA TRP A 738 -24.20 37.49 -41.41
C TRP A 738 -25.39 37.09 -40.54
N PRO A 739 -25.25 37.00 -39.23
CA PRO A 739 -26.45 37.02 -38.40
C PRO A 739 -26.81 38.46 -38.08
N GLY A 740 -27.93 38.90 -38.63
CA GLY A 740 -28.35 40.29 -38.51
C GLY A 740 -29.69 40.38 -37.87
N ASN A 741 -30.33 41.53 -38.01
CA ASN A 741 -31.69 41.75 -37.53
C ASN A 741 -31.78 41.45 -36.03
N ASP A 742 -30.66 41.66 -35.35
CA ASP A 742 -30.56 41.47 -33.91
C ASP A 742 -31.04 40.10 -33.46
N ARG A 743 -30.63 39.05 -34.18
CA ARG A 743 -31.02 37.71 -33.74
C ARG A 743 -30.38 37.35 -32.41
N LEU A 744 -29.12 37.72 -32.20
CA LEU A 744 -28.34 37.22 -31.09
C LEU A 744 -28.02 38.32 -30.08
N LEU A 745 -27.71 37.88 -28.86
CA LEU A 745 -27.54 38.83 -27.75
C LEU A 745 -26.38 39.77 -28.00
N THR A 746 -25.28 39.26 -28.53
CA THR A 746 -24.22 40.15 -28.96
C THR A 746 -24.28 40.23 -30.47
N PRO A 747 -25.11 41.11 -31.01
CA PRO A 747 -25.61 40.94 -32.38
C PRO A 747 -24.53 40.83 -33.44
N ASN A 748 -23.47 41.60 -33.33
CA ASN A 748 -22.53 41.72 -34.45
C ASN A 748 -21.38 40.75 -34.38
N GLU A 749 -21.30 39.91 -33.35
CA GLU A 749 -20.18 38.99 -33.26
C GLU A 749 -20.50 37.88 -32.28
N PHE A 750 -20.18 36.64 -32.68
CA PHE A 750 -20.36 35.51 -31.79
C PHE A 750 -19.43 35.62 -30.60
N GLU A 751 -19.94 35.23 -29.42
CA GLU A 751 -19.16 35.24 -28.20
C GLU A 751 -19.09 33.82 -27.67
N ILE A 752 -17.89 33.28 -27.55
CA ILE A 752 -17.72 31.89 -27.18
C ILE A 752 -17.50 31.77 -25.69
N LYS A 753 -16.42 32.37 -25.19
CA LYS A 753 -16.15 32.41 -23.77
C LYS A 753 -15.69 33.81 -23.41
N ARG A 754 -16.46 34.50 -22.57
CA ARG A 754 -15.99 35.76 -22.04
C ARG A 754 -14.90 35.51 -21.04
N SER A 755 -14.06 36.52 -20.82
CA SER A 755 -13.14 36.43 -19.71
C SER A 755 -13.92 36.34 -18.41
N VAL A 756 -13.33 35.68 -17.42
CA VAL A 756 -13.98 35.42 -16.14
C VAL A 756 -14.68 36.67 -15.61
N ASP A 757 -14.19 37.86 -15.99
CA ASP A 757 -14.77 39.10 -15.49
C ASP A 757 -16.18 39.33 -16.03
N GLY A 758 -16.37 39.11 -17.33
CA GLY A 758 -17.62 39.47 -17.97
C GLY A 758 -18.75 38.55 -17.56
N GLU A 759 -19.19 38.67 -16.31
CA GLU A 759 -20.09 37.69 -15.72
C GLU A 759 -21.56 38.05 -15.92
N GLY A 760 -21.91 38.71 -17.03
CA GLY A 760 -23.31 38.90 -17.31
C GLY A 760 -23.97 37.74 -18.05
N TYR A 761 -23.20 36.84 -18.66
CA TYR A 761 -23.77 35.95 -19.65
C TYR A 761 -23.21 34.53 -19.62
N ASN A 762 -22.86 34.01 -18.45
CA ASN A 762 -22.32 32.66 -18.42
C ASN A 762 -23.46 31.64 -18.55
N VAL A 763 -23.09 30.36 -18.50
CA VAL A 763 -24.09 29.29 -18.57
C VAL A 763 -23.46 27.99 -18.10
N ALA A 764 -24.26 27.18 -17.41
CA ALA A 764 -23.89 25.82 -17.04
C ALA A 764 -22.61 25.76 -16.21
N GLN A 765 -22.31 26.84 -15.49
CA GLN A 765 -21.21 26.94 -14.54
C GLN A 765 -19.85 26.93 -15.20
N CYS A 766 -19.76 26.73 -16.50
CA CYS A 766 -18.52 26.97 -17.21
C CYS A 766 -18.36 28.47 -17.44
N ASN A 767 -17.32 28.86 -18.17
CA ASN A 767 -17.17 30.25 -18.57
C ASN A 767 -17.62 30.43 -20.02
N MET A 768 -18.85 30.02 -20.30
CA MET A 768 -19.35 29.98 -21.67
C MET A 768 -20.56 30.89 -21.83
N THR A 769 -20.61 31.59 -22.95
CA THR A 769 -21.76 32.41 -23.28
C THR A 769 -22.93 31.54 -23.69
N LYS A 770 -24.13 31.98 -23.33
CA LYS A 770 -25.31 31.19 -23.65
C LYS A 770 -25.49 31.04 -25.15
N ASP A 771 -25.26 32.12 -25.89
CA ASP A 771 -25.54 32.11 -27.32
C ASP A 771 -24.79 30.98 -28.01
N TRP A 772 -23.49 30.87 -27.75
CA TRP A 772 -22.70 29.86 -28.45
C TRP A 772 -23.15 28.47 -28.09
N PHE A 773 -23.46 28.23 -26.83
CA PHE A 773 -23.95 26.93 -26.42
C PHE A 773 -25.22 26.59 -27.18
N LEU A 774 -26.15 27.53 -27.24
CA LEU A 774 -27.39 27.30 -27.95
C LEU A 774 -27.12 26.97 -29.41
N VAL A 775 -26.28 27.76 -30.06
CA VAL A 775 -26.05 27.58 -31.49
C VAL A 775 -25.46 26.21 -31.76
N GLN A 776 -24.45 25.84 -30.98
CA GLN A 776 -23.81 24.56 -31.24
C GLN A 776 -24.78 23.41 -31.00
N MET A 777 -25.53 23.46 -29.90
CA MET A 777 -26.47 22.40 -29.61
C MET A 777 -27.46 22.25 -30.76
N LEU A 778 -28.01 23.37 -31.22
CA LEU A 778 -29.01 23.30 -32.28
C LEU A 778 -28.40 22.74 -33.55
N ALA A 779 -27.30 23.32 -34.01
CA ALA A 779 -26.71 22.88 -35.26
C ALA A 779 -26.29 21.43 -35.20
N ASN A 780 -26.10 20.88 -34.01
CA ASN A 780 -25.80 19.46 -33.98
C ASN A 780 -27.04 18.59 -33.95
N TYR A 781 -28.08 18.98 -33.22
CA TYR A 781 -29.20 18.06 -33.07
C TYR A 781 -30.59 18.68 -33.18
N ASN A 782 -30.71 19.92 -33.64
CA ASN A 782 -32.01 20.58 -33.72
C ASN A 782 -32.74 20.52 -32.38
N ILE A 783 -32.02 20.81 -31.31
CA ILE A 783 -32.54 20.74 -29.96
C ILE A 783 -32.36 22.08 -29.28
N GLY A 784 -33.40 22.55 -28.60
CA GLY A 784 -33.31 23.77 -27.84
C GLY A 784 -34.55 24.63 -27.87
N TYR A 785 -35.25 24.63 -29.00
CA TYR A 785 -36.49 25.41 -29.06
C TYR A 785 -37.57 24.83 -28.18
N GLN A 786 -37.39 23.63 -27.66
CA GLN A 786 -38.34 23.01 -26.76
C GLN A 786 -37.66 22.62 -25.46
N GLY A 787 -36.72 23.43 -25.00
CA GLY A 787 -36.03 23.16 -23.76
C GLY A 787 -34.96 22.09 -23.91
N PHE A 788 -33.81 22.32 -23.27
CA PHE A 788 -32.71 21.39 -23.41
C PHE A 788 -32.96 20.11 -22.64
N TYR A 789 -32.25 19.06 -23.03
CA TYR A 789 -32.22 17.79 -22.33
C TYR A 789 -31.13 16.96 -22.98
N ILE A 790 -30.79 15.84 -22.33
CA ILE A 790 -29.72 15.00 -22.85
C ILE A 790 -30.16 14.45 -24.20
N PRO A 791 -29.42 14.71 -25.26
CA PRO A 791 -29.83 14.21 -26.57
C PRO A 791 -29.79 12.70 -26.61
N GLU A 792 -30.53 12.14 -27.55
CA GLU A 792 -30.63 10.70 -27.67
C GLU A 792 -29.28 10.09 -28.00
N SER A 793 -29.19 8.78 -27.80
CA SER A 793 -27.92 8.10 -27.97
C SER A 793 -27.52 8.00 -29.43
N TYR A 794 -28.35 7.34 -30.24
CA TYR A 794 -27.96 7.04 -31.61
C TYR A 794 -27.71 8.31 -32.41
N LYS A 795 -28.44 9.38 -32.11
CA LYS A 795 -28.22 10.62 -32.84
C LYS A 795 -26.89 11.29 -32.51
N ASP A 796 -26.22 10.86 -31.44
CA ASP A 796 -24.98 11.50 -30.99
C ASP A 796 -23.89 10.44 -30.88
N ARG A 797 -22.94 10.47 -31.80
CA ARG A 797 -21.90 9.47 -31.87
C ARG A 797 -20.60 10.01 -31.28
N MET A 798 -19.52 9.27 -31.43
CA MET A 798 -18.28 9.57 -30.70
C MET A 798 -17.74 10.94 -31.04
N TYR A 799 -17.71 11.30 -32.31
CA TYR A 799 -17.11 12.56 -32.72
C TYR A 799 -18.04 13.74 -32.55
N SER A 800 -19.11 13.61 -31.79
CA SER A 800 -20.12 14.66 -31.72
C SER A 800 -19.61 15.79 -30.84
N PHE A 801 -20.51 16.70 -30.48
CA PHE A 801 -20.15 17.78 -29.57
C PHE A 801 -20.38 17.39 -28.12
N PHE A 802 -21.60 16.99 -27.78
CA PHE A 802 -21.97 16.85 -26.39
C PHE A 802 -21.22 15.74 -25.67
N ARG A 803 -20.68 14.77 -26.40
CA ARG A 803 -19.98 13.69 -25.74
C ARG A 803 -18.68 14.16 -25.10
N ASN A 804 -18.05 15.19 -25.66
CA ASN A 804 -16.74 15.61 -25.20
C ASN A 804 -16.75 17.04 -24.65
N PHE A 805 -17.67 17.35 -23.76
CA PHE A 805 -17.77 18.68 -23.19
C PHE A 805 -17.52 18.57 -21.69
N GLN A 806 -16.45 19.21 -21.21
CA GLN A 806 -16.06 19.10 -19.82
C GLN A 806 -15.95 20.46 -19.18
N PRO A 807 -16.71 20.77 -18.15
CA PRO A 807 -16.46 21.97 -17.36
C PRO A 807 -15.64 21.67 -16.12
N MET A 808 -14.68 22.53 -15.78
CA MET A 808 -13.85 22.34 -14.60
C MET A 808 -13.75 23.66 -13.85
N SER A 809 -13.53 23.56 -12.54
CA SER A 809 -13.46 24.73 -11.69
C SER A 809 -12.65 24.40 -10.45
N ARG A 810 -12.10 25.44 -9.83
CA ARG A 810 -11.36 25.26 -8.58
C ARG A 810 -11.31 26.57 -7.84
N GLN A 811 -10.86 26.51 -6.60
CA GLN A 811 -10.58 27.69 -5.81
C GLN A 811 -9.10 27.74 -5.49
N VAL A 812 -8.56 28.95 -5.44
CA VAL A 812 -7.17 29.15 -5.07
C VAL A 812 -7.11 30.31 -4.10
N VAL A 813 -5.95 30.48 -3.48
CA VAL A 813 -5.77 31.45 -2.42
C VAL A 813 -5.68 32.85 -3.02
N ASP A 814 -6.43 33.79 -2.46
CA ASP A 814 -6.31 35.18 -2.86
C ASP A 814 -4.92 35.69 -2.54
N ASP A 815 -4.47 36.68 -3.31
CA ASP A 815 -3.16 37.29 -3.08
C ASP A 815 -3.26 38.74 -2.63
N THR A 816 -4.44 39.19 -2.22
CA THR A 816 -4.59 40.59 -1.86
C THR A 816 -5.26 40.78 -0.51
N LYS A 817 -6.18 39.89 -0.16
CA LYS A 817 -6.95 40.05 1.06
C LYS A 817 -6.42 39.26 2.23
N TYR A 818 -5.58 38.26 1.98
CA TYR A 818 -4.97 37.49 3.06
C TYR A 818 -3.69 38.20 3.47
N LYS A 819 -3.69 38.81 4.66
CA LYS A 819 -2.65 39.77 5.01
C LYS A 819 -1.29 39.12 5.23
N ASP A 820 -1.20 37.80 5.18
CA ASP A 820 0.05 37.10 5.44
C ASP A 820 0.57 36.38 4.20
N TYR A 821 0.19 36.85 3.02
CA TYR A 821 0.59 36.18 1.80
C TYR A 821 2.11 36.23 1.61
N GLN A 822 2.66 35.14 1.09
CA GLN A 822 4.09 35.04 0.87
C GLN A 822 4.33 34.11 -0.31
N GLN A 823 4.68 34.67 -1.45
CA GLN A 823 4.99 33.83 -2.61
C GLN A 823 6.22 33.00 -2.32
N VAL A 824 6.13 31.70 -2.58
CA VAL A 824 7.19 30.76 -2.24
C VAL A 824 7.53 29.95 -3.48
N GLY A 825 8.76 30.09 -3.94
CA GLY A 825 9.21 29.31 -5.08
C GLY A 825 9.28 27.83 -4.75
N ILE A 826 9.44 27.03 -5.79
CA ILE A 826 9.48 25.57 -5.60
C ILE A 826 10.68 25.17 -4.77
N ILE A 827 11.75 25.97 -4.80
CA ILE A 827 12.99 25.57 -4.13
C ILE A 827 12.77 25.32 -2.65
N HIS A 828 11.97 26.15 -2.00
CA HIS A 828 11.85 26.08 -0.56
C HIS A 828 10.53 25.46 -0.11
N GLN A 829 9.77 24.87 -1.02
CA GLN A 829 8.62 24.10 -0.59
C GLN A 829 9.07 22.76 -0.05
N HIS A 830 8.44 22.30 1.03
CA HIS A 830 8.87 21.04 1.63
C HIS A 830 7.71 20.42 2.40
N ASN A 831 7.12 19.38 1.83
CA ASN A 831 6.19 18.52 2.55
C ASN A 831 6.70 17.09 2.45
N ASN A 832 6.43 16.32 3.49
CA ASN A 832 6.98 14.97 3.62
C ASN A 832 8.50 14.99 3.50
N SER A 833 9.12 16.01 4.08
CA SER A 833 10.57 16.02 4.13
C SER A 833 11.05 14.88 5.00
N GLY A 834 12.29 14.46 4.78
CA GLY A 834 12.82 13.35 5.51
C GLY A 834 12.38 12.00 4.99
N PHE A 835 11.63 11.95 3.91
CA PHE A 835 11.25 10.67 3.33
C PHE A 835 11.27 10.68 1.81
N VAL A 836 11.61 11.80 1.18
CA VAL A 836 11.56 11.93 -0.26
C VAL A 836 12.92 12.45 -0.74
N GLY A 837 13.02 12.68 -2.04
CA GLY A 837 14.22 13.26 -2.60
C GLY A 837 14.20 14.77 -2.52
N TYR A 838 15.11 15.38 -3.26
CA TYR A 838 15.21 16.83 -3.36
C TYR A 838 15.33 17.21 -4.82
N LEU A 839 14.22 17.64 -5.42
CA LEU A 839 14.18 18.09 -6.81
C LEU A 839 14.61 17.01 -7.79
N ALA A 840 14.45 15.74 -7.41
CA ALA A 840 14.84 14.63 -8.25
C ALA A 840 14.38 13.35 -7.58
N PRO A 841 14.21 12.27 -8.32
CA PRO A 841 13.82 11.00 -7.70
C PRO A 841 15.01 10.19 -7.22
N THR A 842 15.85 10.81 -6.40
CA THR A 842 16.99 10.13 -5.82
C THR A 842 16.55 9.39 -4.56
N MET A 843 17.52 8.91 -3.79
CA MET A 843 17.19 8.30 -2.51
C MET A 843 16.76 9.38 -1.53
N ARG A 844 15.99 8.96 -0.52
CA ARG A 844 15.44 9.91 0.43
C ARG A 844 16.55 10.63 1.19
N GLU A 845 16.18 11.74 1.82
CA GLU A 845 17.14 12.52 2.60
C GLU A 845 16.37 13.45 3.52
N GLY A 846 17.10 14.23 4.29
CA GLY A 846 16.51 15.29 5.08
C GLY A 846 15.97 14.78 6.42
N GLN A 847 15.73 15.73 7.32
CA GLN A 847 15.18 15.40 8.62
C GLN A 847 13.66 15.51 8.60
N ALA A 848 13.05 15.48 9.77
CA ALA A 848 11.62 15.69 9.81
C ALA A 848 11.41 17.13 10.20
N TYR A 849 10.16 17.58 10.28
CA TYR A 849 9.87 18.94 10.70
C TYR A 849 8.48 19.21 10.29
N PRO A 850 7.89 20.26 10.83
CA PRO A 850 6.56 20.54 10.32
C PRO A 850 6.65 20.94 8.87
N ALA A 851 5.56 20.94 8.12
CA ALA A 851 5.64 21.20 6.67
C ALA A 851 5.41 22.63 6.34
N ASN A 852 5.35 22.98 5.04
CA ASN A 852 5.21 24.41 4.86
C ASN A 852 4.10 24.83 3.89
N VAL A 853 3.92 24.18 2.75
CA VAL A 853 3.06 24.83 1.76
C VAL A 853 2.36 23.89 0.79
N PRO A 854 1.40 23.12 1.24
CA PRO A 854 0.12 23.09 0.54
C PRO A 854 -0.81 24.02 1.28
N TYR A 855 -1.50 24.92 0.61
CA TYR A 855 -2.19 25.91 1.43
C TYR A 855 -3.48 25.32 2.00
N PRO A 856 -3.93 25.79 3.15
CA PRO A 856 -5.16 25.24 3.72
C PRO A 856 -6.39 25.95 3.21
N LEU A 857 -7.38 25.18 2.74
CA LEU A 857 -8.59 25.72 2.16
C LEU A 857 -9.84 25.39 2.94
N ILE A 858 -9.78 24.43 3.86
CA ILE A 858 -10.98 23.99 4.57
C ILE A 858 -10.73 24.16 6.06
N GLY A 859 -11.72 23.79 6.88
CA GLY A 859 -11.55 23.85 8.30
C GLY A 859 -11.61 25.27 8.83
N LYS A 860 -11.60 25.43 10.13
CA LYS A 860 -11.84 26.78 10.65
C LYS A 860 -10.65 27.67 10.56
N THR A 861 -9.61 27.29 9.81
CA THR A 861 -8.42 28.10 9.70
C THR A 861 -8.18 28.59 8.27
N ALA A 862 -9.07 28.26 7.34
CA ALA A 862 -8.83 28.55 5.94
C ALA A 862 -8.73 30.05 5.70
N VAL A 863 -8.34 30.40 4.49
CA VAL A 863 -7.99 31.79 4.18
C VAL A 863 -8.91 32.36 3.13
N ASP A 864 -8.71 33.63 2.79
CA ASP A 864 -9.48 34.26 1.73
C ASP A 864 -9.10 33.65 0.38
N SER A 865 -10.09 33.53 -0.50
CA SER A 865 -9.88 32.76 -1.71
C SER A 865 -10.67 33.36 -2.86
N ILE A 866 -10.26 32.99 -4.06
CA ILE A 866 -10.98 33.30 -5.28
C ILE A 866 -11.17 32.02 -6.07
N THR A 867 -11.92 32.10 -7.16
CA THR A 867 -12.32 30.92 -7.91
C THR A 867 -12.07 31.09 -9.39
N GLN A 868 -11.58 30.03 -10.03
CA GLN A 868 -11.38 30.01 -11.47
C GLN A 868 -12.21 28.90 -12.09
N LYS A 869 -12.66 29.14 -13.33
CA LYS A 869 -13.46 28.20 -14.09
C LYS A 869 -12.97 28.17 -15.52
N LYS A 870 -13.05 26.99 -16.14
CA LYS A 870 -12.71 26.86 -17.56
C LYS A 870 -13.29 25.55 -18.07
N PHE A 871 -12.99 25.21 -19.31
CA PHE A 871 -13.58 24.01 -19.90
C PHE A 871 -12.66 23.42 -20.96
N LEU A 872 -12.89 22.16 -21.26
CA LEU A 872 -12.19 21.44 -22.31
C LEU A 872 -13.19 20.71 -23.19
N CYS A 873 -13.07 20.90 -24.51
CA CYS A 873 -13.95 20.25 -25.47
C CYS A 873 -13.15 19.76 -26.67
N ASP A 874 -12.10 19.01 -26.41
CA ASP A 874 -11.30 18.44 -27.47
C ASP A 874 -12.15 17.51 -28.34
N ARG A 875 -11.57 17.15 -29.49
CA ARG A 875 -12.09 16.06 -30.32
C ARG A 875 -13.44 16.41 -30.95
N THR A 876 -13.50 17.54 -31.64
CA THR A 876 -14.68 17.93 -32.41
C THR A 876 -14.29 19.08 -33.33
N LEU A 877 -15.29 19.68 -33.97
CA LEU A 877 -15.11 20.88 -34.75
C LEU A 877 -16.10 21.93 -34.30
N TRP A 878 -15.80 23.19 -34.56
CA TRP A 878 -16.78 24.23 -34.32
C TRP A 878 -17.54 24.49 -35.61
N ARG A 879 -18.87 24.47 -35.53
CA ARG A 879 -19.71 24.62 -36.71
C ARG A 879 -20.56 25.88 -36.64
N ILE A 880 -20.83 26.44 -37.81
CA ILE A 880 -21.85 27.46 -38.00
C ILE A 880 -22.56 27.13 -39.30
N PRO A 881 -23.83 26.78 -39.26
CA PRO A 881 -24.55 26.43 -40.49
C PRO A 881 -25.25 27.64 -41.10
N PHE A 882 -25.59 27.49 -42.36
CA PHE A 882 -26.25 28.54 -43.13
C PHE A 882 -27.75 28.31 -43.04
N SER A 883 -28.43 29.13 -42.25
CA SER A 883 -29.87 29.01 -42.10
C SER A 883 -30.41 30.31 -41.55
N SER A 884 -31.74 30.41 -41.53
CA SER A 884 -32.38 31.52 -40.86
C SER A 884 -32.61 31.25 -39.39
N ASN A 885 -32.52 29.99 -38.96
CA ASN A 885 -32.70 29.66 -37.55
C ASN A 885 -31.73 28.60 -37.08
N PHE A 886 -30.63 28.39 -37.81
CA PHE A 886 -29.55 27.50 -37.40
C PHE A 886 -29.98 26.04 -37.36
N MET A 887 -31.23 25.75 -37.66
CA MET A 887 -31.69 24.37 -37.61
C MET A 887 -31.12 23.62 -38.82
N SER A 888 -31.51 22.35 -38.97
CA SER A 888 -31.08 21.55 -40.12
C SER A 888 -32.32 20.92 -40.73
N MET A 889 -32.98 21.66 -41.62
CA MET A 889 -34.20 21.20 -42.26
C MET A 889 -33.95 20.54 -43.60
N GLY A 890 -32.70 20.42 -44.02
CA GLY A 890 -32.40 19.74 -45.27
C GLY A 890 -30.94 19.89 -45.61
N ALA A 891 -30.47 18.99 -46.47
CA ALA A 891 -29.07 19.03 -46.88
C ALA A 891 -28.76 20.33 -47.59
N LEU A 892 -29.64 20.78 -48.46
CA LEU A 892 -29.54 22.08 -49.08
C LEU A 892 -30.42 23.05 -48.31
N THR A 893 -29.89 24.23 -48.02
CA THR A 893 -30.56 25.14 -47.10
C THR A 893 -31.19 26.31 -47.83
N ASP A 894 -32.16 26.93 -47.16
CA ASP A 894 -32.97 27.97 -47.79
C ASP A 894 -32.11 29.14 -48.23
N LEU A 895 -31.31 29.68 -47.32
CA LEU A 895 -30.54 30.87 -47.65
C LEU A 895 -29.59 30.60 -48.79
N GLY A 896 -29.17 29.35 -48.96
CA GLY A 896 -28.51 28.99 -50.19
C GLY A 896 -29.41 29.19 -51.39
N GLN A 897 -30.64 28.69 -51.30
CA GLN A 897 -31.59 28.91 -52.37
C GLN A 897 -32.13 30.33 -52.38
N ASN A 898 -32.12 31.00 -51.23
CA ASN A 898 -32.74 32.31 -51.15
C ASN A 898 -32.03 33.27 -52.10
N LEU A 899 -32.83 34.04 -52.83
CA LEU A 899 -32.30 34.87 -53.89
C LEU A 899 -31.51 36.06 -53.37
N LEU A 900 -31.58 36.37 -52.07
CA LEU A 900 -30.65 37.34 -51.49
C LEU A 900 -29.21 36.85 -51.59
N TYR A 901 -29.03 35.53 -51.51
CA TYR A 901 -27.72 34.91 -51.70
C TYR A 901 -27.81 33.78 -52.73
N ALA A 902 -28.69 33.95 -53.72
CA ALA A 902 -28.73 33.04 -54.87
C ALA A 902 -28.95 33.74 -56.21
N ASN A 903 -28.73 35.06 -56.31
CA ASN A 903 -28.99 35.83 -57.53
C ASN A 903 -27.85 36.77 -57.89
N SER A 904 -26.87 36.96 -57.01
CA SER A 904 -25.87 38.00 -57.18
C SER A 904 -24.54 37.50 -56.63
N ALA A 905 -23.60 38.43 -56.40
CA ALA A 905 -22.28 38.07 -55.92
C ALA A 905 -21.81 39.09 -54.90
N HIS A 906 -20.96 38.64 -53.97
CA HIS A 906 -20.43 39.51 -52.92
C HIS A 906 -19.10 38.94 -52.45
N ALA A 907 -18.44 39.71 -51.59
CA ALA A 907 -17.15 39.33 -51.00
C ALA A 907 -17.33 39.03 -49.52
N LEU A 908 -16.28 38.44 -48.93
CA LEU A 908 -16.39 37.92 -47.57
C LEU A 908 -15.20 38.35 -46.73
N ASP A 909 -15.45 38.65 -45.46
CA ASP A 909 -14.38 38.92 -44.52
C ASP A 909 -14.68 38.24 -43.20
N MET A 910 -13.64 37.68 -42.59
CA MET A 910 -13.78 37.03 -41.29
C MET A 910 -12.67 37.51 -40.37
N THR A 911 -12.97 37.52 -39.08
CA THR A 911 -11.99 37.94 -38.09
C THR A 911 -12.04 37.01 -36.90
N PHE A 912 -10.87 36.54 -36.48
CA PHE A 912 -10.73 35.63 -35.35
C PHE A 912 -9.84 36.27 -34.31
N GLU A 913 -10.28 36.20 -33.04
CA GLU A 913 -9.48 36.59 -31.90
C GLU A 913 -9.36 35.40 -30.98
N VAL A 914 -8.12 34.95 -30.74
CA VAL A 914 -7.82 33.72 -30.04
C VAL A 914 -6.81 34.01 -28.92
N ASP A 915 -6.73 33.07 -27.98
CA ASP A 915 -5.82 33.22 -26.87
C ASP A 915 -4.37 33.06 -27.32
N PRO A 916 -3.44 33.77 -26.70
CA PRO A 916 -2.05 33.72 -27.16
C PRO A 916 -1.40 32.38 -26.87
N MET A 917 -0.45 32.03 -27.72
CA MET A 917 0.36 30.84 -27.53
C MET A 917 1.78 31.18 -27.96
N ASP A 918 2.73 30.39 -27.46
CA ASP A 918 4.15 30.68 -27.62
C ASP A 918 4.80 29.84 -28.71
N GLU A 919 4.07 29.55 -29.78
CA GLU A 919 4.59 28.75 -30.88
C GLU A 919 3.69 28.99 -32.09
N PRO A 920 4.21 28.80 -33.30
CA PRO A 920 3.38 29.06 -34.48
C PRO A 920 2.17 28.16 -34.52
N THR A 921 1.04 28.69 -34.97
CA THR A 921 -0.19 27.91 -35.04
C THR A 921 -0.81 28.06 -36.42
N LEU A 922 -1.77 27.19 -36.73
CA LEU A 922 -2.50 27.24 -37.98
C LEU A 922 -3.98 27.30 -37.69
N LEU A 923 -4.67 28.24 -38.32
CA LEU A 923 -6.12 28.29 -38.28
C LEU A 923 -6.65 27.44 -39.42
N TYR A 924 -7.55 26.50 -39.10
CA TYR A 924 -8.06 25.55 -40.06
C TYR A 924 -9.51 25.89 -40.34
N VAL A 925 -9.81 26.24 -41.60
CA VAL A 925 -11.14 26.67 -42.01
C VAL A 925 -11.67 25.71 -43.06
N LEU A 926 -12.93 25.31 -42.91
CA LEU A 926 -13.62 24.45 -43.84
C LEU A 926 -14.92 25.09 -44.25
N PHE A 927 -15.12 25.27 -45.55
CA PHE A 927 -16.38 25.73 -46.09
C PHE A 927 -17.16 24.52 -46.58
N GLU A 928 -18.29 24.23 -45.95
CA GLU A 928 -19.04 23.05 -46.35
C GLU A 928 -19.86 23.37 -47.58
N VAL A 929 -19.63 22.62 -48.65
CA VAL A 929 -20.25 22.89 -49.94
C VAL A 929 -20.82 21.59 -50.51
N PHE A 930 -21.27 21.64 -51.76
CA PHE A 930 -21.69 20.45 -52.47
C PHE A 930 -20.59 20.00 -53.41
N ASP A 931 -20.33 18.69 -53.42
CA ASP A 931 -19.31 18.11 -54.30
C ASP A 931 -19.80 16.75 -54.75
N VAL A 932 -20.11 16.61 -56.04
CA VAL A 932 -20.72 15.41 -56.58
C VAL A 932 -19.99 15.00 -57.85
N VAL A 933 -20.15 13.72 -58.18
CA VAL A 933 -19.60 13.16 -59.41
C VAL A 933 -20.62 12.23 -60.04
N ARG A 934 -20.82 12.34 -61.34
CA ARG A 934 -21.64 11.43 -62.11
C ARG A 934 -20.75 10.58 -63.00
N VAL A 935 -21.06 9.28 -63.08
CA VAL A 935 -20.25 8.32 -63.80
C VAL A 935 -21.13 7.57 -64.80
N HIS A 936 -20.62 7.41 -66.02
CA HIS A 936 -21.38 6.85 -67.12
C HIS A 936 -20.49 5.93 -67.95
N GLN A 937 -21.04 4.80 -68.39
CA GLN A 937 -20.30 3.76 -69.10
C GLN A 937 -21.04 3.36 -70.37
N PRO A 938 -20.93 4.13 -71.43
CA PRO A 938 -21.70 3.84 -72.64
C PRO A 938 -21.34 2.53 -73.31
N HIS A 939 -20.11 2.37 -73.75
CA HIS A 939 -19.71 1.19 -74.51
C HIS A 939 -18.92 0.25 -73.62
N ARG A 940 -18.42 -0.83 -74.21
CA ARG A 940 -17.65 -1.80 -73.48
C ARG A 940 -16.20 -1.33 -73.35
N GLY A 941 -15.74 -1.18 -72.11
CA GLY A 941 -14.37 -0.81 -71.89
C GLY A 941 -14.07 0.66 -71.90
N VAL A 942 -15.08 1.51 -71.68
CA VAL A 942 -14.87 2.94 -71.60
C VAL A 942 -15.69 3.48 -70.44
N ILE A 943 -15.11 4.44 -69.71
CA ILE A 943 -15.78 5.05 -68.58
C ILE A 943 -15.55 6.55 -68.63
N GLU A 944 -16.63 7.32 -68.51
CA GLU A 944 -16.55 8.77 -68.53
C GLU A 944 -17.19 9.34 -67.28
N THR A 945 -16.77 10.54 -66.91
CA THR A 945 -17.12 11.13 -65.63
C THR A 945 -17.38 12.61 -65.78
N VAL A 946 -18.15 13.14 -64.83
CA VAL A 946 -18.39 14.57 -64.72
C VAL A 946 -18.34 14.96 -63.25
N TYR A 947 -17.39 15.81 -62.91
CA TYR A 947 -17.26 16.32 -61.54
C TYR A 947 -17.88 17.70 -61.44
N LEU A 948 -18.50 17.96 -60.29
CA LEU A 948 -18.97 19.30 -59.99
C LEU A 948 -18.72 19.56 -58.53
N ARG A 949 -18.24 20.77 -58.23
CA ARG A 949 -18.05 21.17 -56.85
C ARG A 949 -18.45 22.63 -56.74
N THR A 950 -19.59 22.88 -56.13
CA THR A 950 -20.10 24.24 -56.02
C THR A 950 -20.35 24.60 -54.56
N PRO A 951 -20.03 25.84 -54.18
CA PRO A 951 -19.30 26.79 -55.02
C PRO A 951 -17.83 26.45 -55.15
N PHE A 952 -17.01 27.42 -55.54
CA PHE A 952 -15.58 27.21 -55.73
C PHE A 952 -15.32 26.09 -56.73
N SER A 953 -15.68 26.33 -57.99
CA SER A 953 -15.42 25.36 -59.04
C SER A 953 -13.91 25.11 -59.14
N ALA A 954 -13.55 24.06 -59.86
CA ALA A 954 -12.16 23.65 -59.98
C ALA A 954 -11.34 24.67 -60.76
N GLY A 955 -10.21 25.07 -60.20
CA GLY A 955 -9.22 25.85 -60.92
C GLY A 955 -8.70 27.09 -60.23
N ASN A 956 -9.57 27.79 -59.50
CA ASN A 956 -9.26 29.11 -58.99
C ASN A 956 -9.75 29.18 -57.54
N ALA A 957 -9.80 30.40 -57.00
CA ALA A 957 -10.30 30.63 -55.66
C ALA A 957 -10.79 32.06 -55.53
N PRO B 4 -23.48 19.29 -72.46
CA PRO B 4 -24.03 18.56 -71.31
C PRO B 4 -24.67 19.46 -70.27
N SER B 5 -25.11 20.65 -70.69
CA SER B 5 -25.67 21.65 -69.78
C SER B 5 -26.96 22.23 -70.35
N MET B 6 -27.88 21.35 -70.74
CA MET B 6 -29.15 21.78 -71.32
C MET B 6 -30.22 22.10 -70.28
N MET B 7 -29.91 21.94 -69.00
CA MET B 7 -30.83 22.23 -67.90
C MET B 7 -30.03 22.82 -66.75
N PRO B 8 -30.69 23.47 -65.79
CA PRO B 8 -29.99 23.84 -64.56
C PRO B 8 -29.26 22.63 -64.03
N GLN B 9 -27.93 22.70 -64.01
CA GLN B 9 -27.13 21.50 -63.87
C GLN B 9 -27.39 20.79 -62.56
N TRP B 10 -28.01 21.47 -61.59
CA TRP B 10 -28.26 20.86 -60.29
C TRP B 10 -29.14 19.62 -60.44
N SER B 11 -30.20 19.71 -61.23
CA SER B 11 -31.02 18.55 -61.47
C SER B 11 -30.23 17.46 -62.17
N TYR B 12 -29.33 17.84 -63.07
CA TYR B 12 -28.56 16.85 -63.79
C TYR B 12 -27.60 16.10 -62.87
N MET B 13 -27.14 16.75 -61.80
CA MET B 13 -26.26 16.10 -60.83
C MET B 13 -27.00 15.67 -59.57
N HIS B 14 -28.33 15.71 -59.59
CA HIS B 14 -29.15 15.24 -58.48
C HIS B 14 -28.93 16.05 -57.21
N ILE B 15 -28.46 17.29 -57.34
CA ILE B 15 -28.46 18.18 -56.18
C ILE B 15 -29.88 18.44 -55.73
N SER B 16 -30.80 18.57 -56.68
CA SER B 16 -32.20 18.75 -56.37
C SER B 16 -33.04 18.13 -57.47
N GLY B 17 -34.29 17.86 -57.16
CA GLY B 17 -35.18 17.27 -58.12
C GLY B 17 -35.85 16.04 -57.55
N GLN B 18 -36.18 15.11 -58.44
CA GLN B 18 -36.92 13.94 -58.02
C GLN B 18 -35.97 12.86 -57.50
N ASP B 19 -36.53 11.96 -56.70
CA ASP B 19 -35.76 10.93 -56.02
C ASP B 19 -35.33 9.84 -57.00
N ALA B 20 -34.44 8.97 -56.52
CA ALA B 20 -33.90 7.92 -57.38
C ALA B 20 -34.99 6.95 -57.82
N SER B 21 -35.91 6.63 -56.93
CA SER B 21 -36.95 5.68 -57.29
C SER B 21 -37.90 6.22 -58.33
N GLU B 22 -37.64 7.41 -58.88
CA GLU B 22 -38.50 7.99 -59.91
C GLU B 22 -37.72 8.53 -61.10
N TYR B 23 -36.43 8.19 -61.24
CA TYR B 23 -35.73 8.52 -62.48
C TYR B 23 -34.98 7.33 -63.04
N LEU B 24 -35.39 6.12 -62.68
CA LEU B 24 -34.78 4.91 -63.20
C LEU B 24 -35.77 4.15 -64.07
N SER B 25 -35.26 3.33 -64.96
CA SER B 25 -36.13 2.40 -65.65
C SER B 25 -36.79 1.50 -64.61
N PRO B 26 -38.11 1.47 -64.55
CA PRO B 26 -38.76 0.78 -63.42
C PRO B 26 -38.38 -0.69 -63.31
N GLY B 27 -37.99 -1.31 -64.42
CA GLY B 27 -37.48 -2.67 -64.33
C GLY B 27 -36.29 -2.76 -63.39
N LEU B 28 -35.41 -1.75 -63.44
CA LEU B 28 -34.26 -1.76 -62.56
C LEU B 28 -34.69 -1.67 -61.09
N VAL B 29 -35.69 -0.84 -60.80
CA VAL B 29 -36.15 -0.72 -59.43
C VAL B 29 -36.76 -2.04 -58.97
N GLN B 30 -37.49 -2.70 -59.87
CA GLN B 30 -38.03 -4.01 -59.54
C GLN B 30 -36.90 -4.97 -59.18
N PHE B 31 -35.85 -4.99 -60.01
CA PHE B 31 -34.72 -5.86 -59.75
C PHE B 31 -34.09 -5.54 -58.40
N ALA B 32 -33.89 -4.27 -58.10
CA ALA B 32 -33.25 -3.90 -56.84
C ALA B 32 -34.09 -4.32 -55.66
N ARG B 33 -35.36 -3.91 -55.63
CA ARG B 33 -36.19 -4.27 -54.50
C ARG B 33 -36.42 -5.77 -54.40
N ALA B 34 -36.11 -6.53 -55.45
CA ALA B 34 -36.29 -7.97 -55.39
C ALA B 34 -35.05 -8.73 -54.92
N THR B 35 -33.91 -8.06 -54.76
CA THR B 35 -32.71 -8.74 -54.28
C THR B 35 -32.00 -7.89 -53.25
N GLU B 36 -32.76 -7.26 -52.35
CA GLU B 36 -32.16 -6.32 -51.40
C GLU B 36 -31.20 -7.02 -50.46
N THR B 37 -31.57 -8.21 -49.98
CA THR B 37 -30.83 -8.83 -48.88
C THR B 37 -29.44 -9.28 -49.32
N TYR B 38 -29.37 -10.20 -50.27
CA TYR B 38 -28.11 -10.87 -50.54
C TYR B 38 -27.26 -10.15 -51.58
N PHE B 39 -27.67 -8.99 -52.05
CA PHE B 39 -26.82 -8.18 -52.91
C PHE B 39 -27.33 -6.74 -52.87
N SER B 40 -26.57 -5.86 -52.26
CA SER B 40 -27.02 -4.49 -52.08
C SER B 40 -26.92 -3.71 -53.38
N LEU B 41 -27.81 -2.74 -53.52
CA LEU B 41 -27.65 -1.68 -54.50
C LEU B 41 -27.98 -0.31 -53.97
N ASN B 42 -28.58 -0.21 -52.78
CA ASN B 42 -29.22 1.03 -52.36
C ASN B 42 -28.25 2.15 -52.06
N ASN B 43 -26.95 1.95 -52.21
CA ASN B 43 -25.98 3.01 -51.96
C ASN B 43 -25.21 3.38 -53.23
N LYS B 44 -25.92 3.51 -54.35
CA LYS B 44 -25.29 3.91 -55.59
C LYS B 44 -25.77 5.23 -56.15
N PHE B 45 -26.92 5.73 -55.70
CA PHE B 45 -27.47 6.96 -56.23
C PHE B 45 -28.17 7.74 -55.12
N ARG B 46 -27.94 9.05 -55.09
CA ARG B 46 -28.39 9.88 -53.97
C ARG B 46 -29.72 10.55 -54.30
N ASN B 47 -30.66 10.48 -53.36
CA ASN B 47 -31.91 11.21 -53.46
C ASN B 47 -31.75 12.56 -52.80
N PRO B 48 -31.83 13.65 -53.54
CA PRO B 48 -31.58 14.97 -52.95
C PRO B 48 -32.64 15.34 -51.93
N THR B 49 -32.27 16.24 -51.03
CA THR B 49 -33.17 16.80 -50.05
C THR B 49 -33.20 18.31 -50.21
N VAL B 50 -34.38 18.90 -50.01
CA VAL B 50 -34.57 20.33 -50.18
C VAL B 50 -35.38 20.85 -49.01
N ALA B 51 -34.85 21.85 -48.32
CA ALA B 51 -35.58 22.51 -47.26
C ALA B 51 -36.57 23.51 -47.85
N PRO B 52 -37.65 23.81 -47.13
CA PRO B 52 -38.62 24.77 -47.63
C PRO B 52 -37.99 26.13 -47.87
N THR B 53 -38.45 26.80 -48.92
CA THR B 53 -37.85 28.08 -49.30
C THR B 53 -38.32 29.21 -48.40
N HIS B 54 -39.59 29.19 -48.00
CA HIS B 54 -40.21 30.35 -47.39
C HIS B 54 -41.34 29.90 -46.48
N ASP B 55 -42.10 30.87 -45.98
CA ASP B 55 -43.28 30.61 -45.15
C ASP B 55 -42.91 29.89 -43.86
N VAL B 56 -41.68 30.04 -43.41
CA VAL B 56 -41.25 29.45 -42.15
C VAL B 56 -40.67 30.53 -41.25
N THR B 57 -39.74 31.30 -41.78
CA THR B 57 -38.94 32.24 -41.00
C THR B 57 -39.09 33.63 -41.58
N THR B 58 -39.60 34.56 -40.78
CA THR B 58 -39.69 35.93 -41.23
C THR B 58 -38.31 36.56 -41.33
N ASP B 59 -38.28 37.84 -41.64
CA ASP B 59 -37.05 38.60 -41.55
C ASP B 59 -37.26 40.03 -41.06
N ARG B 60 -38.47 40.42 -40.68
CA ARG B 60 -38.60 41.63 -39.88
C ARG B 60 -37.84 41.41 -38.57
N SER B 61 -37.03 42.40 -38.20
CA SER B 61 -36.05 42.20 -37.14
C SER B 61 -36.69 41.81 -35.83
N GLN B 62 -36.24 40.70 -35.24
CA GLN B 62 -36.80 40.20 -34.01
C GLN B 62 -35.73 39.47 -33.21
N ARG B 63 -35.81 39.58 -31.89
CA ARG B 63 -34.85 38.93 -31.01
C ARG B 63 -35.12 37.44 -30.91
N LEU B 64 -34.07 36.68 -30.61
CA LEU B 64 -34.19 35.24 -30.43
C LEU B 64 -34.32 34.83 -28.97
N THR B 65 -33.76 35.61 -28.06
CA THR B 65 -33.79 35.29 -26.64
C THR B 65 -34.14 36.55 -25.87
N LEU B 66 -34.96 36.38 -24.84
CA LEU B 66 -35.42 37.50 -24.03
C LEU B 66 -35.03 37.31 -22.59
N ARG B 67 -34.59 38.41 -21.98
CA ARG B 67 -34.20 38.49 -20.59
C ARG B 67 -35.20 39.36 -19.85
N PHE B 68 -35.69 38.86 -18.72
CA PHE B 68 -36.74 39.52 -17.96
C PHE B 68 -36.25 39.85 -16.57
N ILE B 69 -36.63 41.04 -16.09
CA ILE B 69 -36.16 41.57 -14.83
C ILE B 69 -37.25 41.41 -13.78
N PRO B 70 -36.92 41.16 -12.53
CA PRO B 70 -37.92 41.24 -11.47
C PRO B 70 -38.43 42.66 -11.35
N VAL B 71 -39.67 42.79 -10.88
CA VAL B 71 -40.25 44.09 -10.64
C VAL B 71 -40.56 44.22 -9.17
N ASP B 72 -40.75 43.09 -8.50
CA ASP B 72 -40.99 43.11 -7.06
C ASP B 72 -40.34 41.88 -6.43
N ARG B 73 -39.75 42.11 -5.26
CA ARG B 73 -38.96 41.11 -4.55
C ARG B 73 -39.14 41.35 -3.06
N GLU B 74 -39.38 40.28 -2.31
CA GLU B 74 -39.58 40.38 -0.87
C GLU B 74 -38.80 39.28 -0.16
N ASP B 75 -38.33 39.61 1.04
CA ASP B 75 -37.44 38.74 1.79
C ASP B 75 -37.86 38.65 3.25
N THR B 76 -37.62 37.48 3.83
CA THR B 76 -37.81 37.24 5.25
C THR B 76 -36.68 36.32 5.72
N ALA B 77 -36.86 35.75 6.90
CA ALA B 77 -35.86 34.83 7.43
C ALA B 77 -35.75 33.57 6.59
N TYR B 78 -36.82 33.18 5.93
CA TYR B 78 -36.79 31.90 5.22
C TYR B 78 -37.20 32.00 3.77
N SER B 79 -38.17 32.85 3.45
CA SER B 79 -38.72 32.88 2.11
C SER B 79 -38.02 33.93 1.26
N TYR B 80 -38.13 33.75 -0.05
CA TYR B 80 -37.58 34.71 -1.00
C TYR B 80 -38.54 34.76 -2.18
N LYS B 81 -39.31 35.84 -2.29
CA LYS B 81 -40.42 35.90 -3.23
C LYS B 81 -40.14 36.90 -4.34
N ALA B 82 -40.47 36.52 -5.58
CA ALA B 82 -40.20 37.37 -6.75
C ALA B 82 -41.41 37.36 -7.68
N ARG B 83 -41.55 38.46 -8.44
CA ARG B 83 -42.63 38.62 -9.40
C ARG B 83 -42.08 39.16 -10.72
N PHE B 84 -42.72 38.77 -11.82
CA PHE B 84 -42.30 39.20 -13.15
C PHE B 84 -43.49 39.44 -14.05
N THR B 85 -43.29 40.32 -15.03
CA THR B 85 -44.26 40.62 -16.09
C THR B 85 -43.78 39.92 -17.35
N LEU B 86 -44.29 38.73 -17.59
CA LEU B 86 -43.94 37.98 -18.79
C LEU B 86 -44.84 38.43 -19.92
N ALA B 87 -44.27 39.17 -20.88
CA ALA B 87 -45.07 39.80 -21.93
C ALA B 87 -44.69 39.21 -23.27
N VAL B 88 -45.39 38.15 -23.67
CA VAL B 88 -45.19 37.60 -25.01
C VAL B 88 -45.81 38.55 -26.00
N GLY B 89 -45.01 39.02 -26.94
CA GLY B 89 -45.43 40.07 -27.85
C GLY B 89 -46.41 39.58 -28.90
N ASP B 90 -46.85 40.54 -29.70
CA ASP B 90 -47.86 40.27 -30.71
C ASP B 90 -47.35 39.28 -31.74
N ASN B 91 -48.16 38.25 -32.02
CA ASN B 91 -47.87 37.27 -33.07
C ASN B 91 -46.57 36.51 -32.82
N ARG B 92 -46.51 35.84 -31.68
CA ARG B 92 -45.44 34.90 -31.39
C ARG B 92 -46.05 33.72 -30.64
N VAL B 93 -45.27 32.64 -30.54
CA VAL B 93 -45.68 31.49 -29.76
C VAL B 93 -44.51 31.07 -28.88
N LEU B 94 -44.72 30.91 -27.57
CA LEU B 94 -43.61 30.60 -26.68
C LEU B 94 -43.85 29.36 -25.91
N ASP B 95 -42.81 28.59 -25.65
CA ASP B 95 -42.99 27.34 -24.96
C ASP B 95 -42.32 27.26 -23.63
N MET B 96 -43.11 27.19 -22.58
CA MET B 96 -42.56 27.12 -21.26
C MET B 96 -41.22 26.47 -21.31
N ALA B 97 -41.14 25.26 -21.82
CA ALA B 97 -39.89 24.56 -21.79
C ALA B 97 -38.78 25.54 -21.70
N SER B 98 -38.70 26.42 -22.67
CA SER B 98 -37.60 27.36 -22.67
C SER B 98 -37.78 28.42 -21.59
N THR B 99 -38.00 28.01 -20.36
CA THR B 99 -38.09 28.98 -19.28
C THR B 99 -37.36 28.48 -18.09
N TYR B 100 -36.24 29.10 -17.75
CA TYR B 100 -35.45 28.62 -16.67
C TYR B 100 -35.03 29.75 -15.77
N PHE B 101 -35.32 29.70 -14.48
CA PHE B 101 -34.86 30.81 -13.66
C PHE B 101 -33.35 30.85 -13.62
N ASP B 102 -32.82 32.03 -13.35
CA ASP B 102 -31.38 32.25 -13.25
C ASP B 102 -31.08 32.89 -11.90
N ILE B 103 -30.14 32.31 -11.16
CA ILE B 103 -29.86 32.73 -9.79
C ILE B 103 -28.37 32.92 -9.60
N ARG B 104 -28.00 33.90 -8.79
CA ARG B 104 -26.61 34.15 -8.42
C ARG B 104 -26.51 34.49 -6.95
N GLY B 105 -25.48 33.98 -6.30
CA GLY B 105 -25.30 34.26 -4.89
C GLY B 105 -23.94 33.80 -4.39
N VAL B 106 -23.80 33.83 -3.07
CA VAL B 106 -22.58 33.39 -2.41
C VAL B 106 -22.94 32.41 -1.32
N LEU B 107 -22.23 31.28 -1.28
CA LEU B 107 -22.52 30.17 -0.40
C LEU B 107 -21.31 29.87 0.46
N ASP B 108 -21.55 29.48 1.71
CA ASP B 108 -20.49 29.11 2.64
C ASP B 108 -20.85 27.79 3.30
N ARG B 109 -20.08 26.75 2.97
CA ARG B 109 -20.34 25.45 3.54
C ARG B 109 -19.99 25.38 5.02
N GLY B 110 -19.14 26.30 5.50
CA GLY B 110 -18.72 26.28 6.88
C GLY B 110 -17.38 25.59 7.05
N PRO B 111 -17.05 25.24 8.27
CA PRO B 111 -15.73 24.67 8.54
C PRO B 111 -15.65 23.17 8.30
N THR B 112 -16.76 22.46 8.44
CA THR B 112 -16.74 21.00 8.54
C THR B 112 -16.88 20.33 7.20
N PHE B 113 -16.39 20.95 6.14
CA PHE B 113 -16.46 20.37 4.80
C PHE B 113 -15.09 19.81 4.44
N LYS B 114 -15.03 18.51 4.20
CA LYS B 114 -13.76 17.90 3.86
C LYS B 114 -13.94 16.90 2.73
N PRO B 115 -13.41 17.18 1.54
CA PRO B 115 -13.73 16.38 0.35
C PRO B 115 -12.73 15.30 -0.01
N TYR B 116 -11.73 15.01 0.82
CA TYR B 116 -10.65 14.12 0.43
C TYR B 116 -10.35 13.13 1.54
N SER B 117 -10.24 11.86 1.17
CA SER B 117 -9.86 10.85 2.15
C SER B 117 -8.38 10.95 2.46
N GLY B 118 -8.03 10.64 3.69
CA GLY B 118 -6.66 10.83 4.11
C GLY B 118 -6.37 12.31 4.28
N THR B 119 -5.08 12.63 4.39
CA THR B 119 -4.65 14.00 4.57
C THR B 119 -3.54 14.33 3.58
N ALA B 120 -3.08 15.56 3.65
CA ALA B 120 -2.08 16.08 2.73
C ALA B 120 -1.01 16.86 3.48
N TYR B 121 -0.47 16.29 4.54
CA TYR B 121 0.59 16.95 5.29
C TYR B 121 1.52 15.89 5.85
N ASN B 122 2.72 15.80 5.27
CA ASN B 122 3.71 14.82 5.70
C ASN B 122 3.10 13.44 5.77
N ALA B 123 2.37 13.09 4.71
CA ALA B 123 1.57 11.87 4.72
C ALA B 123 2.43 10.63 4.82
N LEU B 124 3.56 10.63 4.11
CA LEU B 124 4.39 9.43 4.12
C LEU B 124 5.02 9.15 5.47
N ALA B 125 5.05 10.13 6.37
CA ALA B 125 5.69 9.93 7.66
C ALA B 125 4.91 8.91 8.47
N PRO B 126 5.58 8.05 9.22
CA PRO B 126 4.89 7.04 10.02
C PRO B 126 3.97 7.68 11.05
N LYS B 127 2.88 7.02 11.32
CA LYS B 127 1.78 7.60 12.07
C LYS B 127 2.07 7.80 13.51
N GLY B 128 3.30 7.65 13.99
CA GLY B 128 3.58 7.95 15.37
C GLY B 128 4.82 8.78 15.55
N ALA B 129 5.58 8.94 14.47
CA ALA B 129 6.87 9.60 14.58
C ALA B 129 6.69 11.03 15.05
N PRO B 130 7.43 11.47 16.04
CA PRO B 130 7.29 12.84 16.51
C PRO B 130 8.18 13.80 15.76
N ASN B 131 8.18 15.06 16.16
CA ASN B 131 8.99 16.08 15.53
C ASN B 131 10.06 16.56 16.49
N SER B 132 11.15 17.08 15.92
CA SER B 132 12.28 17.54 16.71
C SER B 132 11.84 18.60 17.72
N CYS B 133 11.87 18.26 19.00
CA CYS B 133 11.36 19.16 20.02
C CYS B 133 12.22 19.05 21.26
N GLU B 134 11.86 19.81 22.29
CA GLU B 134 12.58 19.77 23.55
C GLU B 134 11.68 20.29 24.65
N TRP B 135 11.70 19.61 25.79
CA TRP B 135 10.71 19.84 26.82
C TRP B 135 11.38 19.88 28.19
N ASP B 136 10.69 20.51 29.13
CA ASP B 136 11.20 20.71 30.47
C ASP B 136 10.81 19.55 31.38
N GLU B 137 11.70 19.24 32.31
CA GLU B 137 11.43 18.23 33.33
C GLU B 137 11.96 18.73 34.65
N ASP B 138 11.20 18.47 35.72
CA ASP B 138 11.63 18.86 37.05
C ASP B 138 12.90 18.13 37.44
N ASP B 139 13.81 18.85 38.08
CA ASP B 139 15.05 18.23 38.52
C ASP B 139 14.77 17.21 39.62
N THR B 140 15.64 16.20 39.69
CA THR B 140 15.47 15.14 40.67
C THR B 140 16.44 15.31 41.84
N ARG B 163 15.00 28.91 42.80
CA ARG B 163 14.13 27.81 42.38
C ARG B 163 14.96 26.69 41.75
N ASN B 164 14.48 25.45 41.90
CA ASN B 164 15.24 24.30 41.45
C ASN B 164 15.37 24.31 39.93
N GLY B 165 16.47 23.74 39.44
CA GLY B 165 16.82 23.81 38.03
C GLY B 165 16.13 22.79 37.16
N LYS B 166 14.88 23.05 36.79
CA LYS B 166 14.19 22.21 35.83
C LYS B 166 15.02 22.08 34.56
N LYS B 167 15.45 20.87 34.26
CA LYS B 167 16.32 20.64 33.13
C LYS B 167 15.49 20.54 31.85
N THR B 168 16.19 20.48 30.71
CA THR B 168 15.55 20.42 29.41
C THR B 168 16.12 19.26 28.61
N HIS B 169 15.23 18.46 28.03
CA HIS B 169 15.63 17.30 27.24
C HIS B 169 15.23 17.53 25.79
N VAL B 170 16.03 17.02 24.86
CA VAL B 170 15.91 17.35 23.45
C VAL B 170 15.86 16.07 22.62
N TYR B 171 15.07 16.09 21.56
CA TYR B 171 14.99 15.01 20.60
C TYR B 171 15.02 15.64 19.20
N ALA B 172 16.03 15.28 18.41
CA ALA B 172 16.22 15.87 17.09
C ALA B 172 17.33 15.11 16.38
N GLN B 173 17.68 15.57 15.19
CA GLN B 173 18.88 15.11 14.51
C GLN B 173 19.27 16.11 13.45
N ALA B 174 20.57 16.21 13.20
CA ALA B 174 21.12 17.18 12.27
C ALA B 174 21.56 16.46 11.02
N PRO B 175 20.86 16.60 9.92
CA PRO B 175 21.23 15.87 8.71
C PRO B 175 22.24 16.61 7.84
N PHE B 176 22.25 17.94 7.89
CA PHE B 176 23.09 18.71 6.98
C PHE B 176 24.53 18.68 7.44
N ALA B 177 25.44 18.24 6.56
CA ALA B 177 26.86 18.34 6.85
C ALA B 177 27.30 19.79 6.78
N GLY B 178 28.57 20.02 7.06
CA GLY B 178 29.09 21.37 7.06
C GLY B 178 30.58 21.42 6.81
N GLU B 179 31.17 22.57 7.14
CA GLU B 179 32.59 22.82 6.96
C GLU B 179 33.31 23.10 8.28
N ALA B 180 32.76 23.98 9.11
CA ALA B 180 33.39 24.32 10.38
C ALA B 180 32.38 25.05 11.26
N ILE B 181 32.74 25.19 12.54
CA ILE B 181 31.89 25.80 13.54
C ILE B 181 32.69 26.83 14.31
N ASN B 182 32.04 27.91 14.73
CA ASN B 182 32.62 28.80 15.73
C ASN B 182 31.48 29.58 16.37
N LYS B 183 31.81 30.65 17.08
CA LYS B 183 30.78 31.44 17.74
C LYS B 183 29.83 32.09 16.75
N ASN B 184 30.32 32.38 15.54
CA ASN B 184 29.43 32.91 14.51
C ASN B 184 28.31 31.93 14.17
N GLY B 185 28.49 30.67 14.49
CA GLY B 185 27.57 29.63 14.08
C GLY B 185 28.26 28.58 13.24
N LEU B 186 27.68 28.27 12.09
CA LEU B 186 28.19 27.26 11.17
C LEU B 186 28.62 27.94 9.88
N GLN B 187 29.73 27.47 9.32
CA GLN B 187 30.22 27.98 8.04
C GLN B 187 29.83 27.03 6.92
N ILE B 188 29.14 27.55 5.92
CA ILE B 188 28.65 26.73 4.81
C ILE B 188 29.22 27.15 3.47
N GLY B 189 29.95 28.25 3.40
CA GLY B 189 30.57 28.68 2.16
C GLY B 189 31.81 29.49 2.45
N THR B 190 32.62 29.67 1.42
CA THR B 190 33.87 30.41 1.58
C THR B 190 34.22 31.07 0.25
N ASN B 191 34.05 32.38 0.18
CA ASN B 191 34.53 33.15 -0.95
C ASN B 191 36.00 33.47 -0.75
N GLY B 192 36.86 32.83 -1.56
CA GLY B 192 38.29 33.02 -1.39
C GLY B 192 38.75 34.42 -1.73
N ALA B 193 38.17 35.03 -2.76
CA ALA B 193 38.59 36.33 -3.24
C ALA B 193 37.97 37.48 -2.46
N ALA B 194 37.53 37.21 -1.22
CA ALA B 194 36.81 38.20 -0.44
C ALA B 194 37.76 39.27 0.10
N THR B 195 37.24 40.09 1.02
CA THR B 195 38.00 41.22 1.53
C THR B 195 38.95 40.81 2.64
N GLU B 196 38.42 40.34 3.76
CA GLU B 196 39.24 39.97 4.92
C GLU B 196 39.93 38.64 4.64
N GLY B 197 40.94 38.72 3.77
CA GLY B 197 41.52 37.50 3.24
C GLY B 197 40.47 36.72 2.48
N ASN B 198 40.33 35.45 2.81
CA ASN B 198 39.26 34.61 2.25
C ASN B 198 38.13 34.51 3.27
N LYS B 199 37.33 35.58 3.32
CA LYS B 199 36.25 35.66 4.29
C LYS B 199 35.29 34.50 4.10
N GLU B 200 34.84 33.93 5.22
CA GLU B 200 33.95 32.79 5.17
C GLU B 200 32.51 33.23 4.91
N ILE B 201 31.63 32.25 4.72
CA ILE B 201 30.20 32.48 4.51
C ILE B 201 29.45 31.62 5.51
N TYR B 202 28.56 32.26 6.28
CA TYR B 202 27.88 31.60 7.38
C TYR B 202 26.38 31.54 7.14
N ALA B 203 25.74 30.66 7.91
CA ALA B 203 24.32 30.40 7.76
C ALA B 203 23.50 31.63 8.11
N ASP B 204 22.38 31.79 7.41
CA ASP B 204 21.42 32.83 7.71
C ASP B 204 20.37 32.25 8.66
N LYS B 205 20.31 32.79 9.87
CA LYS B 205 19.49 32.18 10.91
C LYS B 205 17.99 32.32 10.63
N THR B 206 17.60 33.16 9.69
CA THR B 206 16.20 33.19 9.27
C THR B 206 15.79 31.87 8.68
N TYR B 207 16.60 31.39 7.74
CA TYR B 207 16.33 30.13 7.06
C TYR B 207 17.60 29.40 6.69
N GLN B 208 17.89 28.29 7.36
CA GLN B 208 19.08 27.51 7.08
C GLN B 208 19.32 26.62 8.24
N PRO B 209 20.07 25.58 8.03
CA PRO B 209 19.87 24.83 6.80
C PRO B 209 18.41 24.54 6.57
N GLU B 210 18.07 23.80 5.50
CA GLU B 210 16.68 23.58 5.15
C GLU B 210 16.24 22.19 5.34
N PRO B 211 15.18 22.05 6.10
CA PRO B 211 14.76 20.71 6.45
C PRO B 211 14.93 19.69 5.37
N GLN B 212 14.91 20.08 4.12
CA GLN B 212 14.96 19.10 3.05
C GLN B 212 16.37 18.71 2.65
N ILE B 213 17.33 19.64 2.70
CA ILE B 213 18.65 19.36 2.17
C ILE B 213 19.30 18.24 2.98
N GLY B 214 19.96 17.32 2.27
CA GLY B 214 20.62 16.22 2.94
C GLY B 214 21.67 15.58 2.04
N GLU B 215 22.42 14.67 2.63
CA GLU B 215 23.49 13.99 1.91
C GLU B 215 22.91 13.01 0.90
N SER B 216 23.70 12.71 -0.13
CA SER B 216 23.15 12.05 -1.31
C SER B 216 23.28 10.54 -1.27
N GLN B 217 24.50 10.02 -1.28
CA GLN B 217 24.66 8.59 -1.47
C GLN B 217 24.40 7.83 -0.18
N TRP B 218 24.25 6.52 -0.31
CA TRP B 218 23.80 5.73 0.83
C TRP B 218 24.91 5.54 1.86
N ASN B 219 26.13 5.24 1.43
CA ASN B 219 27.21 5.06 2.40
C ASN B 219 27.62 6.40 3.00
N GLU B 220 28.13 7.31 2.16
CA GLU B 220 28.35 8.71 2.52
C GLU B 220 29.08 8.85 3.85
N ALA B 221 30.38 8.51 3.82
CA ALA B 221 31.23 8.63 4.99
C ALA B 221 30.99 9.94 5.72
N GLU B 222 30.45 9.86 6.94
CA GLU B 222 29.98 11.04 7.64
C GLU B 222 31.13 11.95 8.05
N SER B 223 30.83 13.24 8.16
CA SER B 223 31.85 14.24 8.48
C SER B 223 31.72 14.69 9.93
N SER B 224 32.44 15.76 10.27
CA SER B 224 32.62 16.17 11.65
C SER B 224 31.61 17.21 12.12
N VAL B 225 31.26 18.17 11.29
CA VAL B 225 30.42 19.29 11.71
C VAL B 225 29.06 19.15 11.04
N ALA B 226 28.00 19.20 11.85
CA ALA B 226 26.64 19.01 11.36
C ALA B 226 25.71 20.03 12.00
N GLY B 227 24.61 20.27 11.30
CA GLY B 227 23.61 21.18 11.80
C GLY B 227 22.20 20.68 11.57
N GLY B 228 21.26 21.17 12.37
CA GLY B 228 19.88 20.79 12.20
C GLY B 228 18.96 21.85 12.77
N ARG B 229 17.67 21.77 12.48
CA ARG B 229 16.76 22.72 13.08
C ARG B 229 15.80 21.99 14.02
N VAL B 230 15.38 22.65 15.09
CA VAL B 230 14.53 21.98 16.06
C VAL B 230 13.57 22.91 16.71
N LEU B 231 12.58 22.35 17.38
CA LEU B 231 11.55 23.18 17.94
C LEU B 231 11.86 23.67 19.32
N LYS B 232 11.22 24.75 19.75
CA LYS B 232 11.44 25.28 21.10
C LYS B 232 10.46 24.66 22.05
N LYS B 233 10.58 24.97 23.33
CA LYS B 233 9.71 24.27 24.26
C LYS B 233 8.31 24.87 24.33
N THR B 234 8.14 26.13 23.94
CA THR B 234 6.84 26.76 24.07
C THR B 234 5.80 26.08 23.18
N THR B 235 6.17 25.74 21.96
CA THR B 235 5.23 25.17 21.02
C THR B 235 4.75 23.80 21.51
N PRO B 236 3.45 23.57 21.58
CA PRO B 236 2.97 22.24 22.00
C PRO B 236 3.40 21.17 21.02
N MET B 237 3.61 19.96 21.54
CA MET B 237 4.03 18.86 20.70
C MET B 237 2.88 18.38 19.82
N LYS B 238 3.20 18.10 18.57
CA LYS B 238 2.25 17.47 17.65
C LYS B 238 3.01 16.44 16.82
N PRO B 239 2.37 15.35 16.46
CA PRO B 239 3.03 14.35 15.63
C PRO B 239 3.30 14.90 14.25
N CYS B 240 4.32 14.34 13.59
CA CYS B 240 4.68 14.83 12.27
C CYS B 240 3.56 14.65 11.28
N TYR B 241 2.83 13.55 11.39
CA TYR B 241 1.80 13.21 10.41
C TYR B 241 0.59 14.13 10.55
N GLY B 242 0.65 15.30 9.91
CA GLY B 242 -0.43 16.25 10.03
C GLY B 242 -0.01 17.56 10.66
N SER B 243 1.21 18.00 10.39
CA SER B 243 1.74 19.22 10.97
C SER B 243 1.85 20.30 9.92
N TYR B 244 1.34 21.49 10.23
CA TYR B 244 1.44 22.63 9.34
C TYR B 244 1.82 23.87 10.13
N ALA B 245 2.59 24.75 9.49
CA ALA B 245 2.90 26.05 10.04
C ALA B 245 3.19 26.98 8.87
N ARG B 246 2.42 28.06 8.76
CA ARG B 246 2.50 28.92 7.60
C ARG B 246 3.88 29.57 7.52
N PRO B 247 4.39 29.77 6.32
CA PRO B 247 5.63 30.55 6.16
C PRO B 247 5.39 32.00 6.51
N THR B 248 6.49 32.69 6.75
CA THR B 248 6.40 34.11 7.08
C THR B 248 7.24 34.99 6.19
N ASN B 249 8.45 34.55 5.85
CA ASN B 249 9.32 35.32 4.97
C ASN B 249 9.27 34.74 3.58
N SER B 250 9.54 35.59 2.59
CA SER B 250 9.47 35.15 1.20
C SER B 250 10.43 34.02 0.91
N ASN B 251 11.46 33.84 1.74
CA ASN B 251 12.44 32.82 1.44
C ASN B 251 11.90 31.43 1.74
N GLY B 252 11.13 31.28 2.82
CA GLY B 252 10.58 29.99 3.15
C GLY B 252 10.71 29.58 4.61
N GLY B 253 11.13 30.52 5.45
CA GLY B 253 11.19 30.23 6.88
C GLY B 253 9.85 30.41 7.55
N GLN B 254 9.71 29.77 8.71
CA GLN B 254 8.44 29.76 9.43
C GLN B 254 8.54 30.29 10.84
N GLY B 255 9.66 30.91 11.21
CA GLY B 255 9.81 31.40 12.57
C GLY B 255 8.85 32.54 12.87
N VAL B 256 8.32 32.55 14.09
CA VAL B 256 7.38 33.59 14.48
C VAL B 256 8.08 34.94 14.48
N MET B 257 7.39 35.96 13.96
CA MET B 257 7.89 37.32 13.95
C MET B 257 7.24 38.11 15.06
N VAL B 258 8.06 38.81 15.85
CA VAL B 258 7.57 39.61 16.97
C VAL B 258 8.15 41.01 16.83
N GLU B 259 7.41 42.00 17.33
CA GLU B 259 7.79 43.39 17.14
C GLU B 259 8.58 43.90 18.35
N GLN B 260 9.72 44.50 18.07
CA GLN B 260 10.48 45.29 19.01
C GLN B 260 11.20 46.37 18.22
N ASN B 261 11.53 47.47 18.89
CA ASN B 261 12.08 48.66 18.23
C ASN B 261 11.16 49.19 17.14
N GLY B 262 9.88 48.87 17.21
CA GLY B 262 8.96 49.24 16.15
C GLY B 262 9.10 48.45 14.88
N LYS B 263 9.84 47.34 14.90
CA LYS B 263 10.05 46.52 13.72
C LYS B 263 9.76 45.07 14.07
N LEU B 264 9.49 44.29 13.03
CA LEU B 264 9.18 42.87 13.18
C LEU B 264 10.45 42.07 12.92
N GLU B 265 10.93 41.36 13.93
CA GLU B 265 12.10 40.51 13.76
C GLU B 265 11.84 39.09 14.22
N SER B 266 12.90 38.28 14.24
CA SER B 266 12.81 36.86 14.52
C SER B 266 13.34 36.54 15.91
N GLN B 267 13.15 35.29 16.30
CA GLN B 267 13.59 34.76 17.58
C GLN B 267 14.27 33.42 17.38
N VAL B 268 15.21 33.36 16.45
CA VAL B 268 15.99 32.17 16.22
C VAL B 268 17.19 32.18 17.16
N GLU B 269 17.44 31.06 17.82
CA GLU B 269 18.58 30.95 18.72
C GLU B 269 19.46 29.79 18.28
N MET B 270 20.74 29.90 18.61
CA MET B 270 21.72 28.87 18.27
C MET B 270 22.14 28.15 19.54
N GLN B 271 22.11 26.82 19.49
CA GLN B 271 22.52 25.99 20.62
C GLN B 271 23.55 24.98 20.14
N PHE B 272 24.42 24.56 21.04
CA PHE B 272 25.61 23.81 20.67
C PHE B 272 25.68 22.52 21.47
N PHE B 273 26.19 21.47 20.83
CA PHE B 273 26.23 20.19 21.50
C PHE B 273 27.46 19.40 21.10
N SER B 274 28.09 18.78 22.10
CA SER B 274 29.14 17.79 21.90
C SER B 274 28.77 16.56 22.73
N THR B 275 29.64 15.61 22.55
CA THR B 275 29.45 14.35 23.15
C THR B 275 29.61 14.28 24.61
N SER B 276 28.52 14.15 25.31
CA SER B 276 28.65 13.89 26.72
C SER B 276 29.35 12.59 26.61
N VAL B 277 29.23 11.99 25.44
CA VAL B 277 29.88 10.74 25.20
C VAL B 277 31.32 10.81 25.63
N ASN B 278 31.92 11.99 25.60
CA ASN B 278 33.27 12.10 26.10
C ASN B 278 33.24 12.92 27.36
N ALA B 279 32.07 12.97 27.97
CA ALA B 279 31.96 13.68 29.20
C ALA B 279 33.26 13.56 29.94
N MET B 280 33.75 12.35 30.13
CA MET B 280 34.95 12.17 30.96
C MET B 280 36.25 11.93 30.21
N ASN B 281 37.32 12.61 30.63
CA ASN B 281 38.66 12.45 30.02
C ASN B 281 39.47 13.71 30.29
N GLU B 282 40.26 14.16 29.31
CA GLU B 282 41.13 15.33 29.53
C GLU B 282 40.72 16.58 28.80
N ALA B 283 41.22 17.72 29.25
CA ALA B 283 40.82 19.01 28.67
C ALA B 283 41.17 19.21 27.21
N ASN B 284 41.08 20.46 26.74
CA ASN B 284 41.40 20.79 25.33
C ASN B 284 40.42 20.18 24.39
N ALA B 285 40.28 18.86 24.48
CA ALA B 285 39.32 18.18 23.66
C ALA B 285 37.91 18.59 24.06
N ILE B 286 37.61 19.88 24.00
CA ILE B 286 36.28 20.34 24.27
C ILE B 286 35.83 20.95 22.99
N GLN B 287 35.49 20.15 21.99
CA GLN B 287 35.10 20.83 20.77
C GLN B 287 33.67 20.48 20.41
N PRO B 288 32.89 21.46 19.96
CA PRO B 288 31.53 21.18 19.50
C PRO B 288 31.54 20.38 18.22
N LYS B 289 30.49 19.61 18.00
CA LYS B 289 30.28 18.92 16.74
C LYS B 289 28.89 19.07 16.18
N LEU B 290 27.89 19.43 16.97
CA LEU B 290 26.54 19.59 16.48
C LEU B 290 26.05 21.00 16.78
N LEU B 291 25.44 21.63 15.79
CA LEU B 291 24.83 22.93 15.95
C LEU B 291 23.35 22.82 15.67
N LEU B 292 22.53 23.38 16.55
CA LEU B 292 21.08 23.34 16.38
C LEU B 292 20.54 24.75 16.36
N TYR B 293 19.55 24.97 15.49
CA TYR B 293 18.92 26.26 15.42
C TYR B 293 17.54 26.06 15.95
N SER B 294 17.10 26.93 16.82
CA SER B 294 15.82 26.71 17.46
C SER B 294 14.88 27.80 17.12
N GLU B 295 13.59 27.52 17.28
CA GLU B 295 12.60 28.50 16.88
C GLU B 295 11.26 28.29 17.50
N ASP B 296 10.30 29.05 17.05
CA ASP B 296 8.95 28.89 17.54
C ASP B 296 8.08 29.11 16.36
N VAL B 297 7.11 28.25 16.15
CA VAL B 297 6.31 28.36 14.95
C VAL B 297 4.84 28.11 15.20
N ASN B 298 3.98 28.71 14.39
CA ASN B 298 2.55 28.59 14.61
C ASN B 298 2.11 27.20 14.19
N MET B 299 2.36 26.23 15.07
CA MET B 299 1.91 24.87 14.82
C MET B 299 0.39 24.83 14.71
N GLU B 300 -0.10 24.11 13.70
CA GLU B 300 -1.54 24.09 13.44
C GLU B 300 -1.88 22.87 12.61
N THR B 301 -2.83 22.07 13.09
CA THR B 301 -3.27 20.88 12.38
C THR B 301 -4.64 21.12 11.78
N PRO B 302 -4.81 21.00 10.48
CA PRO B 302 -6.10 21.30 9.88
C PRO B 302 -7.11 20.16 9.93
N ASP B 303 -6.67 18.92 9.77
CA ASP B 303 -7.63 17.86 9.49
C ASP B 303 -7.30 16.55 10.21
N THR B 304 -6.71 16.62 11.38
CA THR B 304 -6.31 15.42 12.10
C THR B 304 -6.84 15.47 13.52
N HIS B 305 -7.05 14.29 14.09
CA HIS B 305 -7.42 14.20 15.50
C HIS B 305 -6.60 13.11 16.16
N LEU B 306 -6.46 13.23 17.47
CA LEU B 306 -5.56 12.35 18.21
C LEU B 306 -6.27 11.04 18.53
N SER B 307 -5.77 9.95 17.97
CA SER B 307 -6.34 8.64 18.26
C SER B 307 -5.93 8.16 19.65
N TYR B 308 -4.65 8.32 19.99
CA TYR B 308 -4.12 7.90 21.28
C TYR B 308 -3.61 9.10 22.05
N LYS B 309 -3.82 9.10 23.36
CA LYS B 309 -3.27 10.13 24.22
C LYS B 309 -2.79 9.48 25.51
N PRO B 310 -1.57 9.73 25.92
CA PRO B 310 -1.04 9.06 27.11
C PRO B 310 -1.68 9.52 28.40
N GLY B 311 -1.69 10.83 28.64
CA GLY B 311 -2.14 11.36 29.91
C GLY B 311 -3.05 12.55 29.73
N LYS B 312 -3.90 12.77 30.73
CA LYS B 312 -4.88 13.84 30.67
C LYS B 312 -4.27 15.22 30.79
N SER B 313 -2.97 15.31 31.10
CA SER B 313 -2.31 16.59 31.16
C SER B 313 -2.20 17.20 29.77
N ASP B 314 -1.60 18.39 29.71
CA ASP B 314 -1.41 19.10 28.46
C ASP B 314 0.02 19.55 28.21
N ASP B 315 0.88 19.51 29.22
CA ASP B 315 2.23 20.00 29.02
C ASP B 315 3.06 18.97 28.26
N ASN B 316 4.30 19.35 27.95
CA ASN B 316 5.17 18.54 27.09
C ASN B 316 6.08 17.70 27.97
N SER B 317 5.75 16.44 28.11
CA SER B 317 6.58 15.48 28.83
C SER B 317 7.24 14.54 27.83
N LYS B 318 8.11 13.69 28.35
CA LYS B 318 8.69 12.65 27.50
C LYS B 318 7.60 11.72 26.98
N ALA B 319 6.57 11.48 27.80
CA ALA B 319 5.51 10.57 27.41
C ALA B 319 4.77 11.06 26.17
N MET B 320 4.68 12.38 25.99
CA MET B 320 3.87 12.92 24.91
C MET B 320 4.36 12.47 23.54
N LEU B 321 5.60 12.00 23.43
CA LEU B 321 6.08 11.53 22.15
C LEU B 321 5.30 10.32 21.64
N GLY B 322 4.56 9.65 22.51
CA GLY B 322 3.82 8.48 22.07
C GLY B 322 2.51 8.78 21.38
N GLN B 323 2.08 10.03 21.35
CA GLN B 323 0.76 10.36 20.82
C GLN B 323 0.66 9.98 19.35
N GLN B 324 -0.52 9.52 18.95
CA GLN B 324 -0.77 9.07 17.59
C GLN B 324 -1.95 9.84 17.01
N SER B 325 -1.86 10.18 15.73
CA SER B 325 -2.90 10.94 15.07
C SER B 325 -3.58 10.11 14.00
N MET B 326 -4.73 10.62 13.52
CA MET B 326 -5.56 9.91 12.56
C MET B 326 -6.40 10.93 11.82
N PRO B 327 -6.55 10.80 10.51
CA PRO B 327 -7.27 11.82 9.74
C PRO B 327 -8.76 11.81 10.02
N ASN B 328 -9.38 12.96 9.76
CA ASN B 328 -10.83 13.10 9.89
C ASN B 328 -11.53 12.50 8.68
N ARG B 329 -12.69 11.92 8.95
CA ARG B 329 -13.46 11.30 7.86
C ARG B 329 -13.86 12.36 6.84
N PRO B 330 -13.85 12.04 5.56
CA PRO B 330 -14.28 13.00 4.56
C PRO B 330 -15.76 13.29 4.69
N ASN B 331 -16.14 14.52 4.31
CA ASN B 331 -17.53 14.96 4.43
C ASN B 331 -17.87 15.81 3.23
N TYR B 332 -18.54 15.22 2.25
CA TYR B 332 -18.95 15.93 1.05
C TYR B 332 -20.19 16.78 1.32
N ILE B 333 -20.32 17.85 0.54
CA ILE B 333 -21.45 18.77 0.66
C ILE B 333 -21.69 19.41 -0.69
N ALA B 334 -22.95 19.44 -1.13
CA ALA B 334 -23.26 19.99 -2.45
C ALA B 334 -24.74 20.29 -2.56
N PHE B 335 -25.15 20.62 -3.78
CA PHE B 335 -26.56 20.82 -4.13
C PHE B 335 -27.21 19.49 -4.49
N ARG B 336 -28.48 19.36 -4.15
CA ARG B 336 -29.19 18.12 -4.41
C ARG B 336 -29.36 17.92 -5.91
N ASP B 337 -30.01 16.83 -6.29
CA ASP B 337 -30.23 16.54 -7.69
C ASP B 337 -31.37 17.40 -8.23
N ASN B 338 -31.18 17.95 -9.42
CA ASN B 338 -32.17 18.81 -10.07
C ASN B 338 -32.58 19.97 -9.17
N PHE B 339 -31.72 20.35 -8.23
CA PHE B 339 -32.00 21.47 -7.34
C PHE B 339 -33.29 21.26 -6.56
N ILE B 340 -33.58 20.02 -6.22
CA ILE B 340 -34.73 19.70 -5.39
C ILE B 340 -34.78 20.64 -4.21
N GLY B 341 -35.95 21.21 -3.96
CA GLY B 341 -36.19 21.97 -2.76
C GLY B 341 -36.00 23.46 -2.89
N LEU B 342 -35.37 23.94 -3.96
CA LEU B 342 -35.21 25.38 -4.12
C LEU B 342 -36.57 26.06 -4.24
N MET B 343 -37.47 25.45 -5.00
CA MET B 343 -38.77 26.04 -5.30
C MET B 343 -39.84 25.31 -4.50
N TYR B 344 -40.70 26.06 -3.84
CA TYR B 344 -41.80 25.45 -3.12
C TYR B 344 -42.75 24.75 -4.08
N TYR B 345 -43.35 23.66 -3.61
CA TYR B 345 -44.46 23.03 -4.29
C TYR B 345 -45.35 22.38 -3.24
N ASN B 346 -46.56 22.03 -3.66
CA ASN B 346 -47.42 21.17 -2.86
C ASN B 346 -47.63 21.69 -1.45
N SER B 347 -47.48 23.00 -1.24
CA SER B 347 -47.71 23.59 0.07
C SER B 347 -48.56 24.84 -0.09
N THR B 348 -49.69 24.86 0.59
CA THR B 348 -50.65 25.94 0.44
C THR B 348 -50.11 27.28 0.91
N GLY B 349 -49.00 27.29 1.65
CA GLY B 349 -48.53 28.53 2.22
C GLY B 349 -48.09 29.55 1.18
N ASN B 350 -47.37 29.11 0.16
CA ASN B 350 -46.74 30.03 -0.78
C ASN B 350 -46.88 29.51 -2.21
N MET B 351 -48.08 29.08 -2.57
CA MET B 351 -48.30 28.58 -3.92
C MET B 351 -47.98 29.66 -4.95
N GLY B 352 -47.25 29.26 -5.99
CA GLY B 352 -46.88 30.21 -7.03
C GLY B 352 -48.07 30.62 -7.87
N VAL B 353 -47.91 31.73 -8.59
CA VAL B 353 -49.01 32.29 -9.36
C VAL B 353 -48.54 32.60 -10.76
N LEU B 354 -49.17 31.96 -11.74
CA LEU B 354 -49.09 32.35 -13.15
C LEU B 354 -50.49 32.71 -13.59
N ALA B 355 -50.66 33.92 -14.10
CA ALA B 355 -52.00 34.40 -14.37
C ALA B 355 -51.98 35.44 -15.47
N GLY B 356 -53.17 35.71 -16.02
CA GLY B 356 -53.30 36.77 -16.99
C GLY B 356 -53.38 38.12 -16.30
N GLN B 357 -52.70 39.09 -16.90
CA GLN B 357 -52.66 40.43 -16.31
C GLN B 357 -54.03 41.09 -16.29
N ALA B 358 -55.00 40.56 -17.04
CA ALA B 358 -56.30 41.22 -17.14
C ALA B 358 -57.04 41.21 -15.81
N SER B 359 -57.17 40.03 -15.19
CA SER B 359 -58.16 39.87 -14.13
C SER B 359 -57.58 39.30 -12.84
N GLN B 360 -56.29 39.48 -12.58
CA GLN B 360 -55.66 39.06 -11.32
C GLN B 360 -55.93 37.59 -10.99
N LEU B 361 -56.43 36.82 -11.95
CA LEU B 361 -57.05 35.53 -11.67
C LEU B 361 -56.04 34.41 -11.89
N ASN B 362 -55.77 33.66 -10.82
CA ASN B 362 -54.76 32.62 -10.86
C ASN B 362 -55.19 31.47 -11.75
N ALA B 363 -54.19 30.79 -12.32
CA ALA B 363 -54.40 29.59 -13.11
C ALA B 363 -53.66 28.38 -12.54
N VAL B 364 -53.30 28.43 -11.26
CA VAL B 364 -52.54 27.37 -10.62
C VAL B 364 -53.21 27.01 -9.31
N VAL B 365 -53.50 25.73 -9.12
CA VAL B 365 -54.01 25.22 -7.85
C VAL B 365 -53.16 24.03 -7.46
N ASP B 366 -52.82 23.97 -6.17
CA ASP B 366 -52.00 22.89 -5.69
C ASP B 366 -52.62 22.25 -4.49
N LEU B 367 -52.52 20.94 -4.41
CA LEU B 367 -53.16 20.25 -3.34
C LEU B 367 -52.17 19.39 -2.57
N GLN B 368 -52.11 19.59 -1.26
CA GLN B 368 -51.17 18.84 -0.45
C GLN B 368 -50.86 17.51 -1.02
N ASP B 369 -51.68 16.53 -0.75
CA ASP B 369 -51.45 15.18 -1.23
C ASP B 369 -50.58 15.01 -2.46
N ARG B 370 -50.58 15.98 -3.34
CA ARG B 370 -49.84 15.80 -4.56
C ARG B 370 -48.42 15.94 -4.25
N ASN B 371 -47.59 15.10 -4.82
CA ASN B 371 -46.18 15.26 -4.63
C ASN B 371 -45.79 15.99 -5.84
N THR B 372 -44.55 15.96 -6.27
CA THR B 372 -44.22 16.59 -7.55
C THR B 372 -42.83 16.26 -7.91
N GLU B 373 -42.03 16.17 -6.89
CA GLU B 373 -40.66 15.98 -7.17
C GLU B 373 -40.51 14.53 -7.50
N LEU B 374 -41.19 13.69 -6.76
CA LEU B 374 -41.01 12.30 -7.00
C LEU B 374 -41.29 12.13 -8.46
N SER B 375 -42.18 12.94 -8.95
CA SER B 375 -42.61 12.79 -10.32
C SER B 375 -41.61 13.23 -11.29
N TYR B 376 -41.21 14.47 -11.22
CA TYR B 376 -40.25 14.83 -12.22
C TYR B 376 -39.30 13.67 -12.24
N GLN B 377 -39.00 13.13 -11.07
CA GLN B 377 -38.00 12.07 -11.01
C GLN B 377 -38.30 10.83 -11.82
N LEU B 378 -39.32 10.10 -11.46
CA LEU B 378 -39.57 8.93 -12.24
C LEU B 378 -39.75 9.26 -13.73
N LEU B 379 -40.22 10.44 -14.03
CA LEU B 379 -40.50 10.68 -15.44
C LEU B 379 -39.25 10.86 -16.22
N LEU B 380 -38.29 11.52 -15.62
CA LEU B 380 -37.06 11.61 -16.31
C LEU B 380 -36.69 10.21 -16.47
N ASP B 381 -36.59 9.54 -15.35
CA ASP B 381 -36.21 8.15 -15.40
C ASP B 381 -36.56 7.54 -16.67
N SER B 382 -37.83 7.64 -16.98
CA SER B 382 -38.27 6.95 -18.18
C SER B 382 -37.94 7.56 -19.52
N ILE B 383 -38.29 8.82 -19.76
CA ILE B 383 -38.13 9.32 -21.13
C ILE B 383 -36.81 8.87 -21.73
N GLY B 384 -35.75 8.79 -20.93
CA GLY B 384 -34.45 8.48 -21.47
C GLY B 384 -33.53 8.00 -20.37
N ASP B 385 -32.29 7.71 -20.74
CA ASP B 385 -31.36 7.15 -19.79
C ASP B 385 -30.99 8.17 -18.72
N ARG B 386 -30.47 7.68 -17.61
CA ARG B 386 -30.03 8.53 -16.51
C ARG B 386 -28.52 8.57 -16.33
N THR B 387 -27.82 7.48 -16.61
CA THR B 387 -26.47 7.31 -16.10
C THR B 387 -25.58 8.50 -16.42
N ARG B 388 -25.61 8.97 -17.66
CA ARG B 388 -24.74 10.07 -18.05
C ARG B 388 -25.12 11.34 -17.30
N TYR B 389 -24.11 12.08 -16.87
CA TYR B 389 -24.32 13.32 -16.14
C TYR B 389 -24.50 14.47 -17.11
N PHE B 390 -25.21 15.50 -16.65
CA PHE B 390 -25.39 16.69 -17.47
C PHE B 390 -25.30 17.91 -16.56
N SER B 391 -24.38 18.81 -16.89
CA SER B 391 -24.04 19.89 -15.97
C SER B 391 -25.17 20.90 -15.82
N MET B 392 -25.74 21.33 -16.94
CA MET B 392 -26.58 22.52 -16.94
C MET B 392 -27.70 22.42 -15.91
N TRP B 393 -28.39 21.29 -15.88
CA TRP B 393 -29.43 21.11 -14.87
C TRP B 393 -28.90 20.48 -13.59
N ASN B 394 -27.61 20.20 -13.52
CA ASN B 394 -27.02 19.58 -12.33
C ASN B 394 -27.72 18.27 -12.02
N GLN B 395 -27.57 17.32 -12.94
CA GLN B 395 -28.27 16.05 -12.89
C GLN B 395 -27.27 14.92 -12.72
N ALA B 396 -27.46 14.12 -11.68
CA ALA B 396 -26.65 12.91 -11.48
C ALA B 396 -27.41 12.01 -10.52
N VAL B 397 -27.85 10.85 -11.00
CA VAL B 397 -28.59 9.93 -10.15
C VAL B 397 -27.68 9.43 -9.04
N ASP B 398 -28.16 9.53 -7.81
CA ASP B 398 -27.41 9.04 -6.67
C ASP B 398 -27.31 7.52 -6.71
N SER B 399 -26.13 7.00 -6.38
CA SER B 399 -25.95 5.56 -6.38
C SER B 399 -24.79 5.20 -5.48
N TYR B 400 -24.73 3.93 -5.11
CA TYR B 400 -23.69 3.37 -4.29
C TYR B 400 -22.86 2.39 -5.12
N ASP B 401 -21.62 2.19 -4.72
CA ASP B 401 -20.84 1.14 -5.34
C ASP B 401 -21.50 -0.21 -5.07
N PRO B 402 -21.54 -1.10 -6.06
CA PRO B 402 -22.17 -2.40 -5.83
C PRO B 402 -21.52 -3.20 -4.71
N ASP B 403 -20.20 -3.09 -4.55
CA ASP B 403 -19.51 -3.94 -3.60
C ASP B 403 -19.66 -3.47 -2.16
N VAL B 404 -19.90 -2.17 -1.96
CA VAL B 404 -20.06 -1.67 -0.60
C VAL B 404 -21.26 -2.30 0.06
N ARG B 405 -22.38 -2.34 -0.66
CA ARG B 405 -23.61 -2.86 -0.08
C ARG B 405 -23.52 -4.36 0.16
N ILE B 406 -23.00 -5.10 -0.81
CA ILE B 406 -22.91 -6.55 -0.74
C ILE B 406 -21.44 -6.93 -0.80
N ILE B 407 -20.98 -7.65 0.22
CA ILE B 407 -19.57 -7.98 0.36
C ILE B 407 -19.23 -9.24 -0.41
N GLU B 408 -18.80 -9.09 -1.66
CA GLU B 408 -18.45 -10.24 -2.48
C GLU B 408 -17.06 -10.73 -2.14
N ASN B 409 -16.87 -11.05 -0.86
CA ASN B 409 -15.55 -11.35 -0.33
C ASN B 409 -15.16 -12.79 -0.64
N HIS B 410 -14.18 -12.95 -1.51
CA HIS B 410 -13.62 -14.27 -1.79
C HIS B 410 -12.17 -14.33 -1.35
N GLY B 411 -11.81 -13.54 -0.36
CA GLY B 411 -10.47 -13.62 0.17
C GLY B 411 -9.45 -12.98 -0.76
N THR B 412 -8.19 -13.35 -0.55
CA THR B 412 -7.08 -12.80 -1.28
C THR B 412 -6.12 -13.93 -1.62
N GLU B 413 -4.97 -13.56 -2.18
CA GLU B 413 -3.98 -14.53 -2.62
C GLU B 413 -2.59 -13.93 -2.44
N ASP B 414 -1.79 -14.54 -1.57
CA ASP B 414 -0.48 -14.01 -1.21
C ASP B 414 0.52 -15.16 -1.06
N GLU B 415 0.55 -16.05 -2.05
CA GLU B 415 1.43 -17.20 -1.96
C GLU B 415 2.90 -16.79 -1.90
N LEU B 416 3.29 -15.85 -2.74
CA LEU B 416 4.68 -15.44 -2.79
C LEU B 416 4.97 -14.40 -1.72
N PRO B 417 5.92 -14.62 -0.84
CA PRO B 417 6.26 -13.60 0.16
C PRO B 417 6.79 -12.34 -0.49
N ASN B 418 6.84 -11.28 0.31
CA ASN B 418 7.13 -9.93 -0.17
C ASN B 418 8.21 -9.27 0.66
N TYR B 419 9.34 -9.96 0.81
CA TYR B 419 10.45 -9.43 1.60
C TYR B 419 10.84 -8.04 1.12
N CYS B 420 11.01 -7.12 2.06
CA CYS B 420 11.62 -5.83 1.75
C CYS B 420 13.13 -6.01 1.86
N PHE B 421 13.91 -4.94 1.72
CA PHE B 421 15.35 -5.08 1.69
C PHE B 421 16.00 -3.81 2.18
N PRO B 422 17.24 -3.88 2.64
CA PRO B 422 17.95 -2.67 3.08
C PRO B 422 18.69 -2.00 1.94
N LEU B 423 19.01 -0.71 2.12
CA LEU B 423 19.55 0.13 1.06
C LEU B 423 20.73 -0.52 0.34
N GLY B 424 21.80 -0.78 1.08
CA GLY B 424 22.96 -1.39 0.47
C GLY B 424 22.71 -2.86 0.17
N GLY B 425 21.62 -3.40 0.70
CA GLY B 425 21.32 -4.79 0.50
C GLY B 425 22.22 -5.75 1.22
N ILE B 426 23.23 -5.25 1.91
CA ILE B 426 24.16 -6.12 2.58
C ILE B 426 24.41 -5.52 3.91
N GLY B 427 23.67 -5.97 4.90
CA GLY B 427 23.81 -5.36 6.20
C GLY B 427 25.10 -5.76 6.83
N VAL B 428 25.02 -6.65 7.80
CA VAL B 428 26.22 -7.06 8.50
C VAL B 428 27.39 -7.35 7.62
N THR B 429 28.57 -7.25 8.19
CA THR B 429 29.78 -7.57 7.45
C THR B 429 30.89 -7.77 8.46
N ASP B 430 32.05 -8.19 8.02
CA ASP B 430 33.09 -8.46 8.98
C ASP B 430 34.44 -8.34 8.38
N THR B 431 35.16 -7.31 8.77
CA THR B 431 36.48 -7.13 8.25
C THR B 431 37.19 -8.44 8.22
N TYR B 432 37.66 -8.83 7.07
CA TYR B 432 38.46 -10.03 7.00
C TYR B 432 39.77 -9.63 6.36
N GLN B 433 40.71 -10.55 6.25
CA GLN B 433 42.01 -10.25 5.67
C GLN B 433 42.30 -11.23 4.58
N ALA B 434 42.97 -10.78 3.52
CA ALA B 434 43.23 -11.66 2.40
C ALA B 434 44.51 -12.45 2.61
N ILE B 435 44.38 -13.77 2.67
CA ILE B 435 45.49 -14.67 2.89
C ILE B 435 45.97 -15.12 1.52
N LYS B 436 47.08 -14.55 1.06
CA LYS B 436 47.60 -14.91 -0.25
C LYS B 436 48.14 -16.33 -0.20
N ALA B 437 48.68 -16.78 -1.34
CA ALA B 437 49.16 -18.15 -1.41
C ALA B 437 50.48 -18.27 -0.68
N THR B 438 50.50 -17.88 0.59
CA THR B 438 51.68 -18.01 1.41
C THR B 438 51.87 -19.47 1.77
N ASN B 439 52.18 -20.28 0.76
CA ASN B 439 52.07 -21.72 0.87
C ASN B 439 53.28 -22.33 1.55
N GLY B 440 53.04 -23.12 2.58
CA GLY B 440 54.05 -24.01 3.09
C GLY B 440 54.27 -25.16 2.12
N ASN B 441 55.22 -26.02 2.46
CA ASN B 441 55.62 -27.10 1.58
C ASN B 441 55.75 -28.39 2.35
N GLY B 442 55.48 -29.49 1.66
CA GLY B 442 55.53 -30.81 2.27
C GLY B 442 54.20 -31.24 2.86
N GLY B 443 53.78 -30.58 3.92
CA GLY B 443 52.55 -30.87 4.60
C GLY B 443 51.42 -29.95 4.18
N ALA B 444 50.47 -29.73 5.09
CA ALA B 444 49.38 -28.81 4.82
C ALA B 444 49.93 -27.41 4.58
N THR B 445 49.72 -26.91 3.37
CA THR B 445 50.34 -25.65 2.98
C THR B 445 49.92 -24.52 3.92
N THR B 446 50.92 -23.75 4.36
CA THR B 446 50.68 -22.66 5.29
C THR B 446 49.96 -21.52 4.59
N TRP B 447 49.68 -20.47 5.38
CA TRP B 447 49.13 -19.24 4.86
C TRP B 447 49.62 -18.09 5.72
N ALA B 448 49.65 -16.90 5.15
CA ALA B 448 50.15 -15.73 5.86
C ALA B 448 49.62 -14.47 5.20
N GLN B 449 50.02 -13.33 5.76
CA GLN B 449 49.50 -12.03 5.37
C GLN B 449 49.96 -11.67 3.96
N ASP B 450 49.04 -11.10 3.19
CA ASP B 450 49.36 -10.55 1.88
C ASP B 450 49.63 -9.05 2.00
N ASN B 451 50.31 -8.52 0.98
CA ASN B 451 50.50 -7.08 0.85
C ASN B 451 49.92 -6.55 -0.45
N THR B 452 49.09 -7.34 -1.11
CA THR B 452 48.48 -6.94 -2.38
C THR B 452 47.02 -6.54 -2.22
N PHE B 453 46.55 -6.39 -0.99
CA PHE B 453 45.19 -5.93 -0.74
C PHE B 453 45.18 -5.03 0.47
N ALA B 454 44.12 -4.22 0.56
CA ALA B 454 43.87 -3.51 1.81
C ALA B 454 43.62 -4.51 2.92
N GLU B 455 44.09 -4.16 4.11
CA GLU B 455 44.06 -5.11 5.22
C GLU B 455 42.63 -5.47 5.61
N ARG B 456 41.74 -4.49 5.58
CA ARG B 456 40.40 -4.64 6.13
C ARG B 456 39.38 -4.57 5.01
N ASN B 457 38.75 -5.69 4.69
CA ASN B 457 37.74 -5.72 3.65
C ASN B 457 36.39 -6.13 4.22
N GLU B 458 35.33 -5.50 3.71
CA GLU B 458 33.97 -5.78 4.13
C GLU B 458 33.42 -6.96 3.34
N ILE B 459 32.94 -7.98 4.04
CA ILE B 459 32.29 -9.11 3.38
C ILE B 459 31.14 -9.59 4.25
N GLY B 460 30.05 -9.97 3.61
CA GLY B 460 28.94 -10.58 4.30
C GLY B 460 28.96 -12.09 4.17
N VAL B 461 28.17 -12.75 5.02
CA VAL B 461 28.11 -14.21 5.08
C VAL B 461 26.66 -14.65 4.98
N GLY B 462 26.38 -15.56 4.07
CA GLY B 462 25.05 -16.11 3.94
C GLY B 462 24.07 -15.11 3.33
N ASN B 463 22.79 -15.49 3.39
CA ASN B 463 21.74 -14.64 2.87
C ASN B 463 21.72 -13.32 3.61
N ASN B 464 21.45 -12.25 2.87
CA ASN B 464 21.50 -10.92 3.47
C ASN B 464 20.31 -10.69 4.38
N PHE B 465 20.40 -9.62 5.17
CA PHE B 465 19.32 -9.26 6.07
C PHE B 465 18.04 -9.01 5.27
N ALA B 466 16.90 -9.25 5.90
CA ALA B 466 15.63 -9.13 5.20
C ALA B 466 14.48 -9.01 6.18
N MET B 467 13.69 -7.96 6.05
CA MET B 467 12.41 -7.86 6.73
C MET B 467 11.39 -8.68 5.93
N GLU B 468 10.11 -8.50 6.25
CA GLU B 468 9.06 -9.22 5.54
C GLU B 468 7.77 -8.45 5.68
N ILE B 469 6.82 -8.72 4.78
CA ILE B 469 5.50 -8.13 4.85
C ILE B 469 4.55 -8.94 3.98
N ASN B 470 3.26 -8.79 4.22
CA ASN B 470 2.22 -9.27 3.33
C ASN B 470 1.46 -8.08 2.79
N LEU B 471 0.94 -8.22 1.57
CA LEU B 471 0.37 -7.08 0.85
C LEU B 471 -1.13 -7.20 0.63
N ASN B 472 -1.58 -8.23 -0.10
CA ASN B 472 -2.97 -8.27 -0.51
C ASN B 472 -3.89 -8.28 0.70
N ALA B 473 -3.57 -9.09 1.71
CA ALA B 473 -4.37 -9.11 2.91
C ALA B 473 -4.41 -7.74 3.55
N ASN B 474 -3.28 -7.05 3.60
CA ASN B 474 -3.26 -5.72 4.19
C ASN B 474 -4.12 -4.75 3.40
N LEU B 475 -4.01 -4.79 2.07
CA LEU B 475 -4.81 -3.88 1.25
C LEU B 475 -6.29 -4.10 1.47
N TRP B 476 -6.72 -5.36 1.39
CA TRP B 476 -8.14 -5.66 1.57
C TRP B 476 -8.61 -5.26 2.96
N ARG B 477 -7.76 -5.48 3.96
CA ARG B 477 -8.12 -5.07 5.31
C ARG B 477 -8.33 -3.57 5.38
N ASN B 478 -7.44 -2.81 4.76
CA ASN B 478 -7.60 -1.36 4.77
C ASN B 478 -8.91 -0.97 4.11
N PHE B 479 -9.22 -1.59 2.97
CA PHE B 479 -10.46 -1.24 2.28
C PHE B 479 -11.67 -1.52 3.15
N LEU B 480 -11.72 -2.71 3.74
CA LEU B 480 -12.89 -3.07 4.54
C LEU B 480 -13.03 -2.14 5.73
N TYR B 481 -11.93 -1.78 6.37
CA TYR B 481 -12.06 -0.86 7.50
C TYR B 481 -12.54 0.51 7.03
N SER B 482 -12.01 1.00 5.92
CA SER B 482 -12.31 2.37 5.52
C SER B 482 -13.74 2.52 5.06
N ASN B 483 -14.26 1.58 4.30
CA ASN B 483 -15.50 1.81 3.60
C ASN B 483 -16.73 1.20 4.29
N ILE B 484 -16.55 0.35 5.29
CA ILE B 484 -17.70 -0.29 5.92
C ILE B 484 -17.69 -0.07 7.43
N ALA B 485 -16.55 -0.35 8.06
CA ALA B 485 -16.51 -0.36 9.52
C ALA B 485 -16.98 0.97 10.11
N LEU B 486 -16.47 2.08 9.58
CA LEU B 486 -16.77 3.37 10.16
C LEU B 486 -18.27 3.66 10.13
N TYR B 487 -18.93 3.32 9.04
CA TYR B 487 -20.34 3.65 8.87
C TYR B 487 -21.26 2.75 9.67
N LEU B 488 -20.75 1.98 10.63
CA LEU B 488 -21.60 1.11 11.40
C LEU B 488 -22.55 1.93 12.27
N PRO B 489 -23.65 1.34 12.73
CA PRO B 489 -24.54 2.05 13.62
C PRO B 489 -23.80 2.47 14.89
N ASP B 490 -24.13 3.65 15.40
CA ASP B 490 -23.39 4.19 16.52
C ASP B 490 -23.39 3.26 17.72
N LYS B 491 -24.45 2.47 17.89
CA LYS B 491 -24.64 1.73 19.13
C LYS B 491 -23.56 0.68 19.38
N LEU B 492 -22.59 0.57 18.48
CA LEU B 492 -21.44 -0.30 18.69
C LEU B 492 -20.15 0.48 18.81
N LYS B 493 -20.20 1.62 19.49
CA LYS B 493 -19.02 2.47 19.64
C LYS B 493 -18.94 2.94 21.09
N TYR B 494 -17.72 3.26 21.51
CA TYR B 494 -17.50 3.81 22.84
C TYR B 494 -16.59 5.02 22.74
N ASN B 495 -16.82 5.97 23.64
CA ASN B 495 -16.12 7.23 23.59
C ASN B 495 -14.63 7.01 23.88
N PRO B 496 -13.78 7.90 23.41
CA PRO B 496 -12.36 7.77 23.73
C PRO B 496 -12.05 8.26 25.12
N THR B 497 -10.77 8.32 25.47
CA THR B 497 -10.33 8.84 26.74
C THR B 497 -9.24 9.87 26.50
N ASN B 498 -9.09 10.77 27.46
CA ASN B 498 -8.12 11.87 27.39
C ASN B 498 -8.44 12.84 26.26
N VAL B 499 -9.72 13.02 25.94
CA VAL B 499 -10.15 14.00 24.97
C VAL B 499 -11.44 14.66 25.45
N GLU B 500 -11.96 15.57 24.65
CA GLU B 500 -13.22 16.25 24.92
C GLU B 500 -14.09 16.17 23.67
N ILE B 501 -15.21 15.47 23.78
CA ILE B 501 -16.13 15.28 22.67
C ILE B 501 -17.48 15.85 23.06
N SER B 502 -18.04 16.68 22.19
CA SER B 502 -19.32 17.30 22.49
C SER B 502 -20.41 16.25 22.64
N ASP B 503 -21.26 16.47 23.63
CA ASP B 503 -22.28 15.49 24.00
C ASP B 503 -23.37 15.33 22.95
N ASN B 504 -23.57 16.32 22.09
CA ASN B 504 -24.64 16.24 21.11
C ASN B 504 -24.39 15.08 20.16
N PRO B 505 -25.33 14.17 19.98
CA PRO B 505 -25.10 13.03 19.10
C PRO B 505 -25.32 13.36 17.64
N ASN B 506 -25.32 14.64 17.29
CA ASN B 506 -25.62 15.03 15.92
C ASN B 506 -24.41 15.61 15.19
N THR B 507 -23.73 16.59 15.77
CA THR B 507 -22.78 17.38 15.01
C THR B 507 -21.63 16.53 14.48
N TYR B 508 -20.82 17.15 13.64
CA TYR B 508 -19.78 16.42 12.91
C TYR B 508 -18.75 15.82 13.84
N ASP B 509 -18.33 16.57 14.85
CA ASP B 509 -17.25 16.08 15.71
C ASP B 509 -17.65 14.78 16.40
N TYR B 510 -18.90 14.69 16.85
CA TYR B 510 -19.35 13.47 17.49
C TYR B 510 -19.23 12.29 16.55
N MET B 511 -19.53 12.50 15.27
CA MET B 511 -19.41 11.40 14.33
C MET B 511 -17.97 11.15 13.90
N ASN B 512 -17.07 12.09 14.16
CA ASN B 512 -15.68 11.89 13.76
C ASN B 512 -14.80 11.37 14.89
N LYS B 513 -15.23 11.49 16.14
CA LYS B 513 -14.42 11.15 17.28
C LYS B 513 -15.03 10.00 18.07
N ARG B 514 -15.47 8.97 17.38
CA ARG B 514 -15.84 7.73 18.03
C ARG B 514 -14.79 6.68 17.73
N VAL B 515 -14.92 5.53 18.38
CA VAL B 515 -13.96 4.44 18.27
C VAL B 515 -14.69 3.18 17.86
N VAL B 516 -14.17 2.50 16.84
CA VAL B 516 -14.76 1.28 16.32
C VAL B 516 -13.75 0.15 16.48
N ALA B 517 -14.20 -0.96 17.04
CA ALA B 517 -13.31 -2.09 17.22
C ALA B 517 -12.91 -2.65 15.86
N PRO B 518 -11.65 -2.53 15.46
CA PRO B 518 -11.27 -2.98 14.11
C PRO B 518 -11.52 -4.45 13.89
N GLY B 519 -11.59 -5.24 14.96
CA GLY B 519 -11.88 -6.64 14.80
C GLY B 519 -13.31 -6.96 14.48
N LEU B 520 -14.22 -5.98 14.63
CA LEU B 520 -15.62 -6.26 14.33
C LEU B 520 -15.82 -6.68 12.90
N VAL B 521 -14.98 -6.17 11.99
CA VAL B 521 -14.94 -6.63 10.61
C VAL B 521 -13.49 -6.77 10.21
N ASP B 522 -13.13 -7.91 9.63
CA ASP B 522 -11.76 -8.12 9.18
C ASP B 522 -11.78 -9.18 8.08
N CYS B 523 -10.59 -9.62 7.69
CA CYS B 523 -10.44 -10.44 6.48
C CYS B 523 -11.09 -11.80 6.59
N TYR B 524 -11.80 -12.07 7.68
CA TYR B 524 -12.40 -13.38 7.88
C TYR B 524 -13.92 -13.34 8.03
N ILE B 525 -14.53 -12.16 8.16
CA ILE B 525 -15.94 -12.12 8.51
C ILE B 525 -16.79 -12.62 7.36
N ASN B 526 -17.69 -13.56 7.66
CA ASN B 526 -18.55 -14.19 6.66
C ASN B 526 -17.75 -14.56 5.42
N LEU B 527 -16.52 -15.03 5.64
CA LEU B 527 -15.61 -15.27 4.54
C LEU B 527 -16.19 -16.29 3.57
N GLY B 528 -16.07 -16.02 2.29
CA GLY B 528 -16.48 -16.94 1.27
C GLY B 528 -17.96 -16.90 0.92
N ALA B 529 -18.74 -16.06 1.58
CA ALA B 529 -20.17 -15.99 1.32
C ALA B 529 -20.54 -14.61 0.83
N ARG B 530 -21.11 -14.55 -0.37
CA ARG B 530 -21.72 -13.32 -0.86
C ARG B 530 -22.88 -12.98 0.06
N TRP B 531 -22.73 -11.90 0.84
CA TRP B 531 -23.68 -11.60 1.90
C TRP B 531 -23.38 -10.19 2.40
N SER B 532 -24.40 -9.58 3.01
CA SER B 532 -24.27 -8.25 3.57
C SER B 532 -24.54 -8.30 5.08
N LEU B 533 -23.70 -7.60 5.83
CA LEU B 533 -23.84 -7.58 7.29
C LEU B 533 -25.20 -7.06 7.68
N ASP B 534 -25.99 -7.91 8.33
CA ASP B 534 -27.36 -7.55 8.66
C ASP B 534 -27.44 -6.29 9.52
N TYR B 535 -26.36 -5.94 10.21
CA TYR B 535 -26.34 -4.67 10.92
C TYR B 535 -26.48 -3.51 9.94
N MET B 536 -25.81 -3.59 8.79
CA MET B 536 -25.80 -2.49 7.84
C MET B 536 -27.05 -2.40 6.99
N ASP B 537 -27.84 -3.47 6.90
CA ASP B 537 -28.93 -3.50 5.93
C ASP B 537 -29.94 -2.39 6.19
N ASN B 538 -30.30 -2.16 7.44
CA ASN B 538 -31.32 -1.19 7.78
C ASN B 538 -30.75 0.18 8.08
N VAL B 539 -29.66 0.55 7.42
CA VAL B 539 -29.13 1.91 7.47
C VAL B 539 -28.98 2.38 6.03
N ASN B 540 -29.32 3.64 5.80
CA ASN B 540 -29.28 4.20 4.46
C ASN B 540 -27.89 4.06 3.87
N PRO B 541 -27.74 3.44 2.71
CA PRO B 541 -26.44 3.37 2.05
C PRO B 541 -26.17 4.51 1.10
N PHE B 542 -27.13 5.41 0.88
CA PHE B 542 -26.85 6.55 0.03
C PHE B 542 -26.03 7.62 0.74
N ASN B 543 -26.22 7.77 2.05
CA ASN B 543 -25.37 8.67 2.83
C ASN B 543 -24.01 8.02 2.93
N HIS B 544 -23.06 8.49 2.13
CA HIS B 544 -21.79 7.79 1.98
C HIS B 544 -20.80 8.76 1.35
N HIS B 545 -19.69 8.22 0.84
CA HIS B 545 -18.77 9.02 0.06
C HIS B 545 -18.26 8.31 -1.19
N ARG B 546 -18.45 7.01 -1.32
CA ARG B 546 -18.24 6.37 -2.61
C ARG B 546 -19.25 6.82 -3.63
N ASN B 547 -20.35 7.44 -3.19
CA ASN B 547 -21.45 7.81 -4.05
C ASN B 547 -20.99 8.71 -5.19
N ALA B 548 -21.05 8.18 -6.42
CA ALA B 548 -20.49 8.90 -7.55
C ALA B 548 -21.17 10.24 -7.75
N GLY B 549 -22.50 10.25 -7.74
CA GLY B 549 -23.21 11.48 -8.06
C GLY B 549 -22.92 12.59 -7.07
N LEU B 550 -22.94 12.27 -5.78
CA LEU B 550 -22.64 13.28 -4.78
C LEU B 550 -21.23 13.79 -4.97
N ARG B 551 -20.30 12.89 -5.27
CA ARG B 551 -18.92 13.29 -5.48
C ARG B 551 -18.82 14.28 -6.63
N TYR B 552 -19.46 13.95 -7.75
CA TYR B 552 -19.46 14.85 -8.90
C TYR B 552 -20.00 16.21 -8.52
N ARG B 553 -21.16 16.23 -7.85
CA ARG B 553 -21.78 17.50 -7.54
C ARG B 553 -20.89 18.34 -6.64
N SER B 554 -20.31 17.73 -5.60
CA SER B 554 -19.48 18.52 -4.69
C SER B 554 -18.24 19.03 -5.40
N MET B 555 -17.67 18.22 -6.30
CA MET B 555 -16.53 18.71 -7.07
C MET B 555 -16.93 19.88 -7.94
N LEU B 556 -18.14 19.86 -8.50
CA LEU B 556 -18.51 20.85 -9.50
C LEU B 556 -18.36 22.27 -8.97
N LEU B 557 -18.62 22.48 -7.69
CA LEU B 557 -18.42 23.79 -7.08
C LEU B 557 -17.00 23.97 -6.57
N GLY B 558 -16.07 23.12 -6.96
CA GLY B 558 -14.73 23.19 -6.44
C GLY B 558 -14.66 22.68 -5.02
N ASN B 559 -13.54 22.98 -4.36
CA ASN B 559 -13.32 22.50 -3.00
C ASN B 559 -12.97 23.65 -2.06
N GLY B 560 -13.76 24.69 -2.07
CA GLY B 560 -13.52 25.83 -1.23
C GLY B 560 -14.49 25.92 -0.06
N ARG B 561 -14.09 26.67 0.95
CA ARG B 561 -15.01 26.98 2.03
C ARG B 561 -16.04 28.02 1.58
N TYR B 562 -15.62 29.00 0.79
CA TYR B 562 -16.50 30.04 0.28
C TYR B 562 -16.59 29.90 -1.23
N VAL B 563 -17.81 29.95 -1.76
CA VAL B 563 -17.99 29.80 -3.21
C VAL B 563 -19.04 30.77 -3.73
N PRO B 564 -18.71 31.59 -4.72
CA PRO B 564 -19.76 32.29 -5.47
C PRO B 564 -20.33 31.35 -6.51
N PHE B 565 -21.66 31.31 -6.62
CA PHE B 565 -22.31 30.37 -7.52
C PHE B 565 -23.38 31.07 -8.33
N HIS B 566 -23.65 30.46 -9.49
CA HIS B 566 -24.43 31.11 -10.54
C HIS B 566 -25.01 30.00 -11.40
N ILE B 567 -26.32 29.80 -11.30
CA ILE B 567 -26.96 28.59 -11.81
C ILE B 567 -28.27 28.93 -12.51
N GLN B 568 -28.82 27.91 -13.16
CA GLN B 568 -30.13 27.99 -13.79
C GLN B 568 -30.96 26.84 -13.26
N VAL B 569 -32.22 27.13 -12.93
CA VAL B 569 -33.13 26.17 -12.32
C VAL B 569 -34.29 25.96 -13.28
N PRO B 570 -34.62 24.73 -13.63
CA PRO B 570 -35.74 24.48 -14.54
C PRO B 570 -37.06 24.65 -13.81
N GLN B 571 -38.13 24.48 -14.56
CA GLN B 571 -39.50 24.55 -14.03
C GLN B 571 -40.08 23.14 -13.98
N LYS B 572 -40.61 22.76 -12.83
CA LYS B 572 -40.96 21.36 -12.59
C LYS B 572 -42.44 21.06 -12.56
N PHE B 573 -43.30 22.06 -12.32
CA PHE B 573 -44.71 21.79 -12.22
C PHE B 573 -45.24 21.21 -13.53
N PHE B 574 -46.14 20.25 -13.42
CA PHE B 574 -46.66 19.61 -14.62
C PHE B 574 -47.68 20.48 -15.33
N ALA B 575 -48.41 21.32 -14.59
CA ALA B 575 -49.46 22.11 -15.21
C ALA B 575 -48.93 23.15 -16.18
N ILE B 576 -47.63 23.44 -16.15
CA ILE B 576 -47.05 24.43 -17.03
C ILE B 576 -45.78 23.96 -17.72
N LYS B 577 -45.38 22.71 -17.55
CA LYS B 577 -44.10 22.30 -18.09
C LYS B 577 -44.10 22.21 -19.61
N ASN B 578 -45.21 21.78 -20.21
CA ASN B 578 -45.28 21.65 -21.66
C ASN B 578 -46.35 22.53 -22.28
N LEU B 579 -46.91 23.46 -21.53
CA LEU B 579 -47.96 24.32 -22.07
C LEU B 579 -47.42 25.18 -23.19
N LEU B 580 -48.27 25.41 -24.20
CA LEU B 580 -47.97 26.34 -25.28
C LEU B 580 -48.72 27.63 -24.99
N LEU B 581 -47.98 28.73 -24.84
CA LEU B 581 -48.57 30.00 -24.47
C LEU B 581 -48.83 30.86 -25.70
N LEU B 582 -49.74 31.82 -25.54
CA LEU B 582 -50.23 32.66 -26.62
C LEU B 582 -49.97 34.12 -26.30
N PRO B 583 -50.00 35.00 -27.31
CA PRO B 583 -49.58 36.38 -27.11
C PRO B 583 -50.40 37.07 -26.03
N GLY B 584 -49.72 37.91 -25.25
CA GLY B 584 -50.35 38.63 -24.16
C GLY B 584 -49.37 38.85 -23.03
N SER B 585 -49.87 39.50 -21.98
CA SER B 585 -49.06 39.88 -20.84
C SER B 585 -49.56 39.18 -19.59
N TYR B 586 -48.65 38.60 -18.82
CA TYR B 586 -49.03 37.75 -17.71
C TYR B 586 -48.14 38.00 -16.51
N THR B 587 -48.66 37.66 -15.35
CA THR B 587 -47.94 37.78 -14.09
C THR B 587 -47.40 36.42 -13.69
N TYR B 588 -46.11 36.38 -13.35
CA TYR B 588 -45.41 35.15 -13.05
C TYR B 588 -44.64 35.36 -11.76
N GLU B 589 -45.10 34.76 -10.66
CA GLU B 589 -44.53 35.04 -9.35
C GLU B 589 -44.34 33.74 -8.59
N TRP B 590 -43.22 33.65 -7.88
CA TRP B 590 -42.84 32.40 -7.23
C TRP B 590 -42.01 32.69 -5.98
N ASN B 591 -41.65 31.63 -5.27
CA ASN B 591 -40.94 31.71 -4.01
C ASN B 591 -39.73 30.79 -4.03
N PHE B 592 -38.85 31.01 -3.05
CA PHE B 592 -37.65 30.20 -2.89
C PHE B 592 -37.34 30.02 -1.41
N ARG B 593 -36.73 28.88 -1.10
CA ARG B 593 -36.30 28.58 0.26
C ARG B 593 -34.96 29.22 0.54
N LYS B 594 -34.72 29.50 1.82
CA LYS B 594 -33.42 29.96 2.28
C LYS B 594 -32.81 29.07 3.34
N ASP B 595 -33.56 28.10 3.86
CA ASP B 595 -33.00 27.19 4.86
C ASP B 595 -31.78 26.48 4.29
N VAL B 596 -30.78 26.28 5.15
CA VAL B 596 -29.55 25.65 4.68
C VAL B 596 -29.63 24.14 4.69
N ASN B 597 -30.52 23.54 5.49
CA ASN B 597 -30.61 22.09 5.53
C ASN B 597 -31.21 21.56 4.24
N MET B 598 -32.44 21.95 3.94
CA MET B 598 -33.19 21.30 2.87
C MET B 598 -32.49 21.45 1.53
N VAL B 599 -31.96 22.64 1.24
CA VAL B 599 -31.38 22.86 -0.08
C VAL B 599 -30.11 22.05 -0.25
N LEU B 600 -29.30 21.93 0.80
CA LEU B 600 -28.00 21.31 0.70
C LEU B 600 -28.09 19.81 0.95
N GLN B 601 -27.01 19.12 0.61
CA GLN B 601 -26.86 17.72 0.97
C GLN B 601 -25.46 17.49 1.50
N SER B 602 -25.38 16.71 2.58
CA SER B 602 -24.13 16.38 3.26
C SER B 602 -23.91 14.88 3.22
N SER B 603 -22.68 14.48 2.93
CA SER B 603 -22.37 13.07 2.81
C SER B 603 -22.59 12.34 4.13
N LEU B 604 -22.14 12.93 5.24
CA LEU B 604 -22.22 12.25 6.52
C LEU B 604 -23.62 12.27 7.11
N GLY B 605 -24.35 13.36 6.91
CA GLY B 605 -25.62 13.53 7.56
C GLY B 605 -25.60 14.41 8.79
N ASN B 606 -24.48 15.06 9.07
CA ASN B 606 -24.44 16.01 10.17
C ASN B 606 -25.40 17.16 9.90
N ASP B 607 -25.98 17.69 10.96
CA ASP B 607 -26.79 18.88 10.81
C ASP B 607 -25.92 20.05 10.35
N LEU B 608 -26.55 21.00 9.67
CA LEU B 608 -25.83 22.15 9.15
C LEU B 608 -26.31 23.47 9.72
N ARG B 609 -27.30 23.47 10.60
CA ARG B 609 -27.65 24.72 11.27
C ARG B 609 -26.64 25.06 12.34
N VAL B 610 -26.10 24.04 13.02
CA VAL B 610 -25.15 24.27 14.10
C VAL B 610 -23.73 24.44 13.61
N ASP B 611 -23.45 24.16 12.35
CA ASP B 611 -22.10 24.23 11.84
C ASP B 611 -21.81 25.51 11.08
N GLY B 612 -22.72 26.48 11.12
CA GLY B 612 -22.46 27.76 10.50
C GLY B 612 -22.26 27.68 9.00
N ALA B 613 -23.15 26.97 8.32
CA ALA B 613 -23.20 26.96 6.87
C ALA B 613 -24.29 27.93 6.44
N SER B 614 -23.93 28.95 5.67
CA SER B 614 -24.86 30.01 5.34
C SER B 614 -24.88 30.25 3.85
N ILE B 615 -25.76 31.15 3.42
CA ILE B 615 -26.04 31.34 2.00
C ILE B 615 -26.70 32.70 1.84
N LYS B 616 -26.40 33.37 0.73
CA LYS B 616 -27.01 34.67 0.45
C LYS B 616 -27.23 34.83 -1.04
N PHE B 617 -28.49 35.02 -1.44
CA PHE B 617 -28.85 35.28 -2.83
C PHE B 617 -28.74 36.75 -3.14
N ASP B 618 -28.20 37.09 -4.30
CA ASP B 618 -28.02 38.48 -4.67
C ASP B 618 -28.90 38.88 -5.86
N SER B 619 -28.75 38.21 -6.99
CA SER B 619 -29.41 38.61 -8.21
C SER B 619 -30.19 37.46 -8.79
N ILE B 620 -31.35 37.77 -9.36
CA ILE B 620 -32.19 36.77 -10.01
C ILE B 620 -32.77 37.39 -11.28
N CYS B 621 -32.76 36.62 -12.36
CA CYS B 621 -33.28 37.07 -13.63
C CYS B 621 -34.14 35.95 -14.22
N LEU B 622 -34.80 36.24 -15.34
CA LEU B 622 -35.64 35.25 -15.99
C LEU B 622 -35.30 35.17 -17.47
N TYR B 623 -35.37 33.98 -18.05
CA TYR B 623 -34.94 33.80 -19.43
C TYR B 623 -35.99 33.07 -20.24
N ALA B 624 -36.04 33.39 -21.53
CA ALA B 624 -36.90 32.63 -22.44
C ALA B 624 -36.35 32.78 -23.85
N THR B 625 -36.79 31.90 -24.75
CA THR B 625 -36.40 31.96 -26.14
C THR B 625 -37.63 31.77 -27.02
N PHE B 626 -37.54 32.31 -28.24
CA PHE B 626 -38.66 32.29 -29.17
C PHE B 626 -38.25 31.69 -30.49
N PHE B 627 -39.19 31.02 -31.15
CA PHE B 627 -38.97 30.53 -32.49
C PHE B 627 -39.34 31.64 -33.46
N PRO B 628 -38.42 32.14 -34.24
CA PRO B 628 -38.77 33.18 -35.22
C PRO B 628 -39.60 32.62 -36.36
N MET B 629 -40.82 32.21 -36.03
CA MET B 629 -41.73 31.67 -37.02
C MET B 629 -42.17 32.74 -38.01
N ALA B 630 -42.50 32.31 -39.23
CA ALA B 630 -43.08 33.23 -40.21
C ALA B 630 -44.34 33.87 -39.64
N HIS B 631 -44.45 35.17 -39.82
CA HIS B 631 -45.43 35.94 -39.05
C HIS B 631 -46.86 35.51 -39.36
N ASN B 632 -47.23 35.50 -40.65
CA ASN B 632 -48.60 35.15 -40.98
C ASN B 632 -48.92 33.72 -40.57
N THR B 633 -47.95 32.82 -40.69
CA THR B 633 -48.15 31.47 -40.21
C THR B 633 -48.41 31.48 -38.72
N ALA B 634 -47.71 32.32 -37.97
CA ALA B 634 -47.95 32.42 -36.54
C ALA B 634 -49.37 32.88 -36.25
N SER B 635 -49.86 33.88 -37.00
CA SER B 635 -51.21 34.34 -36.77
C SER B 635 -52.21 33.25 -37.10
N THR B 636 -51.95 32.49 -38.17
CA THR B 636 -52.80 31.36 -38.50
C THR B 636 -52.84 30.37 -37.35
N LEU B 637 -51.69 30.05 -36.79
CA LEU B 637 -51.64 29.08 -35.69
C LEU B 637 -52.42 29.60 -34.49
N GLU B 638 -52.26 30.88 -34.17
CA GLU B 638 -53.01 31.44 -33.05
C GLU B 638 -54.50 31.30 -33.28
N ALA B 639 -54.96 31.64 -34.48
CA ALA B 639 -56.38 31.47 -34.76
C ALA B 639 -56.79 30.00 -34.64
N MET B 640 -55.93 29.10 -35.13
CA MET B 640 -56.21 27.68 -35.04
C MET B 640 -56.36 27.22 -33.60
N LEU B 641 -55.67 27.90 -32.68
CA LEU B 641 -55.62 27.41 -31.31
C LEU B 641 -56.53 28.15 -30.34
N ARG B 642 -57.04 29.32 -30.71
CA ARG B 642 -57.87 30.05 -29.76
C ARG B 642 -59.28 29.49 -29.66
N ASN B 643 -59.78 28.85 -30.71
CA ASN B 643 -61.12 28.29 -30.67
C ASN B 643 -61.22 27.23 -29.59
N ASP B 644 -62.38 27.17 -28.92
CA ASP B 644 -62.48 26.41 -27.69
C ASP B 644 -62.23 24.92 -27.90
N THR B 645 -62.74 24.36 -29.00
CA THR B 645 -62.75 22.91 -29.10
C THR B 645 -61.38 22.31 -29.31
N ASN B 646 -60.32 23.10 -29.27
CA ASN B 646 -58.98 22.55 -29.39
C ASN B 646 -58.16 22.92 -28.17
N ASP B 647 -58.73 22.74 -26.99
CA ASP B 647 -58.02 23.08 -25.76
C ASP B 647 -56.89 22.09 -25.52
N GLN B 648 -56.14 22.31 -24.44
CA GLN B 648 -55.00 21.48 -24.13
C GLN B 648 -55.22 20.71 -22.83
N SER B 649 -54.60 19.53 -22.75
CA SER B 649 -54.78 18.64 -21.62
C SER B 649 -53.43 18.16 -21.13
N PHE B 650 -53.23 17.89 -19.88
CA PHE B 650 -51.92 17.39 -19.51
C PHE B 650 -52.11 16.48 -18.31
N ASN B 651 -51.28 15.45 -18.15
CA ASN B 651 -51.46 14.48 -17.05
C ASN B 651 -50.22 14.09 -16.30
N ASP B 652 -50.03 14.61 -15.10
CA ASP B 652 -48.80 14.31 -14.34
C ASP B 652 -48.51 12.84 -14.29
N TYR B 653 -47.24 12.47 -14.25
CA TYR B 653 -46.90 11.05 -14.29
C TYR B 653 -47.31 10.40 -13.02
N LEU B 654 -46.38 10.27 -12.11
CA LEU B 654 -46.67 9.60 -10.85
C LEU B 654 -48.14 9.39 -10.69
N SER B 655 -48.85 10.46 -10.36
CA SER B 655 -50.29 10.38 -10.24
C SER B 655 -50.76 9.53 -9.10
N ALA B 656 -51.16 10.16 -8.03
CA ALA B 656 -51.72 9.41 -6.93
C ALA B 656 -51.91 10.31 -5.77
N ALA B 657 -52.20 9.72 -4.64
CA ALA B 657 -52.44 10.51 -3.46
C ALA B 657 -51.18 10.69 -2.67
N ASN B 658 -51.23 10.42 -1.36
CA ASN B 658 -50.06 10.47 -0.51
C ASN B 658 -50.51 10.54 0.91
N MET B 659 -50.56 9.40 1.58
CA MET B 659 -50.88 9.41 2.98
C MET B 659 -49.62 9.48 3.79
N LEU B 660 -49.58 8.82 4.94
CA LEU B 660 -48.39 8.75 5.78
C LEU B 660 -48.91 8.29 7.11
N TYR B 661 -48.56 7.08 7.51
CA TYR B 661 -49.04 6.53 8.76
C TYR B 661 -47.90 6.33 9.73
N PRO B 662 -48.00 6.83 10.95
CA PRO B 662 -46.88 6.72 11.90
C PRO B 662 -46.84 5.33 12.52
N ILE B 663 -45.68 4.70 12.46
CA ILE B 663 -45.41 3.40 13.07
C ILE B 663 -44.50 3.65 14.28
N PRO B 664 -44.98 3.45 15.49
CA PRO B 664 -44.13 3.60 16.66
C PRO B 664 -43.10 2.48 16.71
N ALA B 665 -42.01 2.74 17.41
CA ALA B 665 -40.90 1.80 17.47
C ALA B 665 -41.37 0.45 17.96
N ASN B 666 -40.87 -0.60 17.32
CA ASN B 666 -41.12 -2.00 17.64
C ASN B 666 -42.53 -2.46 17.31
N ALA B 667 -43.40 -1.58 16.81
CA ALA B 667 -44.72 -2.03 16.41
C ALA B 667 -44.61 -3.01 15.26
N THR B 668 -45.59 -3.91 15.15
CA THR B 668 -45.54 -4.91 14.09
C THR B 668 -46.77 -4.85 13.20
N ASN B 669 -47.94 -4.64 13.79
CA ASN B 669 -49.20 -4.64 13.07
C ASN B 669 -49.70 -3.21 12.92
N VAL B 670 -50.22 -2.89 11.74
CA VAL B 670 -50.69 -1.54 11.48
C VAL B 670 -52.04 -1.59 10.76
N PRO B 671 -53.12 -1.16 11.40
CA PRO B 671 -54.41 -1.09 10.70
C PRO B 671 -54.68 0.31 10.16
N ILE B 672 -55.34 0.39 9.01
CA ILE B 672 -55.85 1.66 8.49
C ILE B 672 -57.24 1.44 7.93
N SER B 673 -58.11 2.42 8.15
CA SER B 673 -59.50 2.33 7.75
C SER B 673 -59.87 3.54 6.91
N ILE B 674 -60.75 3.32 5.94
CA ILE B 674 -61.24 4.39 5.07
C ILE B 674 -62.76 4.26 5.00
N PRO B 675 -63.50 5.31 5.31
CA PRO B 675 -64.97 5.21 5.38
C PRO B 675 -65.58 5.01 4.00
N SER B 676 -66.90 4.95 3.98
CA SER B 676 -67.61 4.65 2.74
C SER B 676 -67.38 5.76 1.71
N ARG B 677 -67.09 5.33 0.48
CA ARG B 677 -66.65 6.27 -0.54
C ARG B 677 -66.78 5.62 -1.90
N ASN B 678 -66.97 6.45 -2.91
CA ASN B 678 -66.98 6.00 -4.29
C ASN B 678 -65.62 5.40 -4.64
N TRP B 679 -65.62 4.55 -5.68
CA TRP B 679 -64.40 3.87 -6.07
C TRP B 679 -64.19 3.79 -7.57
N ALA B 680 -65.03 4.42 -8.38
CA ALA B 680 -64.89 4.30 -9.82
C ALA B 680 -63.54 4.85 -10.27
N ALA B 681 -62.92 4.14 -11.21
CA ALA B 681 -61.66 4.56 -11.80
C ALA B 681 -60.57 4.71 -10.73
N PHE B 682 -60.18 3.57 -10.19
CA PHE B 682 -59.06 3.47 -9.27
C PHE B 682 -58.03 2.50 -9.83
N ARG B 683 -56.76 2.89 -9.81
CA ARG B 683 -55.76 2.13 -10.55
C ARG B 683 -55.08 1.04 -9.71
N GLY B 684 -54.59 1.38 -8.53
CA GLY B 684 -53.89 0.39 -7.73
C GLY B 684 -53.18 1.01 -6.55
N TRP B 685 -52.39 0.17 -5.89
CA TRP B 685 -51.66 0.54 -4.68
C TRP B 685 -50.17 0.57 -4.94
N ALA B 686 -49.50 1.55 -4.33
CA ALA B 686 -48.06 1.56 -4.22
C ALA B 686 -47.72 1.82 -2.76
N PHE B 687 -46.67 1.18 -2.26
CA PHE B 687 -46.35 1.41 -0.87
C PHE B 687 -44.90 1.09 -0.58
N THR B 688 -44.43 1.64 0.54
CA THR B 688 -43.07 1.46 1.04
C THR B 688 -43.00 2.02 2.46
N ARG B 689 -41.79 2.08 3.01
CA ARG B 689 -41.58 2.48 4.40
C ARG B 689 -40.39 3.42 4.50
N LEU B 690 -40.53 4.47 5.29
CA LEU B 690 -39.50 5.49 5.42
C LEU B 690 -39.13 5.72 6.87
N LYS B 691 -38.02 6.43 7.07
CA LYS B 691 -37.49 6.72 8.40
C LYS B 691 -37.95 8.10 8.86
N THR B 692 -38.47 8.16 10.08
CA THR B 692 -39.11 9.37 10.56
C THR B 692 -38.13 10.53 10.63
N LYS B 693 -36.92 10.28 11.09
CA LYS B 693 -35.96 11.36 11.28
C LYS B 693 -35.45 11.94 9.97
N GLU B 694 -35.97 11.51 8.83
CA GLU B 694 -35.52 11.99 7.53
C GLU B 694 -36.70 12.31 6.64
N THR B 695 -37.66 13.04 7.16
CA THR B 695 -38.79 13.42 6.33
C THR B 695 -39.37 14.74 6.82
N PRO B 696 -39.26 15.79 6.02
CA PRO B 696 -39.67 17.12 6.48
C PRO B 696 -41.17 17.19 6.74
N SER B 697 -41.54 18.11 7.61
CA SER B 697 -42.94 18.35 7.89
C SER B 697 -43.63 18.94 6.65
N LEU B 698 -44.76 18.35 6.28
CA LEU B 698 -45.52 18.84 5.15
C LEU B 698 -46.15 20.20 5.47
N GLY B 699 -46.35 21.01 4.44
CA GLY B 699 -47.12 22.21 4.58
C GLY B 699 -46.34 23.42 5.04
N SER B 700 -45.90 23.42 6.30
CA SER B 700 -45.25 24.59 6.87
C SER B 700 -44.03 24.98 6.04
N GLY B 701 -43.90 26.28 5.79
CA GLY B 701 -42.79 26.76 4.97
C GLY B 701 -41.45 26.47 5.61
N TYR B 702 -41.32 26.77 6.90
CA TYR B 702 -40.10 26.53 7.64
C TYR B 702 -40.40 25.68 8.85
N ASP B 703 -39.43 24.87 9.24
CA ASP B 703 -39.55 24.04 10.42
C ASP B 703 -38.30 24.23 11.28
N PRO B 704 -38.46 24.26 12.59
CA PRO B 704 -37.30 24.41 13.48
C PRO B 704 -36.72 23.12 14.01
N TYR B 705 -37.37 21.98 13.79
CA TYR B 705 -36.96 20.73 14.40
C TYR B 705 -36.48 19.72 13.37
N TYR B 706 -35.73 20.18 12.39
CA TYR B 706 -35.18 19.32 11.36
C TYR B 706 -33.67 19.24 11.55
N THR B 707 -33.15 18.03 11.70
CA THR B 707 -31.76 17.82 12.05
C THR B 707 -31.15 16.70 11.22
N TYR B 708 -31.33 16.74 9.91
CA TYR B 708 -30.71 15.78 9.02
C TYR B 708 -30.37 16.49 7.71
N SER B 709 -29.34 16.00 7.03
CA SER B 709 -28.86 16.75 5.88
C SER B 709 -28.41 15.84 4.75
N GLY B 710 -28.91 14.60 4.70
CA GLY B 710 -28.58 13.67 3.66
C GLY B 710 -29.71 13.49 2.67
N SER B 711 -29.61 12.41 1.88
CA SER B 711 -30.63 12.12 0.89
C SER B 711 -31.96 11.84 1.56
N ILE B 712 -33.02 12.43 1.03
CA ILE B 712 -34.37 12.27 1.56
C ILE B 712 -35.10 11.27 0.68
N PRO B 713 -35.46 10.10 1.20
CA PRO B 713 -36.17 9.13 0.36
C PRO B 713 -37.48 9.65 -0.20
N TYR B 714 -38.21 10.46 0.56
CA TYR B 714 -39.51 10.94 0.12
C TYR B 714 -39.41 11.89 -1.06
N LEU B 715 -38.22 12.36 -1.41
CA LEU B 715 -38.07 13.29 -2.53
C LEU B 715 -37.28 12.70 -3.69
N ASP B 716 -36.07 12.21 -3.44
CA ASP B 716 -35.23 11.76 -4.53
C ASP B 716 -35.53 10.34 -4.97
N GLY B 717 -36.49 9.67 -4.34
CA GLY B 717 -36.80 8.31 -4.74
C GLY B 717 -35.72 7.30 -4.47
N THR B 718 -35.11 7.35 -3.29
CA THR B 718 -34.15 6.35 -2.84
C THR B 718 -34.77 5.58 -1.68
N PHE B 719 -34.95 4.29 -1.85
CA PHE B 719 -35.61 3.47 -0.84
C PHE B 719 -34.71 2.31 -0.47
N TYR B 720 -34.60 2.06 0.84
CA TYR B 720 -33.68 1.03 1.30
C TYR B 720 -34.29 0.21 2.43
N LEU B 721 -35.60 0.09 2.47
CA LEU B 721 -36.22 -0.63 3.57
C LEU B 721 -37.31 -1.59 3.13
N ASN B 722 -37.48 -1.80 1.83
CA ASN B 722 -38.64 -2.53 1.33
C ASN B 722 -38.62 -4.00 1.71
N HIS B 723 -37.52 -4.51 2.23
CA HIS B 723 -37.44 -5.92 2.56
C HIS B 723 -38.05 -6.24 3.92
N THR B 724 -38.57 -5.25 4.64
CA THR B 724 -39.02 -5.47 6.00
C THR B 724 -40.49 -5.78 6.11
N PHE B 725 -41.22 -5.85 4.99
CA PHE B 725 -42.63 -6.18 5.06
C PHE B 725 -42.81 -7.69 5.23
N LYS B 726 -43.92 -8.07 5.86
CA LYS B 726 -44.23 -9.49 6.04
C LYS B 726 -45.49 -9.89 5.28
N LYS B 727 -46.62 -9.24 5.55
CA LYS B 727 -47.83 -9.59 4.84
C LYS B 727 -48.85 -8.46 4.94
N VAL B 728 -49.89 -8.55 4.12
CA VAL B 728 -50.90 -7.50 4.04
C VAL B 728 -52.23 -8.13 3.70
N ALA B 729 -53.30 -7.57 4.27
CA ALA B 729 -54.66 -8.02 4.02
C ALA B 729 -55.54 -6.82 3.72
N ILE B 730 -56.51 -7.01 2.83
CA ILE B 730 -57.38 -5.95 2.34
C ILE B 730 -58.81 -6.44 2.34
N THR B 731 -59.72 -5.61 2.84
CA THR B 731 -61.11 -6.00 2.97
C THR B 731 -62.01 -4.86 2.53
N PHE B 732 -63.07 -5.20 1.81
CA PHE B 732 -64.09 -4.25 1.38
C PHE B 732 -65.31 -4.40 2.28
N ASP B 733 -65.72 -3.30 2.90
CA ASP B 733 -66.91 -3.26 3.75
C ASP B 733 -66.83 -4.28 4.87
N SER B 734 -65.62 -4.62 5.31
CA SER B 734 -65.40 -5.44 6.49
C SER B 734 -66.10 -6.80 6.41
N SER B 735 -66.42 -7.23 5.20
CA SER B 735 -67.12 -8.49 5.02
C SER B 735 -66.51 -9.39 3.98
N VAL B 736 -65.83 -8.86 2.97
CA VAL B 736 -65.24 -9.69 1.93
C VAL B 736 -63.82 -9.23 1.68
N SER B 737 -62.88 -10.16 1.80
CA SER B 737 -61.48 -9.91 1.53
C SER B 737 -61.30 -9.77 0.03
N TRP B 738 -60.25 -9.08 -0.37
CA TRP B 738 -60.02 -8.95 -1.80
C TRP B 738 -59.47 -10.27 -2.33
N PRO B 739 -59.05 -10.33 -3.58
CA PRO B 739 -59.63 -11.33 -4.49
C PRO B 739 -59.91 -12.66 -3.84
N GLY B 740 -61.19 -13.02 -3.77
CA GLY B 740 -61.56 -14.31 -3.26
C GLY B 740 -61.41 -15.32 -4.36
N ASN B 741 -62.43 -16.14 -4.56
CA ASN B 741 -62.49 -17.04 -5.71
C ASN B 741 -61.30 -17.99 -5.73
N ASP B 742 -60.69 -18.21 -4.55
CA ASP B 742 -59.58 -19.13 -4.43
C ASP B 742 -58.49 -18.74 -5.42
N ARG B 743 -58.21 -17.45 -5.51
CA ARG B 743 -57.37 -16.92 -6.58
C ARG B 743 -55.88 -16.99 -6.28
N LEU B 744 -55.48 -17.50 -5.12
CA LEU B 744 -54.08 -17.48 -4.77
C LEU B 744 -53.73 -18.66 -3.89
N LEU B 745 -52.44 -19.01 -3.89
CA LEU B 745 -51.99 -20.17 -3.14
C LEU B 745 -52.32 -20.04 -1.67
N THR B 746 -51.93 -18.93 -1.06
CA THR B 746 -52.53 -18.58 0.21
C THR B 746 -53.96 -18.12 -0.05
N PRO B 747 -54.89 -18.40 0.84
CA PRO B 747 -56.30 -18.15 0.53
C PRO B 747 -56.65 -16.69 0.32
N ASN B 748 -56.42 -15.86 1.34
CA ASN B 748 -57.04 -14.55 1.36
C ASN B 748 -56.13 -13.51 1.98
N GLU B 749 -54.85 -13.53 1.62
CA GLU B 749 -53.95 -12.50 2.13
C GLU B 749 -52.67 -12.53 1.34
N PHE B 750 -52.27 -11.39 0.80
CA PHE B 750 -51.03 -11.31 0.05
C PHE B 750 -49.88 -11.55 1.02
N GLU B 751 -49.29 -12.74 0.95
CA GLU B 751 -48.13 -13.08 1.75
C GLU B 751 -46.87 -12.72 0.98
N ILE B 752 -45.93 -12.07 1.65
CA ILE B 752 -44.75 -11.57 0.95
C ILE B 752 -43.55 -12.46 1.25
N LYS B 753 -43.16 -12.50 2.51
CA LYS B 753 -42.07 -13.36 2.94
C LYS B 753 -42.49 -14.10 4.20
N ARG B 754 -42.00 -15.33 4.33
CA ARG B 754 -42.22 -16.12 5.51
C ARG B 754 -40.89 -16.75 5.92
N SER B 755 -40.77 -17.03 7.21
CA SER B 755 -39.55 -17.62 7.72
C SER B 755 -39.36 -19.02 7.16
N VAL B 756 -38.28 -19.68 7.57
CA VAL B 756 -37.91 -20.96 6.97
C VAL B 756 -38.98 -22.03 7.17
N ASP B 757 -39.93 -21.80 8.07
CA ASP B 757 -40.94 -22.81 8.34
C ASP B 757 -41.82 -23.09 7.13
N GLY B 758 -41.79 -22.22 6.13
CA GLY B 758 -42.66 -22.37 4.98
C GLY B 758 -42.15 -23.39 3.99
N GLU B 759 -42.35 -24.67 4.29
CA GLU B 759 -41.88 -25.74 3.43
C GLU B 759 -42.86 -26.06 2.30
N GLY B 760 -43.65 -25.08 1.86
CA GLY B 760 -44.43 -25.28 0.67
C GLY B 760 -44.16 -24.31 -0.46
N TYR B 761 -43.80 -23.06 -0.16
CA TYR B 761 -44.00 -22.01 -1.15
C TYR B 761 -42.82 -21.09 -1.38
N ASN B 762 -41.68 -21.31 -0.72
CA ASN B 762 -40.52 -20.48 -1.01
C ASN B 762 -40.07 -20.66 -2.46
N VAL B 763 -39.58 -19.58 -3.06
CA VAL B 763 -39.18 -19.59 -4.46
C VAL B 763 -37.83 -18.91 -4.62
N ALA B 764 -37.19 -19.22 -5.73
CA ALA B 764 -35.98 -18.53 -6.18
C ALA B 764 -34.88 -18.55 -5.13
N GLN B 765 -34.90 -19.52 -4.23
CA GLN B 765 -33.86 -19.66 -3.21
C GLN B 765 -33.78 -18.40 -2.35
N CYS B 766 -34.83 -18.17 -1.61
CA CYS B 766 -34.98 -17.00 -0.76
C CYS B 766 -36.15 -17.26 0.19
N ASN B 767 -36.55 -16.24 0.93
CA ASN B 767 -37.66 -16.37 1.85
C ASN B 767 -38.96 -15.79 1.30
N MET B 768 -39.01 -15.51 0.01
CA MET B 768 -40.19 -14.92 -0.63
C MET B 768 -40.99 -15.99 -1.34
N THR B 769 -42.31 -15.98 -1.12
CA THR B 769 -43.17 -16.96 -1.74
C THR B 769 -43.30 -16.72 -3.24
N LYS B 770 -43.68 -17.77 -3.97
CA LYS B 770 -43.75 -17.67 -5.42
C LYS B 770 -44.79 -16.66 -5.87
N ASP B 771 -45.96 -16.66 -5.23
CA ASP B 771 -47.08 -15.89 -5.74
C ASP B 771 -46.78 -14.40 -5.76
N TRP B 772 -46.13 -13.90 -4.72
CA TRP B 772 -45.77 -12.48 -4.73
C TRP B 772 -44.81 -12.18 -5.88
N PHE B 773 -43.90 -13.11 -6.15
CA PHE B 773 -43.03 -12.95 -7.30
C PHE B 773 -43.84 -12.87 -8.58
N LEU B 774 -44.84 -13.73 -8.71
CA LEU B 774 -45.71 -13.69 -9.89
C LEU B 774 -46.38 -12.35 -10.01
N VAL B 775 -46.90 -11.84 -8.90
CA VAL B 775 -47.62 -10.57 -8.93
C VAL B 775 -46.71 -9.45 -9.38
N GLN B 776 -45.52 -9.36 -8.80
CA GLN B 776 -44.63 -8.27 -9.17
C GLN B 776 -44.22 -8.36 -10.62
N MET B 777 -43.90 -9.57 -11.09
CA MET B 777 -43.51 -9.73 -12.49
C MET B 777 -44.63 -9.30 -13.42
N LEU B 778 -45.86 -9.72 -13.13
CA LEU B 778 -46.99 -9.29 -13.93
C LEU B 778 -47.08 -7.76 -13.96
N ALA B 779 -47.25 -7.16 -12.78
CA ALA B 779 -47.49 -5.73 -12.74
C ALA B 779 -46.35 -4.93 -13.32
N ASN B 780 -45.18 -5.53 -13.45
CA ASN B 780 -44.12 -4.78 -14.11
C ASN B 780 -44.11 -4.96 -15.61
N TYR B 781 -44.30 -6.18 -16.11
CA TYR B 781 -44.06 -6.39 -17.54
C TYR B 781 -45.12 -7.24 -18.24
N ASN B 782 -46.20 -7.61 -17.58
CA ASN B 782 -47.16 -8.54 -18.15
C ASN B 782 -46.44 -9.79 -18.62
N ILE B 783 -45.67 -10.39 -17.72
CA ILE B 783 -44.91 -11.59 -18.00
C ILE B 783 -45.20 -12.62 -16.92
N GLY B 784 -45.45 -13.86 -17.34
CA GLY B 784 -45.69 -14.90 -16.37
C GLY B 784 -46.64 -16.00 -16.79
N TYR B 785 -47.57 -15.71 -17.68
CA TYR B 785 -48.41 -16.78 -18.18
C TYR B 785 -47.75 -17.57 -19.30
N GLN B 786 -46.53 -17.22 -19.66
CA GLN B 786 -45.79 -17.91 -20.71
C GLN B 786 -44.45 -18.42 -20.19
N GLY B 787 -44.37 -18.67 -18.88
CA GLY B 787 -43.12 -19.14 -18.30
C GLY B 787 -42.15 -18.00 -18.09
N PHE B 788 -41.58 -17.92 -16.89
CA PHE B 788 -40.72 -16.80 -16.57
C PHE B 788 -39.48 -16.80 -17.45
N TYR B 789 -38.96 -15.61 -17.71
CA TYR B 789 -37.75 -15.43 -18.48
C TYR B 789 -37.33 -13.98 -18.37
N ILE B 790 -36.10 -13.69 -18.75
CA ILE B 790 -35.56 -12.35 -18.53
C ILE B 790 -36.33 -11.35 -19.38
N PRO B 791 -36.87 -10.29 -18.80
CA PRO B 791 -37.51 -9.26 -19.61
C PRO B 791 -36.50 -8.53 -20.47
N GLU B 792 -36.99 -7.98 -21.57
CA GLU B 792 -36.12 -7.27 -22.50
C GLU B 792 -35.60 -5.98 -21.87
N SER B 793 -34.43 -5.56 -22.33
CA SER B 793 -33.69 -4.49 -21.66
C SER B 793 -34.47 -3.18 -21.69
N TYR B 794 -34.97 -2.79 -22.86
CA TYR B 794 -35.58 -1.47 -22.98
C TYR B 794 -36.83 -1.35 -22.12
N LYS B 795 -37.54 -2.45 -21.90
CA LYS B 795 -38.75 -2.37 -21.09
C LYS B 795 -38.43 -2.15 -19.61
N ASP B 796 -37.26 -2.60 -19.16
CA ASP B 796 -36.89 -2.51 -17.75
C ASP B 796 -35.89 -1.38 -17.57
N ARG B 797 -36.22 -0.43 -16.72
CA ARG B 797 -35.40 0.75 -16.53
C ARG B 797 -34.78 0.73 -15.13
N MET B 798 -34.14 1.84 -14.76
CA MET B 798 -33.36 1.90 -13.54
C MET B 798 -34.21 1.66 -12.30
N TYR B 799 -35.36 2.31 -12.23
CA TYR B 799 -36.17 2.21 -11.02
C TYR B 799 -37.04 0.98 -10.99
N SER B 800 -37.03 0.16 -12.03
CA SER B 800 -37.92 -0.97 -12.08
C SER B 800 -37.55 -2.00 -11.03
N PHE B 801 -38.30 -3.09 -10.99
CA PHE B 801 -38.15 -4.08 -9.94
C PHE B 801 -36.99 -5.03 -10.23
N PHE B 802 -37.06 -5.74 -11.35
CA PHE B 802 -36.14 -6.84 -11.59
C PHE B 802 -34.69 -6.42 -11.63
N ARG B 803 -34.42 -5.16 -11.98
CA ARG B 803 -33.04 -4.69 -11.96
C ARG B 803 -32.48 -4.67 -10.55
N ASN B 804 -33.35 -4.57 -9.54
CA ASN B 804 -32.89 -4.36 -8.18
C ASN B 804 -33.29 -5.51 -7.28
N PHE B 805 -33.03 -6.74 -7.72
CA PHE B 805 -33.44 -7.94 -7.01
C PHE B 805 -32.21 -8.75 -6.66
N GLN B 806 -31.86 -8.78 -5.37
CA GLN B 806 -30.62 -9.41 -4.92
C GLN B 806 -30.89 -10.46 -3.86
N PRO B 807 -30.80 -11.75 -4.18
CA PRO B 807 -30.94 -12.78 -3.15
C PRO B 807 -29.60 -13.21 -2.57
N MET B 808 -29.58 -13.51 -1.27
CA MET B 808 -28.36 -13.88 -0.58
C MET B 808 -28.67 -14.91 0.49
N SER B 809 -27.65 -15.70 0.85
CA SER B 809 -27.77 -16.67 1.92
C SER B 809 -26.38 -16.99 2.46
N ARG B 810 -26.35 -17.55 3.67
CA ARG B 810 -25.10 -17.89 4.32
C ARG B 810 -25.35 -19.01 5.32
N GLN B 811 -24.27 -19.54 5.88
CA GLN B 811 -24.34 -20.56 6.92
C GLN B 811 -23.63 -20.08 8.18
N VAL B 812 -24.16 -20.50 9.33
CA VAL B 812 -23.58 -20.16 10.61
C VAL B 812 -23.53 -21.42 11.46
N VAL B 813 -22.70 -21.39 12.50
CA VAL B 813 -22.47 -22.55 13.34
C VAL B 813 -23.70 -22.79 14.22
N ASP B 814 -24.29 -23.97 14.10
CA ASP B 814 -25.40 -24.31 14.96
C ASP B 814 -24.92 -24.41 16.40
N ASP B 815 -25.80 -24.01 17.33
CA ASP B 815 -25.45 -23.96 18.74
C ASP B 815 -26.07 -25.09 19.54
N THR B 816 -26.56 -26.13 18.89
CA THR B 816 -27.09 -27.27 19.61
C THR B 816 -26.43 -28.59 19.24
N LYS B 817 -26.16 -28.81 17.96
CA LYS B 817 -25.47 -30.03 17.56
C LYS B 817 -24.02 -30.00 18.03
N TYR B 818 -23.32 -28.91 17.77
CA TYR B 818 -21.89 -28.83 18.05
C TYR B 818 -21.71 -28.59 19.53
N LYS B 819 -21.66 -29.69 20.29
CA LYS B 819 -21.65 -29.60 21.75
C LYS B 819 -20.50 -28.76 22.27
N ASP B 820 -19.38 -28.72 21.56
CA ASP B 820 -18.23 -27.97 22.02
C ASP B 820 -18.45 -26.47 21.97
N TYR B 821 -19.47 -26.01 21.25
CA TYR B 821 -19.64 -24.58 21.03
C TYR B 821 -19.76 -23.83 22.34
N GLN B 822 -19.10 -22.67 22.40
CA GLN B 822 -19.22 -21.76 23.53
C GLN B 822 -19.27 -20.34 23.01
N GLN B 823 -20.18 -19.55 23.54
CA GLN B 823 -20.26 -18.15 23.15
C GLN B 823 -19.01 -17.41 23.61
N VAL B 824 -18.52 -16.52 22.75
CA VAL B 824 -17.30 -15.76 23.03
C VAL B 824 -17.58 -14.29 22.78
N GLY B 825 -17.38 -13.47 23.79
CA GLY B 825 -17.52 -12.04 23.63
C GLY B 825 -16.45 -11.48 22.70
N ILE B 826 -16.67 -10.24 22.29
CA ILE B 826 -15.76 -9.62 21.33
C ILE B 826 -14.37 -9.43 21.94
N ILE B 827 -14.31 -8.93 23.18
CA ILE B 827 -13.04 -8.47 23.74
C ILE B 827 -12.12 -9.61 24.16
N HIS B 828 -12.47 -10.85 23.86
CA HIS B 828 -11.55 -11.96 24.08
C HIS B 828 -11.09 -12.62 22.79
N GLN B 829 -11.79 -12.40 21.67
CA GLN B 829 -11.38 -13.00 20.42
C GLN B 829 -10.03 -12.46 19.99
N HIS B 830 -9.24 -13.31 19.34
CA HIS B 830 -7.89 -12.91 18.93
C HIS B 830 -7.50 -13.67 17.68
N ASN B 831 -7.34 -12.93 16.58
CA ASN B 831 -6.74 -13.47 15.36
C ASN B 831 -5.73 -12.47 14.86
N ASN B 832 -4.67 -12.97 14.23
CA ASN B 832 -3.54 -12.15 13.87
C ASN B 832 -3.02 -11.39 15.09
N SER B 833 -3.03 -12.06 16.23
CA SER B 833 -2.53 -11.46 17.44
C SER B 833 -1.03 -11.20 17.31
N GLY B 834 -0.55 -10.21 18.06
CA GLY B 834 0.84 -9.86 17.93
C GLY B 834 1.18 -9.12 16.67
N PHE B 835 0.17 -8.69 15.90
CA PHE B 835 0.46 -7.90 14.72
C PHE B 835 -0.55 -6.78 14.47
N VAL B 836 -1.53 -6.57 15.35
CA VAL B 836 -2.51 -5.51 15.21
C VAL B 836 -2.80 -4.94 16.59
N GLY B 837 -3.70 -3.96 16.62
CA GLY B 837 -4.05 -3.30 17.86
C GLY B 837 -5.01 -4.13 18.68
N TYR B 838 -5.67 -3.47 19.62
CA TYR B 838 -6.63 -4.12 20.50
C TYR B 838 -7.84 -3.20 20.63
N LEU B 839 -8.89 -3.49 19.86
CA LEU B 839 -10.13 -2.74 19.90
C LEU B 839 -9.95 -1.26 19.54
N ALA B 840 -8.85 -0.94 18.88
CA ALA B 840 -8.56 0.43 18.48
C ALA B 840 -7.42 0.44 17.48
N PRO B 841 -7.50 1.23 16.47
CA PRO B 841 -6.47 1.24 15.42
C PRO B 841 -5.17 1.90 15.84
N THR B 842 -4.63 1.47 16.97
CA THR B 842 -3.41 2.06 17.51
C THR B 842 -2.20 1.28 17.02
N MET B 843 -1.06 1.54 17.65
CA MET B 843 0.16 0.78 17.36
C MET B 843 -0.07 -0.70 17.61
N ARG B 844 0.66 -1.54 16.87
CA ARG B 844 0.54 -2.97 17.04
C ARG B 844 1.01 -3.39 18.42
N GLU B 845 0.47 -4.51 18.90
CA GLU B 845 0.70 -4.96 20.27
C GLU B 845 0.63 -6.48 20.29
N GLY B 846 0.70 -7.05 21.49
CA GLY B 846 0.48 -8.46 21.66
C GLY B 846 1.66 -9.33 21.27
N GLN B 847 1.41 -10.63 21.27
CA GLN B 847 2.40 -11.64 20.92
C GLN B 847 1.76 -12.64 19.96
N ALA B 848 2.61 -13.43 19.30
CA ALA B 848 2.12 -14.44 18.40
C ALA B 848 1.50 -15.60 19.18
N TYR B 849 0.50 -16.23 18.58
CA TYR B 849 -0.23 -17.32 19.20
C TYR B 849 -1.24 -17.86 18.21
N PRO B 850 -1.67 -19.10 18.38
CA PRO B 850 -2.79 -19.59 17.58
C PRO B 850 -4.08 -18.82 17.87
N ALA B 851 -4.96 -18.74 16.89
CA ALA B 851 -6.17 -17.93 16.97
C ALA B 851 -7.25 -18.65 17.78
N ASN B 852 -8.41 -18.01 17.92
CA ASN B 852 -9.53 -18.61 18.63
C ASN B 852 -10.85 -18.30 17.95
N VAL B 853 -10.81 -17.82 16.71
CA VAL B 853 -12.01 -17.44 15.98
C VAL B 853 -11.66 -17.26 14.51
N PRO B 854 -12.57 -17.52 13.57
CA PRO B 854 -13.91 -18.07 13.74
C PRO B 854 -13.94 -19.55 13.45
N TYR B 855 -15.05 -20.19 13.73
CA TYR B 855 -15.15 -21.63 13.54
C TYR B 855 -14.99 -21.97 12.07
N PRO B 856 -14.29 -23.03 11.74
CA PRO B 856 -14.10 -23.39 10.34
C PRO B 856 -15.30 -24.16 9.80
N LEU B 857 -15.61 -23.96 8.53
CA LEU B 857 -16.76 -24.58 7.89
C LEU B 857 -16.36 -25.56 6.80
N ILE B 858 -15.08 -25.89 6.69
CA ILE B 858 -14.60 -26.71 5.59
C ILE B 858 -13.67 -27.79 6.13
N GLY B 859 -13.01 -28.52 5.24
CA GLY B 859 -12.00 -29.45 5.64
C GLY B 859 -12.55 -30.68 6.32
N LYS B 860 -11.63 -31.50 6.83
CA LYS B 860 -12.03 -32.74 7.49
C LYS B 860 -12.83 -32.47 8.75
N THR B 861 -12.57 -31.34 9.41
CA THR B 861 -13.08 -31.07 10.74
C THR B 861 -14.12 -29.96 10.74
N ALA B 862 -14.98 -29.92 9.73
CA ALA B 862 -16.02 -28.92 9.70
C ALA B 862 -16.98 -29.13 10.86
N VAL B 863 -17.89 -28.16 11.03
CA VAL B 863 -18.79 -28.15 12.17
C VAL B 863 -20.22 -28.01 11.68
N ASP B 864 -21.15 -28.49 12.50
CA ASP B 864 -22.55 -28.48 12.12
C ASP B 864 -23.08 -27.06 12.06
N SER B 865 -23.91 -26.80 11.04
CA SER B 865 -24.30 -25.45 10.71
C SER B 865 -25.76 -25.41 10.30
N ILE B 866 -26.32 -24.21 10.38
CA ILE B 866 -27.65 -23.94 9.84
C ILE B 866 -27.50 -22.80 8.84
N THR B 867 -28.61 -22.42 8.22
CA THR B 867 -28.56 -21.50 7.09
C THR B 867 -29.52 -20.34 7.30
N GLN B 868 -29.12 -19.16 6.84
CA GLN B 868 -29.96 -17.98 6.80
C GLN B 868 -30.08 -17.50 5.37
N LYS B 869 -31.28 -17.02 5.01
CA LYS B 869 -31.54 -16.53 3.67
C LYS B 869 -32.30 -15.20 3.76
N LYS B 870 -32.00 -14.29 2.82
CA LYS B 870 -32.72 -13.02 2.74
C LYS B 870 -32.42 -12.39 1.39
N PHE B 871 -32.88 -11.17 1.20
CA PHE B 871 -32.72 -10.50 -0.09
C PHE B 871 -32.86 -9.00 0.08
N LEU B 872 -32.45 -8.28 -0.95
CA LEU B 872 -32.50 -6.84 -0.98
C LEU B 872 -33.14 -6.36 -2.27
N CYS B 873 -34.06 -5.41 -2.15
CA CYS B 873 -34.81 -4.86 -3.26
C CYS B 873 -34.88 -3.35 -3.12
N ASP B 874 -33.73 -2.72 -2.91
CA ASP B 874 -33.69 -1.28 -2.69
C ASP B 874 -34.03 -0.53 -3.97
N ARG B 875 -34.42 0.74 -3.80
CA ARG B 875 -34.67 1.65 -4.91
C ARG B 875 -35.77 1.12 -5.82
N THR B 876 -36.97 1.08 -5.26
CA THR B 876 -38.20 0.77 -6.01
C THR B 876 -39.38 1.01 -5.08
N LEU B 877 -40.56 0.60 -5.53
CA LEU B 877 -41.75 0.62 -4.69
C LEU B 877 -42.43 -0.74 -4.79
N TRP B 878 -43.29 -1.04 -3.83
CA TRP B 878 -44.10 -2.24 -3.93
C TRP B 878 -45.40 -1.88 -4.62
N ARG B 879 -45.73 -2.58 -5.70
CA ARG B 879 -46.90 -2.30 -6.52
C ARG B 879 -47.94 -3.40 -6.40
N ILE B 880 -49.21 -3.00 -6.48
CA ILE B 880 -50.32 -3.94 -6.60
C ILE B 880 -51.35 -3.34 -7.55
N PRO B 881 -51.48 -3.86 -8.77
CA PRO B 881 -52.49 -3.32 -9.68
C PRO B 881 -53.89 -3.69 -9.22
N PHE B 882 -54.91 -3.21 -9.93
CA PHE B 882 -56.31 -3.41 -9.56
C PHE B 882 -57.04 -3.94 -10.79
N SER B 883 -57.00 -5.25 -11.00
CA SER B 883 -57.59 -5.85 -12.18
C SER B 883 -58.09 -7.24 -11.81
N SER B 884 -58.74 -7.88 -12.78
CA SER B 884 -59.18 -9.25 -12.59
C SER B 884 -58.02 -10.21 -12.67
N ASN B 885 -56.96 -9.86 -13.39
CA ASN B 885 -55.85 -10.76 -13.58
C ASN B 885 -54.51 -10.03 -13.50
N PHE B 886 -54.48 -8.92 -12.78
CA PHE B 886 -53.23 -8.27 -12.41
C PHE B 886 -52.45 -7.74 -13.62
N MET B 887 -52.98 -7.92 -14.82
CA MET B 887 -52.26 -7.47 -16.00
C MET B 887 -52.53 -5.99 -16.24
N SER B 888 -51.70 -5.39 -17.10
CA SER B 888 -51.86 -3.99 -17.49
C SER B 888 -52.32 -3.98 -18.94
N MET B 889 -53.62 -4.07 -19.13
CA MET B 889 -54.20 -4.06 -20.47
C MET B 889 -54.51 -2.67 -20.97
N GLY B 890 -54.42 -1.66 -20.12
CA GLY B 890 -54.72 -0.31 -20.56
C GLY B 890 -54.48 0.66 -19.44
N ALA B 891 -54.49 1.94 -19.80
CA ALA B 891 -54.27 2.99 -18.81
C ALA B 891 -55.36 2.96 -17.74
N LEU B 892 -56.60 2.80 -18.14
CA LEU B 892 -57.72 2.69 -17.21
C LEU B 892 -58.14 1.23 -17.16
N THR B 893 -57.98 0.61 -16.00
CA THR B 893 -58.26 -0.81 -15.88
C THR B 893 -59.75 -1.07 -16.03
N ASP B 894 -60.08 -2.34 -16.25
CA ASP B 894 -61.48 -2.72 -16.41
C ASP B 894 -62.25 -2.51 -15.12
N LEU B 895 -61.73 -3.03 -14.02
CA LEU B 895 -62.51 -3.04 -12.79
C LEU B 895 -62.83 -1.64 -12.31
N GLY B 896 -62.05 -0.65 -12.72
CA GLY B 896 -62.47 0.72 -12.47
C GLY B 896 -63.76 1.08 -13.16
N GLN B 897 -64.13 0.35 -14.21
CA GLN B 897 -65.35 0.59 -14.96
C GLN B 897 -66.43 -0.41 -14.62
N ASN B 898 -66.23 -1.24 -13.61
CA ASN B 898 -67.28 -2.13 -13.18
C ASN B 898 -68.26 -1.39 -12.28
N LEU B 899 -69.55 -1.57 -12.55
CA LEU B 899 -70.56 -0.80 -11.84
C LEU B 899 -70.51 -1.04 -10.35
N LEU B 900 -70.33 -2.30 -9.94
CA LEU B 900 -70.44 -2.68 -8.53
C LEU B 900 -69.52 -1.86 -7.65
N TYR B 901 -68.36 -1.46 -8.15
CA TYR B 901 -67.49 -0.55 -7.45
C TYR B 901 -67.60 0.87 -7.96
N ALA B 902 -68.65 1.18 -8.73
CA ALA B 902 -68.76 2.48 -9.38
C ALA B 902 -70.06 3.21 -9.14
N ASN B 903 -71.14 2.52 -8.75
CA ASN B 903 -72.44 3.16 -8.62
C ASN B 903 -72.89 3.26 -7.17
N SER B 904 -71.96 3.21 -6.22
CA SER B 904 -72.35 3.18 -4.82
C SER B 904 -71.18 3.69 -3.99
N ALA B 905 -71.21 3.39 -2.70
CA ALA B 905 -70.11 3.71 -1.81
C ALA B 905 -69.74 2.47 -1.00
N HIS B 906 -68.49 2.40 -0.58
CA HIS B 906 -67.99 1.24 0.13
C HIS B 906 -66.86 1.66 1.07
N ALA B 907 -66.66 0.86 2.10
CA ALA B 907 -65.62 1.11 3.10
C ALA B 907 -64.48 0.12 2.93
N LEU B 908 -63.27 0.59 3.26
CA LEU B 908 -62.06 -0.16 2.98
C LEU B 908 -61.22 -0.32 4.22
N ASP B 909 -60.63 -1.50 4.41
CA ASP B 909 -59.78 -1.77 5.55
C ASP B 909 -58.49 -2.45 5.11
N MET B 910 -57.35 -1.92 5.56
CA MET B 910 -56.06 -2.51 5.24
C MET B 910 -55.32 -2.85 6.52
N THR B 911 -54.68 -4.02 6.52
CA THR B 911 -53.91 -4.50 7.66
C THR B 911 -52.52 -4.87 7.19
N PHE B 912 -51.50 -4.28 7.82
CA PHE B 912 -50.12 -4.53 7.46
C PHE B 912 -49.39 -5.22 8.60
N GLU B 913 -48.44 -6.08 8.23
CA GLU B 913 -47.59 -6.77 9.19
C GLU B 913 -46.17 -6.71 8.67
N VAL B 914 -45.27 -6.07 9.43
CA VAL B 914 -43.92 -5.76 8.98
C VAL B 914 -42.92 -6.16 10.06
N ASP B 915 -41.65 -6.18 9.68
CA ASP B 915 -40.57 -6.48 10.61
C ASP B 915 -40.43 -5.37 11.64
N PRO B 916 -40.12 -5.72 12.89
CA PRO B 916 -39.95 -4.70 13.92
C PRO B 916 -38.65 -3.93 13.76
N MET B 917 -38.70 -2.66 14.15
CA MET B 917 -37.53 -1.80 14.13
C MET B 917 -37.45 -1.06 15.46
N ASP B 918 -36.33 -0.38 15.67
CA ASP B 918 -36.05 0.19 16.98
C ASP B 918 -36.51 1.63 17.13
N GLU B 919 -36.77 2.35 16.05
CA GLU B 919 -37.07 3.77 16.11
C GLU B 919 -38.30 4.05 15.25
N PRO B 920 -38.96 5.19 15.47
CA PRO B 920 -40.20 5.46 14.73
C PRO B 920 -40.00 5.42 13.23
N THR B 921 -40.98 4.90 12.51
CA THR B 921 -40.95 4.86 11.06
C THR B 921 -42.28 5.36 10.52
N LEU B 922 -42.35 5.52 9.20
CA LEU B 922 -43.56 5.96 8.55
C LEU B 922 -43.91 5.01 7.43
N LEU B 923 -45.20 4.69 7.31
CA LEU B 923 -45.69 3.91 6.19
C LEU B 923 -46.17 4.85 5.12
N TYR B 924 -45.69 4.64 3.89
CA TYR B 924 -45.93 5.52 2.76
C TYR B 924 -46.84 4.79 1.79
N VAL B 925 -48.04 5.31 1.58
CA VAL B 925 -49.04 4.68 0.74
C VAL B 925 -49.42 5.63 -0.38
N LEU B 926 -49.34 5.16 -1.61
CA LEU B 926 -49.71 5.90 -2.80
C LEU B 926 -50.90 5.22 -3.45
N PHE B 927 -51.97 5.98 -3.66
CA PHE B 927 -53.15 5.48 -4.36
C PHE B 927 -53.03 5.91 -5.81
N GLU B 928 -52.58 5.01 -6.67
CA GLU B 928 -52.46 5.33 -8.08
C GLU B 928 -53.84 5.69 -8.62
N VAL B 929 -53.99 6.93 -9.07
CA VAL B 929 -55.26 7.49 -9.46
C VAL B 929 -55.08 8.38 -10.67
N PHE B 930 -56.17 9.02 -11.09
CA PHE B 930 -56.15 9.97 -12.20
C PHE B 930 -56.20 11.39 -11.68
N ASP B 931 -55.51 12.29 -12.38
CA ASP B 931 -55.53 13.69 -12.04
C ASP B 931 -55.15 14.47 -13.29
N VAL B 932 -56.11 15.15 -13.89
CA VAL B 932 -55.88 15.78 -15.18
C VAL B 932 -56.19 17.25 -15.08
N VAL B 933 -55.60 18.03 -15.97
CA VAL B 933 -55.87 19.45 -16.04
C VAL B 933 -56.12 19.82 -17.49
N ARG B 934 -57.06 20.74 -17.71
CA ARG B 934 -57.37 21.23 -19.04
C ARG B 934 -57.26 22.75 -19.06
N VAL B 935 -56.70 23.26 -20.14
CA VAL B 935 -56.38 24.68 -20.29
C VAL B 935 -57.00 25.19 -21.58
N HIS B 936 -57.57 26.39 -21.51
CA HIS B 936 -58.30 27.00 -22.61
C HIS B 936 -57.97 28.50 -22.64
N GLN B 937 -57.79 29.03 -23.85
CA GLN B 937 -57.41 30.43 -24.04
C GLN B 937 -58.36 31.09 -25.04
N PRO B 938 -59.50 31.57 -24.58
CA PRO B 938 -60.46 32.19 -25.50
C PRO B 938 -59.93 33.46 -26.15
N HIS B 939 -59.56 34.44 -25.35
CA HIS B 939 -59.18 35.76 -25.85
C HIS B 939 -57.79 36.12 -25.36
N ARG B 940 -57.15 37.01 -26.10
CA ARG B 940 -55.83 37.48 -25.73
C ARG B 940 -55.85 38.05 -24.32
N GLY B 941 -54.91 37.60 -23.50
CA GLY B 941 -54.80 38.12 -22.16
C GLY B 941 -55.68 37.44 -21.13
N VAL B 942 -56.36 36.37 -21.48
CA VAL B 942 -57.17 35.63 -20.52
C VAL B 942 -56.89 34.14 -20.70
N ILE B 943 -56.64 33.44 -19.60
CA ILE B 943 -56.36 32.02 -19.62
C ILE B 943 -57.20 31.36 -18.53
N GLU B 944 -57.83 30.24 -18.87
CA GLU B 944 -58.75 29.58 -17.97
C GLU B 944 -58.40 28.10 -17.88
N THR B 945 -58.59 27.52 -16.70
CA THR B 945 -58.20 26.13 -16.47
C THR B 945 -59.24 25.43 -15.61
N VAL B 946 -59.32 24.11 -15.79
CA VAL B 946 -60.16 23.27 -14.95
C VAL B 946 -59.34 22.03 -14.57
N TYR B 947 -59.21 21.79 -13.26
CA TYR B 947 -58.56 20.61 -12.75
C TYR B 947 -59.60 19.58 -12.35
N LEU B 948 -59.39 18.34 -12.79
CA LEU B 948 -60.26 17.27 -12.33
C LEU B 948 -59.42 16.23 -11.62
N ARG B 949 -59.87 15.89 -10.42
CA ARG B 949 -59.29 14.81 -9.65
C ARG B 949 -60.29 13.67 -9.54
N THR B 950 -59.81 12.46 -9.74
CA THR B 950 -60.54 11.21 -9.68
C THR B 950 -60.82 10.93 -8.20
N PRO B 951 -61.36 9.74 -7.79
CA PRO B 951 -61.59 9.52 -6.35
C PRO B 951 -60.53 10.08 -5.43
N PHE B 952 -60.97 10.53 -4.25
CA PHE B 952 -60.25 11.47 -3.39
C PHE B 952 -60.13 12.84 -4.06
N SER B 953 -61.27 13.48 -4.32
CA SER B 953 -61.28 14.82 -4.89
C SER B 953 -61.83 15.83 -3.89
N ALA B 954 -62.30 15.34 -2.75
CA ALA B 954 -62.92 16.18 -1.73
C ALA B 954 -61.93 17.18 -1.15
N THR C 3 -76.38 6.28 -17.59
CA THR C 3 -75.22 7.04 -17.11
C THR C 3 -75.67 8.17 -16.20
N PRO C 4 -75.98 7.85 -14.94
CA PRO C 4 -76.41 8.89 -13.99
C PRO C 4 -75.28 9.74 -13.39
N SER C 5 -74.00 9.48 -13.72
CA SER C 5 -72.93 10.12 -12.96
C SER C 5 -72.02 11.03 -13.78
N MET C 6 -71.32 10.54 -14.79
CA MET C 6 -70.14 11.26 -15.31
C MET C 6 -69.95 11.12 -16.84
N MET C 7 -71.00 11.32 -17.64
CA MET C 7 -70.79 11.18 -19.09
C MET C 7 -69.91 12.29 -19.69
N PRO C 8 -70.37 13.54 -19.79
CA PRO C 8 -69.50 14.56 -20.38
C PRO C 8 -68.33 14.90 -19.49
N GLN C 9 -68.40 14.59 -18.20
CA GLN C 9 -67.26 14.84 -17.31
C GLN C 9 -66.09 13.96 -17.69
N TRP C 10 -66.28 12.64 -17.68
CA TRP C 10 -65.22 11.75 -18.11
C TRP C 10 -64.79 12.04 -19.53
N SER C 11 -65.74 12.23 -20.44
CA SER C 11 -65.32 12.47 -21.81
C SER C 11 -64.62 13.80 -21.98
N TYR C 12 -64.83 14.73 -21.05
CA TYR C 12 -64.28 16.07 -21.21
C TYR C 12 -62.76 16.04 -21.14
N MET C 13 -62.21 15.45 -20.09
CA MET C 13 -60.78 15.45 -19.87
C MET C 13 -60.05 14.44 -20.72
N HIS C 14 -60.71 13.91 -21.76
CA HIS C 14 -60.12 12.90 -22.62
C HIS C 14 -59.65 11.68 -21.84
N ILE C 15 -60.33 11.38 -20.72
CA ILE C 15 -60.04 10.15 -20.01
C ILE C 15 -60.42 8.95 -20.87
N SER C 16 -61.55 9.03 -21.57
CA SER C 16 -61.99 7.98 -22.46
C SER C 16 -62.77 8.59 -23.60
N GLY C 17 -62.82 7.89 -24.72
CA GLY C 17 -63.63 8.34 -25.84
C GLY C 17 -62.89 8.48 -27.15
N GLN C 18 -62.80 9.70 -27.66
CA GLN C 18 -62.24 9.93 -28.98
C GLN C 18 -60.73 9.89 -28.96
N ASP C 19 -60.13 10.23 -30.09
CA ASP C 19 -58.69 10.30 -30.26
C ASP C 19 -58.27 11.67 -30.78
N ALA C 20 -56.99 11.97 -30.58
CA ALA C 20 -56.47 13.28 -31.00
C ALA C 20 -56.80 13.57 -32.44
N SER C 21 -56.66 12.58 -33.32
CA SER C 21 -56.98 12.76 -34.73
C SER C 21 -58.46 12.73 -34.98
N GLU C 22 -59.28 12.91 -33.95
CA GLU C 22 -60.71 12.74 -34.11
C GLU C 22 -61.49 13.88 -33.48
N TYR C 23 -60.93 14.57 -32.50
CA TYR C 23 -61.65 15.65 -31.83
C TYR C 23 -61.06 17.01 -32.15
N LEU C 24 -60.43 17.15 -33.31
CA LEU C 24 -59.82 18.42 -33.68
C LEU C 24 -60.34 18.88 -35.03
N SER C 25 -60.15 20.17 -35.29
CA SER C 25 -60.44 20.70 -36.61
C SER C 25 -59.49 20.07 -37.62
N PRO C 26 -59.95 19.81 -38.84
CA PRO C 26 -59.07 19.24 -39.86
C PRO C 26 -57.85 20.10 -40.12
N GLY C 27 -58.00 21.41 -40.04
CA GLY C 27 -56.87 22.28 -40.30
C GLY C 27 -55.71 22.03 -39.37
N LEU C 28 -56.00 21.85 -38.09
CA LEU C 28 -54.93 21.66 -37.13
C LEU C 28 -54.22 20.33 -37.37
N VAL C 29 -54.98 19.28 -37.69
CA VAL C 29 -54.36 18.00 -37.97
C VAL C 29 -53.46 18.10 -39.18
N GLN C 30 -53.94 18.75 -40.24
CA GLN C 30 -53.11 18.90 -41.42
C GLN C 30 -51.86 19.71 -41.10
N PHE C 31 -52.00 20.75 -40.29
CA PHE C 31 -50.86 21.57 -39.92
C PHE C 31 -49.84 20.76 -39.15
N ALA C 32 -50.29 19.92 -38.21
CA ALA C 32 -49.37 19.08 -37.47
C ALA C 32 -48.66 18.11 -38.41
N ARG C 33 -49.40 17.51 -39.34
CA ARG C 33 -48.76 16.67 -40.34
C ARG C 33 -47.70 17.45 -41.11
N ALA C 34 -47.90 18.76 -41.24
CA ALA C 34 -47.01 19.55 -42.08
C ALA C 34 -45.65 19.73 -41.43
N THR C 35 -45.60 20.35 -40.26
CA THR C 35 -44.34 20.72 -39.63
C THR C 35 -44.12 19.96 -38.33
N GLU C 36 -44.46 18.66 -38.34
CA GLU C 36 -44.17 17.84 -37.17
C GLU C 36 -42.67 17.67 -36.97
N THR C 37 -41.90 17.72 -38.05
CA THR C 37 -40.47 17.42 -37.97
C THR C 37 -39.72 18.38 -37.06
N TYR C 38 -39.63 19.64 -37.45
CA TYR C 38 -38.78 20.57 -36.72
C TYR C 38 -39.51 21.35 -35.65
N PHE C 39 -40.78 21.05 -35.40
CA PHE C 39 -41.51 21.71 -34.32
C PHE C 39 -42.69 20.82 -33.96
N SER C 40 -42.53 20.01 -32.92
CA SER C 40 -43.54 19.03 -32.58
C SER C 40 -44.71 19.67 -31.85
N LEU C 41 -45.85 18.97 -31.90
CA LEU C 41 -46.99 19.32 -31.07
C LEU C 41 -47.66 18.13 -30.43
N ASN C 42 -47.36 16.91 -30.88
CA ASN C 42 -48.17 15.76 -30.52
C ASN C 42 -48.23 15.55 -29.02
N ASN C 43 -47.17 15.89 -28.31
CA ASN C 43 -47.21 15.61 -26.89
C ASN C 43 -48.09 16.52 -26.13
N LYS C 44 -48.93 17.34 -26.75
CA LYS C 44 -49.72 18.31 -26.03
C LYS C 44 -51.17 17.88 -25.82
N PHE C 45 -51.58 16.71 -26.31
CA PHE C 45 -52.96 16.29 -26.18
C PHE C 45 -53.01 14.82 -25.78
N ARG C 46 -53.82 14.51 -24.78
CA ARG C 46 -53.97 13.15 -24.31
C ARG C 46 -54.58 12.26 -25.37
N ASN C 47 -54.21 10.99 -25.34
CA ASN C 47 -54.86 9.95 -26.15
C ASN C 47 -55.40 8.92 -25.19
N PRO C 48 -56.69 8.96 -24.85
CA PRO C 48 -57.23 7.99 -23.90
C PRO C 48 -57.07 6.57 -24.40
N THR C 49 -56.88 5.67 -23.46
CA THR C 49 -56.81 4.24 -23.73
C THR C 49 -57.62 3.51 -22.67
N VAL C 50 -58.38 2.51 -23.09
CA VAL C 50 -59.27 1.77 -22.19
C VAL C 50 -59.16 0.29 -22.50
N ALA C 51 -59.01 -0.51 -21.47
CA ALA C 51 -58.92 -1.93 -21.68
C ALA C 51 -60.29 -2.53 -21.95
N PRO C 52 -60.34 -3.61 -22.71
CA PRO C 52 -61.62 -4.30 -22.93
C PRO C 52 -62.18 -4.80 -21.61
N THR C 53 -63.51 -4.88 -21.54
CA THR C 53 -64.19 -5.08 -20.29
C THR C 53 -65.06 -6.33 -20.22
N HIS C 54 -65.15 -7.11 -21.30
CA HIS C 54 -65.95 -8.32 -21.23
C HIS C 54 -65.45 -9.31 -22.25
N ASP C 55 -65.78 -10.57 -22.02
CA ASP C 55 -65.38 -11.69 -22.88
C ASP C 55 -63.87 -11.79 -23.01
N VAL C 56 -63.14 -11.48 -21.94
CA VAL C 56 -61.71 -11.72 -21.88
C VAL C 56 -61.39 -12.52 -20.63
N THR C 57 -61.80 -12.00 -19.48
CA THR C 57 -61.55 -12.63 -18.21
C THR C 57 -62.83 -13.22 -17.64
N THR C 58 -62.68 -14.11 -16.69
CA THR C 58 -63.82 -14.76 -16.07
C THR C 58 -64.11 -14.15 -14.70
N ASP C 59 -65.14 -14.67 -14.05
CA ASP C 59 -65.47 -14.28 -12.69
C ASP C 59 -65.84 -15.44 -11.79
N ARG C 60 -66.08 -16.63 -12.33
CA ARG C 60 -66.30 -17.79 -11.48
C ARG C 60 -65.01 -18.09 -10.71
N SER C 61 -65.16 -18.73 -9.56
CA SER C 61 -64.00 -19.05 -8.74
C SER C 61 -63.06 -19.97 -9.51
N GLN C 62 -61.79 -19.59 -9.55
CA GLN C 62 -60.83 -20.36 -10.33
C GLN C 62 -59.43 -20.08 -9.81
N ARG C 63 -58.63 -21.13 -9.70
CA ARG C 63 -57.27 -21.00 -9.19
C ARG C 63 -56.39 -20.29 -10.21
N LEU C 64 -55.24 -19.82 -9.74
CA LEU C 64 -54.22 -19.26 -10.62
C LEU C 64 -52.96 -20.10 -10.68
N THR C 65 -52.83 -21.10 -9.81
CA THR C 65 -51.64 -21.94 -9.80
C THR C 65 -51.97 -23.21 -9.04
N LEU C 66 -51.68 -24.35 -9.64
CA LEU C 66 -52.01 -25.64 -9.04
C LEU C 66 -50.76 -26.37 -8.61
N ARG C 67 -50.89 -27.12 -7.54
CA ARG C 67 -49.82 -27.90 -6.92
C ARG C 67 -50.15 -29.38 -7.06
N PHE C 68 -49.17 -30.17 -7.47
CA PHE C 68 -49.37 -31.58 -7.73
C PHE C 68 -48.36 -32.40 -6.94
N ILE C 69 -48.88 -33.32 -6.15
CA ILE C 69 -48.10 -34.24 -5.33
C ILE C 69 -47.99 -35.56 -6.08
N PRO C 70 -46.81 -36.17 -6.15
CA PRO C 70 -46.66 -37.39 -6.95
C PRO C 70 -47.59 -38.49 -6.46
N VAL C 71 -48.05 -39.30 -7.41
CA VAL C 71 -48.79 -40.51 -7.08
C VAL C 71 -47.86 -41.71 -6.97
N ASP C 72 -46.88 -41.82 -7.85
CA ASP C 72 -45.86 -42.85 -7.76
C ASP C 72 -44.49 -42.20 -7.72
N ARG C 73 -43.73 -42.56 -6.69
CA ARG C 73 -42.36 -42.08 -6.50
C ARG C 73 -41.50 -43.32 -6.31
N GLU C 74 -40.38 -43.40 -7.01
CA GLU C 74 -39.61 -44.63 -7.04
C GLU C 74 -38.12 -44.32 -7.01
N ASP C 75 -37.40 -45.02 -6.14
CA ASP C 75 -35.97 -44.83 -5.96
C ASP C 75 -35.22 -46.09 -6.37
N THR C 76 -34.02 -45.90 -6.88
CA THR C 76 -33.20 -46.98 -7.40
C THR C 76 -31.75 -46.73 -7.01
N ALA C 77 -30.84 -47.44 -7.65
CA ALA C 77 -29.41 -47.31 -7.37
C ALA C 77 -28.99 -45.86 -7.50
N TYR C 78 -29.01 -45.33 -8.72
CA TYR C 78 -28.76 -43.90 -8.87
C TYR C 78 -29.70 -43.26 -9.88
N SER C 79 -30.99 -43.58 -9.82
CA SER C 79 -31.99 -42.91 -10.63
C SER C 79 -33.25 -42.69 -9.81
N TYR C 80 -33.98 -41.65 -10.16
CA TYR C 80 -35.19 -41.26 -9.45
C TYR C 80 -36.32 -41.17 -10.46
N LYS C 81 -37.43 -41.85 -10.20
CA LYS C 81 -38.55 -41.87 -11.14
C LYS C 81 -39.80 -41.29 -10.49
N ALA C 82 -40.49 -40.40 -11.20
CA ALA C 82 -41.67 -39.75 -10.66
C ALA C 82 -42.79 -39.74 -11.69
N ARG C 83 -44.01 -39.99 -11.22
CA ARG C 83 -45.20 -39.98 -12.06
C ARG C 83 -46.20 -38.95 -11.55
N PHE C 84 -46.86 -38.25 -12.48
CA PHE C 84 -47.88 -37.28 -12.13
C PHE C 84 -49.12 -37.48 -12.99
N THR C 85 -50.26 -37.18 -12.40
CA THR C 85 -51.56 -37.21 -13.07
C THR C 85 -51.99 -35.77 -13.28
N LEU C 86 -51.63 -35.21 -14.42
CA LEU C 86 -51.97 -33.83 -14.71
C LEU C 86 -53.40 -33.76 -15.21
N ALA C 87 -54.25 -33.05 -14.46
CA ALA C 87 -55.66 -32.90 -14.80
C ALA C 87 -55.95 -31.43 -15.08
N VAL C 88 -56.53 -31.16 -16.25
CA VAL C 88 -56.83 -29.80 -16.67
C VAL C 88 -58.33 -29.72 -16.93
N GLY C 89 -59.02 -28.90 -16.15
CA GLY C 89 -60.45 -28.80 -16.26
C GLY C 89 -60.90 -28.06 -17.50
N ASP C 90 -62.20 -28.16 -17.78
CA ASP C 90 -62.76 -27.51 -18.95
C ASP C 90 -62.74 -26.00 -18.77
N ASN C 91 -63.03 -25.30 -19.87
CA ASN C 91 -63.00 -23.84 -19.90
C ASN C 91 -61.63 -23.30 -19.52
N ARG C 92 -60.59 -24.09 -19.74
CA ARG C 92 -59.23 -23.66 -19.43
C ARG C 92 -58.30 -24.17 -20.52
N VAL C 93 -57.17 -23.50 -20.66
CA VAL C 93 -56.08 -24.03 -21.46
C VAL C 93 -54.83 -23.98 -20.60
N LEU C 94 -53.91 -24.89 -20.87
CA LEU C 94 -52.65 -24.96 -20.14
C LEU C 94 -51.51 -24.76 -21.11
N ASP C 95 -50.58 -23.89 -20.74
CA ASP C 95 -49.40 -23.64 -21.52
C ASP C 95 -48.22 -24.30 -20.84
N MET C 96 -47.54 -25.20 -21.55
CA MET C 96 -46.41 -25.90 -20.95
C MET C 96 -45.30 -24.95 -20.57
N ALA C 97 -45.27 -23.75 -21.13
CA ALA C 97 -44.15 -22.84 -20.90
C ALA C 97 -43.98 -22.51 -19.43
N SER C 98 -45.04 -22.65 -18.64
CA SER C 98 -44.98 -22.34 -17.21
C SER C 98 -45.19 -23.59 -16.38
N THR C 99 -44.51 -24.67 -16.73
CA THR C 99 -44.49 -25.88 -15.92
C THR C 99 -43.06 -26.11 -15.46
N TYR C 100 -42.85 -26.19 -14.16
CA TYR C 100 -41.52 -26.38 -13.61
C TYR C 100 -41.59 -27.40 -12.49
N PHE C 101 -40.45 -28.02 -12.21
CA PHE C 101 -40.33 -28.99 -11.14
C PHE C 101 -39.79 -28.35 -9.88
N ASP C 102 -40.30 -28.78 -8.73
CA ASP C 102 -39.87 -28.26 -7.44
C ASP C 102 -39.20 -29.38 -6.67
N ILE C 103 -38.01 -29.11 -6.12
CA ILE C 103 -37.22 -30.14 -5.45
C ILE C 103 -36.58 -29.58 -4.20
N ARG C 104 -36.57 -30.38 -3.13
CA ARG C 104 -35.83 -30.07 -1.92
C ARG C 104 -35.06 -31.29 -1.44
N GLY C 105 -33.99 -31.05 -0.71
CA GLY C 105 -33.22 -32.17 -0.19
C GLY C 105 -31.96 -31.72 0.52
N VAL C 106 -31.04 -32.69 0.68
CA VAL C 106 -29.83 -32.50 1.48
C VAL C 106 -28.61 -32.73 0.60
N LEU C 107 -27.60 -31.89 0.74
CA LEU C 107 -26.39 -31.97 -0.04
C LEU C 107 -25.18 -31.80 0.87
N ASP C 108 -24.14 -32.61 0.63
CA ASP C 108 -22.87 -32.49 1.34
C ASP C 108 -21.76 -32.51 0.32
N ARG C 109 -20.92 -31.48 0.34
CA ARG C 109 -19.94 -31.31 -0.73
C ARG C 109 -18.64 -32.07 -0.49
N GLY C 110 -18.45 -32.63 0.69
CA GLY C 110 -17.22 -33.33 0.99
C GLY C 110 -16.15 -32.39 1.52
N PRO C 111 -14.97 -32.93 1.82
CA PRO C 111 -13.94 -32.12 2.46
C PRO C 111 -13.24 -31.15 1.52
N THR C 112 -13.29 -31.39 0.22
CA THR C 112 -12.41 -30.70 -0.71
C THR C 112 -13.04 -29.44 -1.29
N PHE C 113 -13.89 -28.76 -0.53
CA PHE C 113 -14.54 -27.54 -0.99
C PHE C 113 -13.83 -26.34 -0.40
N LYS C 114 -13.27 -25.50 -1.27
CA LYS C 114 -12.44 -24.38 -0.84
C LYS C 114 -12.94 -23.10 -1.51
N PRO C 115 -13.91 -22.43 -0.92
CA PRO C 115 -14.51 -21.27 -1.58
C PRO C 115 -13.60 -20.06 -1.64
N TYR C 116 -12.87 -19.79 -0.57
CA TYR C 116 -12.10 -18.55 -0.47
C TYR C 116 -10.63 -18.83 -0.75
N SER C 117 -10.01 -17.94 -1.52
CA SER C 117 -8.58 -18.05 -1.76
C SER C 117 -7.81 -17.56 -0.54
N GLY C 118 -6.54 -17.95 -0.46
CA GLY C 118 -5.73 -17.62 0.69
C GLY C 118 -6.17 -18.39 1.92
N THR C 119 -5.95 -17.78 3.08
CA THR C 119 -6.45 -18.32 4.34
C THR C 119 -6.82 -17.18 5.27
N ALA C 120 -7.30 -17.54 6.45
CA ALA C 120 -7.87 -16.55 7.35
C ALA C 120 -7.48 -16.80 8.80
N TYR C 121 -6.35 -17.44 9.04
CA TYR C 121 -5.92 -17.72 10.40
C TYR C 121 -4.52 -17.15 10.58
N ASN C 122 -4.45 -16.03 11.30
CA ASN C 122 -3.21 -15.28 11.44
C ASN C 122 -2.64 -14.93 10.07
N ALA C 123 -3.42 -14.17 9.32
CA ALA C 123 -3.04 -13.84 7.96
C ALA C 123 -1.75 -13.02 7.92
N LEU C 124 -1.63 -12.05 8.81
CA LEU C 124 -0.54 -11.09 8.70
C LEU C 124 0.80 -11.66 9.13
N ALA C 125 0.81 -12.75 9.90
CA ALA C 125 2.06 -13.23 10.46
C ALA C 125 3.03 -13.63 9.35
N PRO C 126 4.33 -13.41 9.52
CA PRO C 126 5.29 -13.80 8.49
C PRO C 126 5.23 -15.28 8.23
N LYS C 127 5.47 -15.66 7.00
CA LYS C 127 5.21 -17.04 6.63
C LYS C 127 6.21 -18.01 7.16
N GLY C 128 7.15 -17.65 8.04
CA GLY C 128 8.09 -18.63 8.51
C GLY C 128 8.33 -18.61 10.01
N ALA C 129 7.85 -17.58 10.68
CA ALA C 129 8.14 -17.41 12.10
C ALA C 129 7.31 -18.39 12.93
N PRO C 130 7.92 -19.21 13.77
CA PRO C 130 7.14 -20.05 14.67
C PRO C 130 6.62 -19.26 15.86
N ASN C 131 5.64 -19.85 16.53
CA ASN C 131 5.06 -19.27 17.71
C ASN C 131 5.80 -19.78 18.95
N SER C 132 5.38 -19.31 20.12
CA SER C 132 6.01 -19.76 21.35
C SER C 132 5.84 -21.27 21.51
N CYS C 133 6.92 -21.95 21.84
CA CYS C 133 6.88 -23.41 22.00
C CYS C 133 8.16 -23.85 22.71
N GLU C 134 8.35 -25.16 22.80
CA GLU C 134 9.47 -25.73 23.53
C GLU C 134 9.69 -27.16 23.08
N TRP C 135 10.92 -27.63 23.23
CA TRP C 135 11.25 -28.99 22.80
C TRP C 135 12.42 -29.50 23.64
N ASP C 136 12.94 -30.66 23.28
CA ASP C 136 13.85 -31.41 24.14
C ASP C 136 15.12 -31.78 23.41
N GLU C 137 16.19 -31.92 24.18
CA GLU C 137 17.50 -32.26 23.64
C GLU C 137 18.20 -33.22 24.61
N ASP C 138 19.29 -33.81 24.13
CA ASP C 138 20.06 -34.77 24.90
C ASP C 138 21.14 -34.06 25.72
N ASP C 139 22.10 -34.84 26.21
CA ASP C 139 23.19 -34.31 27.00
C ASP C 139 24.30 -33.76 26.12
N GLY C 165 20.05 -36.61 30.48
CA GLY C 165 20.54 -35.40 29.85
C GLY C 165 19.48 -34.69 29.02
N LYS C 166 18.32 -35.31 28.89
CA LYS C 166 17.24 -34.72 28.10
C LYS C 166 16.72 -33.49 28.81
N LYS C 167 17.15 -32.32 28.38
CA LYS C 167 16.67 -31.06 28.91
C LYS C 167 15.75 -30.39 27.91
N THR C 168 15.19 -29.26 28.31
CA THR C 168 14.14 -28.60 27.55
C THR C 168 14.59 -27.19 27.17
N HIS C 169 14.55 -26.89 25.88
CA HIS C 169 14.79 -25.56 25.35
C HIS C 169 13.45 -24.92 25.01
N VAL C 170 13.31 -23.64 25.33
CA VAL C 170 12.05 -22.93 25.17
C VAL C 170 12.28 -21.65 24.38
N TYR C 171 11.42 -21.41 23.39
CA TYR C 171 11.47 -20.20 22.57
C TYR C 171 10.12 -19.51 22.69
N ALA C 172 10.12 -18.29 23.20
CA ALA C 172 8.90 -17.53 23.41
C ALA C 172 9.27 -16.08 23.66
N GLN C 173 8.29 -15.28 24.06
CA GLN C 173 8.53 -13.88 24.38
C GLN C 173 7.37 -13.37 25.22
N ALA C 174 7.69 -12.52 26.21
CA ALA C 174 6.67 -12.03 27.11
C ALA C 174 6.28 -10.62 26.71
N PRO C 175 5.09 -10.41 26.21
CA PRO C 175 4.70 -9.07 25.78
C PRO C 175 4.13 -8.20 26.87
N PHE C 176 3.49 -8.80 27.86
CA PHE C 176 2.65 -8.05 28.80
C PHE C 176 3.41 -7.76 30.08
N ALA C 177 3.45 -6.48 30.46
CA ALA C 177 4.02 -6.08 31.72
C ALA C 177 3.04 -6.36 32.85
N GLY C 178 3.49 -6.17 34.07
CA GLY C 178 2.68 -6.44 35.25
C GLY C 178 3.03 -5.51 36.38
N GLU C 179 2.87 -6.00 37.61
CA GLU C 179 3.15 -5.22 38.81
C GLU C 179 4.26 -5.83 39.65
N ALA C 180 4.11 -7.08 40.07
CA ALA C 180 5.10 -7.74 40.90
C ALA C 180 4.87 -9.23 40.84
N ILE C 181 5.81 -10.00 41.40
CA ILE C 181 5.75 -11.45 41.34
C ILE C 181 5.91 -12.02 42.73
N ASN C 182 5.39 -13.22 42.93
CA ASN C 182 5.65 -13.99 44.15
C ASN C 182 5.37 -15.45 43.83
N LYS C 183 5.53 -16.31 44.84
CA LYS C 183 5.49 -17.74 44.59
C LYS C 183 4.13 -18.19 44.08
N ASN C 184 3.06 -17.47 44.42
CA ASN C 184 1.75 -17.88 43.95
C ASN C 184 1.41 -17.31 42.59
N GLY C 185 2.26 -16.43 42.05
CA GLY C 185 2.03 -15.95 40.70
C GLY C 185 2.31 -14.50 40.46
N LEU C 186 1.65 -13.94 39.45
CA LEU C 186 1.85 -12.56 39.03
C LEU C 186 0.73 -11.69 39.57
N GLN C 187 1.10 -10.53 40.10
CA GLN C 187 0.13 -9.59 40.67
C GLN C 187 -0.27 -8.58 39.61
N ILE C 188 -1.57 -8.43 39.40
CA ILE C 188 -2.10 -7.63 38.29
C ILE C 188 -3.14 -6.63 38.77
N GLY C 189 -3.23 -6.39 40.07
CA GLY C 189 -4.19 -5.44 40.59
C GLY C 189 -4.43 -5.67 42.06
N THR C 190 -5.12 -4.72 42.67
CA THR C 190 -5.35 -4.76 44.11
C THR C 190 -6.68 -4.09 44.43
N ASN C 191 -7.20 -4.43 45.60
CA ASN C 191 -8.47 -3.89 46.09
C ASN C 191 -8.23 -3.23 47.43
N GLY C 192 -8.74 -2.00 47.59
CA GLY C 192 -8.62 -1.32 48.87
C GLY C 192 -9.42 -1.98 49.96
N ALA C 193 -10.61 -2.47 49.63
CA ALA C 193 -11.53 -3.04 50.60
C ALA C 193 -11.20 -4.49 50.95
N ALA C 194 -9.97 -4.93 50.68
CA ALA C 194 -9.58 -6.30 50.98
C ALA C 194 -9.10 -6.41 52.43
N THR C 195 -8.64 -7.60 52.80
CA THR C 195 -8.25 -7.88 54.18
C THR C 195 -6.75 -7.69 54.40
N GLU C 196 -5.93 -8.41 53.64
CA GLU C 196 -4.48 -8.37 53.80
C GLU C 196 -3.95 -7.05 53.26
N GLY C 197 -4.14 -5.99 54.05
CA GLY C 197 -3.85 -4.66 53.57
C GLY C 197 -4.73 -4.36 52.37
N ASN C 198 -4.13 -4.39 51.19
CA ASN C 198 -4.87 -4.48 49.93
C ASN C 198 -4.44 -5.79 49.28
N LYS C 199 -5.25 -6.82 49.42
CA LYS C 199 -4.87 -8.14 48.92
C LYS C 199 -4.55 -8.06 47.43
N GLU C 200 -3.47 -8.74 47.05
CA GLU C 200 -3.05 -8.73 45.67
C GLU C 200 -3.93 -9.63 44.83
N ILE C 201 -4.39 -9.11 43.71
CA ILE C 201 -5.13 -9.91 42.74
C ILE C 201 -4.13 -10.54 41.78
N TYR C 202 -4.27 -11.83 41.56
CA TYR C 202 -3.33 -12.58 40.75
C TYR C 202 -3.99 -13.11 39.49
N ALA C 203 -3.24 -13.90 38.74
CA ALA C 203 -3.69 -14.34 37.44
C ALA C 203 -4.44 -15.67 37.52
N ASP C 204 -5.69 -15.64 37.10
CA ASP C 204 -6.52 -16.84 36.95
C ASP C 204 -6.14 -17.50 35.63
N LYS C 205 -5.14 -18.38 35.69
CA LYS C 205 -4.45 -18.91 34.51
C LYS C 205 -5.36 -19.26 33.35
N THR C 206 -6.61 -19.59 33.66
CA THR C 206 -7.62 -19.87 32.65
C THR C 206 -7.59 -18.88 31.51
N TYR C 207 -7.66 -17.58 31.82
CA TYR C 207 -7.55 -16.53 30.83
C TYR C 207 -6.76 -15.37 31.45
N GLN C 208 -5.45 -15.42 31.30
CA GLN C 208 -4.59 -14.36 31.80
C GLN C 208 -3.46 -14.20 30.81
N PRO C 209 -2.50 -13.31 31.06
CA PRO C 209 -2.24 -12.25 30.08
C PRO C 209 -2.48 -12.73 28.66
N GLU C 210 -3.44 -12.08 28.02
CA GLU C 210 -3.94 -12.59 26.75
C GLU C 210 -3.04 -12.14 25.62
N PRO C 211 -2.89 -12.97 24.59
CA PRO C 211 -1.98 -12.64 23.49
C PRO C 211 -2.35 -11.36 22.78
N GLN C 212 -3.47 -10.72 23.13
CA GLN C 212 -3.96 -9.55 22.44
C GLN C 212 -3.77 -8.27 23.26
N ILE C 213 -2.79 -8.25 24.16
CA ILE C 213 -2.49 -7.04 24.92
C ILE C 213 -0.98 -6.79 24.85
N GLY C 214 -0.59 -5.54 25.06
CA GLY C 214 0.81 -5.19 25.00
C GLY C 214 1.14 -3.81 25.54
N GLU C 215 2.05 -3.12 24.88
CA GLU C 215 2.47 -1.79 25.33
C GLU C 215 1.44 -0.76 24.90
N SER C 216 1.82 0.52 24.95
CA SER C 216 0.91 1.56 24.48
C SER C 216 1.62 2.70 23.78
N GLN C 217 2.88 2.52 23.38
CA GLN C 217 3.59 3.53 22.60
C GLN C 217 4.90 2.92 22.12
N TRP C 218 5.56 3.64 21.22
CA TRP C 218 6.74 3.08 20.56
C TRP C 218 7.93 3.03 21.50
N ASN C 219 8.18 4.10 22.25
CA ASN C 219 9.33 4.10 23.15
C ASN C 219 9.05 3.25 24.39
N GLU C 220 8.07 3.67 25.19
CA GLU C 220 7.47 2.79 26.20
C GLU C 220 8.54 2.20 27.14
N ALA C 221 9.09 3.09 27.97
CA ALA C 221 10.12 2.72 28.93
C ALA C 221 9.89 1.35 29.53
N GLU C 222 10.94 0.53 29.54
CA GLU C 222 10.82 -0.87 29.92
C GLU C 222 10.38 -0.99 31.37
N SER C 223 9.61 -2.04 31.64
CA SER C 223 9.11 -2.31 32.98
C SER C 223 10.07 -3.25 33.71
N SER C 224 9.62 -3.81 34.83
CA SER C 224 10.43 -4.72 35.63
C SER C 224 10.05 -6.19 35.42
N VAL C 225 8.77 -6.50 35.31
CA VAL C 225 8.30 -7.87 35.28
C VAL C 225 7.29 -8.03 34.16
N ALA C 226 7.42 -9.11 33.40
CA ALA C 226 6.57 -9.36 32.23
C ALA C 226 5.95 -10.75 32.36
N GLY C 227 5.24 -11.16 31.31
CA GLY C 227 4.61 -12.47 31.33
C GLY C 227 4.08 -12.84 29.96
N GLY C 228 3.65 -14.09 29.85
CA GLY C 228 3.12 -14.59 28.59
C GLY C 228 2.71 -16.04 28.70
N ARG C 229 2.28 -16.58 27.57
CA ARG C 229 1.88 -17.98 27.47
C ARG C 229 2.81 -18.74 26.54
N VAL C 230 2.78 -20.06 26.67
CA VAL C 230 3.65 -20.93 25.90
C VAL C 230 3.02 -22.31 25.79
N LEU C 231 3.14 -22.90 24.60
CA LEU C 231 2.68 -24.25 24.38
C LEU C 231 3.71 -25.25 24.91
N LYS C 232 3.23 -26.34 25.48
CA LYS C 232 4.14 -27.34 26.01
C LYS C 232 4.66 -28.24 24.89
N LYS C 233 5.75 -28.94 25.20
CA LYS C 233 6.43 -29.76 24.21
C LYS C 233 5.55 -30.85 23.62
N THR C 234 4.53 -31.28 24.36
CA THR C 234 3.73 -32.41 23.90
C THR C 234 2.91 -32.04 22.67
N THR C 235 2.57 -30.78 22.51
CA THR C 235 1.76 -30.36 21.37
C THR C 235 2.60 -30.23 20.12
N PRO C 236 2.21 -30.84 19.00
CA PRO C 236 3.03 -30.78 17.80
C PRO C 236 3.24 -29.35 17.34
N MET C 237 4.43 -29.07 16.83
CA MET C 237 4.74 -27.74 16.33
C MET C 237 4.07 -27.51 14.98
N LYS C 238 3.64 -26.28 14.75
CA LYS C 238 3.15 -25.84 13.46
C LYS C 238 3.50 -24.36 13.31
N PRO C 239 3.69 -23.87 12.10
CA PRO C 239 3.97 -22.45 11.92
C PRO C 239 2.80 -21.61 12.36
N CYS C 240 3.08 -20.34 12.64
CA CYS C 240 2.02 -19.44 13.10
C CYS C 240 0.98 -19.22 12.02
N TYR C 241 1.41 -19.12 10.76
CA TYR C 241 0.52 -18.73 9.68
C TYR C 241 -0.49 -19.82 9.34
N GLY C 242 -1.65 -19.78 9.97
CA GLY C 242 -2.66 -20.78 9.71
C GLY C 242 -2.80 -21.80 10.82
N SER C 243 -2.74 -21.33 12.05
CA SER C 243 -2.80 -22.20 13.22
C SER C 243 -4.06 -21.88 14.00
N TYR C 244 -4.92 -22.88 14.17
CA TYR C 244 -6.20 -22.68 14.82
C TYR C 244 -6.40 -23.69 15.94
N ALA C 245 -6.95 -23.22 17.05
CA ALA C 245 -7.30 -24.08 18.18
C ALA C 245 -8.62 -23.60 18.74
N ARG C 246 -9.60 -24.50 18.80
CA ARG C 246 -10.93 -24.10 19.24
C ARG C 246 -10.88 -23.64 20.68
N PRO C 247 -11.79 -22.75 21.08
CA PRO C 247 -11.86 -22.36 22.49
C PRO C 247 -12.40 -23.48 23.34
N THR C 248 -12.23 -23.33 24.64
CA THR C 248 -12.63 -24.34 25.61
C THR C 248 -13.52 -23.80 26.72
N ASN C 249 -13.29 -22.58 27.16
CA ASN C 249 -14.18 -21.94 28.13
C ASN C 249 -14.68 -20.63 27.55
N SER C 250 -15.63 -20.02 28.26
CA SER C 250 -16.35 -18.87 27.73
C SER C 250 -15.48 -17.64 27.55
N ASN C 251 -14.26 -17.62 28.07
CA ASN C 251 -13.43 -16.42 28.02
C ASN C 251 -12.32 -16.53 26.98
N GLY C 252 -12.42 -17.50 26.08
CA GLY C 252 -11.40 -17.65 25.06
C GLY C 252 -10.21 -18.50 25.46
N GLY C 253 -10.28 -19.17 26.60
CA GLY C 253 -9.20 -20.07 26.98
C GLY C 253 -9.11 -21.24 26.02
N GLN C 254 -7.92 -21.79 25.90
CA GLN C 254 -7.66 -22.86 24.95
C GLN C 254 -6.93 -24.04 25.56
N GLY C 255 -6.75 -24.07 26.88
CA GLY C 255 -6.14 -25.23 27.49
C GLY C 255 -7.02 -26.46 27.32
N VAL C 256 -6.38 -27.58 26.98
CA VAL C 256 -7.11 -28.82 26.77
C VAL C 256 -7.70 -29.25 28.10
N MET C 257 -9.02 -29.12 28.25
CA MET C 257 -9.67 -29.56 29.46
C MET C 257 -9.49 -31.07 29.63
N VAL C 258 -9.18 -31.48 30.86
CA VAL C 258 -8.97 -32.89 31.17
C VAL C 258 -9.87 -33.26 32.35
N GLU C 259 -10.39 -34.48 32.31
CA GLU C 259 -11.29 -34.91 33.37
C GLU C 259 -10.49 -35.51 34.51
N GLN C 260 -10.65 -34.94 35.70
CA GLN C 260 -10.04 -35.45 36.92
C GLN C 260 -11.12 -35.54 37.99
N ASN C 261 -11.16 -36.69 38.67
CA ASN C 261 -11.96 -36.86 39.89
C ASN C 261 -13.44 -36.60 39.64
N GLY C 262 -13.91 -36.89 38.43
CA GLY C 262 -15.32 -36.68 38.10
C GLY C 262 -15.67 -35.27 37.67
N LYS C 263 -14.69 -34.41 37.42
CA LYS C 263 -14.94 -33.05 36.98
C LYS C 263 -13.96 -32.70 35.88
N LEU C 264 -14.09 -31.48 35.37
CA LEU C 264 -13.13 -30.97 34.39
C LEU C 264 -12.18 -29.99 35.06
N GLU C 265 -10.90 -30.08 34.70
CA GLU C 265 -9.88 -29.18 35.23
C GLU C 265 -8.84 -28.94 34.15
N SER C 266 -8.04 -27.91 34.36
CA SER C 266 -7.02 -27.50 33.41
C SER C 266 -5.64 -27.91 33.87
N GLN C 267 -4.69 -27.82 32.95
CA GLN C 267 -3.32 -28.27 33.17
C GLN C 267 -2.34 -27.16 32.88
N VAL C 268 -2.62 -25.95 33.34
CA VAL C 268 -1.67 -24.86 33.20
C VAL C 268 -0.53 -25.07 34.20
N GLU C 269 0.70 -24.85 33.74
CA GLU C 269 1.85 -24.94 34.62
C GLU C 269 2.67 -23.67 34.53
N MET C 270 3.01 -23.11 35.69
CA MET C 270 3.73 -21.85 35.73
C MET C 270 5.22 -22.10 35.76
N GLN C 271 5.97 -21.33 34.98
CA GLN C 271 7.41 -21.46 34.91
C GLN C 271 8.06 -20.11 35.15
N PHE C 272 9.26 -20.13 35.72
CA PHE C 272 9.92 -18.93 36.19
C PHE C 272 11.31 -18.83 35.60
N PHE C 273 11.79 -17.59 35.43
CA PHE C 273 13.05 -17.37 34.75
C PHE C 273 13.72 -16.11 35.27
N SER C 274 15.04 -16.06 35.11
CA SER C 274 15.85 -14.91 35.47
C SER C 274 17.03 -14.83 34.53
N THR C 275 17.73 -13.69 34.60
CA THR C 275 18.76 -13.47 33.61
C THR C 275 19.89 -14.41 33.66
N SER C 276 20.76 -14.31 32.67
CA SER C 276 21.86 -15.23 32.59
C SER C 276 22.94 -14.81 33.53
N VAL C 277 23.56 -13.68 33.24
CA VAL C 277 24.61 -13.18 34.12
C VAL C 277 24.03 -13.14 35.50
N ASN C 278 22.71 -13.00 35.59
CA ASN C 278 22.07 -13.06 36.88
C ASN C 278 22.89 -14.07 37.62
N ALA C 279 23.07 -15.24 37.02
CA ALA C 279 23.92 -16.23 37.63
C ALA C 279 25.30 -16.07 37.05
N MET C 280 26.21 -15.49 37.82
CA MET C 280 27.60 -15.31 37.38
C MET C 280 28.25 -14.48 38.42
N ASN C 281 27.44 -13.85 39.25
CA ASN C 281 27.98 -12.92 40.23
C ASN C 281 27.41 -13.07 41.64
N GLU C 282 27.76 -12.14 42.52
CA GLU C 282 27.32 -12.19 43.91
C GLU C 282 25.89 -11.75 44.05
N ALA C 283 25.23 -11.54 42.92
CA ALA C 283 23.85 -11.09 42.95
C ALA C 283 23.00 -12.25 43.39
N ASN C 284 23.58 -13.13 44.18
CA ASN C 284 22.89 -14.32 44.62
C ASN C 284 21.49 -14.09 45.14
N ALA C 285 21.08 -12.84 45.23
CA ALA C 285 19.70 -12.61 45.64
C ALA C 285 18.75 -12.83 44.49
N ILE C 286 19.02 -13.85 43.67
CA ILE C 286 18.34 -14.09 42.41
C ILE C 286 16.84 -13.93 42.59
N GLN C 287 16.26 -13.02 41.85
CA GLN C 287 14.85 -12.75 41.98
C GLN C 287 14.11 -13.20 40.72
N PRO C 288 12.93 -13.73 40.86
CA PRO C 288 12.15 -14.11 39.68
C PRO C 288 11.79 -12.87 38.87
N LYS C 289 12.33 -12.78 37.66
CA LYS C 289 12.08 -11.61 36.83
C LYS C 289 11.14 -11.90 35.67
N LEU C 290 11.00 -13.17 35.26
CA LEU C 290 10.13 -13.48 34.14
C LEU C 290 9.27 -14.69 34.45
N LEU C 291 8.04 -14.68 33.95
CA LEU C 291 7.07 -15.71 34.28
C LEU C 291 6.33 -16.13 33.02
N LEU C 292 6.05 -17.42 32.90
CA LEU C 292 5.30 -17.94 31.77
C LEU C 292 4.25 -18.92 32.24
N TYR C 293 3.18 -19.03 31.45
CA TYR C 293 2.13 -20.01 31.68
C TYR C 293 2.14 -21.01 30.52
N SER C 294 2.25 -22.29 30.84
CA SER C 294 2.34 -23.34 29.84
C SER C 294 1.01 -24.08 29.76
N GLU C 295 0.54 -24.29 28.53
CA GLU C 295 -0.74 -24.95 28.31
C GLU C 295 -0.66 -25.80 27.05
N ASP C 296 -1.76 -26.50 26.78
CA ASP C 296 -1.88 -27.36 25.61
C ASP C 296 -3.17 -27.04 24.87
N VAL C 297 -3.13 -27.18 23.55
CA VAL C 297 -4.25 -26.88 22.69
C VAL C 297 -4.41 -28.00 21.67
N ASN C 298 -5.57 -28.02 21.02
CA ASN C 298 -5.86 -28.95 19.94
C ASN C 298 -5.49 -28.24 18.64
N MET C 299 -4.25 -28.44 18.20
CA MET C 299 -3.75 -27.71 17.04
C MET C 299 -4.35 -28.27 15.75
N GLU C 300 -4.83 -27.38 14.89
CA GLU C 300 -5.38 -27.76 13.60
C GLU C 300 -4.94 -26.76 12.55
N THR C 301 -4.70 -27.26 11.33
CA THR C 301 -4.37 -26.44 10.19
C THR C 301 -5.29 -26.82 9.04
N PRO C 302 -6.52 -26.31 9.05
CA PRO C 302 -7.54 -26.84 8.14
C PRO C 302 -7.26 -26.61 6.68
N ASP C 303 -6.39 -25.66 6.32
CA ASP C 303 -6.43 -25.17 4.95
C ASP C 303 -5.05 -24.91 4.34
N THR C 304 -3.98 -25.38 4.96
CA THR C 304 -2.65 -25.10 4.42
C THR C 304 -1.79 -26.34 4.49
N HIS C 305 -0.80 -26.39 3.62
CA HIS C 305 0.21 -27.43 3.64
C HIS C 305 1.56 -26.79 3.91
N LEU C 306 2.60 -27.60 3.91
CA LEU C 306 3.93 -27.17 4.32
C LEU C 306 4.83 -27.04 3.10
N SER C 307 5.38 -25.84 2.91
CA SER C 307 6.28 -25.62 1.78
C SER C 307 7.60 -26.37 1.97
N TYR C 308 8.21 -26.24 3.15
CA TYR C 308 9.52 -26.80 3.41
C TYR C 308 9.57 -27.42 4.80
N LYS C 309 10.19 -28.57 4.91
CA LYS C 309 10.19 -29.35 6.14
C LYS C 309 11.50 -30.12 6.22
N PRO C 310 12.52 -29.56 6.87
CA PRO C 310 13.86 -30.13 6.79
C PRO C 310 13.96 -31.55 7.32
N GLY C 311 13.20 -31.90 8.35
CA GLY C 311 13.35 -33.17 9.04
C GLY C 311 12.36 -34.21 8.54
N LYS C 312 12.84 -35.44 8.37
CA LYS C 312 11.93 -36.53 8.05
C LYS C 312 11.07 -36.89 9.25
N SER C 313 11.62 -36.80 10.45
CA SER C 313 10.86 -37.11 11.65
C SER C 313 9.78 -36.06 11.89
N ASP C 314 9.02 -36.26 12.96
CA ASP C 314 8.03 -35.29 13.39
C ASP C 314 8.32 -34.75 14.78
N ASP C 315 9.34 -35.26 15.46
CA ASP C 315 9.68 -34.74 16.77
C ASP C 315 10.32 -33.36 16.63
N ASN C 316 9.88 -32.44 17.48
CA ASN C 316 10.29 -31.04 17.37
C ASN C 316 11.76 -30.93 17.69
N SER C 317 12.58 -30.75 16.65
CA SER C 317 13.99 -30.49 16.82
C SER C 317 14.19 -28.99 17.06
N LYS C 318 15.44 -28.55 17.01
CA LYS C 318 15.66 -27.11 16.97
C LYS C 318 15.32 -26.55 15.60
N ALA C 319 15.71 -27.26 14.53
CA ALA C 319 15.51 -26.73 13.19
C ALA C 319 14.04 -26.56 12.86
N MET C 320 13.17 -27.36 13.47
CA MET C 320 11.76 -27.37 13.12
C MET C 320 11.11 -26.02 13.36
N LEU C 321 11.88 -25.05 13.83
CA LEU C 321 11.40 -23.69 13.95
C LEU C 321 11.58 -22.90 12.65
N GLY C 322 11.69 -23.59 11.53
CA GLY C 322 11.85 -22.88 10.26
C GLY C 322 10.81 -23.25 9.22
N GLN C 323 10.11 -24.35 9.43
CA GLN C 323 9.17 -24.83 8.43
C GLN C 323 8.10 -23.78 8.14
N GLN C 324 7.83 -23.56 6.86
CA GLN C 324 6.90 -22.54 6.41
C GLN C 324 5.67 -23.16 5.78
N SER C 325 4.60 -22.39 5.72
CA SER C 325 3.31 -22.87 5.26
C SER C 325 2.94 -22.25 3.92
N MET C 326 1.88 -22.79 3.33
CA MET C 326 1.34 -22.32 2.06
C MET C 326 -0.13 -22.71 1.98
N PRO C 327 -1.00 -21.79 1.60
CA PRO C 327 -2.44 -22.09 1.59
C PRO C 327 -2.80 -23.01 0.45
N ASN C 328 -3.86 -23.79 0.64
CA ASN C 328 -4.33 -24.69 -0.40
C ASN C 328 -4.96 -23.90 -1.54
N ARG C 329 -4.84 -24.45 -2.74
CA ARG C 329 -5.44 -23.81 -3.90
C ARG C 329 -6.96 -23.77 -3.73
N PRO C 330 -7.60 -22.68 -4.13
CA PRO C 330 -9.06 -22.58 -3.97
C PRO C 330 -9.77 -23.53 -4.90
N ASN C 331 -10.99 -23.88 -4.52
CA ASN C 331 -11.78 -24.80 -5.33
C ASN C 331 -13.25 -24.55 -5.10
N TYR C 332 -13.97 -24.19 -6.16
CA TYR C 332 -15.40 -23.97 -6.11
C TYR C 332 -16.15 -25.18 -6.60
N ILE C 333 -17.32 -25.44 -6.01
CA ILE C 333 -18.16 -26.56 -6.41
C ILE C 333 -19.61 -26.16 -6.27
N ALA C 334 -20.40 -26.43 -7.30
CA ALA C 334 -21.80 -25.99 -7.29
C ALA C 334 -22.58 -26.76 -8.35
N PHE C 335 -23.80 -26.30 -8.63
CA PHE C 335 -24.63 -26.83 -9.71
C PHE C 335 -24.26 -26.19 -11.03
N ARG C 336 -24.34 -26.98 -12.10
CA ARG C 336 -23.94 -26.51 -13.41
C ARG C 336 -24.89 -25.42 -13.89
N ASP C 337 -24.62 -24.92 -15.09
CA ASP C 337 -25.47 -23.88 -15.66
C ASP C 337 -26.81 -24.46 -16.07
N ASN C 338 -27.88 -23.75 -15.73
CA ASN C 338 -29.23 -24.14 -16.11
C ASN C 338 -29.55 -25.56 -15.69
N PHE C 339 -28.88 -26.04 -14.64
CA PHE C 339 -29.17 -27.33 -14.05
C PHE C 339 -29.00 -28.47 -15.05
N ILE C 340 -28.10 -28.27 -16.02
CA ILE C 340 -27.86 -29.28 -17.04
C ILE C 340 -27.42 -30.57 -16.39
N GLY C 341 -28.06 -31.66 -16.78
CA GLY C 341 -27.73 -32.99 -16.30
C GLY C 341 -28.68 -33.54 -15.27
N LEU C 342 -29.50 -32.68 -14.65
CA LEU C 342 -30.42 -33.17 -13.63
C LEU C 342 -31.42 -34.16 -14.19
N MET C 343 -31.96 -33.88 -15.36
CA MET C 343 -33.01 -34.70 -15.95
C MET C 343 -32.46 -35.55 -17.07
N TYR C 344 -32.99 -36.72 -17.25
CA TYR C 344 -32.41 -37.52 -18.28
C TYR C 344 -32.85 -36.85 -19.51
N TYR C 345 -32.35 -37.29 -20.63
CA TYR C 345 -32.84 -36.73 -21.84
C TYR C 345 -32.44 -37.67 -22.91
N ASN C 346 -31.77 -37.15 -23.91
CA ASN C 346 -31.45 -37.96 -25.03
C ASN C 346 -30.95 -39.30 -24.64
N SER C 347 -31.84 -40.26 -24.40
CA SER C 347 -31.39 -41.63 -24.14
C SER C 347 -32.46 -42.58 -23.70
N THR C 348 -32.47 -43.76 -24.31
CA THR C 348 -33.49 -44.73 -24.01
C THR C 348 -33.40 -45.12 -22.57
N GLY C 349 -32.48 -44.50 -21.88
CA GLY C 349 -32.28 -44.92 -20.52
C GLY C 349 -33.63 -45.12 -19.95
N ASN C 350 -34.51 -44.20 -20.25
CA ASN C 350 -35.79 -44.27 -19.62
C ASN C 350 -36.67 -43.16 -20.14
N MET C 351 -36.54 -42.87 -21.42
CA MET C 351 -37.33 -41.83 -22.02
C MET C 351 -38.61 -41.62 -21.28
N GLY C 352 -38.77 -40.46 -20.68
CA GLY C 352 -39.99 -40.09 -19.99
C GLY C 352 -41.19 -40.10 -20.91
N VAL C 353 -42.38 -39.99 -20.31
CA VAL C 353 -43.62 -40.15 -21.07
C VAL C 353 -44.62 -39.09 -20.66
N LEU C 354 -45.16 -38.38 -21.66
CA LEU C 354 -46.35 -37.56 -21.52
C LEU C 354 -47.39 -38.13 -22.47
N ALA C 355 -48.56 -38.49 -21.94
CA ALA C 355 -49.55 -39.13 -22.78
C ALA C 355 -50.93 -39.02 -22.16
N GLY C 356 -51.94 -39.37 -22.95
CA GLY C 356 -53.30 -39.31 -22.47
C GLY C 356 -53.55 -40.32 -21.36
N GLN C 357 -54.38 -39.90 -20.40
CA GLN C 357 -54.57 -40.67 -19.19
C GLN C 357 -54.98 -42.11 -19.45
N ALA C 358 -55.79 -42.35 -20.47
CA ALA C 358 -56.16 -43.72 -20.83
C ALA C 358 -55.65 -44.09 -22.21
N SER C 359 -54.72 -43.31 -22.77
CA SER C 359 -54.23 -43.59 -24.11
C SER C 359 -53.55 -44.95 -24.19
N GLN C 360 -52.73 -45.27 -23.20
CA GLN C 360 -51.88 -46.47 -23.20
C GLN C 360 -50.95 -46.51 -24.42
N LEU C 361 -50.65 -45.35 -25.01
CA LEU C 361 -49.73 -45.24 -26.13
C LEU C 361 -49.01 -43.91 -26.04
N ASN C 362 -47.69 -43.95 -26.09
CA ASN C 362 -46.88 -42.77 -25.78
C ASN C 362 -47.06 -41.68 -26.84
N ALA C 363 -46.74 -40.46 -26.43
CA ALA C 363 -46.78 -39.30 -27.30
C ALA C 363 -45.44 -38.61 -27.46
N VAL C 364 -44.39 -39.10 -26.81
CA VAL C 364 -43.07 -38.50 -26.91
C VAL C 364 -42.08 -39.57 -27.34
N VAL C 365 -41.31 -39.27 -28.38
CA VAL C 365 -40.28 -40.19 -28.88
C VAL C 365 -38.97 -39.44 -28.97
N ASP C 366 -37.92 -40.02 -28.40
CA ASP C 366 -36.60 -39.42 -28.44
C ASP C 366 -35.60 -40.43 -28.97
N LEU C 367 -34.52 -39.96 -29.53
CA LEU C 367 -33.53 -40.85 -30.05
C LEU C 367 -32.23 -40.60 -29.34
N GLN C 368 -31.14 -41.02 -29.95
CA GLN C 368 -29.86 -40.90 -29.29
C GLN C 368 -28.87 -40.23 -30.17
N ASP C 369 -29.20 -39.05 -30.64
CA ASP C 369 -28.24 -38.31 -31.39
C ASP C 369 -28.82 -36.97 -31.55
N ARG C 370 -29.39 -36.45 -30.48
CA ARG C 370 -30.02 -35.16 -30.55
C ARG C 370 -29.71 -34.44 -29.29
N ASN C 371 -28.62 -33.71 -29.28
CA ASN C 371 -28.19 -33.08 -28.06
C ASN C 371 -29.18 -32.08 -27.54
N THR C 372 -30.39 -32.49 -27.27
CA THR C 372 -31.31 -31.54 -26.70
C THR C 372 -30.69 -30.45 -25.90
N GLU C 373 -29.65 -30.77 -25.19
CA GLU C 373 -29.10 -29.77 -24.30
C GLU C 373 -28.32 -28.69 -25.02
N LEU C 374 -27.36 -29.06 -25.85
CA LEU C 374 -26.67 -28.03 -26.58
C LEU C 374 -27.75 -27.19 -27.21
N SER C 375 -28.84 -27.86 -27.52
CA SER C 375 -29.94 -27.11 -28.13
C SER C 375 -30.51 -26.01 -27.26
N TYR C 376 -31.19 -26.37 -26.18
CA TYR C 376 -31.81 -25.33 -25.38
C TYR C 376 -30.78 -24.33 -25.18
N GLN C 377 -29.55 -24.77 -25.23
CA GLN C 377 -28.52 -23.85 -24.94
C GLN C 377 -28.51 -22.77 -25.96
N LEU C 378 -27.84 -23.03 -27.06
CA LEU C 378 -27.71 -21.94 -27.99
C LEU C 378 -28.94 -21.05 -28.15
N LEU C 379 -30.13 -21.58 -28.06
CA LEU C 379 -31.35 -20.84 -28.34
C LEU C 379 -31.55 -19.75 -27.34
N LEU C 380 -31.34 -20.08 -26.08
CA LEU C 380 -31.43 -19.04 -25.10
C LEU C 380 -30.58 -18.00 -25.65
N ASP C 381 -29.35 -18.38 -25.92
CA ASP C 381 -28.45 -17.33 -26.36
C ASP C 381 -29.14 -16.40 -27.25
N SER C 382 -29.43 -16.89 -28.43
CA SER C 382 -30.07 -16.03 -29.41
C SER C 382 -31.22 -15.19 -28.91
N ILE C 383 -32.32 -15.82 -28.57
CA ILE C 383 -33.52 -15.02 -28.25
C ILE C 383 -33.41 -13.88 -27.25
N GLY C 384 -32.23 -13.60 -26.73
CA GLY C 384 -32.04 -12.55 -25.75
C GLY C 384 -30.59 -12.27 -25.47
N ASP C 385 -30.31 -11.93 -24.22
CA ASP C 385 -28.98 -11.58 -23.76
C ASP C 385 -28.55 -12.51 -22.64
N ARG C 386 -27.24 -12.70 -22.50
CA ARG C 386 -26.71 -13.65 -21.53
C ARG C 386 -25.87 -13.04 -20.43
N THR C 387 -25.33 -11.83 -20.61
CA THR C 387 -24.46 -11.28 -19.59
C THR C 387 -25.19 -11.12 -18.27
N ARG C 388 -26.45 -10.71 -18.32
CA ARG C 388 -27.24 -10.58 -17.10
C ARG C 388 -27.55 -11.95 -16.54
N TYR C 389 -27.31 -12.15 -15.25
CA TYR C 389 -27.65 -13.40 -14.61
C TYR C 389 -29.09 -13.36 -14.13
N PHE C 390 -29.72 -14.53 -14.09
CA PHE C 390 -31.04 -14.68 -13.52
C PHE C 390 -30.99 -15.77 -12.48
N SER C 391 -31.49 -15.47 -11.28
CA SER C 391 -31.32 -16.38 -10.16
C SER C 391 -32.03 -17.70 -10.39
N MET C 392 -33.30 -17.64 -10.77
CA MET C 392 -34.18 -18.80 -10.66
C MET C 392 -33.61 -20.01 -11.37
N TRP C 393 -33.12 -19.83 -12.59
CA TRP C 393 -32.64 -20.95 -13.37
C TRP C 393 -31.13 -21.11 -13.29
N ASN C 394 -30.47 -20.41 -12.37
CA ASN C 394 -29.01 -20.42 -12.31
C ASN C 394 -28.40 -20.02 -13.64
N GLN C 395 -29.07 -19.13 -14.36
CA GLN C 395 -28.55 -18.69 -15.65
C GLN C 395 -27.36 -17.79 -15.41
N ALA C 396 -26.17 -18.36 -15.58
CA ALA C 396 -24.93 -17.60 -15.44
C ALA C 396 -23.91 -18.28 -16.35
N VAL C 397 -23.71 -17.71 -17.53
CA VAL C 397 -22.86 -18.35 -18.52
C VAL C 397 -21.43 -18.43 -18.02
N ASP C 398 -20.83 -19.60 -18.15
CA ASP C 398 -19.42 -19.75 -17.81
C ASP C 398 -18.57 -18.84 -18.69
N SER C 399 -17.61 -18.18 -18.08
CA SER C 399 -16.76 -17.26 -18.81
C SER C 399 -15.39 -17.24 -18.17
N TYR C 400 -14.41 -16.73 -18.92
CA TYR C 400 -13.05 -16.61 -18.44
C TYR C 400 -12.59 -15.18 -18.63
N ASP C 401 -11.88 -14.66 -17.64
CA ASP C 401 -11.39 -13.30 -17.72
C ASP C 401 -10.44 -13.17 -18.91
N PRO C 402 -10.52 -12.07 -19.66
CA PRO C 402 -9.61 -11.90 -20.80
C PRO C 402 -8.15 -11.92 -20.42
N ASP C 403 -7.81 -11.45 -19.22
CA ASP C 403 -6.41 -11.35 -18.84
C ASP C 403 -5.80 -12.71 -18.52
N VAL C 404 -6.60 -13.63 -17.99
CA VAL C 404 -6.07 -14.96 -17.70
C VAL C 404 -5.63 -15.66 -18.97
N ARG C 405 -6.45 -15.56 -20.02
CA ARG C 405 -6.17 -16.29 -21.24
C ARG C 405 -4.99 -15.69 -21.99
N ILE C 406 -4.95 -14.37 -22.11
CA ILE C 406 -3.91 -13.67 -22.86
C ILE C 406 -3.19 -12.72 -21.92
N ILE C 407 -1.86 -12.75 -21.95
CA ILE C 407 -1.04 -12.02 -21.01
C ILE C 407 -0.66 -10.69 -21.65
N GLU C 408 -1.33 -9.62 -21.21
CA GLU C 408 -0.98 -8.27 -21.64
C GLU C 408 0.18 -7.79 -20.78
N ASN C 409 1.37 -8.28 -21.10
CA ASN C 409 2.55 -8.01 -20.29
C ASN C 409 3.09 -6.62 -20.63
N HIS C 410 2.40 -5.60 -20.14
CA HIS C 410 2.87 -4.23 -20.27
C HIS C 410 4.08 -3.95 -19.40
N GLY C 411 4.42 -4.87 -18.51
CA GLY C 411 5.46 -4.60 -17.54
C GLY C 411 4.93 -3.81 -16.37
N THR C 412 5.81 -3.59 -15.41
CA THR C 412 5.42 -2.91 -14.18
C THR C 412 5.38 -1.41 -14.41
N GLU C 413 5.14 -0.67 -13.34
CA GLU C 413 5.18 0.79 -13.37
C GLU C 413 5.82 1.27 -12.08
N ASP C 414 7.08 1.68 -12.15
CA ASP C 414 7.79 2.21 -11.00
C ASP C 414 8.95 3.06 -11.48
N GLU C 415 9.05 4.27 -10.94
CA GLU C 415 10.21 5.11 -11.16
C GLU C 415 10.71 5.76 -9.89
N LEU C 416 9.99 5.62 -8.79
CA LEU C 416 10.43 6.17 -7.53
C LEU C 416 10.73 5.05 -6.55
N PRO C 417 11.64 5.27 -5.62
CA PRO C 417 11.83 4.32 -4.54
C PRO C 417 10.67 4.38 -3.56
N ASN C 418 10.49 3.30 -2.82
CA ASN C 418 9.52 3.24 -1.73
C ASN C 418 10.25 2.79 -0.47
N TYR C 419 9.98 3.46 0.64
CA TYR C 419 10.76 3.29 1.85
C TYR C 419 9.88 3.05 3.04
N CYS C 420 10.17 1.98 3.78
CA CYS C 420 9.57 1.79 5.11
C CYS C 420 10.48 2.47 6.13
N PHE C 421 10.01 2.60 7.36
CA PHE C 421 10.75 3.43 8.29
C PHE C 421 10.66 2.93 9.72
N PRO C 422 11.55 3.39 10.61
CA PRO C 422 11.41 3.06 12.03
C PRO C 422 10.16 3.68 12.61
N LEU C 423 9.60 2.99 13.60
CA LEU C 423 8.36 3.42 14.23
C LEU C 423 8.49 4.83 14.80
N GLY C 424 9.71 5.23 15.12
CA GLY C 424 9.94 6.59 15.53
C GLY C 424 10.57 7.41 14.44
N GLY C 425 10.90 6.77 13.32
CA GLY C 425 11.56 7.46 12.24
C GLY C 425 12.97 7.88 12.54
N ILE C 426 13.53 7.47 13.67
CA ILE C 426 14.93 7.69 14.00
C ILE C 426 15.43 6.45 14.72
N GLY C 427 16.37 5.75 14.12
CA GLY C 427 16.93 4.56 14.74
C GLY C 427 18.05 4.80 15.71
N VAL C 428 19.25 5.00 15.19
CA VAL C 428 20.38 5.20 16.03
C VAL C 428 20.22 6.42 16.87
N THR C 429 21.18 6.67 17.75
CA THR C 429 21.15 7.86 18.57
C THR C 429 22.45 7.94 19.33
N ASP C 430 23.04 9.11 19.38
CA ASP C 430 24.28 9.27 20.08
C ASP C 430 24.07 10.19 21.24
N THR C 431 24.40 9.75 22.44
CA THR C 431 24.16 10.60 23.55
C THR C 431 24.98 11.83 23.30
N TYR C 432 24.62 12.91 23.95
CA TYR C 432 25.42 14.10 23.80
C TYR C 432 25.32 14.99 25.01
N GLN C 433 26.05 16.10 24.99
CA GLN C 433 26.10 16.97 26.14
C GLN C 433 26.05 18.44 25.76
N ALA C 434 25.19 19.17 26.43
CA ALA C 434 25.09 20.59 26.15
C ALA C 434 26.41 21.28 26.45
N ILE C 435 26.77 22.24 25.60
CA ILE C 435 28.03 22.95 25.74
C ILE C 435 27.78 24.44 25.54
N LYS C 436 28.36 25.26 26.41
CA LYS C 436 28.24 26.70 26.32
C LYS C 436 29.59 27.30 25.97
N ALA C 437 29.57 28.33 25.13
CA ALA C 437 30.79 28.96 24.64
C ALA C 437 31.16 30.10 25.58
N THR C 438 32.27 29.94 26.28
CA THR C 438 32.82 31.04 27.07
C THR C 438 33.85 31.78 26.25
N ASN C 439 33.70 33.10 26.18
CA ASN C 439 34.50 33.95 25.32
C ASN C 439 35.99 33.77 25.55
N GLY C 440 36.70 33.31 24.52
CA GLY C 440 38.15 33.30 24.58
C GLY C 440 38.69 34.60 24.05
N ASN C 441 39.00 35.52 24.95
CA ASN C 441 39.46 36.85 24.56
C ASN C 441 40.97 36.82 24.35
N GLY C 442 41.41 37.31 23.20
CA GLY C 442 42.80 37.24 22.83
C GLY C 442 43.27 35.88 22.36
N GLY C 443 42.36 34.94 22.18
CA GLY C 443 42.75 33.60 21.76
C GLY C 443 41.55 32.75 21.39
N ALA C 444 41.79 31.44 21.39
CA ALA C 444 40.73 30.51 21.04
C ALA C 444 39.62 30.51 22.08
N THR C 445 38.39 30.41 21.61
CA THR C 445 37.25 30.45 22.51
C THR C 445 37.22 29.20 23.40
N THR C 446 36.86 29.39 24.66
CA THR C 446 36.77 28.29 25.59
C THR C 446 35.36 27.75 25.64
N TRP C 447 35.21 26.58 26.25
CA TRP C 447 33.93 25.89 26.26
C TRP C 447 33.73 25.21 27.60
N ALA C 448 32.50 25.29 28.11
CA ALA C 448 32.14 24.65 29.37
C ALA C 448 30.84 23.87 29.17
N GLN C 449 30.41 23.19 30.23
CA GLN C 449 29.19 22.41 30.18
C GLN C 449 28.02 23.23 30.70
N ASP C 450 26.93 23.25 29.96
CA ASP C 450 25.72 23.93 30.40
C ASP C 450 25.15 23.25 31.64
N ASN C 451 24.47 24.04 32.46
CA ASN C 451 23.72 23.51 33.58
C ASN C 451 22.22 23.51 33.34
N THR C 452 21.73 24.29 32.37
CA THR C 452 20.30 24.36 32.13
C THR C 452 19.76 23.03 31.60
N PHE C 453 20.40 22.49 30.58
CA PHE C 453 19.95 21.23 30.02
C PHE C 453 20.32 20.07 30.92
N ALA C 454 19.66 18.94 30.71
CA ALA C 454 20.12 17.70 31.29
C ALA C 454 21.47 17.33 30.67
N GLU C 455 22.28 16.64 31.46
CA GLU C 455 23.63 16.32 30.99
C GLU C 455 23.62 15.38 29.80
N ARG C 456 22.63 14.50 29.72
CA ARG C 456 22.58 13.50 28.67
C ARG C 456 21.37 13.75 27.78
N ASN C 457 21.62 13.93 26.49
CA ASN C 457 20.53 14.05 25.53
C ASN C 457 20.85 13.14 24.34
N GLU C 458 19.83 12.86 23.54
CA GLU C 458 19.97 11.95 22.41
C GLU C 458 19.70 12.69 21.11
N ILE C 459 20.63 12.57 20.16
CA ILE C 459 20.49 13.17 18.85
C ILE C 459 20.85 12.11 17.82
N GLY C 460 20.83 12.52 16.55
CA GLY C 460 21.23 11.66 15.45
C GLY C 460 21.99 12.45 14.42
N VAL C 461 22.73 11.72 13.58
CA VAL C 461 23.52 12.31 12.51
C VAL C 461 23.20 11.58 11.23
N GLY C 462 23.01 12.33 10.15
CA GLY C 462 22.73 11.73 8.87
C GLY C 462 21.28 11.35 8.72
N ASN C 463 20.98 10.78 7.56
CA ASN C 463 19.60 10.37 7.28
C ASN C 463 19.20 9.21 8.17
N ASN C 464 17.93 9.17 8.53
CA ASN C 464 17.42 8.07 9.33
C ASN C 464 17.48 6.76 8.54
N PHE C 465 17.93 5.71 9.21
CA PHE C 465 18.09 4.42 8.56
C PHE C 465 16.74 3.84 8.16
N ALA C 466 16.66 3.29 6.95
CA ALA C 466 15.40 2.81 6.42
C ALA C 466 15.65 1.66 5.46
N MET C 467 14.59 1.24 4.78
CA MET C 467 14.63 0.10 3.87
C MET C 467 13.96 0.45 2.55
N GLU C 468 14.38 -0.23 1.49
CA GLU C 468 13.88 -0.01 0.14
C GLU C 468 13.16 -1.26 -0.35
N ILE C 469 12.20 -1.06 -1.25
CA ILE C 469 11.40 -2.16 -1.80
C ILE C 469 10.69 -1.66 -3.04
N ASN C 470 10.56 -2.53 -4.03
CA ASN C 470 9.67 -2.27 -5.15
C ASN C 470 8.28 -2.79 -4.81
N LEU C 471 7.27 -2.02 -5.18
CA LEU C 471 5.88 -2.38 -4.89
C LEU C 471 5.19 -3.02 -6.08
N ASN C 472 5.12 -2.30 -7.21
CA ASN C 472 4.32 -2.78 -8.33
C ASN C 472 4.82 -4.12 -8.83
N ALA C 473 6.14 -4.29 -8.90
CA ALA C 473 6.68 -5.55 -9.37
C ALA C 473 6.21 -6.70 -8.51
N ASN C 474 6.18 -6.50 -7.20
CA ASN C 474 5.69 -7.55 -6.31
C ASN C 474 4.23 -7.89 -6.60
N LEU C 475 3.40 -6.87 -6.79
CA LEU C 475 1.99 -7.12 -7.06
C LEU C 475 1.82 -7.91 -8.35
N TRP C 476 2.51 -7.46 -9.40
CA TRP C 476 2.40 -8.15 -10.69
C TRP C 476 2.89 -9.58 -10.57
N ARG C 477 3.98 -9.79 -9.83
CA ARG C 477 4.51 -11.13 -9.69
C ARG C 477 3.54 -12.03 -8.95
N ASN C 478 2.93 -11.51 -7.89
CA ASN C 478 1.93 -12.29 -7.17
C ASN C 478 0.79 -12.68 -8.09
N PHE C 479 0.28 -11.71 -8.85
CA PHE C 479 -0.85 -12.01 -9.72
C PHE C 479 -0.48 -13.08 -10.75
N LEU C 480 0.68 -12.91 -11.40
CA LEU C 480 1.09 -13.87 -12.41
C LEU C 480 1.20 -15.26 -11.80
N TYR C 481 1.90 -15.38 -10.67
CA TYR C 481 2.10 -16.70 -10.10
C TYR C 481 0.78 -17.33 -9.69
N SER C 482 -0.11 -16.53 -9.10
CA SER C 482 -1.31 -17.12 -8.54
C SER C 482 -2.34 -17.48 -9.60
N ASN C 483 -2.35 -16.78 -10.73
CA ASN C 483 -3.43 -16.97 -11.67
C ASN C 483 -3.08 -17.87 -12.84
N ILE C 484 -1.80 -18.08 -13.14
CA ILE C 484 -1.39 -18.83 -14.32
C ILE C 484 -0.52 -20.01 -13.97
N ALA C 485 0.46 -19.80 -13.08
CA ALA C 485 1.47 -20.83 -12.85
C ALA C 485 0.84 -22.14 -12.41
N LEU C 486 -0.02 -22.11 -11.39
CA LEU C 486 -0.49 -23.35 -10.78
C LEU C 486 -1.32 -24.19 -11.73
N TYR C 487 -1.81 -23.62 -12.82
CA TYR C 487 -2.66 -24.35 -13.74
C TYR C 487 -1.89 -24.92 -14.92
N LEU C 488 -0.56 -24.92 -14.86
CA LEU C 488 0.24 -25.40 -15.97
C LEU C 488 0.02 -26.90 -16.17
N PRO C 489 0.33 -27.41 -17.36
CA PRO C 489 0.22 -28.85 -17.59
C PRO C 489 1.11 -29.60 -16.61
N ASP C 490 0.60 -30.73 -16.13
CA ASP C 490 1.24 -31.40 -14.99
C ASP C 490 2.53 -32.11 -15.37
N LYS C 491 2.86 -32.20 -16.65
CA LYS C 491 4.07 -32.89 -17.03
C LYS C 491 5.30 -32.06 -16.70
N LEU C 492 5.10 -30.82 -16.25
CA LEU C 492 6.21 -29.95 -15.88
C LEU C 492 6.25 -29.65 -14.39
N LYS C 493 5.73 -30.56 -13.56
CA LYS C 493 5.78 -30.41 -12.12
C LYS C 493 6.39 -31.66 -11.51
N TYR C 494 7.27 -31.47 -10.54
CA TYR C 494 7.94 -32.58 -9.88
C TYR C 494 7.48 -32.69 -8.44
N ASN C 495 7.58 -33.90 -7.90
CA ASN C 495 7.02 -34.18 -6.58
C ASN C 495 7.79 -33.45 -5.49
N PRO C 496 7.15 -33.19 -4.36
CA PRO C 496 7.81 -32.47 -3.28
C PRO C 496 8.73 -33.36 -2.47
N THR C 497 9.27 -32.82 -1.37
CA THR C 497 10.26 -33.52 -0.56
C THR C 497 9.79 -33.63 0.87
N ASN C 498 9.99 -34.81 1.46
CA ASN C 498 9.68 -35.07 2.87
C ASN C 498 8.20 -34.85 3.19
N VAL C 499 7.32 -35.12 2.24
CA VAL C 499 5.88 -35.02 2.46
C VAL C 499 5.20 -36.23 1.85
N GLU C 500 4.17 -36.73 2.51
CA GLU C 500 3.34 -37.77 1.94
C GLU C 500 2.47 -37.18 0.83
N ILE C 501 2.00 -38.06 -0.07
CA ILE C 501 1.14 -37.65 -1.18
C ILE C 501 0.47 -38.89 -1.73
N SER C 502 -0.69 -38.70 -2.36
CA SER C 502 -1.44 -39.80 -2.93
C SER C 502 -0.81 -40.25 -4.25
N ASP C 503 -1.32 -41.35 -4.78
CA ASP C 503 -0.87 -41.85 -6.07
C ASP C 503 -1.90 -41.70 -7.17
N ASN C 504 -3.17 -41.64 -6.83
CA ASN C 504 -4.19 -41.39 -7.84
C ASN C 504 -4.00 -39.99 -8.39
N PRO C 505 -3.73 -39.83 -9.67
CA PRO C 505 -3.34 -38.51 -10.17
C PRO C 505 -4.52 -37.57 -10.34
N ASN C 506 -5.67 -37.91 -9.79
CA ASN C 506 -6.86 -37.11 -9.99
C ASN C 506 -7.38 -36.42 -8.74
N THR C 507 -7.11 -36.95 -7.56
CA THR C 507 -7.75 -36.42 -6.37
C THR C 507 -7.29 -35.00 -6.07
N TYR C 508 -8.00 -34.38 -5.11
CA TYR C 508 -7.64 -33.04 -4.70
C TYR C 508 -6.26 -33.02 -4.06
N ASP C 509 -5.95 -34.04 -3.27
CA ASP C 509 -4.67 -34.08 -2.57
C ASP C 509 -3.52 -33.98 -3.54
N TYR C 510 -3.50 -34.83 -4.56
CA TYR C 510 -2.36 -34.85 -5.47
C TYR C 510 -2.24 -33.56 -6.24
N MET C 511 -3.33 -32.85 -6.45
CA MET C 511 -3.25 -31.57 -7.15
C MET C 511 -2.85 -30.43 -6.24
N ASN C 512 -3.07 -30.54 -4.94
CA ASN C 512 -2.73 -29.44 -4.06
C ASN C 512 -1.34 -29.54 -3.47
N LYS C 513 -0.57 -30.57 -3.83
CA LYS C 513 0.74 -30.77 -3.24
C LYS C 513 1.77 -31.12 -4.30
N ARG C 514 1.78 -30.36 -5.39
CA ARG C 514 2.85 -30.47 -6.36
C ARG C 514 3.77 -29.27 -6.23
N VAL C 515 4.79 -29.23 -7.07
CA VAL C 515 5.79 -28.17 -7.03
C VAL C 515 5.82 -27.51 -8.40
N VAL C 516 5.80 -26.19 -8.41
CA VAL C 516 5.76 -25.40 -9.64
C VAL C 516 6.87 -24.36 -9.56
N ALA C 517 7.73 -24.35 -10.56
CA ALA C 517 8.87 -23.45 -10.56
C ALA C 517 8.45 -22.02 -10.85
N PRO C 518 8.43 -21.14 -9.87
CA PRO C 518 7.99 -19.76 -10.15
C PRO C 518 8.87 -19.07 -11.15
N GLY C 519 10.11 -19.50 -11.29
CA GLY C 519 10.96 -18.95 -12.34
C GLY C 519 10.46 -19.24 -13.72
N LEU C 520 9.56 -20.22 -13.88
CA LEU C 520 9.03 -20.53 -15.20
C LEU C 520 8.29 -19.36 -15.78
N VAL C 521 7.50 -18.67 -14.97
CA VAL C 521 6.77 -17.50 -15.40
C VAL C 521 7.01 -16.39 -14.39
N ASP C 522 7.61 -15.30 -14.84
CA ASP C 522 7.85 -14.16 -13.98
C ASP C 522 7.88 -12.91 -14.84
N CYS C 523 8.11 -11.76 -14.21
CA CYS C 523 7.98 -10.48 -14.88
C CYS C 523 8.80 -10.37 -16.14
N TYR C 524 9.69 -11.32 -16.42
CA TYR C 524 10.61 -11.26 -17.53
C TYR C 524 10.26 -12.25 -18.63
N ILE C 525 8.97 -12.53 -18.84
CA ILE C 525 8.53 -13.48 -19.86
C ILE C 525 7.71 -12.73 -20.90
N ASN C 526 8.03 -12.97 -22.18
CA ASN C 526 7.31 -12.38 -23.31
C ASN C 526 6.99 -10.92 -23.07
N LEU C 527 7.99 -10.17 -22.65
CA LEU C 527 7.78 -8.79 -22.27
C LEU C 527 7.28 -7.97 -23.46
N GLY C 528 6.25 -7.17 -23.23
CA GLY C 528 5.76 -6.27 -24.24
C GLY C 528 5.21 -6.97 -25.47
N ALA C 529 4.43 -8.02 -25.27
CA ALA C 529 3.85 -8.76 -26.38
C ALA C 529 2.47 -9.26 -25.99
N ARG C 530 1.66 -9.51 -27.01
CA ARG C 530 0.30 -9.97 -26.82
C ARG C 530 0.28 -11.45 -27.17
N TRP C 531 0.26 -12.31 -26.16
CA TRP C 531 0.58 -13.70 -26.40
C TRP C 531 0.00 -14.57 -25.30
N SER C 532 -0.03 -15.87 -25.57
CA SER C 532 -0.46 -16.87 -24.61
C SER C 532 0.57 -17.99 -24.57
N LEU C 533 0.92 -18.43 -23.36
CA LEU C 533 1.91 -19.47 -23.19
C LEU C 533 1.46 -20.74 -23.87
N ASP C 534 2.24 -21.18 -24.85
CA ASP C 534 1.78 -22.24 -25.75
C ASP C 534 1.44 -23.52 -25.01
N TYR C 535 1.99 -23.73 -23.82
CA TYR C 535 1.57 -24.88 -23.03
C TYR C 535 0.11 -24.77 -22.63
N MET C 536 -0.33 -23.56 -22.28
CA MET C 536 -1.66 -23.44 -21.69
C MET C 536 -2.77 -23.59 -22.72
N ASP C 537 -2.49 -23.27 -23.98
CA ASP C 537 -3.56 -23.14 -24.96
C ASP C 537 -4.27 -24.44 -25.28
N ASN C 538 -3.75 -25.58 -24.83
CA ASN C 538 -4.45 -26.85 -24.97
C ASN C 538 -5.00 -27.32 -23.64
N VAL C 539 -5.31 -26.40 -22.74
CA VAL C 539 -5.87 -26.70 -21.44
C VAL C 539 -7.14 -25.89 -21.27
N ASN C 540 -8.21 -26.54 -20.86
CA ASN C 540 -9.52 -25.93 -20.68
C ASN C 540 -9.41 -24.64 -19.88
N PRO C 541 -9.59 -23.49 -20.51
CA PRO C 541 -9.53 -22.24 -19.75
C PRO C 541 -10.72 -22.03 -18.85
N PHE C 542 -11.82 -22.73 -19.09
CA PHE C 542 -12.98 -22.53 -18.24
C PHE C 542 -12.83 -23.22 -16.90
N ASN C 543 -12.15 -24.36 -16.86
CA ASN C 543 -11.88 -24.98 -15.57
C ASN C 543 -10.86 -24.14 -14.85
N HIS C 544 -11.32 -23.21 -14.03
CA HIS C 544 -10.46 -22.17 -13.47
C HIS C 544 -11.03 -21.78 -12.11
N HIS C 545 -10.60 -20.63 -11.60
CA HIS C 545 -11.16 -20.12 -10.35
C HIS C 545 -11.60 -18.67 -10.42
N ARG C 546 -11.34 -17.98 -11.51
CA ARG C 546 -11.86 -16.64 -11.71
C ARG C 546 -13.18 -16.64 -12.45
N ASN C 547 -13.71 -17.82 -12.79
CA ASN C 547 -14.95 -17.92 -13.53
C ASN C 547 -16.07 -17.23 -12.77
N ALA C 548 -16.49 -16.06 -13.25
CA ALA C 548 -17.46 -15.27 -12.49
C ALA C 548 -18.75 -16.03 -12.28
N GLY C 549 -19.22 -16.72 -13.32
CA GLY C 549 -20.41 -17.52 -13.16
C GLY C 549 -20.24 -18.60 -12.13
N LEU C 550 -19.07 -19.23 -12.09
CA LEU C 550 -18.83 -20.26 -11.10
C LEU C 550 -18.88 -19.68 -9.70
N ARG C 551 -18.28 -18.52 -9.49
CA ARG C 551 -18.33 -17.90 -8.18
C ARG C 551 -19.77 -17.58 -7.79
N TYR C 552 -20.53 -17.05 -8.74
CA TYR C 552 -21.93 -16.75 -8.46
C TYR C 552 -22.69 -17.99 -8.02
N ARG C 553 -22.62 -19.05 -8.82
CA ARG C 553 -23.37 -20.25 -8.50
C ARG C 553 -22.91 -20.84 -7.18
N SER C 554 -21.60 -20.86 -6.94
CA SER C 554 -21.08 -21.45 -5.72
C SER C 554 -21.53 -20.67 -4.50
N MET C 555 -21.53 -19.34 -4.59
CA MET C 555 -21.94 -18.56 -3.44
C MET C 555 -23.44 -18.60 -3.21
N LEU C 556 -24.23 -18.83 -4.25
CA LEU C 556 -25.67 -18.84 -4.06
C LEU C 556 -26.10 -19.91 -3.07
N LEU C 557 -25.52 -21.10 -3.18
CA LEU C 557 -25.83 -22.15 -2.21
C LEU C 557 -25.19 -21.90 -0.86
N GLY C 558 -24.32 -20.91 -0.75
CA GLY C 558 -23.62 -20.63 0.49
C GLY C 558 -22.27 -21.34 0.57
N ASN C 559 -21.47 -20.91 1.53
CA ASN C 559 -20.09 -21.33 1.64
C ASN C 559 -19.87 -22.40 2.71
N GLY C 560 -20.94 -23.01 3.20
CA GLY C 560 -20.78 -24.06 4.20
C GLY C 560 -20.28 -25.36 3.60
N ARG C 561 -20.56 -26.46 4.29
CA ARG C 561 -20.25 -27.79 3.77
C ARG C 561 -21.42 -28.73 3.84
N TYR C 562 -22.54 -28.32 4.44
CA TYR C 562 -23.72 -29.16 4.54
C TYR C 562 -24.93 -28.27 4.25
N VAL C 563 -25.43 -28.33 3.02
CA VAL C 563 -26.44 -27.40 2.55
C VAL C 563 -27.76 -28.16 2.38
N PRO C 564 -28.81 -27.79 3.10
CA PRO C 564 -30.17 -28.19 2.68
C PRO C 564 -30.62 -27.27 1.55
N PHE C 565 -30.92 -27.86 0.40
CA PHE C 565 -31.15 -27.07 -0.79
C PHE C 565 -32.55 -27.25 -1.34
N HIS C 566 -32.88 -26.35 -2.27
CA HIS C 566 -34.25 -26.13 -2.72
C HIS C 566 -34.19 -25.44 -4.07
N ILE C 567 -34.69 -26.09 -5.12
CA ILE C 567 -34.57 -25.57 -6.48
C ILE C 567 -35.85 -25.79 -7.26
N GLN C 568 -35.91 -25.14 -8.42
CA GLN C 568 -36.93 -25.34 -9.44
C GLN C 568 -36.25 -25.57 -10.77
N VAL C 569 -36.74 -26.54 -11.53
CA VAL C 569 -36.09 -27.03 -12.73
C VAL C 569 -37.02 -26.77 -13.91
N PRO C 570 -36.53 -26.24 -15.02
CA PRO C 570 -37.38 -25.99 -16.18
C PRO C 570 -37.38 -27.15 -17.16
N GLN C 571 -38.52 -27.31 -17.82
CA GLN C 571 -38.62 -28.26 -18.93
C GLN C 571 -37.81 -27.75 -20.11
N LYS C 572 -37.14 -28.67 -20.81
CA LYS C 572 -36.24 -28.28 -21.88
C LYS C 572 -36.46 -28.99 -23.20
N PHE C 573 -37.24 -30.07 -23.23
CA PHE C 573 -37.47 -30.75 -24.50
C PHE C 573 -38.22 -29.83 -25.45
N PHE C 574 -37.65 -29.61 -26.62
CA PHE C 574 -38.26 -28.70 -27.58
C PHE C 574 -39.64 -29.19 -28.00
N ALA C 575 -39.82 -30.50 -28.09
CA ALA C 575 -41.03 -31.04 -28.69
C ALA C 575 -42.28 -30.66 -27.92
N ILE C 576 -42.17 -30.35 -26.63
CA ILE C 576 -43.36 -30.01 -25.86
C ILE C 576 -43.14 -28.77 -25.01
N LYS C 577 -41.99 -28.10 -25.16
CA LYS C 577 -41.74 -26.95 -24.31
C LYS C 577 -42.62 -25.76 -24.65
N ASN C 578 -43.36 -25.82 -25.76
CA ASN C 578 -44.26 -24.74 -26.14
C ASN C 578 -45.61 -25.26 -26.58
N LEU C 579 -45.99 -26.45 -26.15
CA LEU C 579 -47.28 -27.00 -26.53
C LEU C 579 -48.40 -26.22 -25.86
N LEU C 580 -49.59 -26.32 -26.42
CA LEU C 580 -50.80 -25.74 -25.83
C LEU C 580 -51.77 -26.89 -25.59
N LEU C 581 -51.67 -27.49 -24.40
CA LEU C 581 -52.51 -28.62 -24.05
C LEU C 581 -53.96 -28.19 -23.97
N LEU C 582 -54.85 -29.16 -24.06
CA LEU C 582 -56.29 -28.94 -24.03
C LEU C 582 -56.90 -29.79 -22.93
N PRO C 583 -58.07 -29.40 -22.43
CA PRO C 583 -58.55 -30.00 -21.18
C PRO C 583 -58.68 -31.50 -21.25
N GLY C 584 -58.39 -32.15 -20.13
CA GLY C 584 -58.42 -33.60 -20.03
C GLY C 584 -57.59 -34.08 -18.85
N SER C 585 -57.06 -35.29 -19.00
CA SER C 585 -56.21 -35.89 -18.00
C SER C 585 -55.07 -36.62 -18.69
N TYR C 586 -53.88 -36.54 -18.12
CA TYR C 586 -52.69 -37.08 -18.77
C TYR C 586 -51.72 -37.58 -17.73
N THR C 587 -50.87 -38.50 -18.14
CA THR C 587 -49.77 -38.97 -17.31
C THR C 587 -48.49 -38.28 -17.76
N TYR C 588 -47.76 -37.72 -16.81
CA TYR C 588 -46.53 -36.97 -17.05
C TYR C 588 -45.48 -37.56 -16.12
N GLU C 589 -44.54 -38.32 -16.67
CA GLU C 589 -43.63 -39.12 -15.87
C GLU C 589 -42.20 -38.96 -16.36
N TRP C 590 -41.28 -38.80 -15.43
CA TRP C 590 -39.93 -38.38 -15.78
C TRP C 590 -38.93 -38.97 -14.80
N ASN C 591 -37.65 -38.69 -15.07
CA ASN C 591 -36.54 -39.31 -14.36
C ASN C 591 -35.49 -38.27 -13.99
N PHE C 592 -34.63 -38.65 -13.05
CA PHE C 592 -33.54 -37.79 -12.61
C PHE C 592 -32.35 -38.64 -12.23
N ARG C 593 -31.15 -38.07 -12.39
CA ARG C 593 -29.91 -38.76 -12.06
C ARG C 593 -29.51 -38.52 -10.61
N LYS C 594 -28.76 -39.47 -10.06
CA LYS C 594 -28.21 -39.34 -8.73
C LYS C 594 -26.70 -39.21 -8.70
N ASP C 595 -26.01 -39.37 -9.83
CA ASP C 595 -24.56 -39.31 -9.84
C ASP C 595 -24.07 -37.95 -9.37
N VAL C 596 -22.94 -37.94 -8.66
CA VAL C 596 -22.34 -36.68 -8.26
C VAL C 596 -21.25 -36.22 -9.20
N ASN C 597 -20.74 -37.12 -10.05
CA ASN C 597 -19.70 -36.72 -11.00
C ASN C 597 -20.22 -35.69 -11.98
N MET C 598 -21.45 -35.87 -12.48
CA MET C 598 -21.95 -35.04 -13.57
C MET C 598 -22.78 -33.86 -13.10
N VAL C 599 -23.76 -34.09 -12.22
CA VAL C 599 -24.71 -33.05 -11.88
C VAL C 599 -24.06 -31.89 -11.14
N LEU C 600 -22.83 -32.05 -10.70
CA LEU C 600 -22.11 -30.97 -10.05
C LEU C 600 -20.99 -30.47 -10.95
N GLN C 601 -20.39 -29.37 -10.53
CA GLN C 601 -19.27 -28.78 -11.25
C GLN C 601 -18.23 -28.34 -10.25
N SER C 602 -16.97 -28.66 -10.58
CA SER C 602 -15.83 -28.35 -9.74
C SER C 602 -14.86 -27.49 -10.52
N SER C 603 -14.28 -26.51 -9.83
CA SER C 603 -13.31 -25.63 -10.49
C SER C 603 -12.10 -26.42 -10.96
N LEU C 604 -11.60 -27.32 -10.13
CA LEU C 604 -10.38 -28.05 -10.45
C LEU C 604 -10.63 -29.31 -11.25
N GLY C 605 -11.87 -29.76 -11.36
CA GLY C 605 -12.15 -30.92 -12.19
C GLY C 605 -11.84 -32.25 -11.57
N ASN C 606 -11.39 -32.26 -10.32
CA ASN C 606 -11.08 -33.50 -9.63
C ASN C 606 -12.32 -34.36 -9.50
N ASP C 607 -12.13 -35.67 -9.55
CA ASP C 607 -13.24 -36.59 -9.33
C ASP C 607 -13.86 -36.33 -7.96
N LEU C 608 -15.15 -36.63 -7.85
CA LEU C 608 -15.85 -36.54 -6.59
C LEU C 608 -16.34 -37.89 -6.08
N ARG C 609 -16.29 -38.93 -6.90
CA ARG C 609 -16.59 -40.27 -6.39
C ARG C 609 -15.59 -40.68 -5.32
N VAL C 610 -14.31 -40.36 -5.54
CA VAL C 610 -13.29 -40.68 -4.56
C VAL C 610 -13.48 -39.86 -3.29
N ASP C 611 -13.64 -38.54 -3.44
CA ASP C 611 -13.76 -37.69 -2.27
C ASP C 611 -15.12 -37.85 -1.61
N GLY C 612 -16.12 -38.28 -2.37
CA GLY C 612 -17.39 -38.66 -1.77
C GLY C 612 -18.24 -37.50 -1.29
N ALA C 613 -18.70 -36.67 -2.20
CA ALA C 613 -19.78 -35.74 -1.90
C ALA C 613 -21.09 -36.46 -2.12
N SER C 614 -22.05 -36.23 -1.22
CA SER C 614 -23.29 -37.00 -1.24
C SER C 614 -24.48 -36.09 -1.38
N ILE C 615 -25.60 -36.69 -1.76
CA ILE C 615 -26.83 -35.95 -2.05
C ILE C 615 -28.01 -36.88 -1.85
N LYS C 616 -29.11 -36.33 -1.33
CA LYS C 616 -30.33 -37.12 -1.16
C LYS C 616 -31.54 -36.20 -1.33
N PHE C 617 -32.35 -36.49 -2.34
CA PHE C 617 -33.60 -35.78 -2.55
C PHE C 617 -34.63 -36.24 -1.54
N ASP C 618 -35.50 -35.33 -1.11
CA ASP C 618 -36.56 -35.72 -0.20
C ASP C 618 -37.94 -35.43 -0.75
N SER C 619 -38.18 -34.20 -1.19
CA SER C 619 -39.50 -33.76 -1.60
C SER C 619 -39.43 -33.25 -3.03
N ILE C 620 -40.34 -33.73 -3.86
CA ILE C 620 -40.45 -33.29 -5.25
C ILE C 620 -41.91 -33.04 -5.54
N CYS C 621 -42.22 -31.83 -6.01
CA CYS C 621 -43.60 -31.42 -6.24
C CYS C 621 -43.65 -30.67 -7.57
N LEU C 622 -44.82 -30.69 -8.20
CA LEU C 622 -45.01 -30.05 -9.50
C LEU C 622 -45.95 -28.86 -9.38
N TYR C 623 -45.64 -27.80 -10.12
CA TYR C 623 -46.49 -26.62 -10.14
C TYR C 623 -46.89 -26.29 -11.57
N ALA C 624 -48.10 -25.77 -11.72
CA ALA C 624 -48.58 -25.33 -13.02
C ALA C 624 -49.31 -24.01 -12.85
N THR C 625 -49.32 -23.20 -13.92
CA THR C 625 -49.92 -21.88 -13.88
C THR C 625 -50.95 -21.78 -15.00
N PHE C 626 -52.22 -21.71 -14.62
CA PHE C 626 -53.28 -21.58 -15.59
C PHE C 626 -53.43 -20.12 -16.00
N PHE C 627 -54.49 -19.81 -16.74
CA PHE C 627 -54.83 -18.44 -17.06
C PHE C 627 -56.31 -18.23 -16.80
N PRO C 628 -56.69 -17.07 -16.33
CA PRO C 628 -58.10 -16.80 -16.04
C PRO C 628 -58.85 -16.29 -17.27
N MET C 629 -59.12 -17.19 -18.22
CA MET C 629 -59.82 -16.84 -19.43
C MET C 629 -61.33 -17.04 -19.26
N ALA C 630 -62.11 -16.13 -19.85
CA ALA C 630 -63.55 -16.23 -19.76
C ALA C 630 -64.04 -17.53 -20.40
N HIS C 631 -65.07 -18.12 -19.80
CA HIS C 631 -65.45 -19.49 -20.13
C HIS C 631 -65.76 -19.65 -21.61
N ASN C 632 -66.79 -18.98 -22.10
CA ASN C 632 -67.24 -19.21 -23.47
C ASN C 632 -66.13 -18.93 -24.46
N THR C 633 -65.27 -17.96 -24.17
CA THR C 633 -64.15 -17.70 -25.05
C THR C 633 -63.25 -18.92 -25.13
N ALA C 634 -62.95 -19.52 -23.98
CA ALA C 634 -62.13 -20.71 -23.97
C ALA C 634 -62.79 -21.83 -24.74
N SER C 635 -64.10 -21.99 -24.58
CA SER C 635 -64.81 -23.04 -25.30
C SER C 635 -64.68 -22.84 -26.80
N THR C 636 -64.87 -21.60 -27.25
CA THR C 636 -64.77 -21.32 -28.68
C THR C 636 -63.37 -21.60 -29.19
N LEU C 637 -62.34 -21.16 -28.46
CA LEU C 637 -60.98 -21.41 -28.92
C LEU C 637 -60.69 -22.89 -28.97
N GLU C 638 -61.10 -23.62 -27.94
CA GLU C 638 -60.81 -25.05 -27.91
C GLU C 638 -61.50 -25.76 -29.07
N ALA C 639 -62.76 -25.42 -29.32
CA ALA C 639 -63.47 -26.04 -30.44
C ALA C 639 -62.81 -25.70 -31.77
N MET C 640 -62.44 -24.44 -31.95
CA MET C 640 -61.78 -24.04 -33.18
C MET C 640 -60.41 -24.69 -33.33
N LEU C 641 -59.81 -25.11 -32.23
CA LEU C 641 -58.47 -25.68 -32.24
C LEU C 641 -58.46 -27.19 -32.35
N ARG C 642 -59.57 -27.85 -32.03
CA ARG C 642 -59.57 -29.31 -32.15
C ARG C 642 -59.60 -29.77 -33.60
N ASN C 643 -59.97 -28.91 -34.54
CA ASN C 643 -60.08 -29.35 -35.92
C ASN C 643 -58.70 -29.59 -36.51
N ASP C 644 -58.60 -30.64 -37.32
CA ASP C 644 -57.30 -31.13 -37.75
C ASP C 644 -56.53 -30.08 -38.53
N THR C 645 -57.21 -29.23 -39.28
CA THR C 645 -56.48 -28.27 -40.09
C THR C 645 -55.86 -27.15 -39.27
N ASN C 646 -55.81 -27.30 -37.96
CA ASN C 646 -55.12 -26.37 -37.08
C ASN C 646 -54.14 -27.10 -36.18
N ASP C 647 -53.45 -28.10 -36.72
CA ASP C 647 -52.47 -28.81 -35.93
C ASP C 647 -51.33 -27.88 -35.54
N GLN C 648 -50.53 -28.31 -34.58
CA GLN C 648 -49.36 -27.54 -34.19
C GLN C 648 -48.10 -28.12 -34.81
N SER C 649 -47.10 -27.26 -34.98
CA SER C 649 -45.83 -27.67 -35.55
C SER C 649 -44.71 -27.16 -34.66
N PHE C 650 -43.59 -27.88 -34.67
CA PHE C 650 -42.42 -27.45 -33.93
C PHE C 650 -41.15 -27.98 -34.57
N ASN C 651 -40.08 -27.23 -34.41
CA ASN C 651 -38.74 -27.70 -34.75
C ASN C 651 -37.81 -27.27 -33.61
N ASP C 652 -36.71 -28.00 -33.43
CA ASP C 652 -35.71 -27.63 -32.44
C ASP C 652 -34.81 -26.58 -33.06
N TYR C 653 -34.33 -25.66 -32.24
CA TYR C 653 -33.50 -24.59 -32.79
C TYR C 653 -32.21 -25.13 -33.37
N LEU C 654 -31.63 -26.15 -32.74
CA LEU C 654 -30.41 -26.72 -33.29
C LEU C 654 -30.69 -27.47 -34.58
N SER C 655 -31.56 -28.48 -34.53
CA SER C 655 -31.94 -29.25 -35.70
C SER C 655 -30.72 -29.88 -36.37
N ALA C 656 -30.16 -30.86 -35.71
CA ALA C 656 -29.06 -31.57 -36.34
C ALA C 656 -28.91 -32.97 -35.81
N ALA C 657 -27.86 -33.65 -36.23
CA ALA C 657 -27.63 -34.99 -35.77
C ALA C 657 -26.56 -34.94 -34.72
N ASN C 658 -25.67 -35.93 -34.71
CA ASN C 658 -24.64 -35.99 -33.69
C ASN C 658 -23.76 -37.18 -33.93
N MET C 659 -22.62 -36.99 -34.54
CA MET C 659 -21.71 -38.09 -34.70
C MET C 659 -20.42 -37.78 -33.98
N LEU C 660 -19.67 -38.80 -33.58
CA LEU C 660 -18.44 -38.58 -32.84
C LEU C 660 -17.41 -39.56 -33.33
N TYR C 661 -16.15 -39.15 -33.41
CA TYR C 661 -15.18 -40.08 -33.95
C TYR C 661 -13.91 -40.12 -33.11
N PRO C 662 -13.41 -41.31 -32.78
CA PRO C 662 -12.20 -41.40 -31.97
C PRO C 662 -10.97 -40.96 -32.75
N ILE C 663 -9.97 -40.49 -32.00
CA ILE C 663 -8.67 -40.14 -32.56
C ILE C 663 -7.58 -40.60 -31.60
N PRO C 664 -6.73 -41.54 -32.00
CA PRO C 664 -5.59 -41.90 -31.17
C PRO C 664 -4.62 -40.74 -31.06
N ALA C 665 -3.95 -40.68 -29.91
CA ALA C 665 -3.05 -39.57 -29.63
C ALA C 665 -1.88 -39.55 -30.61
N ASN C 666 -1.41 -38.35 -30.90
CA ASN C 666 -0.25 -38.15 -31.79
C ASN C 666 -0.49 -38.73 -33.18
N ALA C 667 -1.70 -38.54 -33.69
CA ALA C 667 -2.02 -38.83 -35.08
C ALA C 667 -2.29 -37.52 -35.81
N THR C 668 -2.46 -37.63 -37.12
CA THR C 668 -2.57 -36.42 -37.94
C THR C 668 -3.90 -36.29 -38.65
N ASN C 669 -4.37 -37.34 -39.33
CA ASN C 669 -5.47 -37.23 -40.25
C ASN C 669 -6.53 -38.28 -39.95
N VAL C 670 -7.76 -37.95 -40.32
CA VAL C 670 -8.91 -38.81 -40.04
C VAL C 670 -9.79 -38.94 -41.27
N PRO C 671 -10.15 -40.16 -41.66
CA PRO C 671 -11.18 -40.34 -42.69
C PRO C 671 -12.55 -40.58 -42.09
N ILE C 672 -13.58 -40.18 -42.83
CA ILE C 672 -14.95 -40.56 -42.52
C ILE C 672 -15.66 -40.87 -43.84
N SER C 673 -16.40 -41.97 -43.85
CA SER C 673 -17.09 -42.42 -45.05
C SER C 673 -18.47 -42.92 -44.68
N ILE C 674 -19.49 -42.43 -45.38
CA ILE C 674 -20.85 -42.91 -45.23
C ILE C 674 -21.29 -43.46 -46.58
N PRO C 675 -21.94 -44.61 -46.62
CA PRO C 675 -22.22 -45.26 -47.90
C PRO C 675 -23.27 -44.51 -48.70
N SER C 676 -23.65 -45.05 -49.86
CA SER C 676 -24.61 -44.36 -50.70
C SER C 676 -25.94 -44.19 -49.98
N ARG C 677 -26.56 -43.04 -50.19
CA ARG C 677 -27.88 -42.76 -49.59
C ARG C 677 -28.42 -41.47 -50.18
N ASN C 678 -29.65 -41.15 -49.80
CA ASN C 678 -30.28 -39.91 -50.20
C ASN C 678 -29.64 -38.73 -49.47
N TRP C 679 -29.92 -37.53 -49.95
CA TRP C 679 -29.41 -36.31 -49.34
C TRP C 679 -30.44 -35.19 -49.41
N ALA C 680 -31.68 -35.49 -49.07
CA ALA C 680 -32.74 -34.50 -49.21
C ALA C 680 -32.53 -33.33 -48.26
N ALA C 681 -32.63 -32.12 -48.79
CA ALA C 681 -32.74 -30.89 -48.00
C ALA C 681 -31.60 -30.70 -47.03
N PHE C 682 -30.47 -31.38 -47.23
CA PHE C 682 -29.36 -31.25 -46.30
C PHE C 682 -28.87 -29.82 -46.22
N ARG C 683 -28.65 -29.31 -45.01
CA ARG C 683 -28.35 -27.90 -44.85
C ARG C 683 -26.86 -27.60 -44.77
N GLY C 684 -26.05 -28.50 -44.24
CA GLY C 684 -24.63 -28.26 -44.19
C GLY C 684 -24.01 -28.88 -42.95
N TRP C 685 -22.71 -28.68 -42.83
CA TRP C 685 -21.91 -29.29 -41.78
C TRP C 685 -21.48 -28.25 -40.76
N ALA C 686 -21.17 -28.73 -39.57
CA ALA C 686 -20.39 -27.95 -38.62
C ALA C 686 -19.62 -28.92 -37.75
N PHE C 687 -18.50 -28.46 -37.22
CA PHE C 687 -17.63 -29.38 -36.48
C PHE C 687 -16.71 -28.62 -35.53
N THR C 688 -16.11 -29.41 -34.64
CA THR C 688 -15.08 -28.97 -33.70
C THR C 688 -14.45 -30.22 -33.07
N ARG C 689 -13.64 -30.01 -32.02
CA ARG C 689 -12.81 -31.05 -31.43
C ARG C 689 -13.05 -31.14 -29.93
N LEU C 690 -12.76 -32.31 -29.34
CA LEU C 690 -13.04 -32.55 -27.93
C LEU C 690 -11.97 -33.45 -27.31
N LYS C 691 -11.80 -33.34 -25.99
CA LYS C 691 -10.76 -34.11 -25.29
C LYS C 691 -11.36 -35.26 -24.59
N THR C 692 -11.19 -36.44 -25.12
CA THR C 692 -11.87 -37.60 -24.58
C THR C 692 -12.14 -37.47 -23.12
N LYS C 693 -11.19 -37.92 -22.34
CA LYS C 693 -11.38 -37.91 -20.92
C LYS C 693 -12.63 -37.19 -20.57
N GLU C 694 -12.58 -35.88 -20.66
CA GLU C 694 -13.71 -35.11 -20.24
C GLU C 694 -14.74 -35.02 -21.31
N THR C 695 -15.63 -36.00 -21.37
CA THR C 695 -16.69 -36.00 -22.36
C THR C 695 -17.48 -37.20 -22.05
N PRO C 696 -18.46 -37.03 -21.21
CA PRO C 696 -19.14 -38.25 -20.84
C PRO C 696 -19.49 -38.93 -22.07
N SER C 697 -19.47 -40.23 -22.02
CA SER C 697 -19.97 -40.90 -23.16
C SER C 697 -21.42 -40.65 -22.94
N LEU C 698 -22.26 -40.95 -23.93
CA LEU C 698 -23.68 -40.81 -23.70
C LEU C 698 -24.44 -41.99 -24.28
N GLY C 699 -25.76 -41.91 -24.22
CA GLY C 699 -26.59 -43.07 -24.48
C GLY C 699 -26.94 -43.75 -23.18
N SER C 700 -25.94 -44.27 -22.49
CA SER C 700 -26.20 -44.92 -21.22
C SER C 700 -26.61 -43.91 -20.16
N GLY C 701 -27.24 -44.41 -19.10
CA GLY C 701 -27.66 -43.58 -18.00
C GLY C 701 -26.63 -43.34 -16.93
N TYR C 702 -25.48 -43.99 -17.03
CA TYR C 702 -24.44 -43.86 -16.03
C TYR C 702 -23.13 -44.30 -16.66
N ASP C 703 -22.03 -43.80 -16.12
CA ASP C 703 -20.75 -44.30 -16.62
C ASP C 703 -19.76 -44.46 -15.48
N PRO C 704 -19.30 -45.69 -15.22
CA PRO C 704 -18.24 -45.88 -14.22
C PRO C 704 -16.91 -45.27 -14.63
N TYR C 705 -16.70 -45.05 -15.92
CA TYR C 705 -15.40 -44.58 -16.36
C TYR C 705 -15.25 -43.07 -16.26
N TYR C 706 -16.31 -42.34 -15.99
CA TYR C 706 -16.16 -40.90 -16.00
C TYR C 706 -15.59 -40.47 -14.70
N THR C 707 -14.39 -39.92 -14.72
CA THR C 707 -13.76 -39.57 -13.49
C THR C 707 -13.68 -38.09 -13.40
N TYR C 708 -13.21 -37.49 -14.46
CA TYR C 708 -13.05 -36.05 -14.49
C TYR C 708 -14.32 -35.33 -14.14
N SER C 709 -14.26 -34.02 -14.07
CA SER C 709 -15.44 -33.33 -13.68
C SER C 709 -15.25 -31.90 -13.93
N GLY C 710 -14.57 -31.59 -15.00
CA GLY C 710 -14.41 -30.20 -15.35
C GLY C 710 -15.71 -29.72 -15.91
N SER C 711 -15.67 -28.68 -16.70
CA SER C 711 -16.89 -28.20 -17.32
C SER C 711 -17.06 -28.94 -18.60
N ILE C 712 -18.18 -29.59 -18.79
CA ILE C 712 -18.26 -30.44 -19.96
C ILE C 712 -18.42 -29.57 -21.19
N PRO C 713 -17.47 -29.61 -22.13
CA PRO C 713 -17.65 -28.83 -23.36
C PRO C 713 -18.85 -29.27 -24.17
N TYR C 714 -19.14 -30.57 -24.16
CA TYR C 714 -20.16 -31.15 -25.02
C TYR C 714 -21.55 -30.65 -24.69
N LEU C 715 -21.76 -30.01 -23.54
CA LEU C 715 -23.10 -29.61 -23.16
C LEU C 715 -23.19 -28.14 -22.83
N ASP C 716 -22.14 -27.56 -22.26
CA ASP C 716 -22.23 -26.15 -21.89
C ASP C 716 -22.11 -25.24 -23.10
N GLY C 717 -21.40 -25.68 -24.12
CA GLY C 717 -21.09 -24.84 -25.26
C GLY C 717 -19.70 -24.27 -25.27
N THR C 718 -18.86 -24.60 -24.30
CA THR C 718 -17.49 -24.13 -24.30
C THR C 718 -16.62 -25.00 -25.20
N PHE C 719 -15.74 -24.36 -25.95
CA PHE C 719 -14.80 -25.07 -26.79
C PHE C 719 -13.49 -24.30 -26.80
N TYR C 720 -12.39 -25.02 -26.97
CA TYR C 720 -11.10 -24.37 -27.01
C TYR C 720 -10.11 -24.99 -27.99
N LEU C 721 -10.50 -26.01 -28.74
CA LEU C 721 -9.54 -26.74 -29.56
C LEU C 721 -9.48 -26.24 -30.99
N ASN C 722 -10.35 -25.30 -31.35
CA ASN C 722 -10.55 -24.99 -32.77
C ASN C 722 -9.25 -24.57 -33.44
N HIS C 723 -8.37 -23.93 -32.71
CA HIS C 723 -7.18 -23.41 -33.35
C HIS C 723 -6.23 -24.50 -33.78
N THR C 724 -6.60 -25.77 -33.80
CA THR C 724 -5.68 -26.85 -34.09
C THR C 724 -6.10 -27.68 -35.31
N PHE C 725 -6.50 -27.01 -36.39
CA PHE C 725 -6.83 -27.71 -37.62
C PHE C 725 -5.88 -27.31 -38.73
N LYS C 726 -5.66 -28.23 -39.67
CA LYS C 726 -4.86 -27.92 -40.85
C LYS C 726 -5.72 -27.86 -42.11
N LYS C 727 -6.45 -28.93 -42.42
CA LYS C 727 -7.22 -28.91 -43.66
C LYS C 727 -8.34 -29.93 -43.61
N VAL C 728 -9.31 -29.76 -44.51
CA VAL C 728 -10.43 -30.67 -44.63
C VAL C 728 -10.91 -30.67 -46.07
N ALA C 729 -11.18 -31.87 -46.60
CA ALA C 729 -11.63 -32.04 -47.97
C ALA C 729 -12.89 -32.88 -48.01
N ILE C 730 -13.75 -32.58 -48.98
CA ILE C 730 -15.08 -33.18 -49.08
C ILE C 730 -15.25 -33.75 -50.48
N THR C 731 -15.88 -34.92 -50.58
CA THR C 731 -16.02 -35.56 -51.87
C THR C 731 -17.25 -36.44 -51.90
N PHE C 732 -17.92 -36.45 -53.05
CA PHE C 732 -19.04 -37.34 -53.31
C PHE C 732 -18.56 -38.47 -54.19
N ASP C 733 -18.77 -39.70 -53.72
CA ASP C 733 -18.43 -40.91 -54.48
C ASP C 733 -16.95 -40.95 -54.89
N SER C 734 -16.10 -40.35 -54.07
CA SER C 734 -14.65 -40.54 -54.09
C SER C 734 -13.97 -39.96 -55.32
N SER C 735 -14.70 -39.33 -56.23
CA SER C 735 -14.06 -38.83 -57.44
C SER C 735 -14.58 -37.50 -57.92
N VAL C 736 -15.48 -36.85 -57.18
CA VAL C 736 -15.97 -35.53 -57.56
C VAL C 736 -15.82 -34.60 -56.37
N SER C 737 -15.08 -33.52 -56.56
CA SER C 737 -14.83 -32.57 -55.47
C SER C 737 -16.08 -31.79 -55.14
N TRP C 738 -15.96 -30.86 -54.21
CA TRP C 738 -17.07 -30.00 -53.87
C TRP C 738 -16.54 -28.79 -53.10
N PRO C 739 -16.96 -27.58 -53.44
CA PRO C 739 -17.90 -27.28 -54.51
C PRO C 739 -17.27 -27.53 -55.88
N GLY C 740 -15.95 -27.66 -55.88
CA GLY C 740 -15.27 -28.04 -57.08
C GLY C 740 -15.39 -26.99 -58.19
N ASN C 741 -15.08 -27.44 -59.39
CA ASN C 741 -15.18 -26.62 -60.59
C ASN C 741 -14.40 -25.32 -60.41
N ASP C 742 -13.25 -25.43 -59.76
CA ASP C 742 -12.34 -24.32 -59.53
C ASP C 742 -13.06 -23.15 -58.87
N ARG C 743 -13.76 -23.40 -57.76
CA ARG C 743 -14.38 -22.30 -57.05
C ARG C 743 -13.35 -21.49 -56.26
N LEU C 744 -12.44 -22.17 -55.56
CA LEU C 744 -11.55 -21.51 -54.62
C LEU C 744 -10.16 -21.32 -55.21
N LEU C 745 -9.26 -20.77 -54.39
CA LEU C 745 -7.88 -20.59 -54.82
C LEU C 745 -7.16 -21.93 -54.93
N THR C 746 -7.28 -22.76 -53.89
CA THR C 746 -6.75 -24.10 -53.99
C THR C 746 -7.66 -24.96 -54.86
N PRO C 747 -7.09 -25.88 -55.62
CA PRO C 747 -7.91 -26.62 -56.59
C PRO C 747 -9.01 -27.46 -55.95
N ASN C 748 -8.69 -28.26 -54.94
CA ASN C 748 -9.69 -29.21 -54.45
C ASN C 748 -9.63 -29.43 -52.95
N GLU C 749 -9.29 -28.42 -52.17
CA GLU C 749 -9.14 -28.65 -50.74
C GLU C 749 -9.28 -27.33 -49.97
N PHE C 750 -10.07 -27.37 -48.91
CA PHE C 750 -10.15 -26.22 -48.02
C PHE C 750 -8.90 -26.14 -47.17
N GLU C 751 -8.24 -24.99 -47.19
CA GLU C 751 -7.10 -24.72 -46.32
C GLU C 751 -7.56 -23.85 -45.17
N ILE C 752 -7.09 -24.17 -43.97
CA ILE C 752 -7.44 -23.41 -42.79
C ILE C 752 -6.29 -22.54 -42.32
N LYS C 753 -5.09 -23.12 -42.21
CA LYS C 753 -3.91 -22.32 -41.98
C LYS C 753 -2.68 -23.08 -42.44
N ARG C 754 -1.97 -22.49 -43.39
CA ARG C 754 -0.66 -23.00 -43.78
C ARG C 754 0.38 -22.27 -42.94
N SER C 755 1.36 -23.04 -42.47
CA SER C 755 2.16 -22.59 -41.33
C SER C 755 2.93 -21.31 -41.59
N VAL C 756 3.96 -21.37 -42.42
CA VAL C 756 4.80 -20.21 -42.69
C VAL C 756 4.97 -20.06 -44.20
N ASP C 757 5.38 -21.16 -44.82
CA ASP C 757 5.76 -21.23 -46.23
C ASP C 757 4.77 -20.52 -47.14
N GLY C 758 3.53 -20.36 -46.67
CA GLY C 758 2.49 -19.68 -47.42
C GLY C 758 2.97 -18.47 -48.17
N GLU C 759 2.79 -18.49 -49.49
CA GLU C 759 3.32 -17.43 -50.32
C GLU C 759 2.48 -16.17 -50.24
N GLY C 760 1.21 -16.26 -50.62
CA GLY C 760 0.35 -15.10 -50.60
C GLY C 760 -0.99 -15.34 -49.94
N TYR C 761 -1.00 -16.13 -48.87
CA TYR C 761 -2.32 -16.55 -48.39
C TYR C 761 -2.52 -16.37 -46.89
N ASN C 762 -2.06 -15.29 -46.28
CA ASN C 762 -2.44 -14.95 -44.93
C ASN C 762 -3.36 -13.73 -44.94
N VAL C 763 -3.91 -13.41 -43.77
CA VAL C 763 -4.86 -12.32 -43.67
C VAL C 763 -4.92 -11.89 -42.21
N ALA C 764 -4.95 -10.57 -42.00
CA ALA C 764 -5.03 -9.99 -40.66
C ALA C 764 -3.84 -10.42 -39.80
N GLN C 765 -2.68 -10.52 -40.43
CA GLN C 765 -1.44 -10.85 -39.74
C GLN C 765 -1.55 -12.15 -38.95
N CYS C 766 -2.40 -13.05 -39.37
CA CYS C 766 -2.56 -14.33 -38.72
C CYS C 766 -2.01 -15.42 -39.62
N ASN C 767 -2.24 -16.68 -39.26
CA ASN C 767 -1.87 -17.81 -40.09
C ASN C 767 -3.03 -18.30 -40.94
N MET C 768 -4.21 -17.73 -40.77
CA MET C 768 -5.39 -18.18 -41.49
C MET C 768 -5.32 -17.76 -42.96
N THR C 769 -5.87 -18.61 -43.82
CA THR C 769 -5.95 -18.28 -45.23
C THR C 769 -7.06 -17.26 -45.48
N LYS C 770 -6.93 -16.53 -46.58
CA LYS C 770 -8.00 -15.63 -46.98
C LYS C 770 -9.28 -16.40 -47.24
N ASP C 771 -9.16 -17.55 -47.91
CA ASP C 771 -10.34 -18.26 -48.37
C ASP C 771 -11.22 -18.71 -47.21
N TRP C 772 -10.61 -19.31 -46.18
CA TRP C 772 -11.42 -19.75 -45.06
C TRP C 772 -12.05 -18.56 -44.35
N PHE C 773 -11.31 -17.47 -44.23
CA PHE C 773 -11.85 -16.28 -43.60
C PHE C 773 -13.06 -15.78 -44.36
N LEU C 774 -12.96 -15.72 -45.68
CA LEU C 774 -14.07 -15.28 -46.49
C LEU C 774 -15.28 -16.21 -46.31
N VAL C 775 -15.04 -17.51 -46.32
CA VAL C 775 -16.16 -18.45 -46.20
C VAL C 775 -16.86 -18.26 -44.87
N GLN C 776 -16.09 -18.15 -43.79
CA GLN C 776 -16.72 -17.99 -42.49
C GLN C 776 -17.49 -16.69 -42.41
N MET C 777 -16.91 -15.60 -42.92
CA MET C 777 -17.62 -14.32 -42.89
C MET C 777 -18.94 -14.42 -43.63
N LEU C 778 -18.91 -14.95 -44.85
CA LEU C 778 -20.14 -15.11 -45.62
C LEU C 778 -21.16 -15.92 -44.84
N ALA C 779 -20.83 -17.18 -44.55
CA ALA C 779 -21.80 -18.08 -43.96
C ALA C 779 -22.26 -17.61 -42.59
N ASN C 780 -21.55 -16.69 -41.96
CA ASN C 780 -22.04 -16.23 -40.68
C ASN C 780 -22.88 -14.97 -40.78
N TYR C 781 -22.62 -14.11 -41.76
CA TYR C 781 -23.35 -12.85 -41.80
C TYR C 781 -23.75 -12.40 -43.19
N ASN C 782 -23.56 -13.21 -44.23
CA ASN C 782 -23.82 -12.79 -45.59
C ASN C 782 -23.06 -11.51 -45.92
N ILE C 783 -21.80 -11.45 -45.51
CA ILE C 783 -20.96 -10.29 -45.75
C ILE C 783 -19.68 -10.74 -46.44
N GLY C 784 -19.14 -9.89 -47.29
CA GLY C 784 -17.88 -10.15 -47.93
C GLY C 784 -17.84 -9.79 -49.39
N TYR C 785 -18.93 -10.02 -50.11
CA TYR C 785 -18.95 -9.66 -51.51
C TYR C 785 -18.92 -8.16 -51.71
N GLN C 786 -19.27 -7.40 -50.69
CA GLN C 786 -19.27 -5.94 -50.77
C GLN C 786 -18.24 -5.35 -49.83
N GLY C 787 -17.10 -6.03 -49.68
CA GLY C 787 -16.05 -5.51 -48.84
C GLY C 787 -16.33 -5.72 -47.37
N PHE C 788 -15.33 -6.17 -46.62
CA PHE C 788 -15.56 -6.51 -45.23
C PHE C 788 -15.73 -5.26 -44.38
N TYR C 789 -16.31 -5.45 -43.20
CA TYR C 789 -16.49 -4.42 -42.20
C TYR C 789 -17.14 -5.08 -41.00
N ILE C 790 -17.02 -4.42 -39.84
CA ILE C 790 -17.50 -5.02 -38.60
C ILE C 790 -19.00 -5.17 -38.64
N PRO C 791 -19.52 -6.39 -38.52
CA PRO C 791 -20.97 -6.57 -38.51
C PRO C 791 -21.59 -5.87 -37.31
N GLU C 792 -22.84 -5.46 -37.48
CA GLU C 792 -23.52 -4.72 -36.45
C GLU C 792 -23.83 -5.60 -35.25
N SER C 793 -24.15 -4.95 -34.13
CA SER C 793 -24.25 -5.61 -32.84
C SER C 793 -25.26 -6.75 -32.81
N TYR C 794 -26.54 -6.42 -32.94
CA TYR C 794 -27.59 -7.40 -32.67
C TYR C 794 -27.43 -8.66 -33.52
N LYS C 795 -26.94 -8.51 -34.74
CA LYS C 795 -26.72 -9.66 -35.62
C LYS C 795 -25.48 -10.43 -35.27
N ASP C 796 -24.91 -10.22 -34.09
CA ASP C 796 -23.69 -10.92 -33.67
C ASP C 796 -23.77 -11.12 -32.16
N ARG C 797 -24.22 -12.29 -31.74
CA ARG C 797 -24.48 -12.55 -30.34
C ARG C 797 -23.24 -13.16 -29.69
N MET C 798 -23.39 -13.73 -28.49
CA MET C 798 -22.23 -14.17 -27.72
C MET C 798 -21.47 -15.28 -28.43
N TYR C 799 -22.15 -16.35 -28.80
CA TYR C 799 -21.41 -17.44 -29.45
C TYR C 799 -21.39 -17.23 -30.95
N SER C 800 -21.05 -16.03 -31.38
CA SER C 800 -20.93 -15.75 -32.79
C SER C 800 -19.54 -16.19 -33.23
N PHE C 801 -19.12 -15.78 -34.42
CA PHE C 801 -17.76 -16.02 -34.86
C PHE C 801 -16.87 -14.82 -34.57
N PHE C 802 -17.25 -13.65 -35.07
CA PHE C 802 -16.33 -12.52 -35.05
C PHE C 802 -15.98 -12.09 -33.64
N ARG C 803 -16.90 -12.28 -32.69
CA ARG C 803 -16.65 -11.78 -31.34
C ARG C 803 -15.41 -12.42 -30.72
N ASN C 804 -15.13 -13.67 -31.06
CA ASN C 804 -14.09 -14.43 -30.38
C ASN C 804 -12.96 -14.77 -31.33
N PHE C 805 -12.48 -13.77 -32.06
CA PHE C 805 -11.45 -13.94 -33.07
C PHE C 805 -10.22 -13.16 -32.63
N GLN C 806 -9.33 -13.81 -31.89
CA GLN C 806 -8.16 -13.13 -31.35
C GLN C 806 -6.92 -13.56 -32.13
N PRO C 807 -6.31 -12.70 -32.91
CA PRO C 807 -5.02 -13.04 -33.52
C PRO C 807 -3.87 -12.51 -32.68
N MET C 808 -2.77 -13.27 -32.66
CA MET C 808 -1.62 -12.92 -31.85
C MET C 808 -0.34 -13.26 -32.59
N SER C 809 0.71 -12.51 -32.29
CA SER C 809 2.02 -12.74 -32.88
C SER C 809 3.09 -12.26 -31.92
N ARG C 810 4.21 -12.98 -31.91
CA ARG C 810 5.35 -12.60 -31.09
C ARG C 810 6.63 -12.79 -31.87
N GLN C 811 7.72 -12.29 -31.29
CA GLN C 811 9.06 -12.49 -31.82
C GLN C 811 9.86 -13.27 -30.79
N VAL C 812 10.65 -14.22 -31.28
CA VAL C 812 11.52 -15.01 -30.42
C VAL C 812 12.93 -14.94 -30.99
N VAL C 813 13.90 -15.26 -30.14
CA VAL C 813 15.30 -15.11 -30.51
C VAL C 813 15.66 -16.20 -31.51
N ASP C 814 16.19 -15.79 -32.65
CA ASP C 814 16.69 -16.76 -33.60
C ASP C 814 17.90 -17.48 -33.02
N ASP C 815 18.12 -18.71 -33.48
CA ASP C 815 19.22 -19.51 -32.98
C ASP C 815 20.32 -19.73 -34.01
N THR C 816 19.97 -20.16 -35.20
CA THR C 816 21.02 -20.51 -36.14
C THR C 816 21.59 -19.33 -36.86
N LYS C 817 21.36 -18.11 -36.38
CA LYS C 817 22.05 -16.96 -36.96
C LYS C 817 22.59 -16.03 -35.88
N TYR C 818 22.69 -16.50 -34.64
CA TYR C 818 23.27 -15.72 -33.55
C TYR C 818 24.55 -16.40 -33.10
N LYS C 819 25.62 -15.62 -33.01
CA LYS C 819 26.94 -16.20 -32.76
C LYS C 819 26.99 -16.87 -31.40
N ASP C 820 26.38 -16.27 -30.38
CA ASP C 820 26.54 -16.72 -29.01
C ASP C 820 25.31 -17.42 -28.47
N TYR C 821 24.53 -18.08 -29.31
CA TYR C 821 23.35 -18.76 -28.82
C TYR C 821 23.74 -19.91 -27.92
N GLN C 822 23.05 -20.05 -26.80
CA GLN C 822 23.36 -21.08 -25.81
C GLN C 822 22.07 -21.51 -25.13
N GLN C 823 21.65 -22.74 -25.38
CA GLN C 823 20.41 -23.24 -24.78
C GLN C 823 20.60 -23.39 -23.28
N VAL C 824 19.98 -22.52 -22.51
CA VAL C 824 20.14 -22.49 -21.07
C VAL C 824 18.89 -23.07 -20.45
N GLY C 825 19.01 -24.25 -19.85
CA GLY C 825 17.89 -24.85 -19.15
C GLY C 825 17.51 -24.02 -17.95
N ILE C 826 16.31 -24.30 -17.43
CA ILE C 826 15.78 -23.53 -16.32
C ILE C 826 16.70 -23.61 -15.11
N ILE C 827 17.33 -24.76 -14.89
CA ILE C 827 18.05 -25.01 -13.64
C ILE C 827 19.14 -23.98 -13.41
N HIS C 828 19.75 -23.45 -14.46
CA HIS C 828 20.87 -22.54 -14.32
C HIS C 828 20.49 -21.10 -14.62
N GLN C 829 19.20 -20.79 -14.72
CA GLN C 829 18.77 -19.43 -15.00
C GLN C 829 18.69 -18.66 -13.70
N HIS C 830 19.38 -17.54 -13.61
CA HIS C 830 19.43 -16.77 -12.38
C HIS C 830 18.99 -15.34 -12.64
N ASN C 831 17.81 -14.99 -12.15
CA ASN C 831 17.34 -13.62 -12.23
C ASN C 831 16.82 -13.22 -10.86
N ASN C 832 17.10 -11.98 -10.47
CA ASN C 832 16.78 -11.49 -9.13
C ASN C 832 17.40 -12.40 -8.06
N SER C 833 18.56 -12.95 -8.37
CA SER C 833 19.28 -13.75 -7.41
C SER C 833 19.52 -12.95 -6.14
N GLY C 834 19.40 -13.61 -5.00
CA GLY C 834 19.46 -12.91 -3.75
C GLY C 834 18.17 -12.24 -3.37
N PHE C 835 17.08 -12.49 -4.09
CA PHE C 835 15.81 -11.86 -3.74
C PHE C 835 14.59 -12.76 -3.83
N VAL C 836 14.66 -13.93 -4.45
CA VAL C 836 13.55 -14.87 -4.47
C VAL C 836 14.07 -16.26 -4.19
N GLY C 837 13.14 -17.19 -4.04
CA GLY C 837 13.50 -18.57 -3.78
C GLY C 837 14.20 -19.20 -4.95
N TYR C 838 14.48 -20.50 -4.79
CA TYR C 838 15.15 -21.28 -5.82
C TYR C 838 14.20 -22.37 -6.29
N LEU C 839 13.54 -22.14 -7.42
CA LEU C 839 12.67 -23.12 -8.05
C LEU C 839 11.54 -23.55 -7.12
N ALA C 840 11.19 -22.69 -6.18
CA ALA C 840 10.11 -22.95 -5.25
C ALA C 840 9.77 -21.68 -4.48
N PRO C 841 8.51 -21.42 -4.24
CA PRO C 841 8.14 -20.21 -3.48
C PRO C 841 8.50 -20.32 -2.02
N THR C 842 9.79 -20.20 -1.71
CA THR C 842 10.24 -20.31 -0.33
C THR C 842 11.07 -19.09 0.05
N MET C 843 11.77 -19.17 1.18
CA MET C 843 12.60 -18.06 1.62
C MET C 843 13.60 -17.67 0.53
N ARG C 844 13.96 -16.39 0.53
CA ARG C 844 14.93 -15.89 -0.43
C ARG C 844 16.33 -16.37 -0.07
N GLU C 845 17.23 -16.26 -1.05
CA GLU C 845 18.66 -16.52 -0.84
C GLU C 845 19.41 -16.06 -2.06
N GLY C 846 20.73 -15.99 -1.94
CA GLY C 846 21.62 -15.67 -3.04
C GLY C 846 22.35 -14.35 -2.82
N GLN C 847 23.34 -14.10 -3.67
CA GLN C 847 24.04 -12.84 -3.61
C GLN C 847 23.49 -12.04 -4.75
N ALA C 848 24.37 -11.44 -5.54
CA ALA C 848 23.92 -10.72 -6.73
C ALA C 848 24.86 -10.94 -7.90
N TYR C 849 24.63 -10.27 -9.02
CA TYR C 849 25.44 -10.50 -10.19
C TYR C 849 24.63 -10.00 -11.32
N PRO C 850 25.25 -9.85 -12.46
CA PRO C 850 24.37 -9.46 -13.55
C PRO C 850 23.61 -10.70 -13.86
N ALA C 851 22.55 -10.64 -14.68
CA ALA C 851 21.72 -11.85 -14.89
C ALA C 851 22.14 -12.72 -16.03
N ASN C 852 21.23 -13.56 -16.49
CA ASN C 852 21.63 -14.50 -17.50
C ASN C 852 20.63 -14.90 -18.56
N VAL C 853 19.32 -14.73 -18.39
CA VAL C 853 18.45 -15.18 -19.48
C VAL C 853 17.14 -14.40 -19.64
N PRO C 854 17.12 -13.10 -19.51
CA PRO C 854 16.18 -12.36 -20.37
C PRO C 854 16.87 -12.04 -21.66
N TYR C 855 16.51 -12.68 -22.74
CA TYR C 855 17.32 -12.42 -23.92
C TYR C 855 16.92 -11.07 -24.49
N PRO C 856 17.88 -10.16 -24.67
CA PRO C 856 17.53 -8.80 -25.07
C PRO C 856 16.95 -8.80 -26.47
N LEU C 857 16.01 -7.87 -26.68
CA LEU C 857 15.36 -7.75 -27.98
C LEU C 857 15.16 -6.30 -28.39
N ILE C 858 15.85 -5.36 -27.77
CA ILE C 858 15.68 -3.95 -28.08
C ILE C 858 17.00 -3.22 -27.89
N GLY C 859 16.98 -1.91 -28.07
CA GLY C 859 18.17 -1.10 -27.84
C GLY C 859 19.24 -1.36 -28.89
N LYS C 860 20.38 -0.70 -28.69
CA LYS C 860 21.48 -0.81 -29.64
C LYS C 860 21.94 -2.25 -29.84
N THR C 861 21.78 -3.08 -28.83
CA THR C 861 22.43 -4.39 -28.85
C THR C 861 21.42 -5.52 -28.80
N ALA C 862 20.38 -5.45 -29.61
CA ALA C 862 19.46 -6.57 -29.74
C ALA C 862 20.07 -7.64 -30.65
N VAL C 863 19.35 -8.75 -30.78
CA VAL C 863 19.87 -9.91 -31.50
C VAL C 863 19.03 -10.17 -32.74
N ASP C 864 19.43 -11.14 -33.54
CA ASP C 864 18.60 -11.58 -34.66
C ASP C 864 17.46 -12.45 -34.13
N SER C 865 16.32 -12.39 -34.84
CA SER C 865 15.11 -13.00 -34.31
C SER C 865 14.25 -13.51 -35.44
N ILE C 866 13.23 -14.28 -35.08
CA ILE C 866 12.20 -14.72 -36.00
C ILE C 866 10.85 -14.45 -35.37
N THR C 867 9.80 -14.62 -36.17
CA THR C 867 8.45 -14.26 -35.78
C THR C 867 7.54 -15.47 -35.82
N GLN C 868 6.48 -15.42 -35.01
CA GLN C 868 5.49 -16.48 -35.00
C GLN C 868 4.12 -15.87 -34.80
N LYS C 869 3.11 -16.52 -35.38
CA LYS C 869 1.74 -16.05 -35.35
C LYS C 869 0.81 -17.22 -35.07
N LYS C 870 -0.33 -16.91 -34.48
CA LYS C 870 -1.37 -17.90 -34.22
C LYS C 870 -2.64 -17.15 -33.83
N PHE C 871 -3.68 -17.90 -33.47
CA PHE C 871 -4.93 -17.25 -33.14
C PHE C 871 -5.78 -18.15 -32.25
N LEU C 872 -6.73 -17.53 -31.58
CA LEU C 872 -7.65 -18.18 -30.67
C LEU C 872 -9.08 -17.86 -31.09
N CYS C 873 -9.88 -18.89 -31.28
CA CYS C 873 -11.26 -18.74 -31.69
C CYS C 873 -12.14 -19.68 -30.88
N ASP C 874 -12.01 -19.59 -29.56
CA ASP C 874 -12.83 -20.40 -28.67
C ASP C 874 -14.29 -20.00 -28.77
N ARG C 875 -15.15 -20.84 -28.18
CA ARG C 875 -16.54 -20.48 -27.96
C ARG C 875 -17.30 -20.35 -29.28
N THR C 876 -16.99 -21.20 -30.24
CA THR C 876 -17.71 -21.23 -31.51
C THR C 876 -17.40 -22.53 -32.23
N LEU C 877 -18.13 -22.77 -33.31
CA LEU C 877 -17.96 -23.96 -34.13
C LEU C 877 -17.60 -23.55 -35.55
N TRP C 878 -16.92 -24.42 -36.28
CA TRP C 878 -16.66 -24.14 -37.68
C TRP C 878 -17.81 -24.70 -38.49
N ARG C 879 -18.54 -23.84 -39.19
CA ARG C 879 -19.74 -24.23 -39.94
C ARG C 879 -19.55 -23.96 -41.41
N ILE C 880 -19.84 -24.97 -42.24
CA ILE C 880 -19.84 -24.83 -43.69
C ILE C 880 -21.25 -25.11 -44.19
N PRO C 881 -21.94 -24.13 -44.78
CA PRO C 881 -23.31 -24.35 -45.22
C PRO C 881 -23.36 -25.01 -46.59
N PHE C 882 -24.47 -25.69 -46.85
CA PHE C 882 -24.67 -26.40 -48.09
C PHE C 882 -25.44 -25.51 -49.08
N SER C 883 -24.74 -24.47 -49.53
CA SER C 883 -25.32 -23.51 -50.46
C SER C 883 -24.43 -23.38 -51.69
N SER C 884 -25.05 -23.01 -52.80
CA SER C 884 -24.29 -22.88 -54.04
C SER C 884 -23.27 -21.76 -53.95
N ASN C 885 -23.66 -20.62 -53.37
CA ASN C 885 -22.74 -19.49 -53.22
C ASN C 885 -22.47 -19.17 -51.76
N PHE C 886 -22.67 -20.14 -50.87
CA PHE C 886 -22.39 -20.06 -49.44
C PHE C 886 -23.30 -19.10 -48.70
N MET C 887 -24.16 -18.35 -49.38
CA MET C 887 -24.95 -17.35 -48.70
C MET C 887 -26.23 -17.97 -48.15
N SER C 888 -26.68 -17.46 -47.01
CA SER C 888 -27.90 -17.95 -46.39
C SER C 888 -29.08 -17.17 -46.94
N MET C 889 -29.97 -17.88 -47.64
CA MET C 889 -31.12 -17.26 -48.27
C MET C 889 -32.37 -18.08 -47.98
N GLY C 890 -32.55 -18.49 -46.73
CA GLY C 890 -33.75 -19.22 -46.36
C GLY C 890 -33.46 -20.52 -45.65
N ALA C 891 -34.47 -21.07 -44.97
CA ALA C 891 -34.28 -22.31 -44.23
C ALA C 891 -33.89 -23.44 -45.16
N LEU C 892 -34.58 -23.57 -46.28
CA LEU C 892 -34.14 -24.54 -47.27
C LEU C 892 -32.92 -23.99 -48.01
N THR C 893 -32.48 -24.73 -49.01
CA THR C 893 -31.35 -24.28 -49.82
C THR C 893 -31.48 -24.84 -51.22
N ASP C 894 -30.81 -24.16 -52.16
CA ASP C 894 -30.98 -24.49 -53.56
C ASP C 894 -30.42 -25.87 -53.88
N LEU C 895 -29.19 -26.15 -53.47
CA LEU C 895 -28.60 -27.44 -53.75
C LEU C 895 -29.39 -28.55 -53.07
N GLY C 896 -29.82 -28.31 -51.83
CA GLY C 896 -30.63 -29.31 -51.14
C GLY C 896 -31.95 -29.54 -51.83
N GLN C 897 -32.56 -28.48 -52.35
CA GLN C 897 -33.82 -28.62 -53.04
C GLN C 897 -33.63 -29.29 -54.40
N ASN C 898 -32.44 -29.20 -54.98
CA ASN C 898 -32.20 -29.85 -56.26
C ASN C 898 -31.94 -31.32 -56.10
N LEU C 899 -31.06 -31.70 -55.16
CA LEU C 899 -30.69 -33.10 -54.85
C LEU C 899 -30.37 -33.91 -56.10
N LEU C 900 -30.11 -33.23 -57.22
CA LEU C 900 -30.17 -33.85 -58.53
C LEU C 900 -31.53 -34.53 -58.73
N TYR C 901 -32.55 -34.00 -58.05
CA TYR C 901 -33.96 -34.36 -58.19
C TYR C 901 -34.32 -35.69 -57.52
N ALA C 902 -33.52 -36.14 -56.56
CA ALA C 902 -33.95 -37.12 -55.57
C ALA C 902 -34.37 -38.46 -56.13
N ASN C 903 -34.35 -38.64 -57.45
CA ASN C 903 -34.38 -40.01 -57.97
C ASN C 903 -33.01 -40.64 -57.82
N SER C 904 -32.06 -39.91 -57.24
CA SER C 904 -30.69 -40.36 -57.10
C SER C 904 -30.31 -40.60 -55.65
N ALA C 905 -29.11 -41.13 -55.45
CA ALA C 905 -28.51 -41.32 -54.13
C ALA C 905 -27.01 -41.13 -54.26
N HIS C 906 -26.33 -40.92 -53.13
CA HIS C 906 -24.90 -40.65 -53.16
C HIS C 906 -24.22 -41.14 -51.90
N ALA C 907 -22.90 -41.36 -52.02
CA ALA C 907 -22.04 -41.74 -50.91
C ALA C 907 -21.04 -40.63 -50.65
N LEU C 908 -20.63 -40.49 -49.38
CA LEU C 908 -19.91 -39.31 -48.94
C LEU C 908 -18.59 -39.69 -48.30
N ASP C 909 -17.52 -38.97 -48.67
CA ASP C 909 -16.21 -39.09 -48.04
C ASP C 909 -15.74 -37.73 -47.58
N MET C 910 -15.15 -37.68 -46.39
CA MET C 910 -14.56 -36.47 -45.86
C MET C 910 -13.23 -36.81 -45.21
N THR C 911 -12.26 -35.92 -45.35
CA THR C 911 -10.93 -36.14 -44.83
C THR C 911 -10.49 -34.93 -44.01
N PHE C 912 -10.05 -35.17 -42.79
CA PHE C 912 -9.54 -34.13 -41.91
C PHE C 912 -8.05 -34.33 -41.69
N GLU C 913 -7.35 -33.23 -41.44
CA GLU C 913 -5.95 -33.28 -41.03
C GLU C 913 -5.72 -32.17 -40.03
N VAL C 914 -5.32 -32.56 -38.81
CA VAL C 914 -5.13 -31.65 -37.69
C VAL C 914 -3.77 -31.93 -37.04
N ASP C 915 -3.33 -30.98 -36.23
CA ASP C 915 -2.06 -31.10 -35.56
C ASP C 915 -2.12 -32.17 -34.46
N PRO C 916 -0.99 -32.79 -34.14
CA PRO C 916 -1.01 -33.87 -33.15
C PRO C 916 -1.11 -33.32 -31.74
N MET C 917 -1.72 -34.13 -30.87
CA MET C 917 -1.75 -33.87 -29.44
C MET C 917 -1.18 -35.08 -28.72
N ASP C 918 -1.38 -35.17 -27.41
CA ASP C 918 -0.84 -36.27 -26.62
C ASP C 918 -1.92 -36.84 -25.73
N GLU C 919 -3.08 -37.09 -26.30
CA GLU C 919 -4.22 -37.61 -25.54
C GLU C 919 -5.25 -38.12 -26.54
N PRO C 920 -5.98 -39.18 -26.22
CA PRO C 920 -7.09 -39.57 -27.09
C PRO C 920 -8.09 -38.43 -27.20
N THR C 921 -8.57 -38.19 -28.41
CA THR C 921 -9.47 -37.07 -28.65
C THR C 921 -10.67 -37.52 -29.45
N LEU C 922 -11.65 -36.63 -29.56
CA LEU C 922 -12.86 -36.91 -30.32
C LEU C 922 -13.09 -35.80 -31.33
N LEU C 923 -13.53 -36.19 -32.50
CA LEU C 923 -13.94 -35.26 -33.54
C LEU C 923 -15.46 -35.19 -33.54
N TYR C 924 -15.99 -34.00 -33.30
CA TYR C 924 -17.43 -33.79 -33.20
C TYR C 924 -17.90 -33.13 -34.48
N VAL C 925 -18.78 -33.82 -35.21
CA VAL C 925 -19.33 -33.32 -36.46
C VAL C 925 -20.84 -33.45 -36.38
N LEU C 926 -21.55 -32.41 -36.76
CA LEU C 926 -23.00 -32.44 -36.81
C LEU C 926 -23.49 -31.84 -38.12
N PHE C 927 -24.47 -32.50 -38.72
CA PHE C 927 -25.11 -32.05 -39.95
C PHE C 927 -26.42 -31.37 -39.58
N GLU C 928 -26.58 -30.11 -39.98
CA GLU C 928 -27.84 -29.44 -39.75
C GLU C 928 -28.88 -30.01 -40.71
N VAL C 929 -29.96 -30.54 -40.16
CA VAL C 929 -31.01 -31.14 -40.96
C VAL C 929 -32.34 -30.62 -40.46
N PHE C 930 -33.42 -31.12 -41.05
CA PHE C 930 -34.76 -30.72 -40.64
C PHE C 930 -35.30 -31.73 -39.64
N ASP C 931 -35.88 -31.21 -38.57
CA ASP C 931 -36.47 -32.04 -37.52
C ASP C 931 -37.75 -31.33 -37.07
N VAL C 932 -38.89 -31.83 -37.53
CA VAL C 932 -40.17 -31.15 -37.32
C VAL C 932 -41.19 -32.14 -36.80
N VAL C 933 -42.05 -31.67 -35.91
CA VAL C 933 -43.05 -32.48 -35.24
C VAL C 933 -44.41 -31.83 -35.40
N ARG C 934 -45.41 -32.62 -35.75
CA ARG C 934 -46.78 -32.16 -35.88
C ARG C 934 -47.64 -32.80 -34.79
N VAL C 935 -48.48 -31.99 -34.18
CA VAL C 935 -49.27 -32.39 -33.03
C VAL C 935 -50.75 -32.21 -33.35
N HIS C 936 -51.53 -33.25 -33.09
CA HIS C 936 -52.96 -33.25 -33.36
C HIS C 936 -53.66 -33.94 -32.20
N GLN C 937 -54.64 -33.26 -31.61
CA GLN C 937 -55.36 -33.77 -30.44
C GLN C 937 -56.86 -33.72 -30.69
N PRO C 938 -57.38 -34.64 -31.46
CA PRO C 938 -58.79 -34.56 -31.86
C PRO C 938 -59.79 -34.60 -30.72
N HIS C 939 -59.86 -35.69 -29.97
CA HIS C 939 -60.96 -35.85 -29.04
C HIS C 939 -60.54 -35.36 -27.65
N ARG C 940 -61.41 -35.57 -26.67
CA ARG C 940 -61.12 -35.13 -25.32
C ARG C 940 -60.03 -36.01 -24.71
N GLY C 941 -59.03 -35.37 -24.12
CA GLY C 941 -58.01 -36.12 -23.40
C GLY C 941 -57.29 -37.15 -24.24
N VAL C 942 -56.95 -36.80 -25.46
CA VAL C 942 -56.23 -37.68 -26.36
C VAL C 942 -55.26 -36.83 -27.18
N ILE C 943 -54.04 -37.29 -27.32
CA ILE C 943 -53.03 -36.54 -28.07
C ILE C 943 -52.24 -37.48 -28.93
N GLU C 944 -52.05 -37.13 -30.20
CA GLU C 944 -51.21 -37.89 -31.10
C GLU C 944 -50.23 -36.95 -31.78
N THR C 945 -49.11 -37.51 -32.22
CA THR C 945 -48.04 -36.72 -32.79
C THR C 945 -47.36 -37.50 -33.90
N VAL C 946 -46.70 -36.76 -34.79
CA VAL C 946 -45.88 -37.35 -35.82
C VAL C 946 -44.57 -36.60 -35.87
N TYR C 947 -43.46 -37.29 -35.67
CA TYR C 947 -42.14 -36.72 -35.83
C TYR C 947 -41.63 -36.98 -37.22
N LEU C 948 -40.60 -36.28 -37.62
CA LEU C 948 -40.00 -36.61 -38.88
C LEU C 948 -38.83 -35.75 -39.03
N ARG C 949 -37.88 -36.20 -39.80
CA ARG C 949 -36.67 -35.44 -39.91
C ARG C 949 -35.88 -35.96 -41.06
N THR C 950 -35.06 -35.12 -41.66
CA THR C 950 -34.31 -35.51 -42.84
C THR C 950 -33.14 -34.59 -43.04
N PRO C 951 -32.17 -35.02 -43.84
CA PRO C 951 -32.04 -36.43 -44.13
C PRO C 951 -31.41 -37.07 -42.95
N PHE C 952 -31.20 -38.37 -42.98
CA PHE C 952 -30.66 -39.09 -41.83
C PHE C 952 -31.69 -39.11 -40.75
N SER C 953 -32.60 -40.06 -40.80
CA SER C 953 -33.64 -40.09 -39.82
C SER C 953 -34.35 -41.41 -39.82
N ALA C 954 -35.41 -41.50 -39.03
CA ALA C 954 -36.12 -42.74 -38.92
C ALA C 954 -37.36 -42.58 -38.09
N ALA D 44 29.85 -3.65 19.72
CA ALA D 44 30.81 -3.13 18.76
C ALA D 44 30.25 -3.14 17.36
N ASN D 45 30.55 -4.19 16.61
CA ASN D 45 30.12 -4.32 15.22
C ASN D 45 28.65 -4.73 15.18
N THR D 46 28.20 -5.09 13.97
CA THR D 46 26.82 -5.47 13.71
C THR D 46 25.86 -4.41 14.23
N PHE D 47 25.96 -3.20 13.66
CA PHE D 47 25.32 -1.99 14.18
C PHE D 47 23.85 -2.18 14.53
N LEU D 48 23.19 -3.18 13.95
CA LEU D 48 21.82 -3.48 14.32
C LEU D 48 21.76 -3.79 15.80
N VAL D 51 21.25 -1.08 19.07
CA VAL D 51 19.91 -0.61 19.35
C VAL D 51 19.46 -1.20 20.68
N ARG D 52 19.69 -2.50 20.82
CA ARG D 52 19.25 -3.27 21.99
C ARG D 52 20.13 -2.95 23.19
N LYS D 53 19.69 -3.38 24.36
CA LYS D 53 20.49 -3.21 25.58
C LYS D 53 21.67 -4.18 25.57
N GLY D 54 22.87 -3.63 25.43
CA GLY D 54 24.05 -4.46 25.38
C GLY D 54 24.61 -4.84 26.73
N ASN D 55 24.93 -6.12 26.91
CA ASN D 55 25.65 -6.60 28.08
C ASN D 55 27.10 -6.17 27.93
N LEU D 56 27.72 -5.78 29.04
CA LEU D 56 29.11 -5.38 29.02
C LEU D 56 29.95 -6.45 28.36
N ARG D 58 28.75 -8.69 26.22
CA ARG D 58 28.29 -8.91 24.85
C ARG D 58 28.80 -7.84 23.91
N CYS D 60 31.73 -5.62 24.87
CA CYS D 60 33.10 -5.19 25.13
C CYS D 60 34.16 -6.26 24.99
N VAL D 61 33.84 -7.48 25.41
CA VAL D 61 34.83 -8.54 25.45
C VAL D 61 35.13 -9.07 24.05
N THR D 64 35.07 -5.83 20.41
CA THR D 64 36.10 -4.84 20.68
C THR D 64 35.42 -3.50 20.93
N CYS D 65 35.12 -3.20 22.19
CA CYS D 65 34.42 -1.97 22.53
C CYS D 65 35.41 -0.90 22.98
N SER D 66 35.01 0.34 22.76
CA SER D 66 35.65 1.46 23.41
C SER D 66 34.92 1.77 24.71
N TYR D 67 35.41 2.80 25.38
CA TYR D 67 34.80 3.29 26.63
C TYR D 67 33.31 3.54 26.48
N ALA D 70 30.83 0.43 26.69
CA ALA D 70 30.97 -0.01 28.07
C ALA D 70 30.15 0.89 28.98
N PHE D 71 30.34 2.19 28.84
CA PHE D 71 29.62 3.17 29.64
C PHE D 71 28.11 3.01 29.46
N ALA D 73 26.56 0.34 28.80
CA ALA D 73 26.18 -0.85 29.57
C ALA D 73 26.11 -0.56 31.07
N LEU D 74 27.03 0.29 31.56
CA LEU D 74 27.21 0.43 33.00
C LEU D 74 26.61 1.70 33.61
N SER D 76 28.30 4.68 35.18
CA SER D 76 28.89 5.16 36.42
C SER D 76 30.41 5.23 36.25
N SER D 77 30.94 6.44 36.14
CA SER D 77 32.32 6.61 35.66
C SER D 77 33.33 6.00 36.63
N THR D 78 32.93 5.71 37.86
CA THR D 78 33.89 5.18 38.82
C THR D 78 34.30 3.76 38.48
N ALA D 79 33.36 2.81 38.57
CA ALA D 79 33.66 1.44 38.15
C ALA D 79 33.95 1.39 36.66
N THR D 80 33.37 2.31 35.89
CA THR D 80 33.63 2.36 34.46
C THR D 80 35.09 2.66 34.18
N ASP D 81 35.69 3.58 34.93
CA ASP D 81 37.10 3.88 34.71
C ASP D 81 38.00 2.91 35.46
N VAL D 82 37.44 2.17 36.42
CA VAL D 82 38.12 0.96 36.88
C VAL D 82 38.27 0.00 35.71
N PHE D 83 37.18 -0.18 34.95
CA PHE D 83 37.20 -1.00 33.75
C PHE D 83 38.16 -0.43 32.71
N TRP D 84 38.20 0.90 32.59
CA TRP D 84 39.13 1.55 31.66
C TRP D 84 40.58 1.32 32.08
N ALA D 85 40.85 1.39 33.38
CA ALA D 85 42.19 1.09 33.88
C ALA D 85 42.58 -0.34 33.56
N LYS D 86 41.64 -1.28 33.77
CA LYS D 86 41.90 -2.66 33.36
C LYS D 86 42.17 -2.73 31.86
N TYR D 87 41.35 -2.05 31.06
CA TYR D 87 41.47 -2.10 29.60
C TYR D 87 42.83 -1.62 29.13
N THR D 88 43.29 -0.50 29.67
CA THR D 88 44.64 -0.03 29.37
C THR D 88 45.67 -1.05 29.84
N ALA D 89 45.46 -1.62 31.03
CA ALA D 89 46.29 -2.73 31.47
C ALA D 89 46.10 -3.97 30.59
N CYS D 90 44.85 -4.33 30.29
CA CYS D 90 44.59 -5.46 29.42
C CYS D 90 44.86 -5.13 27.95
N GLU D 91 45.57 -4.03 27.68
CA GLU D 91 46.09 -3.80 26.34
C GLU D 91 46.94 -4.98 25.90
N THR D 92 47.67 -5.57 26.84
CA THR D 92 48.37 -6.82 26.62
C THR D 92 47.44 -8.03 26.67
N ALA D 93 46.17 -7.83 27.02
CA ALA D 93 45.20 -8.92 27.10
C ALA D 93 43.98 -8.67 26.23
N ARG D 94 44.17 -8.12 25.04
CA ARG D 94 43.03 -7.80 24.17
C ARG D 94 42.44 -9.04 23.52
N THR D 95 43.28 -10.01 23.15
CA THR D 95 42.85 -11.30 22.65
C THR D 95 43.64 -12.38 23.36
N PRO D 96 43.03 -13.56 23.56
CA PRO D 96 41.63 -13.76 23.16
C PRO D 96 40.64 -13.61 24.31
N ARG D 97 39.53 -14.34 24.25
CA ARG D 97 38.50 -14.25 25.28
C ARG D 97 39.06 -14.43 26.68
N ASP D 98 39.41 -15.66 27.04
CA ASP D 98 39.95 -15.94 28.36
C ASP D 98 40.97 -14.88 28.75
N LYS D 99 41.91 -14.61 27.85
CA LYS D 99 42.92 -13.60 28.12
C LYS D 99 42.30 -12.37 28.74
N LEU D 100 41.05 -12.09 28.39
CA LEU D 100 40.42 -10.88 28.90
C LEU D 100 39.50 -11.19 30.07
N ALA D 101 38.88 -12.37 30.07
CA ALA D 101 38.05 -12.77 31.21
C ALA D 101 38.88 -12.84 32.49
N ALA D 102 40.05 -13.48 32.40
CA ALA D 102 40.95 -13.51 33.55
C ALA D 102 41.47 -12.11 33.87
N CYS D 103 41.79 -11.32 32.84
CA CYS D 103 42.33 -9.98 33.05
C CYS D 103 41.35 -9.13 33.83
N LEU D 104 40.06 -9.27 33.54
CA LEU D 104 39.04 -8.58 34.31
C LEU D 104 38.80 -9.26 35.65
N GLU D 105 39.15 -10.55 35.77
CA GLU D 105 39.01 -11.23 37.05
C GLU D 105 39.93 -10.63 38.11
N GLY D 106 41.18 -10.35 37.74
CA GLY D 106 42.09 -9.70 38.66
C GLY D 106 42.87 -10.62 39.59
N ASN D 107 42.92 -11.92 39.29
CA ASN D 107 43.55 -12.88 40.19
C ASN D 107 45.02 -13.12 39.88
N CYS D 108 45.61 -12.40 38.93
CA CYS D 108 46.97 -12.66 38.53
C CYS D 108 47.63 -11.39 38.00
N ALA D 109 48.96 -11.39 38.01
CA ALA D 109 49.74 -10.27 37.50
C ALA D 109 50.22 -10.59 36.09
N GLU D 110 50.07 -9.62 35.18
CA GLU D 110 50.50 -9.77 33.81
C GLU D 110 51.98 -9.45 33.69
N GLY D 111 52.83 -10.45 33.93
CA GLY D 111 54.26 -10.23 33.86
C GLY D 111 54.67 -9.20 34.88
N LEU D 112 54.97 -7.99 34.41
CA LEU D 112 55.34 -6.89 35.29
C LEU D 112 54.23 -6.51 36.27
N GLY D 113 53.04 -7.07 36.12
CA GLY D 113 52.00 -6.89 37.12
C GLY D 113 51.27 -5.56 37.07
N THR D 114 51.33 -4.85 35.95
CA THR D 114 50.54 -3.63 35.82
C THR D 114 49.05 -3.89 35.97
N ASN D 115 48.63 -5.14 35.73
CA ASN D 115 47.24 -5.53 35.89
C ASN D 115 46.93 -6.06 37.28
N TYR D 116 47.93 -6.28 38.11
CA TYR D 116 47.71 -7.02 39.34
C TYR D 116 46.79 -6.26 40.28
N ARG D 117 45.65 -6.88 40.60
CA ARG D 117 44.70 -6.32 41.55
C ARG D 117 44.48 -7.23 42.74
N GLY D 118 45.40 -8.15 43.00
CA GLY D 118 45.28 -9.03 44.15
C GLY D 118 45.64 -8.32 45.45
N HIS D 119 46.08 -9.14 46.42
CA HIS D 119 46.29 -8.66 47.78
C HIS D 119 47.51 -9.26 48.45
N VAL D 120 48.57 -9.54 47.68
CA VAL D 120 49.79 -10.10 48.26
C VAL D 120 50.51 -9.03 49.06
N ASN D 121 50.87 -9.35 50.29
CA ASN D 121 51.58 -8.43 51.18
C ASN D 121 53.01 -8.87 51.45
N ILE D 122 53.59 -9.68 50.56
CA ILE D 122 54.94 -10.19 50.74
C ILE D 122 55.74 -9.92 49.48
N THR D 123 56.99 -9.50 49.65
CA THR D 123 57.89 -9.27 48.53
C THR D 123 58.42 -10.61 48.01
N ARG D 124 59.39 -10.52 47.10
CA ARG D 124 60.07 -11.72 46.62
C ARG D 124 60.78 -12.45 47.74
N SER D 125 61.18 -11.74 48.80
CA SER D 125 61.73 -12.34 49.99
C SER D 125 60.72 -12.45 51.12
N GLY D 126 59.45 -12.16 50.84
CA GLY D 126 58.41 -12.20 51.84
C GLY D 126 58.30 -10.97 52.71
N ILE D 127 59.08 -9.93 52.43
CA ILE D 127 59.06 -8.74 53.28
C ILE D 127 57.71 -8.05 53.14
N GLU D 128 57.11 -7.72 54.29
CA GLU D 128 55.82 -7.04 54.29
C GLU D 128 55.95 -5.64 53.69
N CYS D 129 55.01 -5.30 52.81
CA CYS D 129 55.09 -4.04 52.08
C CYS D 129 54.61 -2.88 52.94
N GLN D 130 55.14 -1.70 52.63
CA GLN D 130 54.73 -0.49 53.33
C GLN D 130 53.34 -0.06 52.91
N LEU D 131 52.80 0.95 53.59
CA LEU D 131 51.58 1.60 53.11
C LEU D 131 51.85 2.28 51.77
N TRP D 132 51.02 1.98 50.78
CA TRP D 132 51.21 2.55 49.44
C TRP D 132 50.89 4.04 49.41
N ARG D 133 49.75 4.45 49.98
CA ARG D 133 49.39 5.86 49.97
C ARG D 133 50.33 6.73 50.80
N SER D 134 50.76 6.24 51.96
CA SER D 134 51.69 6.98 52.81
C SER D 134 53.13 6.74 52.37
N ARG D 135 54.02 7.54 52.91
CA ARG D 135 55.44 7.48 52.56
C ARG D 135 56.28 6.78 53.62
N TYR D 136 55.66 6.13 54.60
CA TYR D 136 56.39 5.38 55.60
C TYR D 136 56.82 4.03 55.03
N PRO D 137 58.12 3.69 55.10
CA PRO D 137 59.17 4.56 55.60
C PRO D 137 59.98 5.21 54.48
N HIS D 138 59.73 4.82 53.24
CA HIS D 138 60.41 5.38 52.08
C HIS D 138 59.40 6.10 51.19
N LYS D 139 59.82 7.19 50.58
CA LYS D 139 58.91 8.00 49.78
C LYS D 139 58.63 7.36 48.43
N PRO D 140 57.38 7.06 48.09
CA PRO D 140 57.08 6.45 46.79
C PRO D 140 57.06 7.49 45.68
N GLU D 141 57.88 7.27 44.66
CA GLU D 141 57.91 8.17 43.51
C GLU D 141 56.59 8.21 42.77
N ILE D 142 55.97 7.04 42.53
CA ILE D 142 54.68 6.93 41.87
C ILE D 142 53.75 6.16 42.81
N ASN D 143 52.62 6.78 43.15
CA ASN D 143 51.74 6.25 44.18
C ASN D 143 50.29 6.32 43.71
N SER D 144 49.38 5.98 44.62
CA SER D 144 47.95 5.93 44.29
C SER D 144 47.42 7.28 43.84
N THR D 145 47.99 8.38 44.34
CA THR D 145 47.65 9.69 43.81
C THR D 145 48.09 9.82 42.35
N THR D 146 49.19 9.16 42.00
CA THR D 146 49.71 9.26 40.63
C THR D 146 49.09 8.24 39.69
N HIS D 147 49.07 6.96 40.05
CA HIS D 147 48.59 5.90 39.17
C HIS D 147 47.60 5.01 39.92
N PRO D 148 46.38 5.49 40.16
CA PRO D 148 45.36 4.61 40.75
C PRO D 148 44.89 3.53 39.80
N GLY D 149 45.22 3.64 38.52
CA GLY D 149 44.83 2.64 37.53
C GLY D 149 45.35 1.26 37.80
N ALA D 150 46.48 1.13 38.49
CA ALA D 150 46.95 -0.16 38.95
C ALA D 150 46.29 -0.60 40.25
N ASP D 151 45.42 0.24 40.82
CA ASP D 151 44.66 -0.08 42.03
C ASP D 151 45.60 -0.46 43.18
N LEU D 152 46.40 0.51 43.62
CA LEU D 152 47.32 0.31 44.74
C LEU D 152 46.55 0.44 46.05
N GLN D 153 46.45 -0.68 46.75
CA GLN D 153 45.76 -0.77 48.03
C GLN D 153 46.68 -0.36 49.17
N GLU D 154 46.27 -0.67 50.39
CA GLU D 154 46.98 -0.25 51.61
C GLU D 154 48.44 -0.68 51.50
N ASN D 155 48.74 -1.99 51.46
CA ASN D 155 50.11 -2.46 51.37
C ASN D 155 50.24 -3.62 50.39
N PHE D 156 49.14 -3.98 49.74
CA PHE D 156 49.15 -5.12 48.83
C PHE D 156 50.10 -4.86 47.67
N CYS D 157 50.77 -5.93 47.22
CA CYS D 157 51.85 -5.80 46.25
C CYS D 157 51.33 -5.23 44.93
N ARG D 158 52.11 -4.33 44.34
CA ARG D 158 51.68 -3.57 43.18
C ARG D 158 52.84 -3.37 42.21
N ASN D 159 52.57 -2.58 41.17
CA ASN D 159 53.57 -2.14 40.20
C ASN D 159 53.03 -0.91 39.47
N PRO D 160 53.11 0.26 40.09
CA PRO D 160 52.49 1.46 39.48
C PRO D 160 53.35 2.16 38.45
N ASP D 161 54.67 1.99 38.46
CA ASP D 161 55.55 2.76 37.59
C ASP D 161 55.99 2.00 36.35
N SER D 162 55.55 0.75 36.18
CA SER D 162 55.97 -0.09 35.06
C SER D 162 57.49 -0.20 34.99
N SER D 163 58.13 -0.32 36.16
CA SER D 163 59.57 -0.48 36.20
C SER D 163 59.97 -1.89 35.80
N THR D 164 61.27 -2.07 35.53
CA THR D 164 61.78 -3.38 35.14
C THR D 164 61.64 -4.41 36.25
N THR D 165 61.50 -3.98 37.50
CA THR D 165 61.38 -4.91 38.61
C THR D 165 60.10 -5.73 38.58
N GLY D 166 59.15 -5.38 37.73
CA GLY D 166 57.85 -6.01 37.73
C GLY D 166 57.04 -5.54 38.91
N PRO D 167 56.19 -6.41 39.44
CA PRO D 167 55.45 -6.05 40.66
C PRO D 167 56.41 -5.76 41.79
N TRP D 168 56.37 -4.52 42.27
CA TRP D 168 57.30 -4.05 43.29
C TRP D 168 56.53 -3.24 44.31
N CYS D 169 57.00 -3.28 45.55
CA CYS D 169 56.41 -2.48 46.60
C CYS D 169 57.51 -1.85 47.43
N TYR D 170 57.25 -0.62 47.88
CA TYR D 170 58.00 -0.09 49.00
C TYR D 170 57.67 -0.89 50.24
N THR D 171 58.70 -1.25 51.00
CA THR D 171 58.56 -2.23 52.06
C THR D 171 58.46 -1.55 53.42
N THR D 172 57.77 -2.21 54.34
CA THR D 172 57.64 -1.71 55.71
C THR D 172 58.98 -1.58 56.40
N ASP D 173 59.88 -2.56 56.25
CA ASP D 173 61.21 -2.46 56.82
C ASP D 173 61.96 -1.32 56.16
N PRO D 174 62.48 -0.35 56.90
CA PRO D 174 63.20 0.77 56.27
C PRO D 174 64.43 0.35 55.49
N THR D 175 64.91 -0.88 55.65
CA THR D 175 66.12 -1.32 54.98
C THR D 175 65.95 -1.52 53.47
N VAL D 176 64.74 -1.82 53.01
CA VAL D 176 64.49 -2.12 51.61
C VAL D 176 63.55 -1.06 51.07
N ARG D 177 64.07 -0.13 50.27
CA ARG D 177 63.24 0.92 49.71
C ARG D 177 62.18 0.35 48.78
N ARG D 178 62.61 -0.45 47.80
CA ARG D 178 61.69 -1.07 46.86
C ARG D 178 62.11 -2.51 46.62
N GLN D 179 61.19 -3.43 46.87
CA GLN D 179 61.47 -4.84 46.63
C GLN D 179 60.36 -5.42 45.77
N GLU D 180 60.77 -6.23 44.80
CA GLU D 180 59.83 -6.85 43.89
C GLU D 180 59.00 -7.90 44.62
N CYS D 181 57.75 -8.04 44.20
CA CYS D 181 56.82 -8.97 44.82
C CYS D 181 56.58 -10.17 43.92
N SER D 182 56.69 -11.36 44.50
CA SER D 182 56.40 -12.60 43.79
C SER D 182 54.89 -12.71 43.64
N ILE D 183 54.40 -12.45 42.43
CA ILE D 183 52.97 -12.51 42.18
C ILE D 183 52.71 -13.63 41.17
N PRO D 184 51.69 -14.46 41.38
CA PRO D 184 51.44 -15.56 40.44
C PRO D 184 51.22 -15.05 39.02
N VAL D 185 51.77 -15.79 38.06
CA VAL D 185 51.76 -15.38 36.66
C VAL D 185 50.43 -15.74 36.04
N CYS D 186 49.91 -14.85 35.19
CA CYS D 186 48.72 -15.14 34.43
C CYS D 186 49.00 -16.22 33.38
N GLY D 187 48.20 -17.27 33.38
CA GLY D 187 48.24 -18.26 32.31
C GLY D 187 49.12 -19.47 32.54
N GLN D 188 50.06 -19.41 33.47
CA GLN D 188 50.97 -20.53 33.75
C GLN D 188 51.34 -20.52 35.22
N ASP D 189 51.81 -21.67 35.71
CA ASP D 189 52.16 -21.81 37.12
C ASP D 189 53.50 -21.16 37.42
N GLN D 190 53.60 -19.85 37.20
CA GLN D 190 54.82 -19.10 37.43
C GLN D 190 54.49 -17.90 38.32
N VAL D 191 55.53 -17.20 38.74
CA VAL D 191 55.37 -15.94 39.45
C VAL D 191 56.20 -14.87 38.74
N THR D 192 55.96 -13.61 39.11
CA THR D 192 56.59 -12.50 38.40
C THR D 192 58.08 -12.41 38.70
N VAL D 193 58.47 -12.78 39.92
CA VAL D 193 59.88 -12.77 40.32
C VAL D 193 60.08 -13.92 41.29
N ALA D 194 61.31 -14.42 41.34
CA ALA D 194 61.62 -15.57 42.18
C ALA D 194 61.28 -15.30 43.64
N MET D 195 60.56 -16.25 44.24
CA MET D 195 60.21 -16.14 45.65
C MET D 195 61.29 -16.80 46.50
N THR D 196 61.93 -16.02 47.37
CA THR D 196 62.95 -16.51 48.29
C THR D 196 62.71 -15.93 49.68
N PRO D 197 61.76 -16.50 50.43
CA PRO D 197 61.47 -15.97 51.76
C PRO D 197 62.69 -16.05 52.66
N ARG D 198 62.96 -14.97 53.39
CA ARG D 198 64.12 -14.92 54.26
C ARG D 198 63.79 -15.56 55.60
N SER D 199 63.77 -16.89 55.62
CA SER D 199 63.42 -17.66 56.82
C SER D 199 64.46 -17.46 57.92
N GLU D 200 64.04 -17.57 59.17
CA GLU D 200 64.93 -17.34 60.30
C GLU D 200 66.05 -18.38 60.33
N GLY D 201 67.26 -17.90 60.60
CA GLY D 201 68.41 -18.78 60.72
C GLY D 201 68.33 -19.71 61.91
N SER D 202 68.84 -20.93 61.74
CA SER D 202 68.83 -21.90 62.83
C SER D 202 69.81 -21.49 63.92
N SER D 203 69.68 -22.13 65.09
CA SER D 203 70.58 -21.86 66.21
C SER D 203 71.68 -22.92 66.29
N VAL D 204 72.12 -23.43 65.14
CA VAL D 204 73.12 -24.48 65.09
C VAL D 204 74.50 -23.99 64.65
N ASN D 205 74.63 -23.45 63.43
CA ASN D 205 75.92 -22.99 62.92
C ASN D 205 76.51 -21.85 63.73
N LEU D 206 75.70 -21.11 64.47
CA LEU D 206 76.17 -20.05 65.36
C LEU D 206 76.42 -20.65 66.73
N SER D 207 77.58 -20.36 67.31
CA SER D 207 77.87 -20.79 68.67
C SER D 207 77.05 -19.95 69.66
N PRO D 208 76.08 -20.54 70.33
CA PRO D 208 75.22 -19.76 71.23
C PRO D 208 75.95 -19.38 72.50
N PRO D 209 76.07 -18.08 72.80
CA PRO D 209 76.75 -17.66 74.02
C PRO D 209 75.90 -17.86 75.27
N LEU D 210 76.39 -18.69 76.18
CA LEU D 210 75.71 -18.92 77.46
C LEU D 210 76.10 -17.80 78.42
N GLU D 211 76.97 -16.89 77.96
CA GLU D 211 77.47 -15.79 78.76
C GLU D 211 76.31 -14.91 79.21
N GLN D 212 76.30 -14.54 80.49
CA GLN D 212 75.20 -13.77 81.05
C GLN D 212 75.19 -12.35 80.49
N CYS D 213 74.01 -11.75 80.46
CA CYS D 213 73.89 -10.36 80.08
C CYS D 213 74.57 -9.47 81.12
N VAL D 214 75.05 -8.31 80.67
CA VAL D 214 75.89 -7.45 81.49
C VAL D 214 75.07 -6.82 82.61
N PRO D 215 75.43 -7.04 83.87
CA PRO D 215 74.68 -6.45 84.98
C PRO D 215 75.29 -5.11 85.40
N ASP D 216 74.54 -4.42 86.27
CA ASP D 216 74.99 -3.18 86.90
C ASP D 216 75.31 -2.11 85.85
N ARG D 217 74.60 -2.15 84.73
CA ARG D 217 74.74 -1.17 83.65
C ARG D 217 76.17 -1.08 83.13
N GLY D 218 76.89 -2.19 83.17
CA GLY D 218 78.22 -2.22 82.59
C GLY D 218 79.31 -1.57 83.42
N GLN D 219 78.97 -1.10 84.63
CA GLN D 219 80.00 -0.52 85.48
C GLN D 219 81.02 -1.56 85.92
N GLN D 220 80.56 -2.78 86.22
CA GLN D 220 81.42 -3.86 86.67
C GLN D 220 81.61 -4.95 85.62
N TYR D 221 81.41 -4.63 84.34
CA TYR D 221 81.57 -5.61 83.28
C TYR D 221 83.00 -6.14 83.25
N GLN D 222 83.15 -7.45 83.05
CA GLN D 222 84.45 -8.08 83.08
C GLN D 222 84.74 -8.92 81.83
N GLY D 223 84.27 -8.47 80.66
CA GLY D 223 84.63 -9.13 79.43
C GLY D 223 85.82 -8.48 78.76
N ARG D 224 86.07 -8.87 77.51
CA ARG D 224 87.15 -8.34 76.70
C ARG D 224 86.65 -7.60 75.47
N LEU D 225 85.57 -6.85 75.59
CA LEU D 225 85.00 -6.15 74.44
C LEU D 225 85.96 -5.07 73.94
N ALA D 226 86.10 -4.99 72.61
CA ALA D 226 86.96 -3.99 71.99
C ALA D 226 86.34 -3.41 70.72
N VAL D 227 85.02 -3.34 70.63
CA VAL D 227 84.34 -2.78 69.46
C VAL D 227 83.26 -1.82 69.92
N THR D 228 83.23 -0.64 69.30
CA THR D 228 82.23 0.38 69.56
C THR D 228 81.06 0.27 68.59
N THR D 229 80.23 1.31 68.57
CA THR D 229 79.09 1.33 67.65
C THR D 229 79.53 1.30 66.20
N HIS D 230 80.56 2.08 65.85
CA HIS D 230 81.10 2.11 64.50
C HIS D 230 82.13 1.02 64.24
N GLY D 231 82.45 0.21 65.25
CA GLY D 231 83.52 -0.75 65.13
C GLY D 231 84.90 -0.19 65.36
N LEU D 232 85.01 1.12 65.63
CA LEU D 232 86.30 1.75 65.78
C LEU D 232 86.91 1.41 67.14
N PRO D 233 88.14 0.90 67.17
CA PRO D 233 88.76 0.56 68.46
C PRO D 233 89.07 1.79 69.29
N CYS D 234 89.14 1.60 70.61
CA CYS D 234 89.44 2.69 71.52
C CYS D 234 90.95 2.95 71.58
N LEU D 235 91.32 4.01 72.29
CA LEU D 235 92.72 4.28 72.60
C LEU D 235 93.10 3.63 73.93
N ALA D 236 94.30 3.93 74.39
CA ALA D 236 94.69 3.54 75.74
C ALA D 236 94.04 4.45 76.77
N TRP D 237 93.71 3.89 77.94
CA TRP D 237 93.09 4.69 78.99
C TRP D 237 94.02 5.79 79.49
N ALA D 238 95.30 5.49 79.66
CA ALA D 238 96.25 6.44 80.21
C ALA D 238 96.75 7.47 79.21
N SER D 239 96.07 7.62 78.07
CA SER D 239 96.53 8.56 77.05
C SER D 239 96.36 10.00 77.52
N ALA D 240 97.08 10.91 76.86
CA ALA D 240 97.03 12.32 77.26
C ALA D 240 95.63 12.89 77.09
N GLN D 241 94.98 12.62 75.96
CA GLN D 241 93.64 13.15 75.74
C GLN D 241 92.66 12.57 76.74
N ALA D 242 92.72 11.25 76.98
CA ALA D 242 91.79 10.62 77.91
C ALA D 242 91.98 11.16 79.33
N LYS D 243 93.23 11.30 79.76
CA LYS D 243 93.50 11.87 81.08
C LYS D 243 93.01 13.31 81.18
N ALA D 244 93.26 14.11 80.14
CA ALA D 244 92.84 15.51 80.17
C ALA D 244 91.32 15.63 80.24
N LEU D 245 90.62 14.76 79.50
CA LEU D 245 89.16 14.84 79.49
C LEU D 245 88.56 14.31 80.78
N SER D 246 89.13 13.24 81.34
CA SER D 246 88.55 12.62 82.52
C SER D 246 89.16 13.12 83.82
N LYS D 247 90.02 14.14 83.78
CA LYS D 247 90.49 14.76 85.02
C LYS D 247 89.33 15.25 85.88
N HIS D 248 88.35 15.91 85.28
CA HIS D 248 87.19 16.40 86.01
C HIS D 248 85.91 15.64 85.66
N GLN D 249 86.02 14.35 85.39
CA GLN D 249 84.85 13.49 85.22
C GLN D 249 84.69 12.59 86.44
N ASP D 250 83.46 12.52 86.96
CA ASP D 250 83.17 11.76 88.17
C ASP D 250 83.24 10.28 87.84
N PHE D 251 84.36 9.66 88.22
CA PHE D 251 84.60 8.24 87.99
C PHE D 251 84.72 7.52 89.33
N ASN D 252 84.29 6.26 89.35
CA ASN D 252 84.47 5.41 90.52
C ASN D 252 85.80 4.68 90.43
N SER D 253 86.66 4.85 91.43
CA SER D 253 88.01 4.28 91.37
C SER D 253 88.04 2.81 91.70
N ALA D 254 86.92 2.22 92.15
CA ALA D 254 86.90 0.81 92.48
C ALA D 254 87.16 -0.07 91.26
N VAL D 255 86.86 0.43 90.07
CA VAL D 255 87.05 -0.32 88.83
C VAL D 255 88.48 -0.12 88.36
N GLN D 256 89.27 -1.20 88.33
CA GLN D 256 90.63 -1.15 87.81
C GLN D 256 90.57 -1.04 86.29
N LEU D 257 90.58 0.19 85.78
CA LEU D 257 90.38 0.45 84.36
C LEU D 257 91.41 -0.31 83.53
N VAL D 258 90.91 -1.25 82.75
CA VAL D 258 91.72 -2.21 82.01
C VAL D 258 92.33 -1.53 80.80
N GLU D 259 93.20 -2.25 80.09
CA GLU D 259 94.02 -1.73 79.00
C GLU D 259 93.24 -0.87 78.01
N ASN D 260 92.29 -1.49 77.29
CA ASN D 260 91.52 -0.78 76.27
C ASN D 260 90.09 -1.28 76.17
N PHE D 261 89.66 -2.12 77.09
CA PHE D 261 88.32 -2.68 77.04
C PHE D 261 87.28 -1.60 77.31
N CYS D 262 86.04 -1.88 76.90
CA CYS D 262 84.96 -0.93 77.12
C CYS D 262 84.64 -0.82 78.61
N ARG D 263 84.91 0.36 79.17
CA ARG D 263 84.72 0.60 80.59
C ARG D 263 83.91 1.87 80.80
N ASN D 264 83.03 1.81 81.80
CA ASN D 264 82.10 2.90 82.11
C ASN D 264 82.21 3.23 83.60
N PRO D 265 83.34 3.79 84.04
CA PRO D 265 83.52 4.08 85.46
C PRO D 265 82.59 5.17 85.99
N ASP D 266 81.98 5.95 85.11
CA ASP D 266 81.04 6.99 85.50
C ASP D 266 79.63 6.45 85.78
N GLY D 267 79.42 5.16 85.56
CA GLY D 267 78.13 4.56 85.86
C GLY D 267 76.97 5.09 85.03
N ASP D 268 77.20 5.33 83.74
CA ASP D 268 76.13 5.73 82.84
C ASP D 268 75.13 4.59 82.71
N GLU D 269 73.84 4.92 82.82
CA GLU D 269 72.81 3.89 82.77
C GLU D 269 72.49 3.42 81.35
N GLU D 270 73.03 4.09 80.33
CA GLU D 270 72.79 3.66 78.96
C GLU D 270 73.57 2.39 78.61
N GLY D 271 74.83 2.31 79.02
CA GLY D 271 75.66 1.18 78.67
C GLY D 271 77.15 1.44 78.82
N VAL D 272 77.98 0.71 78.05
CA VAL D 272 79.43 0.89 78.15
C VAL D 272 79.93 1.72 76.98
N TRP D 273 80.96 2.54 77.23
CA TRP D 273 81.48 3.47 76.24
C TRP D 273 82.98 3.68 76.47
N CYS D 274 83.66 4.15 75.43
CA CYS D 274 85.10 4.40 75.48
C CYS D 274 85.44 5.58 74.60
N TYR D 275 86.63 6.14 74.81
CA TYR D 275 87.06 7.31 74.06
C TYR D 275 87.49 6.95 72.64
N VAL D 276 87.34 7.91 71.72
CA VAL D 276 87.81 7.78 70.36
C VAL D 276 88.66 9.01 70.02
N ALA D 277 89.49 8.85 68.99
CA ALA D 277 90.32 9.95 68.54
C ALA D 277 89.56 10.84 67.55
N GLY D 278 90.11 12.01 67.30
CA GLY D 278 89.47 12.99 66.43
C GLY D 278 89.42 14.34 67.13
N LYS D 279 88.21 14.89 67.22
CA LYS D 279 88.01 16.13 67.94
C LYS D 279 88.14 15.90 69.45
N PRO D 280 88.54 16.92 70.20
CA PRO D 280 88.66 16.77 71.66
C PRO D 280 87.30 16.52 72.31
N GLY D 281 87.31 15.76 73.39
CA GLY D 281 86.11 15.50 74.17
C GLY D 281 85.19 14.44 73.61
N ASP D 282 85.54 13.82 72.49
CA ASP D 282 84.64 12.88 71.84
C ASP D 282 84.72 11.51 72.51
N PHE D 283 83.72 10.66 72.21
CA PHE D 283 83.62 9.34 72.79
C PHE D 283 82.69 8.50 71.91
N GLY D 284 82.52 7.24 72.29
CA GLY D 284 81.65 6.35 71.54
C GLY D 284 81.27 5.14 72.39
N TYR D 285 79.98 4.85 72.39
CA TYR D 285 79.45 3.71 73.13
C TYR D 285 79.82 2.41 72.44
N CYS D 286 79.87 1.34 73.23
CA CYS D 286 80.17 0.01 72.72
C CYS D 286 78.90 -0.81 72.57
N ASP D 287 79.07 -2.04 72.06
CA ASP D 287 77.96 -2.94 71.79
C ASP D 287 78.03 -4.13 72.74
N LEU D 288 77.02 -4.28 73.59
CA LEU D 288 76.95 -5.39 74.55
C LEU D 288 75.53 -5.89 74.67
N ASN D 289 75.39 -7.14 75.12
CA ASN D 289 74.09 -7.77 75.32
C ASN D 289 73.61 -7.46 76.73
N TYR D 290 72.93 -6.32 76.88
CA TYR D 290 72.47 -5.89 78.19
C TYR D 290 71.21 -6.62 78.62
N CYS D 291 71.02 -6.73 79.93
CA CYS D 291 69.78 -7.26 80.46
C CYS D 291 68.66 -6.23 80.29
N GLU D 292 67.42 -6.70 80.24
CA GLU D 292 66.27 -5.80 80.20
C GLU D 292 65.94 -5.35 81.61
N GLU D 293 66.80 -4.51 82.18
CA GLU D 293 66.64 -3.97 83.53
C GLU D 293 65.90 -2.65 83.40
N ALA D 294 64.69 -2.72 82.85
CA ALA D 294 63.85 -1.54 82.68
C ALA D 294 63.34 -1.09 84.05
N VAL D 295 63.12 0.22 84.20
CA VAL D 295 62.62 0.75 85.47
C VAL D 295 61.14 0.46 85.65
N GLU D 296 60.48 -0.06 84.60
CA GLU D 296 59.02 -0.24 84.66
C GLU D 296 58.62 -1.27 85.70
N GLU D 297 59.35 -2.37 85.83
CA GLU D 297 59.03 -3.42 86.78
C GLU D 297 59.81 -3.31 88.09
N GLU D 298 60.62 -2.27 88.25
CA GLU D 298 61.40 -2.10 89.47
C GLU D 298 60.50 -1.52 90.55
N THR D 299 60.10 -2.36 91.49
CA THR D 299 59.27 -1.95 92.62
C THR D 299 60.18 -1.57 93.77
N GLY D 300 59.93 -0.40 94.37
CA GLY D 300 60.78 0.10 95.43
C GLY D 300 60.86 -0.81 96.65
N ASP D 301 62.06 -0.90 97.25
CA ASP D 301 62.26 -1.72 98.44
C ASP D 301 61.90 -0.94 99.70
N GLY D 302 61.11 0.12 99.53
CA GLY D 302 60.64 0.89 100.66
C GLY D 302 59.17 1.23 100.54
N LEU D 303 58.54 0.75 99.47
CA LEU D 303 57.13 0.98 99.21
C LEU D 303 56.33 0.11 100.18
N ASP D 304 55.76 0.74 101.20
CA ASP D 304 54.98 0.00 102.19
C ASP D 304 53.74 -0.60 101.55
N GLU D 305 53.32 -1.75 102.06
CA GLU D 305 52.17 -2.47 101.51
C GLU D 305 50.86 -1.91 102.05
N ASP D 306 50.68 -0.59 101.92
CA ASP D 306 49.48 0.09 102.37
C ASP D 306 49.00 1.05 101.29
N SER D 307 48.91 0.58 100.04
CA SER D 307 48.61 1.43 98.89
C SER D 307 47.14 1.80 98.80
N ASP D 308 46.59 2.40 99.85
CA ASP D 308 45.23 2.93 99.86
C ASP D 308 45.30 4.28 100.57
N ARG D 309 44.37 5.18 100.22
CA ARG D 309 44.36 6.55 100.74
C ARG D 309 45.73 7.20 100.55
N ALA D 310 46.26 7.13 99.32
CA ALA D 310 47.62 7.58 99.03
C ALA D 310 47.84 9.04 99.42
N ILE D 311 48.96 9.30 100.10
CA ILE D 311 49.26 10.66 100.55
C ILE D 311 49.82 11.45 99.37
N GLU D 312 49.10 12.50 98.97
CA GLU D 312 49.57 13.41 97.94
C GLU D 312 50.64 14.33 98.50
N GLY D 313 51.03 15.32 97.72
CA GLY D 313 51.99 16.29 98.21
C GLY D 313 51.50 16.95 99.49
N ARG D 314 52.11 16.59 100.61
CA ARG D 314 51.65 17.03 101.93
C ARG D 314 52.80 17.79 102.59
N THR D 315 52.89 19.08 102.30
CA THR D 315 53.93 19.97 102.81
C THR D 315 55.33 19.40 102.61
N ALA D 316 55.55 18.64 101.54
CA ALA D 316 56.81 17.94 101.30
C ALA D 316 57.69 18.81 100.43
N THR D 317 58.70 19.44 101.06
CA THR D 317 59.65 20.28 100.35
C THR D 317 60.60 19.39 99.56
N SER D 318 60.12 18.84 98.46
CA SER D 318 60.90 17.88 97.70
C SER D 318 61.92 18.58 96.82
N GLU D 319 63.14 18.72 97.34
CA GLU D 319 64.23 19.31 96.57
C GLU D 319 64.55 18.43 95.37
N TYR D 320 64.92 19.07 94.26
CA TYR D 320 65.34 18.34 93.07
C TYR D 320 66.83 18.53 92.88
N GLN D 321 67.56 17.42 92.69
CA GLN D 321 69.01 17.46 92.61
C GLN D 321 69.44 17.62 91.14
N THR D 322 69.98 18.79 90.81
CA THR D 322 70.50 19.01 89.48
C THR D 322 71.64 18.05 89.21
N PHE D 323 71.65 17.46 88.00
CA PHE D 323 72.61 16.42 87.68
C PHE D 323 73.71 16.86 86.72
N PHE D 324 73.46 17.91 85.94
CA PHE D 324 74.49 18.44 85.06
C PHE D 324 75.22 19.59 85.74
N ASN D 325 76.28 20.06 85.10
CA ASN D 325 77.05 21.18 85.63
C ASN D 325 76.36 22.49 85.26
N PRO D 326 75.87 23.26 86.24
CA PRO D 326 75.20 24.53 85.90
C PRO D 326 76.08 25.54 85.17
N ARG D 327 77.40 25.48 85.38
CA ARG D 327 78.29 26.37 84.63
C ARG D 327 78.24 26.08 83.14
N THR D 328 78.19 24.80 82.76
CA THR D 328 78.25 24.41 81.36
C THR D 328 76.88 24.07 80.79
N PHE D 329 76.02 23.43 81.60
CA PHE D 329 74.67 23.14 81.13
C PHE D 329 73.78 24.38 81.15
N GLY D 330 74.11 25.35 82.00
CA GLY D 330 73.31 26.56 82.12
C GLY D 330 72.23 26.43 83.18
N SER D 331 71.62 27.58 83.47
CA SER D 331 70.54 27.60 84.44
C SER D 331 69.28 27.01 83.84
N GLY D 332 68.24 26.90 84.68
CA GLY D 332 66.95 26.36 84.29
C GLY D 332 66.61 25.07 85.01
N GLU D 333 67.62 24.29 85.38
CA GLU D 333 67.37 23.07 86.14
C GLU D 333 66.78 23.38 87.50
N ALA D 334 67.29 24.43 88.15
CA ALA D 334 66.76 24.82 89.45
C ALA D 334 65.31 25.28 89.36
N ASP D 335 64.98 26.05 88.32
CA ASP D 335 63.63 26.54 88.11
C ASP D 335 62.77 25.58 87.29
N CYS D 336 63.13 24.29 87.26
CA CYS D 336 62.40 23.35 86.43
C CYS D 336 61.06 22.97 87.08
N GLY D 337 60.04 22.84 86.25
CA GLY D 337 58.74 22.41 86.72
C GLY D 337 57.92 23.45 87.45
N LEU D 338 58.38 24.70 87.51
CA LEU D 338 57.69 25.78 88.22
C LEU D 338 57.22 26.80 87.19
N ARG D 339 55.93 26.78 86.88
CA ARG D 339 55.37 27.76 85.96
C ARG D 339 54.90 28.98 86.76
N PRO D 340 55.45 30.17 86.51
CA PRO D 340 55.02 31.35 87.26
C PRO D 340 53.53 31.63 87.16
N LEU D 341 52.92 31.39 86.00
CA LEU D 341 51.47 31.50 85.87
C LEU D 341 50.74 30.41 86.64
N PHE D 342 51.40 29.32 86.98
CA PHE D 342 50.75 28.22 87.68
C PHE D 342 51.32 28.04 89.08
N GLU D 343 52.64 27.84 89.19
CA GLU D 343 53.24 27.56 90.48
C GLU D 343 53.29 28.81 91.35
N LYS D 344 53.55 29.97 90.75
CA LYS D 344 53.55 31.19 91.54
C LYS D 344 52.15 31.73 91.75
N LYS D 345 51.18 31.30 90.96
CA LYS D 345 49.78 31.66 91.16
C LYS D 345 48.98 30.58 91.89
N SER D 346 49.61 29.46 92.22
CA SER D 346 48.93 28.32 92.83
C SER D 346 47.75 27.87 91.98
N LEU D 347 47.93 27.90 90.66
CA LEU D 347 46.92 27.47 89.71
C LEU D 347 47.37 26.20 89.00
N GLU D 348 46.41 25.33 88.72
CA GLU D 348 46.64 24.12 87.97
C GLU D 348 45.73 24.10 86.75
N ASP D 349 46.30 23.68 85.61
CA ASP D 349 45.62 23.81 84.33
C ASP D 349 44.35 22.98 84.29
N LYS D 350 43.41 23.42 83.45
CA LYS D 350 42.10 22.76 83.36
C LYS D 350 42.21 21.36 82.77
N THR D 351 43.36 21.02 82.19
CA THR D 351 43.64 19.65 81.79
C THR D 351 44.42 18.87 82.85
N GLU D 352 44.82 19.52 83.95
CA GLU D 352 45.49 18.80 85.03
C GLU D 352 44.48 18.11 85.93
N ARG D 353 43.23 18.58 85.95
CA ARG D 353 42.23 17.98 86.84
C ARG D 353 41.93 16.54 86.45
N GLU D 354 42.36 16.10 85.27
CA GLU D 354 42.22 14.71 84.84
C GLU D 354 43.40 13.83 85.26
N LEU D 355 44.45 14.42 85.84
CA LEU D 355 45.70 13.68 86.07
C LEU D 355 45.51 12.45 86.94
N LEU D 356 44.50 12.41 87.79
CA LEU D 356 44.22 11.18 88.53
C LEU D 356 43.72 10.11 87.59
N GLU D 357 44.27 8.90 87.72
CA GLU D 357 43.81 7.78 86.90
C GLU D 357 42.51 7.20 87.44
N SER D 358 41.99 7.76 88.54
CA SER D 358 40.78 7.28 89.19
C SER D 358 39.50 7.82 88.56
N TYR D 359 39.55 8.28 87.30
CA TYR D 359 38.37 8.83 86.64
C TYR D 359 37.35 7.72 86.41
N ILE D 360 36.23 8.07 85.78
CA ILE D 360 35.16 7.11 85.58
C ILE D 360 35.60 6.03 84.60
N ASP D 361 35.94 4.86 85.14
CA ASP D 361 36.31 3.68 84.35
C ASP D 361 37.44 3.95 83.36
N GLY D 362 38.15 5.05 83.52
CA GLY D 362 39.20 5.41 82.59
C GLY D 362 38.77 5.49 81.15
N ARG D 363 37.62 6.09 80.85
CA ARG D 363 37.10 6.10 79.50
C ARG D 363 37.90 7.03 78.60
N ILE D 364 37.99 6.67 77.32
CA ILE D 364 38.80 7.42 76.36
C ILE D 364 38.20 8.81 76.17
N VAL D 365 39.05 9.83 76.22
CA VAL D 365 38.64 11.22 76.03
C VAL D 365 39.53 11.81 74.94
N GLU D 366 38.91 12.43 73.93
CA GLU D 366 39.67 13.10 72.89
C GLU D 366 40.31 14.38 73.43
N GLY D 367 41.38 14.82 72.77
CA GLY D 367 42.12 15.96 73.26
C GLY D 367 41.38 17.26 73.06
N SER D 368 41.78 18.27 73.83
CA SER D 368 41.17 19.60 73.78
C SER D 368 42.25 20.66 73.93
N ASP D 369 41.91 21.88 73.49
CA ASP D 369 42.85 22.99 73.53
C ASP D 369 43.27 23.32 74.96
N ALA D 370 44.54 23.64 75.15
CA ALA D 370 45.03 23.98 76.47
C ALA D 370 45.09 25.50 76.65
N GLU D 371 45.49 25.92 77.85
CA GLU D 371 45.63 27.35 78.14
C GLU D 371 46.88 27.92 77.48
N ILE D 372 46.82 29.20 77.12
CA ILE D 372 47.97 29.87 76.53
C ILE D 372 49.00 30.13 77.62
N GLY D 373 50.27 29.83 77.31
CA GLY D 373 51.31 29.97 78.29
C GLY D 373 51.51 28.76 79.18
N MET D 374 50.69 27.73 79.04
CA MET D 374 50.89 26.53 79.85
C MET D 374 51.97 25.63 79.27
N SER D 375 52.44 25.90 78.06
CA SER D 375 53.52 25.14 77.44
C SER D 375 54.60 26.11 76.95
N PRO D 376 55.33 26.75 77.86
CA PRO D 376 56.42 27.63 77.43
C PRO D 376 57.56 26.91 76.73
N TRP D 377 57.69 25.60 76.91
CA TRP D 377 58.84 24.87 76.39
C TRP D 377 58.63 24.30 74.98
N GLN D 378 57.42 24.35 74.45
CA GLN D 378 57.15 23.67 73.17
C GLN D 378 57.77 24.45 72.02
N VAL D 379 58.59 23.76 71.22
CA VAL D 379 59.38 24.35 70.15
C VAL D 379 59.10 23.57 68.87
N MET D 380 59.21 24.25 67.73
CA MET D 380 59.05 23.64 66.41
C MET D 380 60.37 23.63 65.68
N LEU D 381 60.76 22.47 65.16
CA LEU D 381 61.94 22.33 64.31
C LEU D 381 61.52 22.52 62.86
N PHE D 382 62.04 23.58 62.24
CA PHE D 382 61.57 24.09 60.95
C PHE D 382 62.70 24.13 59.94
N ARG D 383 62.32 24.17 58.66
CA ARG D 383 63.27 24.27 57.57
C ARG D 383 63.35 25.73 57.09
N LYS D 384 64.58 26.21 56.86
CA LYS D 384 64.76 27.58 56.44
C LYS D 384 64.29 27.79 55.00
N SER D 385 64.67 26.89 54.10
CA SER D 385 64.34 27.02 52.70
C SER D 385 63.99 25.65 52.10
N PRO D 386 62.71 25.37 51.84
CA PRO D 386 61.56 26.26 52.06
C PRO D 386 61.10 26.30 53.52
N GLN D 387 60.30 27.29 53.88
CA GLN D 387 59.76 27.37 55.23
C GLN D 387 58.62 26.37 55.37
N GLU D 388 58.95 25.14 55.74
CA GLU D 388 57.99 24.04 55.81
C GLU D 388 58.02 23.41 57.19
N LEU D 389 56.84 23.07 57.71
CA LEU D 389 56.73 22.43 59.01
C LEU D 389 57.37 21.05 58.98
N LEU D 390 58.32 20.80 59.89
CA LEU D 390 59.07 19.56 59.91
C LEU D 390 58.84 18.72 61.16
N CYS D 391 59.13 19.24 62.35
CA CYS D 391 59.02 18.44 63.56
C CYS D 391 58.76 19.33 64.76
N GLY D 392 58.60 18.68 65.92
CA GLY D 392 58.44 19.41 67.17
C GLY D 392 59.36 18.87 68.27
N ALA D 393 59.39 19.61 69.37
CA ALA D 393 60.25 19.27 70.51
C ALA D 393 59.89 20.16 71.69
N SER D 394 60.68 20.06 72.74
CA SER D 394 60.55 20.93 73.90
C SER D 394 61.91 21.46 74.31
N LEU D 395 61.95 22.73 74.71
CA LEU D 395 63.18 23.37 75.19
C LEU D 395 63.58 22.75 76.52
N ILE D 396 64.85 22.36 76.63
CA ILE D 396 65.32 21.66 77.82
C ILE D 396 66.21 22.50 78.71
N SER D 397 66.79 23.59 78.20
CA SER D 397 67.66 24.44 79.00
C SER D 397 67.73 25.81 78.35
N ASP D 398 68.65 26.64 78.84
CA ASP D 398 68.88 27.93 78.21
C ASP D 398 69.85 27.85 77.04
N ARG D 399 70.38 26.67 76.73
CA ARG D 399 71.28 26.53 75.60
C ARG D 399 71.08 25.29 74.75
N TRP D 400 70.27 24.31 75.16
CA TRP D 400 70.16 23.05 74.44
C TRP D 400 68.72 22.81 73.99
N VAL D 401 68.57 22.11 72.87
CA VAL D 401 67.29 21.68 72.34
C VAL D 401 67.37 20.18 72.08
N LEU D 402 66.44 19.43 72.66
CA LEU D 402 66.40 17.98 72.57
C LEU D 402 65.30 17.54 71.63
N THR D 403 65.66 16.71 70.65
CA THR D 403 64.69 16.19 69.69
C THR D 403 65.00 14.72 69.43
N ALA D 404 64.17 14.11 68.59
CA ALA D 404 64.37 12.71 68.24
C ALA D 404 65.43 12.59 67.14
N ALA D 405 66.04 11.40 67.07
CA ALA D 405 67.08 11.17 66.07
C ALA D 405 66.50 10.98 64.69
N HIS D 406 65.26 10.49 64.60
CA HIS D 406 64.63 10.28 63.30
C HIS D 406 64.28 11.60 62.61
N CYS D 407 63.93 12.63 63.38
CA CYS D 407 63.59 13.91 62.76
C CYS D 407 64.78 14.53 62.04
N LEU D 408 65.98 14.38 62.58
CA LEU D 408 67.17 14.94 61.98
C LEU D 408 67.67 14.12 60.80
N LEU D 409 67.77 12.80 60.94
CA LEU D 409 68.33 11.94 59.90
C LEU D 409 67.29 10.91 59.50
N TYR D 410 66.60 11.16 58.39
CA TYR D 410 65.69 10.19 57.79
C TYR D 410 66.06 10.06 56.32
N PRO D 411 67.13 9.32 56.01
CA PRO D 411 67.65 9.26 54.64
C PRO D 411 66.62 8.76 53.62
N PRO D 412 65.68 7.88 53.99
CA PRO D 412 64.63 7.50 53.02
C PRO D 412 63.83 8.67 52.47
N TRP D 413 64.00 9.88 53.02
CA TRP D 413 63.35 11.07 52.48
C TRP D 413 64.36 12.09 51.95
N ASP D 414 65.54 11.62 51.51
CA ASP D 414 66.61 12.48 51.00
C ASP D 414 66.96 13.59 52.00
N LYS D 415 66.96 13.25 53.28
CA LYS D 415 67.15 14.23 54.35
C LYS D 415 68.55 14.11 54.91
N ASN D 416 69.32 15.20 54.81
CA ASN D 416 70.64 15.31 55.45
C ASN D 416 70.70 16.72 56.05
N PHE D 417 70.26 16.84 57.29
CA PHE D 417 70.05 18.15 57.89
C PHE D 417 71.22 18.52 58.79
N THR D 418 71.84 19.64 58.45
CA THR D 418 73.04 20.14 59.12
C THR D 418 72.72 21.43 59.87
N GLU D 419 73.78 22.09 60.35
CA GLU D 419 73.63 23.27 61.20
C GLU D 419 72.82 24.37 60.53
N ASN D 420 73.04 24.60 59.23
CA ASN D 420 72.40 25.72 58.54
C ASN D 420 71.09 25.34 57.84
N ASP D 421 70.61 24.11 58.00
CA ASP D 421 69.34 23.71 57.41
C ASP D 421 68.26 23.42 58.45
N LEU D 422 68.44 23.85 59.69
CA LEU D 422 67.47 23.63 60.76
C LEU D 422 67.32 24.90 61.58
N LEU D 423 66.07 25.19 61.97
CA LEU D 423 65.79 26.35 62.81
C LEU D 423 64.75 25.97 63.85
N VAL D 424 64.61 26.81 64.88
CA VAL D 424 63.68 26.53 65.96
C VAL D 424 62.77 27.72 66.17
N ARG D 425 61.50 27.42 66.44
CA ARG D 425 60.49 28.42 66.79
C ARG D 425 59.96 28.11 68.19
N ILE D 426 60.16 29.04 69.12
CA ILE D 426 59.96 28.80 70.54
C ILE D 426 58.83 29.69 71.05
N GLY D 427 58.18 29.25 72.13
CA GLY D 427 57.15 30.06 72.77
C GLY D 427 55.92 30.31 71.94
N LYS D 428 55.36 29.28 71.31
CA LYS D 428 54.28 29.45 70.36
C LYS D 428 52.94 29.03 70.93
N HIS D 429 51.90 29.76 70.51
CA HIS D 429 50.51 29.37 70.70
C HIS D 429 49.84 29.02 69.39
N SER D 430 50.26 29.65 68.30
CA SER D 430 49.78 29.33 66.97
C SER D 430 50.96 29.25 66.01
N ARG D 431 50.91 28.30 65.07
CA ARG D 431 51.96 28.22 64.06
C ARG D 431 51.77 29.29 62.99
N THR D 432 50.53 29.56 62.60
CA THR D 432 50.23 30.35 61.42
C THR D 432 50.58 31.82 61.55
N ARG D 433 50.79 32.32 62.76
CA ARG D 433 51.03 33.74 62.98
C ARG D 433 52.49 34.01 63.36
N TYR D 434 52.91 35.25 63.15
CA TYR D 434 54.27 35.70 63.46
C TYR D 434 54.26 36.44 64.79
N GLU D 435 54.51 35.71 65.87
CA GLU D 435 54.40 36.28 67.21
C GLU D 435 55.76 36.70 67.76
N ARG D 436 56.37 37.72 67.14
CA ARG D 436 57.70 38.20 67.50
C ARG D 436 57.83 38.51 68.99
N ASN D 437 56.80 39.11 69.57
CA ASN D 437 56.85 39.49 70.98
C ASN D 437 56.94 38.28 71.91
N ILE D 438 56.27 37.18 71.57
CA ILE D 438 56.27 35.98 72.39
C ILE D 438 57.04 34.84 71.74
N GLU D 439 56.62 34.39 70.57
CA GLU D 439 57.37 33.35 69.86
C GLU D 439 58.66 33.96 69.30
N LYS D 440 59.71 33.15 69.28
CA LYS D 440 61.02 33.60 68.82
C LYS D 440 61.57 32.59 67.82
N ILE D 441 62.32 33.08 66.84
CA ILE D 441 62.92 32.24 65.82
C ILE D 441 64.43 32.27 66.02
N SER D 442 65.03 31.09 66.19
CA SER D 442 66.44 30.99 66.55
C SER D 442 67.14 29.94 65.71
N MET D 443 68.46 30.09 65.59
CA MET D 443 69.31 29.13 64.92
C MET D 443 70.04 28.27 65.95
N LEU D 444 70.76 27.27 65.46
CA LEU D 444 71.52 26.39 66.32
C LEU D 444 72.99 26.42 65.93
N GLU D 445 73.86 25.98 66.85
CA GLU D 445 75.29 26.00 66.61
C GLU D 445 75.87 24.62 66.30
N LYS D 446 75.70 23.64 67.19
CA LYS D 446 76.30 22.34 66.96
C LYS D 446 75.29 21.25 67.27
N ILE D 447 75.47 20.10 66.61
CA ILE D 447 74.53 18.99 66.66
C ILE D 447 75.27 17.72 67.07
N TYR D 448 74.70 17.01 68.05
CA TYR D 448 75.26 15.75 68.55
C TYR D 448 74.17 14.68 68.47
N ILE D 449 74.48 13.59 67.75
CA ILE D 449 73.54 12.49 67.57
C ILE D 449 73.99 11.31 68.43
N HIS D 450 73.01 10.53 68.90
CA HIS D 450 73.32 9.40 69.79
C HIS D 450 74.00 8.28 69.01
N PRO D 451 75.04 7.67 69.56
CA PRO D 451 75.73 6.59 68.82
C PRO D 451 74.87 5.37 68.53
N ARG D 452 73.92 5.04 69.40
CA ARG D 452 73.09 3.85 69.24
C ARG D 452 71.93 4.08 68.28
N TYR D 453 72.01 5.10 67.43
CA TYR D 453 70.95 5.43 66.50
C TYR D 453 70.65 4.27 65.55
N ASN D 454 69.50 3.64 65.73
CA ASN D 454 69.02 2.57 64.85
C ASN D 454 67.63 2.96 64.34
N TRP D 455 67.59 3.71 63.24
CA TRP D 455 66.33 4.01 62.59
C TRP D 455 65.92 2.96 61.58
N ARG D 456 66.83 2.06 61.22
CA ARG D 456 66.51 1.06 60.20
C ARG D 456 65.47 0.06 60.67
N GLU D 457 65.36 -0.15 61.98
CA GLU D 457 64.47 -1.18 62.51
C GLU D 457 63.36 -0.62 63.39
N ASN D 458 63.69 0.13 64.44
CA ASN D 458 62.66 0.54 65.39
C ASN D 458 62.84 1.96 65.93
N LEU D 459 63.68 2.80 65.32
CA LEU D 459 63.96 4.15 65.82
C LEU D 459 64.49 4.12 67.25
N ASP D 460 65.30 3.12 67.58
CA ASP D 460 65.87 3.02 68.91
C ASP D 460 66.80 4.19 69.17
N ARG D 461 66.85 4.63 70.44
CA ARG D 461 67.69 5.75 70.86
C ARG D 461 67.46 6.98 69.98
N ASP D 462 66.19 7.34 69.80
CA ASP D 462 65.83 8.48 68.99
C ASP D 462 66.22 9.76 69.72
N ILE D 463 67.51 10.08 69.72
CA ILE D 463 68.05 11.14 70.56
C ILE D 463 68.93 12.04 69.71
N ALA D 464 68.74 13.36 69.84
CA ALA D 464 69.54 14.36 69.15
C ALA D 464 69.56 15.64 69.97
N LEU D 465 70.75 16.19 70.19
CA LEU D 465 70.91 17.38 71.02
C LEU D 465 71.59 18.48 70.22
N MET D 466 70.92 19.61 70.08
CA MET D 466 71.42 20.72 69.27
C MET D 466 71.50 21.98 70.12
N LYS D 467 72.67 22.63 70.11
CA LYS D 467 72.90 23.79 70.96
C LYS D 467 72.35 25.05 70.30
N LEU D 468 71.56 25.81 71.04
CA LEU D 468 71.00 27.07 70.56
C LEU D 468 72.13 28.04 70.20
N LYS D 469 71.97 28.74 69.08
CA LYS D 469 73.01 29.67 68.63
C LYS D 469 73.00 30.96 69.44
N LYS D 470 71.83 31.42 69.88
CA LYS D 470 71.71 32.66 70.64
C LYS D 470 71.12 32.38 72.01
N PRO D 471 71.59 33.07 73.05
CA PRO D 471 71.03 32.88 74.39
C PRO D 471 69.55 33.23 74.41
N VAL D 472 68.78 32.45 75.17
CA VAL D 472 67.35 32.64 75.27
C VAL D 472 67.00 33.18 76.65
N ALA D 473 66.22 34.25 76.67
CA ALA D 473 65.91 34.94 77.93
C ALA D 473 64.73 34.26 78.61
N PHE D 474 64.88 33.98 79.91
CA PHE D 474 63.78 33.42 80.68
C PHE D 474 62.69 34.46 80.90
N SER D 475 61.44 34.04 80.71
CA SER D 475 60.28 34.90 80.91
C SER D 475 59.07 34.02 81.19
N ASP D 476 57.88 34.62 81.10
CA ASP D 476 56.65 33.89 81.35
C ASP D 476 56.44 32.75 80.35
N TYR D 477 56.75 32.97 79.08
CA TYR D 477 56.51 31.99 78.03
C TYR D 477 57.76 31.23 77.62
N ILE D 478 58.81 31.22 78.44
CA ILE D 478 60.04 30.48 78.16
C ILE D 478 60.46 29.75 79.43
N HIS D 479 60.64 28.42 79.35
CA HIS D 479 60.94 27.64 80.53
C HIS D 479 61.45 26.25 80.14
N PRO D 480 62.37 25.67 80.89
CA PRO D 480 62.77 24.28 80.65
C PRO D 480 61.96 23.29 81.50
N VAL D 481 62.28 22.01 81.38
CA VAL D 481 61.56 20.99 82.13
C VAL D 481 62.51 20.11 82.95
N CYS D 482 61.98 19.31 83.87
CA CYS D 482 62.80 18.43 84.68
C CYS D 482 63.00 17.08 84.01
N LEU D 483 63.97 16.30 84.49
CA LEU D 483 64.25 14.99 83.89
C LEU D 483 64.25 13.89 84.94
N PRO D 484 63.22 13.03 84.93
CA PRO D 484 63.12 11.98 85.95
C PRO D 484 64.32 11.04 85.95
N ASP D 485 64.84 10.73 87.14
CA ASP D 485 65.96 9.80 87.24
C ASP D 485 65.45 8.37 87.17
N ARG D 486 66.10 7.45 87.90
CA ARG D 486 65.58 6.09 87.93
C ARG D 486 64.46 5.94 88.96
N GLU D 487 64.71 6.39 90.19
CA GLU D 487 63.74 6.19 91.26
C GLU D 487 62.53 7.10 91.10
N THR D 488 62.76 8.35 90.68
CA THR D 488 61.63 9.27 90.50
C THR D 488 60.71 8.79 89.39
N ALA D 489 61.28 8.34 88.27
CA ALA D 489 60.45 7.81 87.18
C ALA D 489 59.77 6.52 87.59
N ALA D 490 60.44 5.70 88.41
CA ALA D 490 59.80 4.50 88.94
C ALA D 490 58.59 4.85 89.79
N SER D 491 58.74 5.86 90.65
CA SER D 491 57.62 6.31 91.47
C SER D 491 56.50 6.87 90.61
N LEU D 492 56.85 7.60 89.55
CA LEU D 492 55.85 8.11 88.63
C LEU D 492 55.09 6.98 87.96
N LEU D 493 55.80 5.90 87.58
CA LEU D 493 55.14 4.80 86.89
C LEU D 493 54.25 3.97 87.82
N GLN D 494 54.69 3.72 89.06
CA GLN D 494 53.95 2.81 89.91
C GLN D 494 52.98 3.49 90.88
N ALA D 495 53.00 4.83 90.98
CA ALA D 495 52.10 5.49 91.92
C ALA D 495 50.79 5.94 91.28
N GLY D 496 50.62 5.80 89.96
CA GLY D 496 49.37 6.20 89.33
C GLY D 496 49.31 7.64 88.90
N TYR D 497 50.18 8.08 88.00
CA TYR D 497 50.16 9.43 87.45
C TYR D 497 50.14 9.38 85.93
N LYS D 498 49.43 10.32 85.32
CA LYS D 498 49.30 10.37 83.88
C LYS D 498 50.36 11.26 83.26
N GLY D 499 50.79 10.92 82.04
CA GLY D 499 51.73 11.74 81.31
C GLY D 499 51.04 12.63 80.29
N ARG D 500 51.79 13.60 79.78
CA ARG D 500 51.23 14.59 78.88
C ARG D 500 52.13 14.79 77.67
N VAL D 501 51.53 14.70 76.48
CA VAL D 501 52.25 14.89 75.21
C VAL D 501 51.65 16.08 74.49
N THR D 502 52.51 17.01 74.08
CA THR D 502 52.09 18.21 73.37
C THR D 502 52.65 18.19 71.96
N GLY D 503 51.80 18.46 70.98
CA GLY D 503 52.23 18.46 69.60
C GLY D 503 51.21 19.15 68.72
N TRP D 504 51.67 19.56 67.54
CA TRP D 504 50.88 20.35 66.61
C TRP D 504 50.46 19.56 65.37
N GLY D 505 50.50 18.24 65.44
CA GLY D 505 49.94 17.42 64.38
C GLY D 505 50.76 17.28 63.12
N ASN D 506 52.08 17.52 63.19
CA ASN D 506 52.93 17.30 62.04
C ASN D 506 52.95 15.84 61.61
N LEU D 507 52.93 14.91 62.57
CA LEU D 507 52.92 13.49 62.23
C LEU D 507 51.69 13.14 61.39
N LYS D 508 50.56 13.79 61.67
CA LYS D 508 49.34 13.51 60.92
C LYS D 508 49.50 13.86 59.44
N GLU D 509 50.10 15.01 59.15
CA GLU D 509 50.34 15.38 57.75
C GLU D 509 51.41 14.50 57.12
N THR D 510 52.46 14.18 57.87
CA THR D 510 53.60 13.49 57.27
C THR D 510 53.28 12.02 56.97
N TRP D 511 52.67 11.31 57.93
CA TRP D 511 52.59 9.86 57.84
C TRP D 511 51.20 9.32 57.54
N THR D 512 50.14 9.98 57.98
CA THR D 512 48.78 9.54 57.74
C THR D 512 48.20 10.31 56.56
N ALA D 513 48.30 9.71 55.37
CA ALA D 513 47.97 10.37 54.11
C ALA D 513 46.48 10.46 53.85
N ASN D 514 45.64 10.20 54.84
CA ASN D 514 44.20 10.33 54.66
C ASN D 514 43.82 11.80 54.51
N VAL D 515 43.10 12.14 53.44
CA VAL D 515 42.64 13.51 53.21
C VAL D 515 41.37 13.69 54.04
N GLY D 516 41.37 14.69 54.91
CA GLY D 516 40.21 14.96 55.74
C GLY D 516 40.53 15.40 57.14
N LYS D 517 41.78 15.24 57.56
CA LYS D 517 42.23 15.66 58.89
C LYS D 517 43.44 16.56 58.71
N GLY D 518 43.20 17.86 58.64
CA GLY D 518 44.27 18.79 58.31
C GLY D 518 45.16 19.10 59.51
N GLN D 519 46.12 19.98 59.26
CA GLN D 519 47.07 20.37 60.30
C GLN D 519 46.39 21.31 61.29
N PRO D 520 46.36 20.98 62.58
CA PRO D 520 45.64 21.82 63.54
C PRO D 520 46.31 23.17 63.73
N SER D 521 45.50 24.18 64.03
CA SER D 521 46.00 25.52 64.31
C SER D 521 46.37 25.71 65.77
N VAL D 522 45.77 24.93 66.67
CA VAL D 522 46.01 25.05 68.11
C VAL D 522 46.88 23.88 68.55
N LEU D 523 47.59 24.08 69.66
CA LEU D 523 48.42 23.02 70.21
C LEU D 523 47.55 21.90 70.76
N GLN D 524 47.83 20.68 70.32
CA GLN D 524 47.09 19.50 70.76
C GLN D 524 47.83 18.82 71.89
N VAL D 525 47.15 18.72 73.03
CA VAL D 525 47.71 18.17 74.25
C VAL D 525 46.91 16.94 74.64
N VAL D 526 47.61 15.83 74.88
CA VAL D 526 46.97 14.55 75.14
C VAL D 526 47.53 13.96 76.43
N ASN D 527 46.63 13.53 77.31
CA ASN D 527 47.01 12.89 78.57
C ASN D 527 46.94 11.38 78.40
N LEU D 528 48.08 10.72 78.57
CA LEU D 528 48.18 9.28 78.39
C LEU D 528 48.88 8.64 79.59
N PRO D 529 48.25 7.69 80.25
CA PRO D 529 48.94 6.94 81.31
C PRO D 529 49.94 5.96 80.71
N ILE D 530 50.53 5.14 81.59
CA ILE D 530 51.55 4.19 81.17
C ILE D 530 50.89 2.87 80.77
N VAL D 531 51.56 2.11 79.92
CA VAL D 531 51.04 0.87 79.35
C VAL D 531 51.81 -0.30 79.94
N GLU D 532 51.11 -1.43 80.13
CA GLU D 532 51.76 -2.65 80.60
C GLU D 532 52.68 -3.21 79.54
N ARG D 533 53.84 -3.71 79.97
CA ARG D 533 54.89 -4.13 79.04
C ARG D 533 54.50 -5.31 78.15
N PRO D 534 53.92 -6.41 78.65
CA PRO D 534 53.48 -7.46 77.72
C PRO D 534 52.43 -6.97 76.72
N VAL D 535 51.60 -6.01 77.13
CA VAL D 535 50.65 -5.41 76.20
C VAL D 535 51.38 -4.56 75.16
N CYS D 536 52.45 -3.89 75.58
CA CYS D 536 53.22 -3.04 74.67
C CYS D 536 54.02 -3.88 73.66
N LYS D 537 54.41 -5.09 74.07
CA LYS D 537 55.32 -5.89 73.23
C LYS D 537 54.56 -6.90 72.37
N ASP D 538 53.49 -7.48 72.90
CA ASP D 538 52.78 -8.55 72.20
C ASP D 538 52.13 -8.08 70.91
N SER D 539 51.54 -6.88 70.89
CA SER D 539 50.76 -6.44 69.73
C SER D 539 51.61 -5.84 68.62
N THR D 540 52.93 -5.76 68.80
CA THR D 540 53.82 -5.27 67.75
C THR D 540 54.84 -6.35 67.43
N ARG D 541 55.22 -6.41 66.16
CA ARG D 541 56.20 -7.38 65.69
C ARG D 541 57.62 -6.88 65.75
N ILE D 542 57.84 -5.57 65.65
CA ILE D 542 59.18 -5.00 65.65
C ILE D 542 59.74 -5.04 67.05
N ARG D 543 61.01 -5.46 67.18
CA ARG D 543 61.66 -5.55 68.47
C ARG D 543 61.80 -4.15 69.06
N ILE D 544 61.00 -3.85 70.08
CA ILE D 544 61.03 -2.56 70.75
C ILE D 544 62.03 -2.64 71.90
N THR D 545 62.99 -1.73 71.91
CA THR D 545 64.02 -1.74 72.94
C THR D 545 63.49 -1.14 74.23
N ASP D 546 64.26 -1.31 75.30
CA ASP D 546 63.88 -0.78 76.60
C ASP D 546 64.03 0.72 76.72
N ASN D 547 64.64 1.37 75.72
CA ASN D 547 64.76 2.83 75.71
C ASN D 547 63.50 3.50 75.18
N MET D 548 62.51 2.73 74.75
CA MET D 548 61.22 3.25 74.30
C MET D 548 60.12 2.64 75.15
N PHE D 549 58.93 3.25 75.10
CA PHE D 549 57.78 2.72 75.81
C PHE D 549 56.49 3.19 75.14
N CYS D 550 55.41 2.48 75.45
CA CYS D 550 54.08 2.76 74.95
C CYS D 550 53.36 3.73 75.88
N ALA D 551 52.54 4.60 75.29
CA ALA D 551 51.69 5.49 76.06
C ALA D 551 50.37 5.68 75.31
N GLY D 552 49.29 5.44 76.01
CA GLY D 552 47.95 5.57 75.45
C GLY D 552 46.99 4.56 76.07
N TYR D 553 45.70 4.87 75.99
CA TYR D 553 44.68 3.99 76.51
C TYR D 553 44.48 2.78 75.60
N LYS D 554 43.69 1.84 76.08
CA LYS D 554 43.33 0.67 75.29
C LYS D 554 42.56 1.10 74.04
N PRO D 555 42.92 0.58 72.86
CA PRO D 555 42.19 0.96 71.64
C PRO D 555 40.86 0.22 71.54
N ASP D 556 39.77 0.98 71.43
CA ASP D 556 38.45 0.39 71.23
C ASP D 556 38.32 -0.09 69.79
N GLU D 557 37.40 -1.03 69.56
CA GLU D 557 37.19 -1.54 68.21
C GLU D 557 36.54 -0.49 67.32
N GLY D 558 37.00 -0.41 66.07
CA GLY D 558 36.32 0.36 65.04
C GLY D 558 36.80 1.78 64.81
N LYS D 559 37.94 2.17 65.38
CA LYS D 559 38.45 3.53 65.25
C LYS D 559 39.95 3.53 65.05
N ARG D 560 40.46 4.61 64.47
CA ARG D 560 41.88 4.92 64.56
C ARG D 560 42.10 5.78 65.80
N GLY D 561 43.01 5.35 66.67
CA GLY D 561 43.11 5.93 67.99
C GLY D 561 43.64 7.35 68.00
N ASP D 562 43.79 7.87 69.21
CA ASP D 562 44.25 9.23 69.46
C ASP D 562 45.77 9.31 69.70
N ALA D 563 46.48 8.18 69.59
CA ALA D 563 47.92 8.17 69.82
C ALA D 563 48.71 8.79 68.68
N CYS D 564 48.08 9.05 67.54
CA CYS D 564 48.76 9.58 66.36
C CYS D 564 48.47 11.06 66.19
N GLU D 565 48.40 11.78 67.31
CA GLU D 565 48.23 13.22 67.28
C GLU D 565 49.50 13.90 67.80
N GLY D 566 49.82 15.06 67.22
CA GLY D 566 50.96 15.82 67.65
C GLY D 566 52.16 15.68 66.73
N ASP D 567 53.20 16.45 67.05
CA ASP D 567 54.41 16.55 66.25
C ASP D 567 55.38 15.42 66.60
N SER D 568 56.20 15.05 65.63
CA SER D 568 57.31 14.15 65.90
C SER D 568 58.36 14.86 66.73
N GLY D 569 58.84 14.20 67.78
CA GLY D 569 59.79 14.80 68.70
C GLY D 569 59.19 15.48 69.91
N GLY D 570 57.88 15.36 70.13
CA GLY D 570 57.23 15.99 71.26
C GLY D 570 57.67 15.40 72.59
N PRO D 571 57.36 16.12 73.68
CA PRO D 571 57.70 15.61 75.01
C PRO D 571 56.53 14.88 75.67
N PHE D 572 56.87 13.85 76.44
CA PHE D 572 55.93 13.15 77.30
C PHE D 572 56.25 13.50 78.74
N VAL D 573 55.48 14.42 79.32
CA VAL D 573 55.78 14.97 80.64
C VAL D 573 54.77 14.43 81.65
N MET D 574 55.25 14.12 82.84
CA MET D 574 54.45 13.62 83.93
C MET D 574 54.72 14.45 85.19
N LYS D 575 53.67 14.78 85.92
CA LYS D 575 53.80 15.61 87.12
C LYS D 575 54.10 14.74 88.33
N SER D 576 55.16 15.08 89.05
CA SER D 576 55.51 14.34 90.26
C SER D 576 54.81 14.94 91.46
N PRO D 577 54.08 14.14 92.25
CA PRO D 577 53.36 14.71 93.40
C PRO D 577 54.26 15.28 94.48
N PHE D 578 55.50 14.82 94.59
CA PHE D 578 56.39 15.26 95.66
C PHE D 578 56.71 16.75 95.61
N ASN D 579 57.01 17.29 94.43
CA ASN D 579 57.46 18.67 94.32
C ASN D 579 56.60 19.51 93.39
N ASN D 580 55.42 19.03 92.99
CA ASN D 580 54.48 19.78 92.17
C ASN D 580 55.07 20.15 90.81
N ARG D 581 56.07 19.41 90.35
CA ARG D 581 56.79 19.74 89.13
C ARG D 581 56.56 18.67 88.05
N TRP D 582 57.01 18.98 86.84
CA TRP D 582 56.79 18.12 85.68
C TRP D 582 58.12 17.63 85.13
N TYR D 583 58.23 16.31 84.96
CA TYR D 583 59.42 15.66 84.46
C TYR D 583 59.13 15.08 83.08
N GLN D 584 60.00 15.39 82.11
CA GLN D 584 59.83 14.88 80.76
C GLN D 584 60.55 13.55 80.62
N MET D 585 59.78 12.46 80.45
CA MET D 585 60.33 11.12 80.34
C MET D 585 61.10 10.88 79.06
N GLY D 586 60.68 11.46 77.93
CA GLY D 586 61.34 11.17 76.67
C GLY D 586 60.89 12.05 75.51
N ILE D 587 60.99 11.47 74.33
CA ILE D 587 60.80 12.16 73.05
C ILE D 587 59.77 11.38 72.23
N VAL D 588 58.91 12.10 71.51
CA VAL D 588 57.88 11.48 70.68
C VAL D 588 58.46 11.08 69.33
N SER D 589 58.08 9.90 68.83
CA SER D 589 58.50 9.44 67.53
C SER D 589 57.31 8.87 66.76
N TRP D 590 57.59 8.22 65.64
CA TRP D 590 56.53 7.57 64.86
C TRP D 590 55.94 6.39 65.62
N GLY D 591 54.64 6.19 65.46
CA GLY D 591 53.95 5.10 66.11
C GLY D 591 53.20 4.23 65.12
N GLU D 592 53.06 2.95 65.48
CA GLU D 592 52.32 2.02 64.62
C GLU D 592 50.84 2.34 64.57
N GLY D 593 50.31 3.03 65.59
CA GLY D 593 48.91 3.41 65.63
C GLY D 593 48.47 4.23 64.44
N CYS D 594 49.38 4.97 63.82
CA CYS D 594 49.03 5.71 62.62
C CYS D 594 48.72 4.78 61.46
N ASP D 595 49.69 3.98 61.05
CA ASP D 595 49.61 3.18 59.83
C ASP D 595 48.55 2.08 59.90
N ARG D 596 48.34 1.52 61.08
CA ARG D 596 47.30 0.52 61.31
C ARG D 596 46.75 0.71 62.72
N ASP D 597 45.59 0.12 62.99
CA ASP D 597 44.93 0.34 64.27
C ASP D 597 45.51 -0.55 65.37
N GLY D 598 45.19 -0.20 66.62
CA GLY D 598 45.51 -1.04 67.74
C GLY D 598 46.84 -0.80 68.42
N LYS D 599 47.40 0.41 68.29
CA LYS D 599 48.72 0.70 68.85
C LYS D 599 48.71 2.07 69.53
N TYR D 600 49.51 2.19 70.58
CA TYR D 600 49.69 3.43 71.30
C TYR D 600 50.86 4.23 70.73
N GLY D 601 51.16 5.36 71.39
CA GLY D 601 52.30 6.17 70.98
C GLY D 601 53.60 5.65 71.59
N PHE D 602 54.59 5.47 70.72
CA PHE D 602 55.89 4.92 71.10
C PHE D 602 56.90 6.05 71.27
N TYR D 603 57.45 6.19 72.47
CA TYR D 603 58.29 7.33 72.80
C TYR D 603 59.59 6.86 73.46
N THR D 604 60.68 7.56 73.15
CA THR D 604 62.04 7.14 73.52
C THR D 604 62.51 7.83 74.79
N HIS D 605 63.06 7.06 75.73
CA HIS D 605 63.42 7.58 77.04
C HIS D 605 64.67 8.47 76.99
N VAL D 606 64.89 9.22 78.06
CA VAL D 606 66.05 10.09 78.20
C VAL D 606 66.79 9.90 79.51
N PHE D 607 66.29 9.08 80.43
CA PHE D 607 66.90 8.97 81.76
C PHE D 607 68.26 8.30 81.72
N ARG D 608 68.59 7.59 80.63
CA ARG D 608 69.90 7.00 80.47
C ARG D 608 70.91 7.93 79.82
N LEU D 609 70.52 9.19 79.58
CA LEU D 609 71.35 10.11 78.81
C LEU D 609 71.97 11.22 79.65
N LYS D 610 71.66 11.28 80.95
CA LYS D 610 72.23 12.34 81.79
C LYS D 610 73.75 12.33 81.72
N LYS D 611 74.37 11.21 82.09
CA LYS D 611 75.82 11.08 81.96
C LYS D 611 76.28 11.29 80.53
N TRP D 612 75.40 11.05 79.55
CA TRP D 612 75.73 11.32 78.16
C TRP D 612 75.83 12.82 77.91
N ILE D 613 74.84 13.59 78.38
CA ILE D 613 74.74 14.99 77.99
C ILE D 613 75.97 15.76 78.45
N GLN D 614 76.39 15.54 79.70
CA GLN D 614 77.59 16.20 80.21
C GLN D 614 78.79 15.92 79.31
N LYS D 615 78.91 14.68 78.83
CA LYS D 615 80.06 14.31 78.02
C LYS D 615 80.18 15.17 76.77
N VAL D 616 79.07 15.78 76.35
CA VAL D 616 79.11 16.68 75.20
C VAL D 616 79.63 18.05 75.62
N ILE D 617 79.07 18.62 76.69
CA ILE D 617 79.37 20.01 77.01
C ILE D 617 80.82 20.19 77.47
N ASP D 618 81.41 19.16 78.06
CA ASP D 618 82.81 19.24 78.44
C ASP D 618 83.71 19.41 77.23
N GLN D 619 83.23 19.08 76.03
CA GLN D 619 83.99 19.42 74.83
C GLN D 619 84.13 20.92 74.66
N PHE D 620 83.06 21.68 74.89
CA PHE D 620 83.09 23.14 74.76
C PHE D 620 83.09 23.86 76.09
N GLY D 621 83.08 23.13 77.21
CA GLY D 621 83.10 23.74 78.53
C GLY D 621 84.49 23.90 79.10
N GLU D 622 85.37 24.60 78.38
CA GLU D 622 86.71 24.86 78.86
C GLU D 622 87.00 26.35 78.88
#